data_2YUG
#
_entry.id   2YUG
#
_entity_poly.entity_id   1
_entity_poly.type   'polypeptide(L)'
_entity_poly.pdbx_seq_one_letter_code
;GSSGSSGLDIVGIWWTVSNFGEISGTIAIEMDKGAYIHALDNGLFTLGAPHREVDEGPSPPEQFTAVKLSDSRIALKSGY
GKYLGINSDGLVVGRSDAIGPREQWEPVFQDGKMALLASNSCFIRCNEAGDIEAKNKTAGEEEMIKIRSCAERET
;
_entity_poly.pdbx_strand_id   A
#
# COMPACT_ATOMS: atom_id res chain seq x y z
N GLY A 1 -1.14 -13.19 29.13
CA GLY A 1 -1.90 -12.66 27.97
C GLY A 1 -3.36 -12.40 28.30
N SER A 2 -4.24 -12.84 27.42
CA SER A 2 -5.68 -12.66 27.62
C SER A 2 -6.02 -11.17 27.70
N SER A 3 -5.24 -10.35 27.00
CA SER A 3 -5.48 -8.91 26.98
C SER A 3 -4.48 -8.21 26.06
N GLY A 4 -4.90 -7.10 25.48
CA GLY A 4 -4.05 -6.36 24.58
C GLY A 4 -4.82 -5.37 23.72
N SER A 5 -5.36 -5.86 22.61
CA SER A 5 -6.13 -5.01 21.70
C SER A 5 -6.97 -5.86 20.75
N SER A 6 -8.20 -6.15 21.16
CA SER A 6 -9.11 -6.95 20.34
C SER A 6 -9.98 -6.06 19.47
N GLY A 7 -10.06 -6.39 18.18
CA GLY A 7 -10.86 -5.61 17.26
C GLY A 7 -10.09 -5.17 16.04
N LEU A 8 -8.89 -4.64 16.28
CA LEU A 8 -8.04 -4.16 15.20
C LEU A 8 -6.83 -5.07 15.01
N ASP A 9 -6.55 -5.45 13.77
CA ASP A 9 -5.42 -6.32 13.47
C ASP A 9 -4.10 -5.57 13.65
N ILE A 10 -3.47 -5.78 14.80
CA ILE A 10 -2.19 -5.14 15.10
C ILE A 10 -1.07 -6.16 15.21
N VAL A 11 0.03 -5.91 14.50
CA VAL A 11 1.18 -6.81 14.53
C VAL A 11 2.46 -6.06 14.86
N GLY A 12 3.08 -6.41 15.98
CA GLY A 12 4.31 -5.76 16.38
C GLY A 12 4.12 -4.27 16.60
N ILE A 13 4.32 -3.49 15.55
CA ILE A 13 4.18 -2.04 15.63
C ILE A 13 3.37 -1.50 14.45
N TRP A 14 2.44 -2.31 13.95
CA TRP A 14 1.61 -1.91 12.82
C TRP A 14 0.15 -2.25 13.09
N TRP A 15 -0.74 -1.28 12.87
CA TRP A 15 -2.17 -1.48 13.08
C TRP A 15 -2.95 -1.07 11.84
N THR A 16 -3.99 -1.83 11.53
CA THR A 16 -4.83 -1.55 10.38
C THR A 16 -5.63 -0.26 10.59
N VAL A 17 -5.65 0.58 9.55
CA VAL A 17 -6.37 1.85 9.62
C VAL A 17 -7.88 1.63 9.56
N SER A 18 -8.64 2.64 9.94
CA SER A 18 -10.10 2.55 9.92
C SER A 18 -10.67 3.37 8.77
N ASN A 19 -10.07 4.53 8.51
CA ASN A 19 -10.53 5.40 7.44
C ASN A 19 -9.37 6.21 6.86
N PHE A 20 -9.67 7.01 5.84
CA PHE A 20 -8.65 7.83 5.20
C PHE A 20 -7.98 8.77 6.20
N GLY A 21 -8.80 9.39 7.04
CA GLY A 21 -8.29 10.31 8.05
C GLY A 21 -7.23 9.68 8.92
N GLU A 22 -7.29 8.36 9.05
CA GLU A 22 -6.32 7.64 9.87
C GLU A 22 -5.06 7.32 9.08
N ILE A 23 -5.21 7.13 7.79
CA ILE A 23 -4.08 6.82 6.91
C ILE A 23 -3.18 8.04 6.72
N SER A 24 -2.18 8.18 7.60
CA SER A 24 -1.26 9.31 7.52
C SER A 24 0.11 8.92 8.06
N GLY A 25 1.16 9.45 7.45
CA GLY A 25 2.52 9.15 7.89
C GLY A 25 3.01 7.83 7.34
N THR A 26 4.07 7.30 7.95
CA THR A 26 4.65 6.04 7.51
C THR A 26 3.63 4.91 7.62
N ILE A 27 3.49 4.14 6.55
CA ILE A 27 2.54 3.03 6.52
C ILE A 27 3.06 1.89 5.65
N ALA A 28 2.46 0.72 5.79
CA ALA A 28 2.86 -0.45 5.01
C ALA A 28 1.65 -1.11 4.36
N ILE A 29 1.83 -1.60 3.14
CA ILE A 29 0.76 -2.26 2.40
C ILE A 29 1.06 -3.74 2.19
N GLU A 30 0.02 -4.55 2.18
CA GLU A 30 0.18 -6.00 1.98
C GLU A 30 -0.73 -6.49 0.87
N MET A 31 -0.13 -6.99 -0.21
CA MET A 31 -0.88 -7.49 -1.35
C MET A 31 -1.25 -8.96 -1.14
N ASP A 32 -0.23 -9.81 -1.00
CA ASP A 32 -0.45 -11.24 -0.78
C ASP A 32 -0.55 -11.56 0.69
N LYS A 33 -0.75 -12.84 1.01
CA LYS A 33 -0.86 -13.28 2.39
C LYS A 33 0.52 -13.44 3.03
N GLY A 34 1.04 -12.34 3.57
CA GLY A 34 2.35 -12.38 4.20
C GLY A 34 3.40 -11.64 3.40
N ALA A 35 3.24 -11.64 2.08
CA ALA A 35 4.18 -10.96 1.20
C ALA A 35 3.86 -9.48 1.09
N TYR A 36 4.92 -8.66 1.00
CA TYR A 36 4.75 -7.22 0.89
C TYR A 36 5.36 -6.69 -0.41
N ILE A 37 4.92 -5.50 -0.82
CA ILE A 37 5.43 -4.89 -2.05
C ILE A 37 6.88 -4.46 -1.88
N HIS A 38 7.77 -5.09 -2.64
CA HIS A 38 9.20 -4.76 -2.59
C HIS A 38 9.58 -3.76 -3.68
N ALA A 39 10.71 -3.09 -3.48
CA ALA A 39 11.19 -2.11 -4.45
C ALA A 39 12.54 -2.51 -5.02
N LEU A 40 12.81 -2.07 -6.25
CA LEU A 40 14.07 -2.39 -6.91
C LEU A 40 14.83 -1.11 -7.25
N ASP A 41 16.16 -1.19 -7.16
CA ASP A 41 17.01 -0.04 -7.45
C ASP A 41 16.96 0.31 -8.94
N ASN A 42 16.84 -0.71 -9.78
CA ASN A 42 16.78 -0.52 -11.22
C ASN A 42 15.60 0.37 -11.60
N GLY A 43 14.56 0.38 -10.77
CA GLY A 43 13.40 1.19 -11.04
C GLY A 43 12.15 0.36 -11.25
N LEU A 44 12.08 -0.79 -10.60
CA LEU A 44 10.93 -1.68 -10.72
C LEU A 44 10.42 -2.09 -9.35
N PHE A 45 9.32 -2.84 -9.33
CA PHE A 45 8.73 -3.29 -8.08
C PHE A 45 8.24 -4.73 -8.19
N THR A 46 8.57 -5.55 -7.20
CA THR A 46 8.17 -6.96 -7.19
C THR A 46 7.72 -7.38 -5.80
N LEU A 47 6.96 -8.47 -5.74
CA LEU A 47 6.46 -8.99 -4.47
C LEU A 47 7.59 -9.60 -3.65
N GLY A 48 7.88 -8.99 -2.50
CA GLY A 48 8.94 -9.49 -1.64
C GLY A 48 8.56 -10.78 -0.94
N ALA A 49 9.57 -11.55 -0.53
CA ALA A 49 9.33 -12.81 0.16
C ALA A 49 8.54 -12.59 1.44
N PRO A 50 7.62 -13.53 1.77
CA PRO A 50 6.81 -13.44 2.98
C PRO A 50 7.60 -13.70 4.26
N HIS A 51 7.01 -13.35 5.39
CA HIS A 51 7.67 -13.54 6.68
C HIS A 51 7.32 -14.90 7.27
N ARG A 52 8.28 -15.50 7.97
CA ARG A 52 8.08 -16.80 8.59
C ARG A 52 7.43 -16.67 9.96
N GLU A 53 7.74 -15.58 10.65
CA GLU A 53 7.19 -15.33 11.97
C GLU A 53 5.80 -14.69 11.88
N VAL A 54 5.04 -14.77 12.97
CA VAL A 54 3.70 -14.20 12.99
C VAL A 54 3.75 -12.71 13.34
N ASP A 55 4.59 -12.36 14.30
CA ASP A 55 4.72 -10.97 14.72
C ASP A 55 6.07 -10.39 14.29
N GLU A 56 6.06 -9.67 13.17
CA GLU A 56 7.28 -9.06 12.64
C GLU A 56 6.95 -7.86 11.76
N GLY A 57 7.88 -6.92 11.70
CA GLY A 57 7.66 -5.73 10.88
C GLY A 57 8.33 -5.84 9.52
N PRO A 58 7.87 -5.07 8.53
CA PRO A 58 8.44 -5.10 7.18
C PRO A 58 9.83 -4.48 7.12
N SER A 59 10.49 -4.61 5.97
CA SER A 59 11.83 -4.07 5.78
C SER A 59 11.77 -2.58 5.47
N PRO A 60 12.91 -1.87 5.59
CA PRO A 60 12.98 -0.43 5.31
C PRO A 60 12.43 -0.07 3.93
N PRO A 61 12.85 -0.80 2.87
CA PRO A 61 12.37 -0.53 1.51
C PRO A 61 10.93 -0.97 1.30
N GLU A 62 10.50 -1.96 2.07
CA GLU A 62 9.14 -2.47 1.97
C GLU A 62 8.14 -1.46 2.49
N GLN A 63 8.55 -0.67 3.48
CA GLN A 63 7.68 0.34 4.06
C GLN A 63 7.50 1.52 3.12
N PHE A 64 6.41 2.25 3.30
CA PHE A 64 6.13 3.42 2.45
C PHE A 64 5.62 4.58 3.30
N THR A 65 5.95 5.80 2.87
CA THR A 65 5.53 6.99 3.59
C THR A 65 4.31 7.64 2.92
N ALA A 66 3.22 7.73 3.66
CA ALA A 66 1.98 8.32 3.14
C ALA A 66 1.92 9.81 3.45
N VAL A 67 1.35 10.58 2.52
CA VAL A 67 1.23 12.01 2.70
C VAL A 67 -0.10 12.51 2.14
N LYS A 68 -0.90 13.13 3.01
CA LYS A 68 -2.20 13.66 2.60
C LYS A 68 -2.04 14.86 1.69
N LEU A 69 -2.95 15.02 0.75
CA LEU A 69 -2.91 16.14 -0.19
C LEU A 69 -4.27 16.80 -0.32
N SER A 70 -5.20 16.12 -1.00
CA SER A 70 -6.55 16.65 -1.20
C SER A 70 -7.39 15.68 -2.03
N ASP A 71 -8.70 15.81 -1.91
CA ASP A 71 -9.63 14.95 -2.64
C ASP A 71 -9.42 13.48 -2.26
N SER A 72 -9.07 13.25 -0.99
CA SER A 72 -8.85 11.90 -0.51
C SER A 72 -7.71 11.22 -1.28
N ARG A 73 -6.64 11.96 -1.50
CA ARG A 73 -5.49 11.44 -2.22
C ARG A 73 -4.23 11.49 -1.35
N ILE A 74 -3.52 10.37 -1.28
CA ILE A 74 -2.30 10.29 -0.49
C ILE A 74 -1.10 9.95 -1.36
N ALA A 75 0.07 10.45 -0.98
CA ALA A 75 1.30 10.19 -1.72
C ALA A 75 2.17 9.16 -1.01
N LEU A 76 2.56 8.12 -1.75
CA LEU A 76 3.39 7.07 -1.18
C LEU A 76 4.86 7.28 -1.55
N LYS A 77 5.74 7.13 -0.56
CA LYS A 77 7.17 7.31 -0.77
C LYS A 77 7.93 6.03 -0.46
N SER A 78 8.57 5.48 -1.49
CA SER A 78 9.33 4.24 -1.33
C SER A 78 10.47 4.44 -0.33
N GLY A 79 10.86 3.35 0.33
CA GLY A 79 11.94 3.41 1.30
C GLY A 79 13.24 3.90 0.69
N TYR A 80 13.44 3.60 -0.59
CA TYR A 80 14.65 4.01 -1.29
C TYR A 80 14.77 5.52 -1.34
N GLY A 81 13.62 6.20 -1.38
CA GLY A 81 13.62 7.65 -1.42
C GLY A 81 12.99 8.19 -2.69
N LYS A 82 11.97 7.50 -3.19
CA LYS A 82 11.28 7.91 -4.40
C LYS A 82 9.76 7.81 -4.23
N TYR A 83 9.03 8.32 -5.21
CA TYR A 83 7.57 8.29 -5.16
C TYR A 83 7.02 7.20 -6.08
N LEU A 84 6.03 6.46 -5.59
CA LEU A 84 5.42 5.38 -6.37
C LEU A 84 4.56 5.95 -7.50
N GLY A 85 5.13 5.98 -8.69
CA GLY A 85 4.41 6.51 -9.85
C GLY A 85 4.18 5.45 -10.91
N ILE A 86 2.93 5.32 -11.35
CA ILE A 86 2.57 4.34 -12.37
C ILE A 86 3.08 4.77 -13.74
N ASN A 87 3.71 3.83 -14.44
CA ASN A 87 4.25 4.10 -15.77
C ASN A 87 3.14 4.14 -16.81
N SER A 88 3.50 4.47 -18.05
CA SER A 88 2.53 4.53 -19.13
C SER A 88 1.93 3.16 -19.41
N ASP A 89 2.76 2.13 -19.33
CA ASP A 89 2.31 0.76 -19.58
C ASP A 89 1.37 0.30 -18.47
N GLY A 90 1.60 0.81 -17.25
CA GLY A 90 0.76 0.42 -16.13
C GLY A 90 1.52 -0.40 -15.10
N LEU A 91 2.83 -0.20 -15.03
CA LEU A 91 3.66 -0.92 -14.08
C LEU A 91 4.07 -0.03 -12.90
N VAL A 92 3.83 -0.52 -11.69
CA VAL A 92 4.17 0.24 -10.50
C VAL A 92 5.68 0.43 -10.37
N VAL A 93 6.13 1.66 -10.59
CA VAL A 93 7.55 1.99 -10.51
C VAL A 93 7.79 3.16 -9.58
N GLY A 94 9.04 3.35 -9.18
CA GLY A 94 9.39 4.45 -8.29
C GLY A 94 10.72 5.09 -8.64
N ARG A 95 10.66 6.19 -9.40
CA ARG A 95 11.87 6.90 -9.81
C ARG A 95 11.58 8.38 -9.99
N SER A 96 11.22 9.04 -8.90
CA SER A 96 10.92 10.47 -8.93
C SER A 96 10.79 11.04 -7.52
N ASP A 97 11.40 12.19 -7.30
CA ASP A 97 11.35 12.85 -5.99
C ASP A 97 10.28 13.94 -5.96
N ALA A 98 9.23 13.75 -6.75
CA ALA A 98 8.14 14.70 -6.81
C ALA A 98 6.78 14.01 -6.74
N ILE A 99 5.74 14.80 -6.51
CA ILE A 99 4.38 14.26 -6.42
C ILE A 99 3.59 14.55 -7.68
N GLY A 100 3.82 13.76 -8.73
CA GLY A 100 3.12 13.95 -9.98
C GLY A 100 1.82 13.15 -10.04
N PRO A 101 1.07 13.28 -11.15
CA PRO A 101 -0.20 12.56 -11.32
C PRO A 101 -0.07 11.06 -11.06
N ARG A 102 0.95 10.45 -11.67
CA ARG A 102 1.19 9.02 -11.51
C ARG A 102 1.51 8.69 -10.06
N GLU A 103 2.13 9.64 -9.35
CA GLU A 103 2.48 9.44 -7.95
C GLU A 103 1.24 9.53 -7.06
N GLN A 104 0.26 10.32 -7.48
CA GLN A 104 -0.96 10.49 -6.72
C GLN A 104 -1.73 9.18 -6.63
N TRP A 105 -2.37 8.95 -5.48
CA TRP A 105 -3.14 7.74 -5.26
C TRP A 105 -4.53 8.06 -4.71
N GLU A 106 -5.41 7.08 -4.73
CA GLU A 106 -6.76 7.26 -4.22
C GLU A 106 -7.30 5.97 -3.59
N PRO A 107 -7.15 5.82 -2.26
CA PRO A 107 -7.62 4.62 -1.55
C PRO A 107 -9.13 4.53 -1.51
N VAL A 108 -9.64 3.32 -1.38
CA VAL A 108 -11.09 3.09 -1.33
C VAL A 108 -11.47 2.24 -0.13
N PHE A 109 -12.73 2.32 0.26
CA PHE A 109 -13.23 1.55 1.40
C PHE A 109 -14.71 1.21 1.23
N GLN A 110 -14.99 -0.05 0.97
CA GLN A 110 -16.37 -0.50 0.78
C GLN A 110 -16.62 -1.80 1.53
N ASP A 111 -17.57 -1.78 2.47
CA ASP A 111 -17.90 -2.95 3.25
C ASP A 111 -16.69 -3.47 4.02
N GLY A 112 -15.78 -2.57 4.35
CA GLY A 112 -14.58 -2.95 5.08
C GLY A 112 -13.40 -3.19 4.18
N LYS A 113 -13.68 -3.58 2.94
CA LYS A 113 -12.62 -3.85 1.96
C LYS A 113 -11.82 -2.58 1.67
N MET A 114 -10.82 -2.71 0.81
CA MET A 114 -9.98 -1.57 0.44
C MET A 114 -8.99 -1.96 -0.66
N ALA A 115 -8.66 -0.99 -1.51
CA ALA A 115 -7.73 -1.22 -2.61
C ALA A 115 -7.10 0.08 -3.07
N LEU A 116 -5.79 0.05 -3.30
CA LEU A 116 -5.07 1.23 -3.75
C LEU A 116 -5.32 1.49 -5.24
N LEU A 117 -6.13 2.51 -5.52
CA LEU A 117 -6.45 2.87 -6.90
C LEU A 117 -5.46 3.88 -7.45
N ALA A 118 -4.96 3.62 -8.65
CA ALA A 118 -4.00 4.52 -9.29
C ALA A 118 -4.69 5.74 -9.87
N SER A 119 -3.90 6.69 -10.33
CA SER A 119 -4.44 7.91 -10.92
C SER A 119 -5.08 7.64 -12.27
N ASN A 120 -4.89 6.42 -12.79
CA ASN A 120 -5.46 6.04 -14.08
C ASN A 120 -6.80 5.33 -13.91
N SER A 121 -7.45 5.57 -12.76
CA SER A 121 -8.75 4.95 -12.47
C SER A 121 -8.66 3.43 -12.57
N CYS A 122 -7.64 2.86 -11.94
CA CYS A 122 -7.46 1.41 -11.96
C CYS A 122 -6.65 0.95 -10.74
N PHE A 123 -7.05 -0.18 -10.17
CA PHE A 123 -6.37 -0.73 -9.00
C PHE A 123 -4.99 -1.24 -9.38
N ILE A 124 -4.27 -1.77 -8.39
CA ILE A 124 -2.93 -2.30 -8.61
C ILE A 124 -2.73 -3.64 -7.91
N ARG A 125 -1.91 -4.50 -8.50
CA ARG A 125 -1.64 -5.81 -7.94
C ARG A 125 -0.37 -6.41 -8.53
N CYS A 126 0.06 -7.54 -8.00
CA CYS A 126 1.26 -8.21 -8.48
C CYS A 126 0.95 -9.62 -8.96
N ASN A 127 1.80 -10.15 -9.83
CA ASN A 127 1.62 -11.49 -10.36
C ASN A 127 2.55 -12.49 -9.65
N GLU A 128 2.46 -13.76 -10.05
CA GLU A 128 3.29 -14.79 -9.45
C GLU A 128 4.76 -14.61 -9.82
N ALA A 129 5.00 -14.09 -11.02
CA ALA A 129 6.36 -13.86 -11.50
C ALA A 129 7.01 -12.72 -10.73
N GLY A 130 6.20 -11.76 -10.29
CA GLY A 130 6.72 -10.62 -9.56
C GLY A 130 6.61 -9.32 -10.34
N ASP A 131 5.58 -9.23 -11.17
CA ASP A 131 5.35 -8.04 -11.97
C ASP A 131 4.17 -7.24 -11.43
N ILE A 132 4.47 -6.13 -10.76
CA ILE A 132 3.43 -5.28 -10.19
C ILE A 132 2.90 -4.29 -11.23
N GLU A 133 1.66 -4.49 -11.66
CA GLU A 133 1.04 -3.61 -12.64
C GLU A 133 -0.38 -3.25 -12.23
N ALA A 134 -0.96 -2.26 -12.92
CA ALA A 134 -2.31 -1.82 -12.63
C ALA A 134 -3.34 -2.67 -13.36
N LYS A 135 -4.31 -3.18 -12.60
CA LYS A 135 -5.37 -4.02 -13.17
C LYS A 135 -6.60 -3.19 -13.52
N ASN A 136 -7.56 -3.82 -14.18
CA ASN A 136 -8.79 -3.14 -14.57
C ASN A 136 -9.53 -2.60 -13.35
N LYS A 137 -10.60 -1.84 -13.60
CA LYS A 137 -11.39 -1.26 -12.53
C LYS A 137 -11.97 -2.34 -11.63
N THR A 138 -12.21 -3.52 -12.20
CA THR A 138 -12.76 -4.64 -11.45
C THR A 138 -11.88 -4.99 -10.26
N ALA A 139 -12.48 -5.02 -9.07
CA ALA A 139 -11.74 -5.34 -7.86
C ALA A 139 -11.91 -6.81 -7.49
N GLY A 140 -10.89 -7.60 -7.78
CA GLY A 140 -10.93 -9.02 -7.47
C GLY A 140 -10.75 -9.31 -5.99
N GLU A 141 -10.86 -10.58 -5.62
CA GLU A 141 -10.71 -10.98 -4.23
C GLU A 141 -9.26 -10.79 -3.76
N GLU A 142 -8.32 -11.12 -4.63
CA GLU A 142 -6.90 -10.99 -4.31
C GLU A 142 -6.46 -9.53 -4.36
N GLU A 143 -7.14 -8.74 -5.19
CA GLU A 143 -6.83 -7.32 -5.33
C GLU A 143 -6.91 -6.61 -3.98
N MET A 144 -7.78 -7.09 -3.11
CA MET A 144 -7.96 -6.50 -1.79
C MET A 144 -6.65 -6.53 -1.01
N ILE A 145 -6.20 -5.34 -0.57
CA ILE A 145 -4.96 -5.24 0.18
C ILE A 145 -5.24 -4.87 1.64
N LYS A 146 -4.23 -5.01 2.48
CA LYS A 146 -4.37 -4.70 3.90
C LYS A 146 -3.44 -3.55 4.30
N ILE A 147 -4.00 -2.36 4.41
CA ILE A 147 -3.21 -1.19 4.78
C ILE A 147 -2.95 -1.16 6.29
N ARG A 148 -1.67 -1.03 6.65
CA ARG A 148 -1.28 -0.99 8.06
C ARG A 148 -0.49 0.28 8.36
N SER A 149 -0.77 0.87 9.53
CA SER A 149 -0.09 2.09 9.93
C SER A 149 0.77 1.84 11.17
N CYS A 150 1.83 2.63 11.32
CA CYS A 150 2.74 2.49 12.45
C CYS A 150 2.98 3.84 13.12
N ALA A 151 1.96 4.70 13.09
CA ALA A 151 2.07 6.03 13.70
C ALA A 151 1.86 5.95 15.21
N GLU A 152 1.86 7.12 15.86
CA GLU A 152 1.66 7.19 17.30
C GLU A 152 0.24 6.83 17.68
N ARG A 153 0.08 5.78 18.48
CA ARG A 153 -1.24 5.33 18.92
C ARG A 153 -1.70 6.13 20.13
N GLU A 154 -2.86 5.75 20.67
CA GLU A 154 -3.42 6.42 21.83
C GLU A 154 -3.48 5.48 23.03
N THR A 155 -2.52 4.56 23.10
CA THR A 155 -2.47 3.60 24.20
C THR A 155 -1.13 3.68 24.92
N GLY A 1 -12.50 8.00 18.85
CA GLY A 1 -13.49 8.12 19.95
C GLY A 1 -13.79 6.79 20.62
N SER A 2 -12.74 6.09 21.02
CA SER A 2 -12.89 4.79 21.67
C SER A 2 -11.56 4.33 22.27
N SER A 3 -11.49 4.33 23.59
CA SER A 3 -10.28 3.90 24.29
C SER A 3 -10.41 2.47 24.80
N GLY A 4 -11.14 1.64 24.04
CA GLY A 4 -11.33 0.27 24.44
C GLY A 4 -10.85 -0.71 23.38
N SER A 5 -11.27 -1.97 23.51
CA SER A 5 -10.87 -3.00 22.55
C SER A 5 -12.10 -3.64 21.90
N SER A 6 -12.51 -3.09 20.77
CA SER A 6 -13.67 -3.59 20.06
C SER A 6 -13.29 -4.79 19.18
N GLY A 7 -12.16 -4.68 18.48
CA GLY A 7 -11.71 -5.76 17.63
C GLY A 7 -11.01 -5.26 16.39
N LEU A 8 -9.72 -4.96 16.51
CA LEU A 8 -8.93 -4.46 15.40
C LEU A 8 -7.65 -5.28 15.24
N ASP A 9 -7.25 -5.50 13.99
CA ASP A 9 -6.04 -6.26 13.70
C ASP A 9 -4.79 -5.45 14.06
N ILE A 10 -3.78 -6.15 14.58
CA ILE A 10 -2.54 -5.50 14.97
C ILE A 10 -1.41 -6.51 15.13
N VAL A 11 -0.29 -6.26 14.47
CA VAL A 11 0.87 -7.15 14.54
C VAL A 11 2.09 -6.43 15.08
N GLY A 12 2.31 -6.52 16.37
CA GLY A 12 3.45 -5.87 16.99
C GLY A 12 3.28 -4.37 17.08
N ILE A 13 3.54 -3.67 15.97
CA ILE A 13 3.42 -2.22 15.93
C ILE A 13 2.82 -1.77 14.60
N TRP A 14 1.97 -2.60 14.02
CA TRP A 14 1.33 -2.29 12.75
C TRP A 14 -0.17 -2.59 12.80
N TRP A 15 -0.98 -1.55 12.92
CA TRP A 15 -2.43 -1.72 12.98
C TRP A 15 -3.07 -1.33 11.66
N THR A 16 -4.05 -2.14 11.22
CA THR A 16 -4.73 -1.88 9.96
C THR A 16 -5.56 -0.59 10.05
N VAL A 17 -5.45 0.25 9.04
CA VAL A 17 -6.18 1.51 9.00
C VAL A 17 -7.69 1.28 8.90
N SER A 18 -8.45 2.36 8.85
CA SER A 18 -9.90 2.27 8.75
C SER A 18 -10.46 3.35 7.84
N ASN A 19 -10.00 4.59 8.04
CA ASN A 19 -10.45 5.71 7.23
C ASN A 19 -9.26 6.43 6.59
N PHE A 20 -9.56 7.43 5.77
CA PHE A 20 -8.52 8.20 5.09
C PHE A 20 -7.66 8.95 6.11
N GLY A 21 -8.27 9.33 7.23
CA GLY A 21 -7.53 10.05 8.26
C GLY A 21 -6.50 9.18 8.95
N GLU A 22 -6.76 7.88 9.01
CA GLU A 22 -5.84 6.94 9.65
C GLU A 22 -4.51 6.90 8.91
N ILE A 23 -4.55 7.11 7.61
CA ILE A 23 -3.34 7.10 6.79
C ILE A 23 -2.54 8.38 6.99
N SER A 24 -1.42 8.26 7.71
CA SER A 24 -0.56 9.41 7.98
C SER A 24 0.82 8.94 8.42
N GLY A 25 1.86 9.58 7.86
CA GLY A 25 3.22 9.22 8.21
C GLY A 25 3.66 7.93 7.56
N THR A 26 4.41 7.13 8.30
CA THR A 26 4.91 5.85 7.80
C THR A 26 3.76 4.83 7.71
N ILE A 27 3.76 4.06 6.62
CA ILE A 27 2.73 3.05 6.41
C ILE A 27 3.26 1.88 5.61
N ALA A 28 2.41 0.88 5.37
CA ALA A 28 2.81 -0.30 4.62
C ALA A 28 1.60 -0.94 3.94
N ILE A 29 1.81 -1.44 2.73
CA ILE A 29 0.73 -2.08 1.97
C ILE A 29 0.99 -3.59 1.83
N GLU A 30 -0.08 -4.37 1.92
CA GLU A 30 0.03 -5.82 1.80
C GLU A 30 -0.92 -6.35 0.74
N MET A 31 -0.34 -6.95 -0.30
CA MET A 31 -1.13 -7.49 -1.40
C MET A 31 -1.49 -8.95 -1.14
N ASP A 32 -0.49 -9.75 -0.79
CA ASP A 32 -0.70 -11.16 -0.51
C ASP A 32 -0.66 -11.44 1.00
N LYS A 33 -0.95 -12.68 1.37
CA LYS A 33 -0.94 -13.06 2.77
C LYS A 33 0.48 -13.29 3.27
N GLY A 34 1.16 -12.20 3.64
CA GLY A 34 2.52 -12.29 4.12
C GLY A 34 3.51 -11.58 3.23
N ALA A 35 3.24 -11.58 1.92
CA ALA A 35 4.12 -10.93 0.96
C ALA A 35 3.75 -9.45 0.79
N TYR A 36 4.76 -8.59 0.82
CA TYR A 36 4.55 -7.16 0.67
C TYR A 36 5.22 -6.64 -0.60
N ILE A 37 4.99 -5.36 -0.89
CA ILE A 37 5.58 -4.74 -2.07
C ILE A 37 7.04 -4.37 -1.84
N HIS A 38 7.93 -5.02 -2.56
CA HIS A 38 9.36 -4.76 -2.44
C HIS A 38 9.84 -3.80 -3.52
N ALA A 39 10.96 -3.14 -3.26
CA ALA A 39 11.53 -2.19 -4.23
C ALA A 39 12.92 -2.63 -4.68
N LEU A 40 13.25 -2.32 -5.92
CA LEU A 40 14.55 -2.67 -6.48
C LEU A 40 15.38 -1.44 -6.77
N ASP A 41 16.70 -1.61 -6.80
CA ASP A 41 17.61 -0.49 -7.07
C ASP A 41 17.70 -0.22 -8.57
N ASN A 42 17.55 -1.27 -9.37
CA ASN A 42 17.61 -1.13 -10.82
C ASN A 42 16.53 -0.18 -11.33
N GLY A 43 15.42 -0.12 -10.61
CA GLY A 43 14.32 0.75 -11.00
C GLY A 43 13.05 -0.02 -11.30
N LEU A 44 12.81 -1.09 -10.55
CA LEU A 44 11.62 -1.91 -10.74
C LEU A 44 10.98 -2.25 -9.40
N PHE A 45 9.80 -2.86 -9.45
CA PHE A 45 9.08 -3.25 -8.24
C PHE A 45 8.62 -4.70 -8.32
N THR A 46 9.09 -5.52 -7.39
CA THR A 46 8.73 -6.92 -7.36
C THR A 46 8.10 -7.29 -6.02
N LEU A 47 7.64 -8.54 -5.90
CA LEU A 47 7.01 -9.01 -4.67
C LEU A 47 8.06 -9.55 -3.69
N GLY A 48 8.25 -8.85 -2.59
CA GLY A 48 9.21 -9.27 -1.59
C GLY A 48 8.88 -10.63 -1.01
N ALA A 49 9.88 -11.29 -0.44
CA ALA A 49 9.68 -12.60 0.17
C ALA A 49 8.85 -12.51 1.44
N PRO A 50 7.96 -13.49 1.69
CA PRO A 50 7.11 -13.50 2.88
C PRO A 50 7.89 -13.86 4.14
N HIS A 51 7.39 -13.42 5.29
CA HIS A 51 8.04 -13.70 6.56
C HIS A 51 7.61 -15.06 7.10
N ARG A 52 8.36 -15.57 8.07
CA ARG A 52 8.06 -16.87 8.68
C ARG A 52 7.26 -16.69 9.97
N GLU A 53 7.70 -15.77 10.81
CA GLU A 53 7.02 -15.50 12.08
C GLU A 53 5.90 -14.48 11.88
N VAL A 54 4.83 -14.65 12.65
CA VAL A 54 3.69 -13.74 12.58
C VAL A 54 4.01 -12.39 13.21
N ASP A 55 4.80 -12.42 14.28
CA ASP A 55 5.18 -11.20 14.98
C ASP A 55 6.43 -10.59 14.35
N GLU A 56 6.32 -10.14 13.12
CA GLU A 56 7.44 -9.54 12.41
C GLU A 56 6.96 -8.43 11.47
N GLY A 57 7.55 -7.26 11.60
CA GLY A 57 7.18 -6.13 10.77
C GLY A 57 7.82 -6.19 9.38
N PRO A 58 7.34 -5.39 8.43
CA PRO A 58 7.87 -5.36 7.07
C PRO A 58 9.29 -4.82 7.01
N SER A 59 9.98 -5.08 5.91
CA SER A 59 11.35 -4.60 5.73
C SER A 59 11.40 -3.09 5.54
N PRO A 60 12.58 -2.49 5.70
CA PRO A 60 12.75 -1.04 5.55
C PRO A 60 12.24 -0.53 4.19
N PRO A 61 12.61 -1.19 3.08
CA PRO A 61 12.18 -0.78 1.75
C PRO A 61 10.72 -1.13 1.47
N GLU A 62 10.22 -2.14 2.18
CA GLU A 62 8.83 -2.57 2.01
C GLU A 62 7.87 -1.53 2.57
N GLN A 63 8.30 -0.82 3.60
CA GLN A 63 7.48 0.22 4.23
C GLN A 63 7.42 1.46 3.36
N PHE A 64 6.21 1.95 3.12
CA PHE A 64 6.02 3.15 2.31
C PHE A 64 5.56 4.32 3.17
N THR A 65 5.91 5.54 2.74
CA THR A 65 5.54 6.74 3.47
C THR A 65 4.28 7.38 2.88
N ALA A 66 3.30 7.65 3.74
CA ALA A 66 2.05 8.25 3.29
C ALA A 66 2.11 9.78 3.40
N VAL A 67 1.57 10.46 2.38
CA VAL A 67 1.57 11.92 2.36
C VAL A 67 0.23 12.46 1.89
N LYS A 68 -0.48 13.14 2.79
CA LYS A 68 -1.78 13.71 2.47
C LYS A 68 -1.63 14.85 1.47
N LEU A 69 -2.58 14.94 0.54
CA LEU A 69 -2.55 15.99 -0.48
C LEU A 69 -3.87 16.77 -0.49
N SER A 70 -4.90 16.16 -1.07
CA SER A 70 -6.21 16.80 -1.14
C SER A 70 -7.22 15.88 -1.85
N ASP A 71 -8.51 16.14 -1.61
CA ASP A 71 -9.56 15.35 -2.23
C ASP A 71 -9.42 13.87 -1.86
N SER A 72 -9.06 13.60 -0.60
CA SER A 72 -8.88 12.24 -0.13
C SER A 72 -7.79 11.52 -0.91
N ARG A 73 -6.79 12.28 -1.35
CA ARG A 73 -5.68 11.73 -2.10
C ARG A 73 -4.40 11.71 -1.27
N ILE A 74 -3.61 10.66 -1.42
CA ILE A 74 -2.37 10.52 -0.68
C ILE A 74 -1.23 10.10 -1.59
N ALA A 75 -0.02 10.56 -1.28
CA ALA A 75 1.16 10.22 -2.07
C ALA A 75 2.02 9.20 -1.36
N LEU A 76 2.41 8.15 -2.07
CA LEU A 76 3.24 7.09 -1.50
C LEU A 76 4.72 7.36 -1.78
N LYS A 77 5.58 6.77 -0.96
CA LYS A 77 7.03 6.95 -1.12
C LYS A 77 7.76 5.64 -0.85
N SER A 78 8.85 5.42 -1.58
CA SER A 78 9.65 4.21 -1.41
C SER A 78 10.63 4.36 -0.25
N GLY A 79 11.00 3.24 0.35
CA GLY A 79 11.93 3.26 1.47
C GLY A 79 13.27 3.87 1.09
N TYR A 80 13.64 3.75 -0.18
CA TYR A 80 14.90 4.29 -0.67
C TYR A 80 14.83 5.81 -0.77
N GLY A 81 13.78 6.31 -1.43
CA GLY A 81 13.62 7.73 -1.59
C GLY A 81 13.07 8.10 -2.95
N LYS A 82 11.96 7.50 -3.32
CA LYS A 82 11.32 7.77 -4.61
C LYS A 82 9.81 7.64 -4.51
N TYR A 83 9.09 8.59 -5.10
CA TYR A 83 7.64 8.59 -5.09
C TYR A 83 7.08 7.51 -6.01
N LEU A 84 6.21 6.66 -5.47
CA LEU A 84 5.61 5.58 -6.24
C LEU A 84 4.75 6.14 -7.36
N GLY A 85 5.21 5.97 -8.60
CA GLY A 85 4.47 6.46 -9.74
C GLY A 85 4.09 5.35 -10.70
N ILE A 86 3.00 5.55 -11.43
CA ILE A 86 2.53 4.55 -12.40
C ILE A 86 3.05 4.86 -13.79
N ASN A 87 3.17 3.82 -14.61
CA ASN A 87 3.65 3.97 -15.98
C ASN A 87 2.50 4.14 -16.95
N SER A 88 2.83 4.30 -18.23
CA SER A 88 1.81 4.49 -19.27
C SER A 88 1.13 3.15 -19.59
N ASP A 89 1.92 2.08 -19.60
CA ASP A 89 1.39 0.76 -19.90
C ASP A 89 0.50 0.25 -18.78
N GLY A 90 0.92 0.49 -17.54
CA GLY A 90 0.16 0.05 -16.39
C GLY A 90 1.00 -0.68 -15.37
N LEU A 91 2.19 -0.15 -15.09
CA LEU A 91 3.09 -0.77 -14.13
C LEU A 91 3.52 0.24 -13.07
N VAL A 92 3.41 -0.15 -11.80
CA VAL A 92 3.79 0.72 -10.70
C VAL A 92 5.30 0.73 -10.51
N VAL A 93 5.90 1.92 -10.64
CA VAL A 93 7.34 2.08 -10.48
C VAL A 93 7.66 3.25 -9.57
N GLY A 94 8.95 3.48 -9.35
CA GLY A 94 9.38 4.57 -8.49
C GLY A 94 10.71 5.16 -8.93
N ARG A 95 10.67 6.09 -9.88
CA ARG A 95 11.88 6.72 -10.38
C ARG A 95 11.68 8.22 -10.53
N SER A 96 10.84 8.79 -9.67
CA SER A 96 10.56 10.23 -9.71
C SER A 96 10.42 10.80 -8.31
N ASP A 97 11.13 11.90 -8.06
CA ASP A 97 11.08 12.55 -6.74
C ASP A 97 10.16 13.76 -6.76
N ALA A 98 9.10 13.67 -7.57
CA ALA A 98 8.14 14.76 -7.69
C ALA A 98 6.72 14.25 -7.48
N ILE A 99 5.86 15.13 -6.97
CA ILE A 99 4.46 14.77 -6.72
C ILE A 99 3.59 15.08 -7.93
N GLY A 100 3.47 14.10 -8.82
CA GLY A 100 2.67 14.28 -10.02
C GLY A 100 1.34 13.54 -9.93
N PRO A 101 0.40 13.84 -10.86
CA PRO A 101 -0.91 13.19 -10.88
C PRO A 101 -0.81 11.67 -10.85
N ARG A 102 -0.03 11.12 -11.78
CA ARG A 102 0.16 9.68 -11.85
C ARG A 102 0.74 9.13 -10.56
N GLU A 103 1.54 9.93 -9.88
CA GLU A 103 2.16 9.52 -8.62
C GLU A 103 1.14 9.51 -7.49
N GLN A 104 0.13 10.37 -7.60
CA GLN A 104 -0.91 10.45 -6.58
C GLN A 104 -1.71 9.15 -6.52
N TRP A 105 -2.49 8.99 -5.44
CA TRP A 105 -3.30 7.80 -5.26
C TRP A 105 -4.64 8.15 -4.61
N GLU A 106 -5.67 7.36 -4.91
CA GLU A 106 -6.99 7.58 -4.35
C GLU A 106 -7.48 6.36 -3.58
N PRO A 107 -7.17 6.29 -2.27
CA PRO A 107 -7.59 5.17 -1.42
C PRO A 107 -9.08 4.93 -1.47
N VAL A 108 -9.49 3.69 -1.23
CA VAL A 108 -10.91 3.33 -1.24
C VAL A 108 -11.26 2.43 -0.06
N PHE A 109 -12.46 2.60 0.47
CA PHE A 109 -12.92 1.80 1.60
C PHE A 109 -14.42 1.52 1.50
N GLN A 110 -14.79 0.26 1.64
CA GLN A 110 -16.19 -0.14 1.56
C GLN A 110 -16.46 -1.36 2.46
N ASP A 111 -17.30 -1.17 3.46
CA ASP A 111 -17.64 -2.24 4.38
C ASP A 111 -16.41 -2.75 5.11
N GLY A 112 -15.47 -1.84 5.38
CA GLY A 112 -14.24 -2.23 6.06
C GLY A 112 -13.11 -2.51 5.11
N LYS A 113 -13.43 -3.16 3.98
CA LYS A 113 -12.43 -3.50 2.98
C LYS A 113 -11.77 -2.24 2.41
N MET A 114 -10.84 -2.42 1.49
CA MET A 114 -10.16 -1.29 0.86
C MET A 114 -9.33 -1.76 -0.33
N ALA A 115 -9.08 -0.85 -1.27
CA ALA A 115 -8.30 -1.16 -2.45
C ALA A 115 -7.65 0.09 -3.03
N LEU A 116 -6.33 0.06 -3.17
CA LEU A 116 -5.59 1.19 -3.71
C LEU A 116 -5.85 1.35 -5.20
N LEU A 117 -6.45 2.47 -5.58
CA LEU A 117 -6.75 2.75 -6.98
C LEU A 117 -5.71 3.68 -7.59
N ALA A 118 -5.01 3.19 -8.61
CA ALA A 118 -3.99 3.98 -9.27
C ALA A 118 -4.59 5.23 -9.91
N SER A 119 -3.72 6.15 -10.31
CA SER A 119 -4.16 7.39 -10.94
C SER A 119 -4.76 7.14 -12.32
N ASN A 120 -4.56 5.93 -12.84
CA ASN A 120 -5.08 5.58 -14.16
C ASN A 120 -6.43 4.87 -14.04
N SER A 121 -7.15 5.13 -12.95
CA SER A 121 -8.46 4.51 -12.72
C SER A 121 -8.35 2.99 -12.77
N CYS A 122 -7.30 2.45 -12.17
CA CYS A 122 -7.09 1.01 -12.14
C CYS A 122 -6.51 0.57 -10.80
N PHE A 123 -6.97 -0.57 -10.31
CA PHE A 123 -6.50 -1.10 -9.03
C PHE A 123 -5.14 -1.77 -9.18
N ILE A 124 -4.22 -1.44 -8.30
CA ILE A 124 -2.87 -2.01 -8.34
C ILE A 124 -2.88 -3.46 -7.88
N ARG A 125 -1.85 -4.20 -8.28
CA ARG A 125 -1.75 -5.61 -7.92
C ARG A 125 -0.37 -6.16 -8.30
N CYS A 126 -0.02 -7.31 -7.73
CA CYS A 126 1.27 -7.94 -7.99
C CYS A 126 1.12 -9.04 -9.02
N ASN A 127 2.24 -9.69 -9.35
CA ASN A 127 2.24 -10.78 -10.32
C ASN A 127 2.93 -12.02 -9.76
N GLU A 128 2.98 -13.08 -10.56
CA GLU A 128 3.61 -14.33 -10.15
C GLU A 128 5.12 -14.27 -10.35
N ALA A 129 5.53 -13.76 -11.49
CA ALA A 129 6.96 -13.65 -11.80
C ALA A 129 7.63 -12.57 -10.96
N GLY A 130 6.88 -11.52 -10.64
CA GLY A 130 7.42 -10.44 -9.83
C GLY A 130 7.35 -9.11 -10.54
N ASP A 131 6.15 -8.70 -10.93
CA ASP A 131 5.95 -7.44 -11.63
C ASP A 131 4.70 -6.73 -11.14
N ILE A 132 4.89 -5.73 -10.28
CA ILE A 132 3.77 -4.97 -9.74
C ILE A 132 3.12 -4.11 -10.81
N GLU A 133 1.92 -4.51 -11.23
CA GLU A 133 1.18 -3.76 -12.25
C GLU A 133 -0.27 -3.57 -11.85
N ALA A 134 -0.98 -2.73 -12.59
CA ALA A 134 -2.39 -2.45 -12.31
C ALA A 134 -3.29 -3.41 -13.07
N LYS A 135 -4.42 -3.76 -12.45
CA LYS A 135 -5.37 -4.67 -13.08
C LYS A 135 -6.60 -3.92 -13.58
N ASN A 136 -7.55 -4.65 -14.16
CA ASN A 136 -8.77 -4.04 -14.69
C ASN A 136 -9.53 -3.33 -13.58
N LYS A 137 -10.46 -2.46 -13.98
CA LYS A 137 -11.26 -1.71 -13.02
C LYS A 137 -12.07 -2.65 -12.14
N THR A 138 -12.44 -3.80 -12.68
CA THR A 138 -13.22 -4.78 -11.94
C THR A 138 -12.46 -5.24 -10.70
N ALA A 139 -13.06 -5.01 -9.54
CA ALA A 139 -12.44 -5.40 -8.27
C ALA A 139 -12.74 -6.86 -7.94
N GLY A 140 -11.91 -7.45 -7.09
CA GLY A 140 -12.11 -8.84 -6.70
C GLY A 140 -11.47 -9.17 -5.37
N GLU A 141 -11.60 -10.42 -4.95
CA GLU A 141 -11.03 -10.86 -3.67
C GLU A 141 -9.51 -10.77 -3.70
N GLU A 142 -8.91 -11.23 -4.80
CA GLU A 142 -7.46 -11.20 -4.96
C GLU A 142 -6.96 -9.78 -5.16
N GLU A 143 -7.74 -8.99 -5.89
CA GLU A 143 -7.37 -7.60 -6.17
C GLU A 143 -7.33 -6.78 -4.89
N MET A 144 -8.15 -7.18 -3.91
CA MET A 144 -8.21 -6.47 -2.63
C MET A 144 -6.84 -6.46 -1.96
N ILE A 145 -6.65 -5.50 -1.05
CA ILE A 145 -5.38 -5.37 -0.33
C ILE A 145 -5.62 -4.99 1.13
N LYS A 146 -4.54 -4.99 1.90
CA LYS A 146 -4.63 -4.64 3.32
C LYS A 146 -3.50 -3.70 3.72
N ILE A 147 -3.87 -2.48 4.12
CA ILE A 147 -2.90 -1.48 4.53
C ILE A 147 -2.79 -1.40 6.05
N ARG A 148 -1.60 -1.10 6.54
CA ARG A 148 -1.37 -0.99 7.97
C ARG A 148 -0.47 0.21 8.29
N SER A 149 -0.67 0.79 9.48
CA SER A 149 0.12 1.94 9.90
C SER A 149 0.89 1.62 11.18
N CYS A 150 1.95 2.39 11.42
CA CYS A 150 2.77 2.19 12.61
C CYS A 150 2.82 3.47 13.46
N ALA A 151 1.71 4.18 13.49
CA ALA A 151 1.62 5.42 14.26
C ALA A 151 1.61 5.13 15.76
N GLU A 152 1.63 6.20 16.57
CA GLU A 152 1.61 6.06 18.01
C GLU A 152 0.20 5.92 18.54
N ARG A 153 -0.22 4.68 18.78
CA ARG A 153 -1.57 4.41 19.28
C ARG A 153 -1.57 4.30 20.80
N GLU A 154 -2.75 4.36 21.40
CA GLU A 154 -2.89 4.28 22.84
C GLU A 154 -3.79 3.11 23.24
N THR A 155 -3.21 2.15 23.96
CA THR A 155 -3.96 0.99 24.41
C THR A 155 -3.18 0.21 25.46
N GLY A 1 -15.72 -21.02 11.57
CA GLY A 1 -15.58 -20.06 10.45
C GLY A 1 -15.18 -18.67 10.92
N SER A 2 -15.92 -17.66 10.48
CA SER A 2 -15.64 -16.29 10.87
C SER A 2 -16.71 -15.34 10.35
N SER A 3 -16.97 -14.27 11.10
CA SER A 3 -17.98 -13.29 10.71
C SER A 3 -17.81 -12.00 11.50
N GLY A 4 -17.71 -12.12 12.81
CA GLY A 4 -17.55 -10.95 13.67
C GLY A 4 -16.52 -11.17 14.76
N SER A 5 -16.61 -10.37 15.82
CA SER A 5 -15.69 -10.48 16.95
C SER A 5 -14.25 -10.25 16.49
N SER A 6 -14.09 -9.41 15.47
CA SER A 6 -12.76 -9.10 14.94
C SER A 6 -12.39 -7.65 15.22
N GLY A 7 -11.59 -7.42 16.25
CA GLY A 7 -11.18 -6.08 16.59
C GLY A 7 -10.07 -5.56 15.69
N LEU A 8 -9.29 -4.61 16.19
CA LEU A 8 -8.20 -4.03 15.42
C LEU A 8 -7.01 -4.99 15.36
N ASP A 9 -6.51 -5.23 14.16
CA ASP A 9 -5.37 -6.12 13.97
C ASP A 9 -4.05 -5.39 14.24
N ILE A 10 -3.39 -5.77 15.33
CA ILE A 10 -2.12 -5.15 15.69
C ILE A 10 -1.01 -6.19 15.80
N VAL A 11 0.14 -5.88 15.22
CA VAL A 11 1.29 -6.79 15.25
C VAL A 11 2.55 -6.07 15.67
N GLY A 12 2.80 -6.03 16.97
CA GLY A 12 3.99 -5.37 17.49
C GLY A 12 3.86 -3.86 17.47
N ILE A 13 4.14 -3.26 16.31
CA ILE A 13 4.06 -1.81 16.17
C ILE A 13 3.39 -1.44 14.85
N TRP A 14 2.48 -2.29 14.38
CA TRP A 14 1.77 -2.04 13.14
C TRP A 14 0.28 -2.33 13.29
N TRP A 15 -0.52 -1.28 13.22
CA TRP A 15 -1.97 -1.42 13.35
C TRP A 15 -2.67 -1.12 12.03
N THR A 16 -3.73 -1.87 11.75
CA THR A 16 -4.50 -1.69 10.51
C THR A 16 -5.34 -0.42 10.59
N VAL A 17 -5.71 0.10 9.42
CA VAL A 17 -6.51 1.31 9.34
C VAL A 17 -7.99 0.99 9.13
N SER A 18 -8.83 2.00 9.26
CA SER A 18 -10.27 1.82 9.09
C SER A 18 -10.82 2.80 8.07
N ASN A 19 -10.41 4.07 8.18
CA ASN A 19 -10.86 5.10 7.26
C ASN A 19 -9.68 5.78 6.59
N PHE A 20 -9.97 6.73 5.70
CA PHE A 20 -8.93 7.46 4.99
C PHE A 20 -8.11 8.33 5.94
N GLY A 21 -8.77 8.83 6.98
CA GLY A 21 -8.09 9.67 7.94
C GLY A 21 -6.95 8.95 8.64
N GLU A 22 -7.07 7.63 8.76
CA GLU A 22 -6.03 6.83 9.41
C GLU A 22 -4.78 6.75 8.54
N ILE A 23 -4.98 6.80 7.23
CA ILE A 23 -3.86 6.73 6.29
C ILE A 23 -3.01 8.01 6.36
N SER A 24 -1.99 7.99 7.21
CA SER A 24 -1.10 9.13 7.36
C SER A 24 0.26 8.70 7.91
N GLY A 25 1.32 9.26 7.36
CA GLY A 25 2.66 8.93 7.81
C GLY A 25 3.20 7.69 7.14
N THR A 26 3.78 6.79 7.93
CA THR A 26 4.34 5.56 7.40
C THR A 26 3.32 4.43 7.44
N ILE A 27 3.14 3.75 6.32
CA ILE A 27 2.19 2.65 6.23
C ILE A 27 2.80 1.45 5.51
N ALA A 28 2.10 0.32 5.56
CA ALA A 28 2.57 -0.90 4.91
C ALA A 28 1.42 -1.64 4.25
N ILE A 29 1.48 -1.77 2.93
CA ILE A 29 0.46 -2.46 2.17
C ILE A 29 0.77 -3.94 2.02
N GLU A 30 -0.24 -4.78 2.16
CA GLU A 30 -0.07 -6.22 2.05
C GLU A 30 -0.98 -6.79 0.97
N MET A 31 -0.38 -7.42 -0.03
CA MET A 31 -1.14 -8.03 -1.13
C MET A 31 -1.40 -9.49 -0.86
N ASP A 32 -0.35 -10.24 -0.54
CA ASP A 32 -0.47 -11.67 -0.27
C ASP A 32 -0.50 -11.93 1.23
N LYS A 33 -0.78 -13.16 1.61
CA LYS A 33 -0.83 -13.55 3.02
C LYS A 33 0.57 -13.70 3.59
N GLY A 34 1.18 -12.58 3.96
CA GLY A 34 2.53 -12.61 4.51
C GLY A 34 3.53 -11.84 3.68
N ALA A 35 3.25 -11.74 2.39
CA ALA A 35 4.14 -11.01 1.47
C ALA A 35 3.80 -9.53 1.46
N TYR A 36 4.78 -8.71 1.06
CA TYR A 36 4.59 -7.27 1.00
C TYR A 36 5.16 -6.70 -0.30
N ILE A 37 4.86 -5.44 -0.58
CA ILE A 37 5.33 -4.79 -1.78
C ILE A 37 6.79 -4.37 -1.65
N HIS A 38 7.66 -4.98 -2.44
CA HIS A 38 9.09 -4.67 -2.41
C HIS A 38 9.52 -3.90 -3.66
N ALA A 39 10.43 -2.96 -3.48
CA ALA A 39 10.93 -2.16 -4.59
C ALA A 39 12.35 -2.55 -4.98
N LEU A 40 12.73 -2.27 -6.22
CA LEU A 40 14.06 -2.59 -6.70
C LEU A 40 14.85 -1.33 -7.00
N ASP A 41 16.16 -1.38 -6.77
CA ASP A 41 17.03 -0.24 -7.03
C ASP A 41 16.98 0.17 -8.49
N ASN A 42 16.79 -0.82 -9.37
CA ASN A 42 16.73 -0.56 -10.80
C ASN A 42 15.53 0.32 -11.14
N GLY A 43 14.47 0.21 -10.35
CA GLY A 43 13.28 0.99 -10.58
C GLY A 43 12.02 0.15 -10.59
N LEU A 44 12.16 -1.13 -10.90
CA LEU A 44 11.03 -2.04 -10.95
C LEU A 44 10.55 -2.40 -9.54
N PHE A 45 9.37 -3.00 -9.46
CA PHE A 45 8.80 -3.38 -8.17
C PHE A 45 8.36 -4.85 -8.19
N THR A 46 8.89 -5.63 -7.26
CA THR A 46 8.55 -7.04 -7.17
C THR A 46 7.89 -7.36 -5.83
N LEU A 47 7.30 -8.55 -5.74
CA LEU A 47 6.62 -8.97 -4.51
C LEU A 47 7.62 -9.58 -3.54
N GLY A 48 7.84 -8.91 -2.41
CA GLY A 48 8.77 -9.39 -1.42
C GLY A 48 8.34 -10.72 -0.82
N ALA A 49 9.32 -11.58 -0.53
CA ALA A 49 9.03 -12.89 0.03
C ALA A 49 8.30 -12.76 1.37
N PRO A 50 7.44 -13.74 1.70
CA PRO A 50 6.68 -13.73 2.95
C PRO A 50 7.56 -13.99 4.16
N HIS A 51 7.32 -13.24 5.24
CA HIS A 51 8.09 -13.38 6.46
C HIS A 51 7.95 -14.79 7.04
N ARG A 52 8.85 -15.15 7.93
CA ARG A 52 8.83 -16.47 8.56
C ARG A 52 8.01 -16.46 9.84
N GLU A 53 8.38 -15.58 10.77
CA GLU A 53 7.68 -15.46 12.04
C GLU A 53 6.33 -14.76 11.85
N VAL A 54 5.46 -14.89 12.85
CA VAL A 54 4.14 -14.27 12.80
C VAL A 54 4.20 -12.81 13.23
N ASP A 55 5.12 -12.51 14.14
CA ASP A 55 5.28 -11.14 14.64
C ASP A 55 6.55 -10.51 14.08
N GLU A 56 6.43 -9.90 12.90
CA GLU A 56 7.57 -9.26 12.26
C GLU A 56 7.11 -8.14 11.32
N GLY A 57 7.70 -6.96 11.48
CA GLY A 57 7.33 -5.85 10.64
C GLY A 57 8.02 -5.87 9.29
N PRO A 58 7.54 -5.07 8.31
CA PRO A 58 8.13 -5.03 6.97
C PRO A 58 9.52 -4.37 6.97
N SER A 59 10.36 -4.79 6.03
CA SER A 59 11.70 -4.24 5.91
C SER A 59 11.67 -2.76 5.58
N PRO A 60 12.79 -2.05 5.79
CA PRO A 60 12.87 -0.61 5.51
C PRO A 60 12.38 -0.25 4.11
N PRO A 61 12.86 -0.94 3.05
CA PRO A 61 12.43 -0.67 1.67
C PRO A 61 10.97 -1.01 1.45
N GLU A 62 10.45 -1.94 2.25
CA GLU A 62 9.06 -2.36 2.13
C GLU A 62 8.12 -1.34 2.79
N GLN A 63 8.64 -0.63 3.79
CA GLN A 63 7.86 0.37 4.50
C GLN A 63 7.61 1.60 3.62
N PHE A 64 6.35 1.81 3.27
CA PHE A 64 5.98 2.95 2.42
C PHE A 64 5.47 4.11 3.28
N THR A 65 5.64 5.33 2.76
CA THR A 65 5.19 6.52 3.47
C THR A 65 4.08 7.24 2.70
N ALA A 66 2.92 7.36 3.32
CA ALA A 66 1.79 8.03 2.69
C ALA A 66 1.76 9.51 3.04
N VAL A 67 1.32 10.32 2.09
CA VAL A 67 1.24 11.76 2.29
C VAL A 67 -0.01 12.35 1.64
N LYS A 68 -0.95 12.79 2.46
CA LYS A 68 -2.19 13.38 1.96
C LYS A 68 -1.91 14.63 1.14
N LEU A 69 -2.81 14.93 0.20
CA LEU A 69 -2.65 16.11 -0.64
C LEU A 69 -3.98 16.85 -0.80
N SER A 70 -4.95 16.20 -1.43
CA SER A 70 -6.26 16.79 -1.64
C SER A 70 -7.21 15.80 -2.32
N ASP A 71 -8.50 15.95 -2.05
CA ASP A 71 -9.51 15.08 -2.64
C ASP A 71 -9.26 13.62 -2.25
N SER A 72 -8.77 13.42 -1.03
CA SER A 72 -8.48 12.07 -0.53
C SER A 72 -7.45 11.38 -1.40
N ARG A 73 -6.41 12.12 -1.79
CA ARG A 73 -5.35 11.57 -2.62
C ARG A 73 -4.01 11.60 -1.89
N ILE A 74 -3.53 10.42 -1.50
CA ILE A 74 -2.25 10.31 -0.79
C ILE A 74 -1.13 9.93 -1.74
N ALA A 75 0.10 10.24 -1.34
CA ALA A 75 1.27 9.93 -2.15
C ALA A 75 2.17 8.92 -1.46
N LEU A 76 2.25 7.72 -2.04
CA LEU A 76 3.07 6.66 -1.48
C LEU A 76 4.56 6.89 -1.78
N LYS A 77 5.41 6.55 -0.83
CA LYS A 77 6.85 6.72 -1.00
C LYS A 77 7.60 5.46 -0.62
N SER A 78 8.33 4.90 -1.59
CA SER A 78 9.09 3.67 -1.35
C SER A 78 10.12 3.88 -0.24
N GLY A 79 10.42 2.80 0.48
CA GLY A 79 11.38 2.89 1.56
C GLY A 79 12.75 3.37 1.10
N TYR A 80 13.06 3.12 -0.17
CA TYR A 80 14.34 3.53 -0.73
C TYR A 80 14.48 5.05 -0.68
N GLY A 81 13.39 5.76 -0.93
CA GLY A 81 13.42 7.20 -0.91
C GLY A 81 12.89 7.82 -2.18
N LYS A 82 11.79 7.27 -2.69
CA LYS A 82 11.18 7.76 -3.91
C LYS A 82 9.66 7.63 -3.86
N TYR A 83 8.97 8.32 -4.76
CA TYR A 83 7.52 8.27 -4.82
C TYR A 83 7.04 7.27 -5.87
N LEU A 84 5.99 6.53 -5.54
CA LEU A 84 5.44 5.53 -6.45
C LEU A 84 4.67 6.21 -7.58
N GLY A 85 5.25 6.19 -8.78
CA GLY A 85 4.61 6.80 -9.93
C GLY A 85 4.30 5.80 -11.02
N ILE A 86 3.05 5.76 -11.45
CA ILE A 86 2.63 4.84 -12.50
C ILE A 86 3.18 5.26 -13.86
N ASN A 87 3.73 4.30 -14.59
CA ASN A 87 4.29 4.57 -15.91
C ASN A 87 3.18 4.68 -16.96
N SER A 88 3.57 5.09 -18.17
CA SER A 88 2.61 5.23 -19.25
C SER A 88 1.91 3.91 -19.56
N ASP A 89 2.63 2.81 -19.35
CA ASP A 89 2.08 1.48 -19.60
C ASP A 89 1.16 1.05 -18.47
N GLY A 90 1.51 1.44 -17.25
CA GLY A 90 0.69 1.09 -16.10
C GLY A 90 1.45 0.23 -15.10
N LEU A 91 2.74 0.51 -14.94
CA LEU A 91 3.57 -0.25 -14.01
C LEU A 91 3.93 0.60 -12.79
N VAL A 92 3.88 -0.02 -11.61
CA VAL A 92 4.19 0.69 -10.37
C VAL A 92 5.71 0.81 -10.18
N VAL A 93 6.23 2.00 -10.42
CA VAL A 93 7.67 2.25 -10.27
C VAL A 93 7.93 3.38 -9.29
N GLY A 94 9.20 3.64 -9.03
CA GLY A 94 9.57 4.69 -8.09
C GLY A 94 10.96 5.23 -8.34
N ARG A 95 11.06 6.28 -9.15
CA ARG A 95 12.34 6.89 -9.46
C ARG A 95 12.23 8.41 -9.53
N SER A 96 11.39 8.97 -8.67
CA SER A 96 11.19 10.41 -8.63
C SER A 96 11.37 10.95 -7.21
N ASP A 97 11.62 12.25 -7.11
CA ASP A 97 11.81 12.88 -5.80
C ASP A 97 10.78 14.00 -5.58
N ALA A 98 9.59 13.82 -6.15
CA ALA A 98 8.53 14.80 -6.01
C ALA A 98 7.15 14.14 -6.11
N ILE A 99 6.11 14.96 -6.02
CA ILE A 99 4.74 14.46 -6.10
C ILE A 99 4.06 14.92 -7.38
N GLY A 100 4.05 14.06 -8.38
CA GLY A 100 3.42 14.40 -9.65
C GLY A 100 2.09 13.72 -9.85
N PRO A 101 1.36 14.04 -10.93
CA PRO A 101 0.05 13.45 -11.22
C PRO A 101 0.10 11.92 -11.20
N ARG A 102 1.05 11.35 -11.94
CA ARG A 102 1.19 9.91 -12.01
C ARG A 102 1.47 9.32 -10.63
N GLU A 103 2.09 10.11 -9.76
CA GLU A 103 2.40 9.67 -8.41
C GLU A 103 1.17 9.71 -7.51
N GLN A 104 0.22 10.56 -7.85
CA GLN A 104 -1.01 10.69 -7.08
C GLN A 104 -1.75 9.36 -6.98
N TRP A 105 -2.42 9.13 -5.86
CA TRP A 105 -3.17 7.90 -5.64
C TRP A 105 -4.57 8.20 -5.14
N GLU A 106 -5.35 7.16 -4.91
CA GLU A 106 -6.72 7.31 -4.43
C GLU A 106 -7.24 6.00 -3.82
N PRO A 107 -7.04 5.82 -2.51
CA PRO A 107 -7.50 4.60 -1.81
C PRO A 107 -9.01 4.54 -1.69
N VAL A 108 -9.52 3.39 -1.27
CA VAL A 108 -10.96 3.20 -1.11
C VAL A 108 -11.27 2.27 0.06
N PHE A 109 -12.49 2.39 0.59
CA PHE A 109 -12.90 1.56 1.71
C PHE A 109 -14.41 1.32 1.67
N GLN A 110 -14.80 0.06 1.46
CA GLN A 110 -16.21 -0.30 1.40
C GLN A 110 -16.45 -1.69 1.99
N ASP A 111 -17.47 -1.79 2.84
CA ASP A 111 -17.80 -3.07 3.47
C ASP A 111 -16.61 -3.62 4.25
N GLY A 112 -15.72 -2.74 4.68
CA GLY A 112 -14.55 -3.17 5.43
C GLY A 112 -13.34 -3.35 4.55
N LYS A 113 -13.56 -3.72 3.29
CA LYS A 113 -12.47 -3.95 2.35
C LYS A 113 -11.76 -2.64 2.02
N MET A 114 -10.74 -2.72 1.19
CA MET A 114 -9.98 -1.54 0.78
C MET A 114 -9.07 -1.85 -0.41
N ALA A 115 -9.16 -1.02 -1.44
CA ALA A 115 -8.36 -1.20 -2.64
C ALA A 115 -7.77 0.12 -3.12
N LEU A 116 -6.46 0.13 -3.35
CA LEU A 116 -5.78 1.34 -3.81
C LEU A 116 -5.98 1.54 -5.30
N LEU A 117 -6.57 2.68 -5.66
CA LEU A 117 -6.83 3.00 -7.06
C LEU A 117 -5.79 3.99 -7.59
N ALA A 118 -5.09 3.58 -8.65
CA ALA A 118 -4.05 4.42 -9.25
C ALA A 118 -4.68 5.60 -9.99
N SER A 119 -3.84 6.54 -10.40
CA SER A 119 -4.30 7.73 -11.12
C SER A 119 -4.72 7.39 -12.55
N ASN A 120 -4.44 6.15 -12.97
CA ASN A 120 -4.80 5.70 -14.31
C ASN A 120 -6.14 4.96 -14.32
N SER A 121 -6.98 5.27 -13.33
CA SER A 121 -8.29 4.63 -13.22
C SER A 121 -8.16 3.11 -13.19
N CYS A 122 -7.05 2.63 -12.63
CA CYS A 122 -6.81 1.20 -12.54
C CYS A 122 -6.17 0.84 -11.20
N PHE A 123 -6.76 -0.11 -10.49
CA PHE A 123 -6.25 -0.54 -9.20
C PHE A 123 -4.83 -1.10 -9.33
N ILE A 124 -4.27 -1.52 -8.21
CA ILE A 124 -2.92 -2.08 -8.21
C ILE A 124 -2.92 -3.54 -7.77
N ARG A 125 -1.88 -4.27 -8.17
CA ARG A 125 -1.78 -5.68 -7.82
C ARG A 125 -0.46 -6.26 -8.32
N CYS A 126 0.01 -7.31 -7.66
CA CYS A 126 1.26 -7.96 -8.04
C CYS A 126 1.00 -9.19 -8.90
N ASN A 127 2.08 -9.80 -9.40
CA ASN A 127 1.95 -10.97 -10.25
C ASN A 127 2.86 -12.09 -9.73
N GLU A 128 2.84 -13.23 -10.43
CA GLU A 128 3.65 -14.37 -10.05
C GLU A 128 5.08 -14.23 -10.57
N ALA A 129 5.21 -13.66 -11.76
CA ALA A 129 6.52 -13.45 -12.37
C ALA A 129 7.34 -12.43 -11.59
N GLY A 130 6.65 -11.49 -10.96
CA GLY A 130 7.31 -10.46 -10.19
C GLY A 130 7.12 -9.07 -10.77
N ASP A 131 5.97 -8.85 -11.39
CA ASP A 131 5.65 -7.56 -11.99
C ASP A 131 4.39 -6.96 -11.37
N ILE A 132 4.55 -5.83 -10.70
CA ILE A 132 3.42 -5.15 -10.06
C ILE A 132 2.84 -4.07 -10.96
N GLU A 133 1.78 -4.42 -11.69
CA GLU A 133 1.13 -3.48 -12.60
C GLU A 133 -0.31 -3.22 -12.17
N ALA A 134 -0.91 -2.19 -12.76
CA ALA A 134 -2.29 -1.83 -12.44
C ALA A 134 -3.28 -2.70 -13.20
N LYS A 135 -4.24 -3.26 -12.48
CA LYS A 135 -5.26 -4.12 -13.09
C LYS A 135 -6.40 -3.30 -13.66
N ASN A 136 -7.29 -3.94 -14.40
CA ASN A 136 -8.43 -3.26 -15.00
C ASN A 136 -9.36 -2.71 -13.91
N LYS A 137 -10.43 -2.05 -14.34
CA LYS A 137 -11.40 -1.47 -13.41
C LYS A 137 -12.02 -2.55 -12.53
N THR A 138 -12.21 -3.74 -13.10
CA THR A 138 -12.79 -4.86 -12.37
C THR A 138 -11.89 -5.28 -11.21
N ALA A 139 -12.31 -4.97 -9.99
CA ALA A 139 -11.55 -5.33 -8.81
C ALA A 139 -11.96 -6.69 -8.28
N GLY A 140 -10.97 -7.53 -7.99
CA GLY A 140 -11.25 -8.86 -7.48
C GLY A 140 -10.81 -9.03 -6.03
N GLU A 141 -11.04 -10.22 -5.49
CA GLU A 141 -10.65 -10.51 -4.10
C GLU A 141 -9.14 -10.46 -3.94
N GLU A 142 -8.42 -10.83 -4.99
CA GLU A 142 -6.96 -10.82 -4.96
C GLU A 142 -6.42 -9.39 -5.02
N GLU A 143 -7.14 -8.52 -5.70
CA GLU A 143 -6.74 -7.12 -5.84
C GLU A 143 -6.76 -6.42 -4.49
N MET A 144 -7.65 -6.87 -3.60
CA MET A 144 -7.77 -6.28 -2.28
C MET A 144 -6.45 -6.34 -1.52
N ILE A 145 -6.10 -5.26 -0.84
CA ILE A 145 -4.85 -5.20 -0.09
C ILE A 145 -5.11 -4.76 1.36
N LYS A 146 -4.09 -4.90 2.19
CA LYS A 146 -4.21 -4.52 3.60
C LYS A 146 -3.17 -3.47 3.97
N ILE A 147 -3.62 -2.22 4.08
CA ILE A 147 -2.74 -1.12 4.42
C ILE A 147 -2.63 -0.95 5.94
N ARG A 148 -1.42 -1.12 6.46
CA ARG A 148 -1.18 -0.99 7.89
C ARG A 148 -0.48 0.34 8.21
N SER A 149 -0.40 0.66 9.49
CA SER A 149 0.24 1.90 9.93
C SER A 149 1.06 1.67 11.20
N CYS A 150 2.09 2.49 11.38
CA CYS A 150 2.95 2.37 12.56
C CYS A 150 3.24 3.75 13.14
N ALA A 151 2.29 4.66 13.00
CA ALA A 151 2.45 6.02 13.53
C ALA A 151 2.10 6.08 15.01
N GLU A 152 2.15 7.29 15.57
CA GLU A 152 1.84 7.49 16.98
C GLU A 152 0.34 7.63 17.19
N ARG A 153 -0.31 6.55 17.59
CA ARG A 153 -1.75 6.56 17.83
C ARG A 153 -2.10 7.45 19.02
N GLU A 154 -3.39 7.67 19.23
CA GLU A 154 -3.86 8.48 20.34
C GLU A 154 -4.27 7.62 21.53
N THR A 155 -3.28 6.94 22.11
CA THR A 155 -3.52 6.08 23.26
C THR A 155 -3.97 6.88 24.47
N GLY A 1 0.49 -18.14 22.16
CA GLY A 1 -0.43 -16.99 21.90
C GLY A 1 -0.68 -16.79 20.41
N SER A 2 -1.92 -17.00 19.99
CA SER A 2 -2.29 -16.83 18.59
C SER A 2 -3.80 -16.71 18.44
N SER A 3 -4.53 -17.66 19.02
CA SER A 3 -5.98 -17.64 18.95
C SER A 3 -6.58 -16.83 20.09
N GLY A 4 -7.68 -16.14 19.80
CA GLY A 4 -8.33 -15.33 20.82
C GLY A 4 -9.81 -15.13 20.55
N SER A 5 -10.28 -13.90 20.73
CA SER A 5 -11.69 -13.59 20.50
C SER A 5 -11.86 -12.13 20.05
N SER A 6 -11.97 -11.94 18.74
CA SER A 6 -12.14 -10.60 18.18
C SER A 6 -10.95 -9.71 18.53
N GLY A 7 -10.88 -8.55 17.89
CA GLY A 7 -9.79 -7.63 18.15
C GLY A 7 -9.31 -6.94 16.90
N LEU A 8 -8.74 -5.74 17.05
CA LEU A 8 -8.24 -4.96 15.93
C LEU A 8 -6.95 -5.56 15.39
N ASP A 9 -6.80 -5.56 14.07
CA ASP A 9 -5.60 -6.10 13.43
C ASP A 9 -4.36 -5.37 13.90
N ILE A 10 -3.46 -6.10 14.56
CA ILE A 10 -2.21 -5.52 15.06
C ILE A 10 -1.11 -6.57 15.13
N VAL A 11 0.04 -6.25 14.53
CA VAL A 11 1.17 -7.16 14.52
C VAL A 11 2.48 -6.42 14.79
N GLY A 12 2.95 -6.49 16.02
CA GLY A 12 4.18 -5.81 16.39
C GLY A 12 4.00 -4.32 16.58
N ILE A 13 4.04 -3.58 15.48
CA ILE A 13 3.87 -2.12 15.53
C ILE A 13 3.10 -1.62 14.32
N TRP A 14 2.20 -2.45 13.81
CA TRP A 14 1.39 -2.09 12.65
C TRP A 14 -0.06 -2.50 12.85
N TRP A 15 -0.98 -1.58 12.60
CA TRP A 15 -2.40 -1.85 12.75
C TRP A 15 -3.17 -1.41 11.51
N THR A 16 -4.06 -2.27 11.03
CA THR A 16 -4.87 -1.97 9.85
C THR A 16 -5.76 -0.76 10.10
N VAL A 17 -5.63 0.26 9.25
CA VAL A 17 -6.42 1.47 9.39
C VAL A 17 -7.90 1.18 9.15
N SER A 18 -8.72 2.22 9.25
CA SER A 18 -10.16 2.08 9.05
C SER A 18 -10.66 3.10 8.02
N ASN A 19 -10.22 4.34 8.16
CA ASN A 19 -10.61 5.40 7.24
C ASN A 19 -9.40 6.07 6.61
N PHE A 20 -9.65 7.07 5.78
CA PHE A 20 -8.57 7.80 5.11
C PHE A 20 -7.82 8.69 6.10
N GLY A 21 -8.55 9.25 7.04
CA GLY A 21 -7.93 10.12 8.03
C GLY A 21 -6.84 9.43 8.82
N GLU A 22 -6.95 8.12 8.94
CA GLU A 22 -5.96 7.33 9.67
C GLU A 22 -4.67 7.18 8.86
N ILE A 23 -4.80 7.19 7.55
CA ILE A 23 -3.65 7.06 6.66
C ILE A 23 -2.76 8.30 6.73
N SER A 24 -1.72 8.23 7.54
CA SER A 24 -0.79 9.35 7.69
C SER A 24 0.57 8.88 8.17
N GLY A 25 1.63 9.50 7.66
CA GLY A 25 2.97 9.11 8.05
C GLY A 25 3.45 7.87 7.35
N THR A 26 3.95 6.90 8.12
CA THR A 26 4.44 5.65 7.56
C THR A 26 3.35 4.59 7.56
N ILE A 27 3.25 3.85 6.45
CA ILE A 27 2.25 2.80 6.32
C ILE A 27 2.74 1.68 5.42
N ALA A 28 2.42 0.44 5.80
CA ALA A 28 2.84 -0.72 5.02
C ALA A 28 1.65 -1.35 4.30
N ILE A 29 1.82 -1.62 3.01
CA ILE A 29 0.77 -2.22 2.20
C ILE A 29 1.07 -3.70 1.92
N GLU A 30 0.10 -4.55 2.21
CA GLU A 30 0.26 -5.98 1.99
C GLU A 30 -0.61 -6.46 0.83
N MET A 31 0.02 -7.09 -0.15
CA MET A 31 -0.70 -7.59 -1.32
C MET A 31 -0.98 -9.08 -1.19
N ASP A 32 0.05 -9.85 -0.84
CA ASP A 32 -0.09 -11.30 -0.68
C ASP A 32 -0.23 -11.66 0.80
N LYS A 33 -0.37 -12.96 1.06
CA LYS A 33 -0.51 -13.45 2.42
C LYS A 33 0.84 -13.49 3.13
N GLY A 34 1.24 -12.35 3.70
CA GLY A 34 2.51 -12.28 4.40
C GLY A 34 3.55 -11.48 3.64
N ALA A 35 3.44 -11.50 2.31
CA ALA A 35 4.38 -10.78 1.45
C ALA A 35 4.06 -9.29 1.43
N TYR A 36 5.04 -8.49 1.03
CA TYR A 36 4.85 -7.04 0.96
C TYR A 36 5.53 -6.47 -0.29
N ILE A 37 5.03 -5.33 -0.75
CA ILE A 37 5.59 -4.68 -1.93
C ILE A 37 7.04 -4.28 -1.70
N HIS A 38 7.96 -5.04 -2.30
CA HIS A 38 9.39 -4.76 -2.18
C HIS A 38 9.86 -3.78 -3.25
N ALA A 39 10.90 -3.02 -2.93
CA ALA A 39 11.44 -2.05 -3.86
C ALA A 39 12.85 -2.46 -4.33
N LEU A 40 13.03 -2.52 -5.64
CA LEU A 40 14.31 -2.89 -6.22
C LEU A 40 15.22 -1.68 -6.36
N ASP A 41 16.46 -1.92 -6.78
CA ASP A 41 17.42 -0.84 -6.95
C ASP A 41 17.45 -0.36 -8.40
N ASN A 42 17.26 -1.30 -9.33
CA ASN A 42 17.26 -0.97 -10.75
C ASN A 42 16.17 0.04 -11.08
N GLY A 43 15.06 -0.03 -10.33
CA GLY A 43 13.96 0.89 -10.56
C GLY A 43 12.64 0.16 -10.80
N LEU A 44 12.42 -0.91 -10.03
CA LEU A 44 11.20 -1.70 -10.17
C LEU A 44 10.69 -2.14 -8.80
N PHE A 45 9.57 -2.86 -8.80
CA PHE A 45 8.98 -3.35 -7.56
C PHE A 45 8.44 -4.77 -7.73
N THR A 46 8.98 -5.70 -6.94
CA THR A 46 8.56 -7.09 -7.02
C THR A 46 7.95 -7.54 -5.68
N LEU A 47 7.19 -8.63 -5.73
CA LEU A 47 6.56 -9.16 -4.53
C LEU A 47 7.60 -9.53 -3.47
N GLY A 48 7.62 -8.79 -2.37
CA GLY A 48 8.56 -9.06 -1.31
C GLY A 48 8.43 -10.47 -0.76
N ALA A 49 9.55 -11.06 -0.36
CA ALA A 49 9.54 -12.41 0.19
C ALA A 49 8.74 -12.47 1.48
N PRO A 50 7.88 -13.49 1.64
CA PRO A 50 7.06 -13.64 2.85
C PRO A 50 7.89 -13.98 4.08
N HIS A 51 7.42 -13.57 5.24
CA HIS A 51 8.12 -13.82 6.49
C HIS A 51 7.57 -15.08 7.18
N ARG A 52 8.48 -15.95 7.61
CA ARG A 52 8.09 -17.19 8.28
C ARG A 52 7.35 -16.89 9.58
N GLU A 53 7.95 -16.05 10.42
CA GLU A 53 7.36 -15.69 11.70
C GLU A 53 6.16 -14.76 11.50
N VAL A 54 5.21 -14.81 12.43
CA VAL A 54 4.02 -13.98 12.35
C VAL A 54 4.30 -12.58 12.86
N ASP A 55 5.22 -12.48 13.81
CA ASP A 55 5.59 -11.18 14.39
C ASP A 55 6.81 -10.59 13.69
N GLU A 56 6.81 -10.66 12.36
CA GLU A 56 7.91 -10.14 11.57
C GLU A 56 7.50 -8.86 10.84
N GLY A 57 8.08 -7.74 11.25
CA GLY A 57 7.76 -6.47 10.64
C GLY A 57 8.47 -6.27 9.32
N PRO A 58 7.99 -5.34 8.47
CA PRO A 58 8.61 -5.07 7.16
C PRO A 58 9.96 -4.38 7.29
N SER A 59 10.69 -4.29 6.18
CA SER A 59 11.99 -3.65 6.16
C SER A 59 11.90 -2.23 5.62
N PRO A 60 12.92 -1.39 5.86
CA PRO A 60 12.94 -0.01 5.37
C PRO A 60 12.58 0.12 3.89
N PRO A 61 13.23 -0.66 3.01
CA PRO A 61 12.95 -0.62 1.57
C PRO A 61 11.55 -1.12 1.25
N GLU A 62 11.00 -1.96 2.11
CA GLU A 62 9.66 -2.50 1.92
C GLU A 62 8.60 -1.55 2.47
N GLN A 63 8.97 -0.81 3.52
CA GLN A 63 8.04 0.13 4.14
C GLN A 63 7.76 1.30 3.21
N PHE A 64 6.61 1.95 3.42
CA PHE A 64 6.22 3.09 2.60
C PHE A 64 5.70 4.23 3.47
N THR A 65 5.64 5.42 2.89
CA THR A 65 5.16 6.60 3.62
C THR A 65 4.05 7.30 2.85
N ALA A 66 2.97 7.65 3.55
CA ALA A 66 1.84 8.33 2.93
C ALA A 66 1.97 9.84 3.07
N VAL A 67 1.16 10.57 2.30
CA VAL A 67 1.18 12.02 2.34
C VAL A 67 -0.17 12.60 1.94
N LYS A 68 -0.94 13.02 2.95
CA LYS A 68 -2.26 13.59 2.70
C LYS A 68 -2.16 14.85 1.85
N LEU A 69 -2.81 14.82 0.69
CA LEU A 69 -2.79 15.95 -0.23
C LEU A 69 -4.17 16.59 -0.33
N SER A 70 -5.08 15.92 -1.03
CA SER A 70 -6.44 16.42 -1.20
C SER A 70 -7.27 15.45 -2.04
N ASP A 71 -8.59 15.53 -1.88
CA ASP A 71 -9.50 14.67 -2.62
C ASP A 71 -9.22 13.19 -2.34
N SER A 72 -8.80 12.91 -1.11
CA SER A 72 -8.49 11.54 -0.69
C SER A 72 -7.37 10.96 -1.55
N ARG A 73 -6.37 11.79 -1.86
CA ARG A 73 -5.24 11.36 -2.66
C ARG A 73 -3.93 11.51 -1.89
N ILE A 74 -3.30 10.38 -1.60
CA ILE A 74 -2.03 10.39 -0.86
C ILE A 74 -0.86 10.11 -1.78
N ALA A 75 0.30 10.67 -1.45
CA ALA A 75 1.50 10.47 -2.25
C ALA A 75 2.44 9.45 -1.60
N LEU A 76 2.41 8.23 -2.12
CA LEU A 76 3.24 7.16 -1.59
C LEU A 76 4.72 7.50 -1.73
N LYS A 77 5.56 6.83 -0.95
CA LYS A 77 7.00 7.08 -0.99
C LYS A 77 7.76 5.86 -0.47
N SER A 78 8.59 5.29 -1.34
CA SER A 78 9.39 4.11 -0.97
C SER A 78 10.45 4.48 0.07
N GLY A 79 10.87 3.49 0.84
CA GLY A 79 11.87 3.72 1.86
C GLY A 79 13.17 4.24 1.28
N TYR A 80 13.48 3.84 0.05
CA TYR A 80 14.70 4.27 -0.61
C TYR A 80 14.74 5.80 -0.75
N GLY A 81 13.56 6.40 -0.88
CA GLY A 81 13.48 7.84 -1.01
C GLY A 81 12.94 8.26 -2.37
N LYS A 82 11.97 7.52 -2.87
CA LYS A 82 11.37 7.82 -4.17
C LYS A 82 9.84 7.84 -4.07
N TYR A 83 9.21 8.46 -5.06
CA TYR A 83 7.75 8.55 -5.09
C TYR A 83 7.15 7.45 -5.96
N LEU A 84 6.26 6.65 -5.39
CA LEU A 84 5.62 5.56 -6.11
C LEU A 84 4.73 6.10 -7.23
N GLY A 85 5.03 5.72 -8.46
CA GLY A 85 4.25 6.18 -9.59
C GLY A 85 3.93 5.07 -10.57
N ILE A 86 2.88 5.26 -11.36
CA ILE A 86 2.47 4.26 -12.34
C ILE A 86 2.70 4.76 -13.76
N ASN A 87 3.13 3.86 -14.63
CA ASN A 87 3.40 4.21 -16.02
C ASN A 87 2.09 4.43 -16.77
N SER A 88 2.20 4.94 -18.01
CA SER A 88 1.03 5.20 -18.83
C SER A 88 0.37 3.89 -19.29
N ASP A 89 1.20 2.87 -19.52
CA ASP A 89 0.71 1.57 -19.96
C ASP A 89 0.01 0.84 -18.82
N GLY A 90 0.50 1.05 -17.60
CA GLY A 90 -0.09 0.41 -16.44
C GLY A 90 0.91 -0.41 -15.66
N LEU A 91 2.09 0.17 -15.43
CA LEU A 91 3.14 -0.52 -14.69
C LEU A 91 3.60 0.32 -13.50
N VAL A 92 3.47 -0.24 -12.30
CA VAL A 92 3.88 0.46 -11.08
C VAL A 92 5.40 0.51 -10.95
N VAL A 93 5.96 1.70 -11.13
CA VAL A 93 7.40 1.88 -11.04
C VAL A 93 7.75 3.11 -10.20
N GLY A 94 8.79 2.98 -9.38
CA GLY A 94 9.21 4.08 -8.54
C GLY A 94 10.54 4.67 -8.97
N ARG A 95 10.49 5.66 -9.85
CA ARG A 95 11.71 6.30 -10.35
C ARG A 95 11.40 7.69 -10.89
N SER A 96 10.60 8.45 -10.16
CA SER A 96 10.23 9.80 -10.59
C SER A 96 10.84 10.84 -9.66
N ASP A 97 10.89 10.53 -8.36
CA ASP A 97 11.46 11.45 -7.38
C ASP A 97 10.67 12.75 -7.35
N ALA A 98 9.36 12.66 -7.57
CA ALA A 98 8.49 13.83 -7.58
C ALA A 98 7.04 13.44 -7.39
N ILE A 99 6.20 14.43 -7.06
CA ILE A 99 4.78 14.18 -6.85
C ILE A 99 3.97 14.47 -8.12
N GLY A 100 3.92 13.48 -9.01
CA GLY A 100 3.18 13.66 -10.25
C GLY A 100 1.77 13.10 -10.17
N PRO A 101 0.91 13.43 -11.14
CA PRO A 101 -0.48 12.96 -11.16
C PRO A 101 -0.57 11.44 -11.04
N ARG A 102 0.38 10.75 -11.65
CA ARG A 102 0.40 9.28 -11.59
C ARG A 102 0.85 8.80 -10.23
N GLU A 103 1.71 9.58 -9.57
CA GLU A 103 2.22 9.23 -8.25
C GLU A 103 1.09 9.22 -7.21
N GLN A 104 0.09 10.07 -7.44
CA GLN A 104 -1.05 10.16 -6.52
C GLN A 104 -1.84 8.86 -6.50
N TRP A 105 -2.30 8.46 -5.32
CA TRP A 105 -3.07 7.24 -5.16
C TRP A 105 -4.41 7.52 -4.50
N GLU A 106 -5.45 6.80 -4.92
CA GLU A 106 -6.79 6.98 -4.37
C GLU A 106 -7.24 5.73 -3.63
N PRO A 107 -6.98 5.66 -2.32
CA PRO A 107 -7.38 4.49 -1.49
C PRO A 107 -8.89 4.39 -1.34
N VAL A 108 -9.44 3.24 -1.69
CA VAL A 108 -10.87 3.00 -1.58
C VAL A 108 -11.22 2.28 -0.30
N PHE A 109 -12.49 2.38 0.11
CA PHE A 109 -12.96 1.71 1.33
C PHE A 109 -14.40 1.27 1.17
N GLN A 110 -14.65 -0.02 1.40
CA GLN A 110 -15.99 -0.57 1.30
C GLN A 110 -16.18 -1.75 2.25
N ASP A 111 -17.10 -1.59 3.19
CA ASP A 111 -17.38 -2.64 4.17
C ASP A 111 -16.14 -3.01 4.95
N GLY A 112 -15.28 -2.01 5.21
CA GLY A 112 -14.06 -2.26 5.94
C GLY A 112 -12.87 -2.51 5.03
N LYS A 113 -13.10 -3.23 3.94
CA LYS A 113 -12.04 -3.54 2.99
C LYS A 113 -11.42 -2.26 2.43
N MET A 114 -10.40 -2.42 1.60
CA MET A 114 -9.72 -1.28 1.00
C MET A 114 -8.94 -1.70 -0.24
N ALA A 115 -8.76 -0.76 -1.16
CA ALA A 115 -8.03 -1.03 -2.40
C ALA A 115 -7.36 0.23 -2.93
N LEU A 116 -6.06 0.14 -3.20
CA LEU A 116 -5.30 1.27 -3.71
C LEU A 116 -5.59 1.49 -5.20
N LEU A 117 -6.23 2.60 -5.52
CA LEU A 117 -6.56 2.93 -6.90
C LEU A 117 -5.55 3.90 -7.49
N ALA A 118 -5.05 3.60 -8.68
CA ALA A 118 -4.07 4.45 -9.35
C ALA A 118 -4.74 5.68 -9.96
N SER A 119 -3.93 6.64 -10.37
CA SER A 119 -4.43 7.87 -10.97
C SER A 119 -5.09 7.59 -12.32
N ASN A 120 -4.86 6.39 -12.86
CA ASN A 120 -5.43 6.01 -14.15
C ASN A 120 -6.75 5.25 -13.96
N SER A 121 -7.39 5.44 -12.82
CA SER A 121 -8.65 4.78 -12.52
C SER A 121 -8.52 3.26 -12.66
N CYS A 122 -7.34 2.75 -12.32
CA CYS A 122 -7.09 1.32 -12.41
C CYS A 122 -6.46 0.79 -11.12
N PHE A 123 -7.02 -0.29 -10.60
CA PHE A 123 -6.52 -0.89 -9.37
C PHE A 123 -5.11 -1.45 -9.57
N ILE A 124 -4.55 -2.02 -8.50
CA ILE A 124 -3.21 -2.59 -8.56
C ILE A 124 -3.20 -4.04 -8.08
N ARG A 125 -2.14 -4.76 -8.42
CA ARG A 125 -2.00 -6.15 -8.02
C ARG A 125 -0.66 -6.72 -8.46
N CYS A 126 -0.09 -7.59 -7.63
CA CYS A 126 1.20 -8.21 -7.94
C CYS A 126 1.02 -9.45 -8.80
N ASN A 127 2.00 -9.71 -9.66
CA ASN A 127 1.94 -10.87 -10.54
C ASN A 127 2.68 -12.06 -9.92
N GLU A 128 2.56 -13.22 -10.56
CA GLU A 128 3.21 -14.42 -10.07
C GLU A 128 4.73 -14.28 -10.12
N ALA A 129 5.21 -13.51 -11.09
CA ALA A 129 6.65 -13.30 -11.24
C ALA A 129 7.13 -12.16 -10.36
N GLY A 130 6.28 -11.14 -10.18
CA GLY A 130 6.65 -10.01 -9.35
C GLY A 130 6.29 -8.69 -10.00
N ASP A 131 6.17 -8.67 -11.33
CA ASP A 131 5.84 -7.46 -12.07
C ASP A 131 4.51 -6.89 -11.58
N ILE A 132 4.58 -5.75 -10.89
CA ILE A 132 3.39 -5.10 -10.37
C ILE A 132 2.81 -4.13 -11.39
N GLU A 133 1.57 -4.38 -11.79
CA GLU A 133 0.89 -3.53 -12.77
C GLU A 133 -0.48 -3.10 -12.27
N ALA A 134 -1.14 -2.24 -13.03
CA ALA A 134 -2.46 -1.75 -12.65
C ALA A 134 -3.56 -2.48 -13.43
N LYS A 135 -4.40 -3.21 -12.71
CA LYS A 135 -5.49 -3.95 -13.33
C LYS A 135 -6.70 -3.05 -13.55
N ASN A 136 -7.66 -3.54 -14.33
CA ASN A 136 -8.87 -2.78 -14.62
C ASN A 136 -9.62 -2.45 -13.35
N LYS A 137 -10.73 -1.73 -13.49
CA LYS A 137 -11.55 -1.34 -12.34
C LYS A 137 -12.04 -2.57 -11.59
N THR A 138 -12.14 -3.69 -12.28
CA THR A 138 -12.60 -4.94 -11.68
C THR A 138 -11.78 -5.29 -10.45
N ALA A 139 -12.37 -5.13 -9.27
CA ALA A 139 -11.68 -5.42 -8.02
C ALA A 139 -11.85 -6.89 -7.64
N GLY A 140 -10.74 -7.63 -7.68
CA GLY A 140 -10.79 -9.04 -7.33
C GLY A 140 -10.43 -9.30 -5.88
N GLU A 141 -10.48 -10.56 -5.49
CA GLU A 141 -10.16 -10.94 -4.11
C GLU A 141 -8.70 -10.62 -3.78
N GLU A 142 -7.82 -10.83 -4.76
CA GLU A 142 -6.40 -10.57 -4.58
C GLU A 142 -6.12 -9.07 -4.57
N GLU A 143 -6.93 -8.31 -5.31
CA GLU A 143 -6.77 -6.87 -5.39
C GLU A 143 -6.92 -6.23 -4.02
N MET A 144 -7.75 -6.84 -3.16
CA MET A 144 -7.99 -6.34 -1.82
C MET A 144 -6.68 -6.28 -1.02
N ILE A 145 -6.28 -5.07 -0.64
CA ILE A 145 -5.06 -4.89 0.13
C ILE A 145 -5.37 -4.47 1.57
N LYS A 146 -4.35 -4.47 2.41
CA LYS A 146 -4.51 -4.09 3.81
C LYS A 146 -3.46 -3.06 4.22
N ILE A 147 -3.82 -1.78 4.13
CA ILE A 147 -2.91 -0.71 4.50
C ILE A 147 -2.77 -0.58 6.01
N ARG A 148 -1.55 -0.79 6.51
CA ARG A 148 -1.29 -0.70 7.94
C ARG A 148 -0.49 0.55 8.27
N SER A 149 -0.62 1.03 9.51
CA SER A 149 0.09 2.22 9.96
C SER A 149 0.76 1.98 11.31
N CYS A 150 2.02 2.39 11.42
CA CYS A 150 2.77 2.22 12.65
C CYS A 150 2.78 3.52 13.46
N ALA A 151 1.67 4.24 13.43
CA ALA A 151 1.56 5.50 14.16
C ALA A 151 1.22 5.25 15.63
N GLU A 152 1.26 6.32 16.42
CA GLU A 152 0.95 6.22 17.85
C GLU A 152 -0.51 5.84 18.06
N ARG A 153 -0.76 4.59 18.39
CA ARG A 153 -2.11 4.11 18.63
C ARG A 153 -2.76 4.85 19.80
N GLU A 154 -3.98 4.46 20.14
CA GLU A 154 -4.71 5.10 21.23
C GLU A 154 -4.56 4.28 22.52
N THR A 155 -3.57 4.65 23.33
CA THR A 155 -3.33 3.96 24.60
C THR A 155 -3.57 4.88 25.78
N GLY A 1 -23.38 -10.44 19.96
CA GLY A 1 -23.88 -11.82 20.16
C GLY A 1 -23.89 -12.63 18.87
N SER A 2 -24.00 -13.95 18.99
CA SER A 2 -24.02 -14.82 17.83
C SER A 2 -22.74 -14.70 17.03
N SER A 3 -22.69 -15.37 15.87
CA SER A 3 -21.51 -15.33 15.02
C SER A 3 -21.30 -13.94 14.44
N GLY A 4 -20.08 -13.66 13.99
CA GLY A 4 -19.78 -12.36 13.41
C GLY A 4 -18.74 -11.60 14.22
N SER A 5 -17.48 -11.74 13.84
CA SER A 5 -16.39 -11.05 14.53
C SER A 5 -16.13 -9.69 13.92
N SER A 6 -15.80 -8.72 14.77
CA SER A 6 -15.52 -7.36 14.31
C SER A 6 -14.40 -6.72 15.13
N GLY A 7 -13.16 -6.94 14.72
CA GLY A 7 -12.04 -6.38 15.44
C GLY A 7 -11.04 -5.72 14.51
N LEU A 8 -9.78 -5.66 14.94
CA LEU A 8 -8.73 -5.04 14.15
C LEU A 8 -7.49 -5.92 14.09
N ASP A 9 -6.76 -5.85 12.98
CA ASP A 9 -5.56 -6.65 12.81
C ASP A 9 -4.31 -5.84 13.16
N ILE A 10 -3.59 -6.28 14.20
CA ILE A 10 -2.39 -5.60 14.64
C ILE A 10 -1.18 -6.52 14.57
N VAL A 11 -0.10 -6.05 13.95
CA VAL A 11 1.12 -6.83 13.82
C VAL A 11 2.30 -6.13 14.47
N GLY A 12 2.50 -6.38 15.76
CA GLY A 12 3.60 -5.76 16.48
C GLY A 12 3.39 -4.27 16.66
N ILE A 13 3.70 -3.49 15.63
CA ILE A 13 3.56 -2.04 15.68
C ILE A 13 2.86 -1.51 14.44
N TRP A 14 1.98 -2.33 13.86
CA TRP A 14 1.23 -1.94 12.67
C TRP A 14 -0.24 -2.31 12.80
N TRP A 15 -1.10 -1.31 12.79
CA TRP A 15 -2.54 -1.53 12.91
C TRP A 15 -3.26 -1.10 11.63
N THR A 16 -4.24 -1.89 11.22
CA THR A 16 -5.00 -1.60 10.01
C THR A 16 -5.79 -0.30 10.17
N VAL A 17 -5.65 0.59 9.21
CA VAL A 17 -6.35 1.88 9.25
C VAL A 17 -7.86 1.68 9.18
N SER A 18 -8.60 2.72 9.52
CA SER A 18 -10.06 2.66 9.51
C SER A 18 -10.63 3.52 8.38
N ASN A 19 -9.93 4.62 8.06
CA ASN A 19 -10.37 5.53 7.01
C ASN A 19 -9.21 6.42 6.56
N PHE A 20 -9.51 7.31 5.61
CA PHE A 20 -8.51 8.22 5.08
C PHE A 20 -7.89 9.06 6.19
N GLY A 21 -8.73 9.51 7.12
CA GLY A 21 -8.26 10.33 8.22
C GLY A 21 -7.14 9.66 9.00
N GLU A 22 -7.10 8.33 8.96
CA GLU A 22 -6.07 7.58 9.68
C GLU A 22 -4.81 7.47 8.83
N ILE A 23 -4.98 7.43 7.51
CA ILE A 23 -3.86 7.33 6.59
C ILE A 23 -3.09 8.65 6.51
N SER A 24 -1.93 8.69 7.14
CA SER A 24 -1.10 9.89 7.13
C SER A 24 0.26 9.62 7.78
N GLY A 25 1.25 9.26 6.96
CA GLY A 25 2.57 8.98 7.47
C GLY A 25 3.13 7.67 6.95
N THR A 26 4.11 7.12 7.66
CA THR A 26 4.72 5.86 7.27
C THR A 26 3.72 4.70 7.37
N ILE A 27 3.42 4.08 6.24
CA ILE A 27 2.48 2.97 6.21
C ILE A 27 2.96 1.87 5.27
N ALA A 28 2.38 0.69 5.41
CA ALA A 28 2.76 -0.45 4.57
C ALA A 28 1.53 -1.06 3.89
N ILE A 29 1.78 -1.85 2.85
CA ILE A 29 0.69 -2.49 2.11
C ILE A 29 0.98 -3.96 1.88
N GLU A 30 0.02 -4.81 2.24
CA GLU A 30 0.17 -6.25 2.08
C GLU A 30 -0.74 -6.77 0.97
N MET A 31 -0.12 -7.21 -0.12
CA MET A 31 -0.87 -7.74 -1.26
C MET A 31 -1.16 -9.22 -1.08
N ASP A 32 -0.15 -9.98 -0.69
CA ASP A 32 -0.31 -11.42 -0.48
C ASP A 32 -0.48 -11.74 1.00
N LYS A 33 -0.66 -13.01 1.31
CA LYS A 33 -0.85 -13.45 2.69
C LYS A 33 0.49 -13.74 3.35
N GLY A 34 1.17 -12.67 3.80
CA GLY A 34 2.45 -12.84 4.45
C GLY A 34 3.55 -12.05 3.76
N ALA A 35 3.39 -11.83 2.46
CA ALA A 35 4.37 -11.09 1.68
C ALA A 35 4.02 -9.61 1.61
N TYR A 36 4.97 -8.80 1.15
CA TYR A 36 4.76 -7.36 1.04
C TYR A 36 5.41 -6.82 -0.23
N ILE A 37 5.11 -5.57 -0.55
CA ILE A 37 5.66 -4.92 -1.74
C ILE A 37 7.11 -4.53 -1.52
N HIS A 38 8.00 -5.12 -2.33
CA HIS A 38 9.43 -4.83 -2.23
C HIS A 38 9.90 -3.95 -3.39
N ALA A 39 10.94 -3.16 -3.14
CA ALA A 39 11.47 -2.27 -4.17
C ALA A 39 12.84 -2.76 -4.64
N LEU A 40 13.31 -2.19 -5.75
CA LEU A 40 14.60 -2.57 -6.31
C LEU A 40 15.40 -1.33 -6.72
N ASP A 41 16.71 -1.39 -6.55
CA ASP A 41 17.59 -0.28 -6.90
C ASP A 41 17.56 -0.02 -8.41
N ASN A 42 17.36 -1.08 -9.18
CA ASN A 42 17.32 -0.97 -10.63
C ASN A 42 16.19 -0.04 -11.07
N GLY A 43 15.11 -0.02 -10.30
CA GLY A 43 13.98 0.83 -10.62
C GLY A 43 12.71 0.04 -10.88
N LEU A 44 12.53 -1.04 -10.13
CA LEU A 44 11.35 -1.89 -10.29
C LEU A 44 10.85 -2.37 -8.92
N PHE A 45 9.58 -2.77 -8.88
CA PHE A 45 8.98 -3.25 -7.65
C PHE A 45 8.50 -4.69 -7.80
N THR A 46 8.95 -5.55 -6.91
CA THR A 46 8.56 -6.97 -6.94
C THR A 46 7.94 -7.39 -5.61
N LEU A 47 7.30 -8.56 -5.61
CA LEU A 47 6.67 -9.08 -4.41
C LEU A 47 7.71 -9.71 -3.48
N GLY A 48 7.95 -9.06 -2.35
CA GLY A 48 8.92 -9.58 -1.39
C GLY A 48 8.54 -10.95 -0.88
N ALA A 49 9.45 -11.56 -0.10
CA ALA A 49 9.21 -12.88 0.45
C ALA A 49 8.34 -12.81 1.69
N PRO A 50 7.39 -13.77 1.85
CA PRO A 50 6.49 -13.80 3.01
C PRO A 50 7.21 -14.22 4.29
N HIS A 51 7.08 -13.41 5.33
CA HIS A 51 7.71 -13.70 6.61
C HIS A 51 7.18 -15.01 7.19
N ARG A 52 7.95 -15.60 8.10
CA ARG A 52 7.55 -16.85 8.74
C ARG A 52 6.46 -16.61 9.77
N GLU A 53 6.80 -15.88 10.83
CA GLU A 53 5.86 -15.58 11.89
C GLU A 53 4.87 -14.50 11.46
N VAL A 54 3.72 -14.46 12.12
CA VAL A 54 2.69 -13.47 11.79
C VAL A 54 3.05 -12.09 12.35
N ASP A 55 3.32 -12.04 13.65
CA ASP A 55 3.68 -10.78 14.30
C ASP A 55 5.10 -10.38 13.94
N GLU A 56 5.29 -9.85 12.74
CA GLU A 56 6.60 -9.42 12.28
C GLU A 56 6.51 -8.13 11.47
N GLY A 57 7.40 -7.18 11.77
CA GLY A 57 7.40 -5.92 11.08
C GLY A 57 8.10 -6.00 9.73
N PRO A 58 7.66 -5.19 8.75
CA PRO A 58 8.26 -5.18 7.41
C PRO A 58 9.67 -4.60 7.41
N SER A 59 10.44 -4.92 6.38
CA SER A 59 11.81 -4.43 6.26
C SER A 59 11.81 -2.95 5.89
N PRO A 60 12.92 -2.24 6.14
CA PRO A 60 13.05 -0.81 5.83
C PRO A 60 12.62 -0.48 4.39
N PRO A 61 13.18 -1.19 3.38
CA PRO A 61 12.84 -0.95 1.99
C PRO A 61 11.39 -1.28 1.68
N GLU A 62 10.80 -2.16 2.48
CA GLU A 62 9.41 -2.56 2.28
C GLU A 62 8.46 -1.50 2.81
N GLN A 63 8.89 -0.78 3.85
CA GLN A 63 8.08 0.28 4.44
C GLN A 63 7.90 1.44 3.47
N PHE A 64 6.67 1.96 3.40
CA PHE A 64 6.37 3.07 2.51
C PHE A 64 5.91 4.29 3.30
N THR A 65 5.96 5.45 2.66
CA THR A 65 5.54 6.70 3.31
C THR A 65 4.35 7.31 2.59
N ALA A 66 3.28 7.55 3.34
CA ALA A 66 2.07 8.14 2.78
C ALA A 66 1.93 9.60 3.18
N VAL A 67 1.66 10.45 2.20
CA VAL A 67 1.51 11.88 2.44
C VAL A 67 0.21 12.41 1.84
N LYS A 68 -0.50 13.23 2.62
CA LYS A 68 -1.76 13.81 2.17
C LYS A 68 -1.53 14.86 1.09
N LEU A 69 -2.53 15.07 0.25
CA LEU A 69 -2.44 16.05 -0.83
C LEU A 69 -3.73 16.85 -0.96
N SER A 70 -4.76 16.22 -1.51
CA SER A 70 -6.05 16.88 -1.69
C SER A 70 -7.06 15.95 -2.36
N ASP A 71 -8.33 16.14 -2.05
CA ASP A 71 -9.39 15.31 -2.62
C ASP A 71 -9.21 13.85 -2.23
N SER A 72 -8.79 13.62 -1.00
CA SER A 72 -8.57 12.26 -0.49
C SER A 72 -7.50 11.55 -1.31
N ARG A 73 -6.49 12.29 -1.73
CA ARG A 73 -5.40 11.73 -2.52
C ARG A 73 -4.09 11.75 -1.73
N ILE A 74 -3.51 10.58 -1.51
CA ILE A 74 -2.26 10.48 -0.76
C ILE A 74 -1.12 10.02 -1.68
N ALA A 75 0.10 10.45 -1.34
CA ALA A 75 1.27 10.10 -2.13
C ALA A 75 2.13 9.07 -1.39
N LEU A 76 2.46 7.98 -2.07
CA LEU A 76 3.28 6.94 -1.48
C LEU A 76 4.75 7.12 -1.83
N LYS A 77 5.63 6.56 -1.00
CA LYS A 77 7.07 6.67 -1.23
C LYS A 77 7.78 5.42 -0.73
N SER A 78 8.70 4.91 -1.56
CA SER A 78 9.46 3.71 -1.19
C SER A 78 10.46 4.02 -0.09
N GLY A 79 10.93 2.97 0.58
CA GLY A 79 11.89 3.14 1.65
C GLY A 79 13.21 3.72 1.16
N TYR A 80 13.54 3.44 -0.09
CA TYR A 80 14.78 3.93 -0.68
C TYR A 80 14.76 5.45 -0.78
N GLY A 81 13.63 6.01 -1.19
CA GLY A 81 13.52 7.45 -1.32
C GLY A 81 12.95 7.87 -2.66
N LYS A 82 11.93 7.16 -3.12
CA LYS A 82 11.30 7.46 -4.40
C LYS A 82 9.78 7.37 -4.30
N TYR A 83 9.10 8.32 -4.91
CA TYR A 83 7.64 8.35 -4.89
C TYR A 83 7.06 7.35 -5.89
N LEU A 84 6.13 6.52 -5.43
CA LEU A 84 5.51 5.52 -6.29
C LEU A 84 4.69 6.20 -7.39
N GLY A 85 5.21 6.15 -8.61
CA GLY A 85 4.51 6.76 -9.74
C GLY A 85 4.08 5.73 -10.77
N ILE A 86 2.88 5.91 -11.30
CA ILE A 86 2.34 5.01 -12.30
C ILE A 86 2.81 5.38 -13.70
N ASN A 87 2.80 4.42 -14.61
CA ASN A 87 3.23 4.65 -15.98
C ASN A 87 2.03 4.63 -16.93
N SER A 88 2.25 5.10 -18.15
CA SER A 88 1.19 5.14 -19.15
C SER A 88 0.69 3.74 -19.48
N ASP A 89 1.62 2.79 -19.55
CA ASP A 89 1.27 1.40 -19.85
C ASP A 89 0.41 0.80 -18.75
N GLY A 90 0.63 1.26 -17.52
CA GLY A 90 -0.14 0.76 -16.39
C GLY A 90 0.70 -0.05 -15.42
N LEU A 91 1.98 0.28 -15.36
CA LEU A 91 2.91 -0.43 -14.46
C LEU A 91 3.27 0.44 -13.26
N VAL A 92 3.31 -0.17 -12.09
CA VAL A 92 3.64 0.55 -10.86
C VAL A 92 5.16 0.65 -10.69
N VAL A 93 5.67 1.87 -10.83
CA VAL A 93 7.11 2.11 -10.69
C VAL A 93 7.38 3.25 -9.72
N GLY A 94 8.62 3.33 -9.25
CA GLY A 94 9.00 4.37 -8.31
C GLY A 94 10.40 4.89 -8.54
N ARG A 95 10.56 5.77 -9.53
CA ARG A 95 11.86 6.34 -9.84
C ARG A 95 11.77 7.85 -9.99
N SER A 96 10.92 8.47 -9.18
CA SER A 96 10.75 9.92 -9.22
C SER A 96 10.64 10.49 -7.81
N ASP A 97 11.39 11.56 -7.54
CA ASP A 97 11.37 12.19 -6.24
C ASP A 97 10.48 13.43 -6.24
N ALA A 98 9.42 13.39 -7.06
CA ALA A 98 8.50 14.51 -7.17
C ALA A 98 7.08 14.07 -6.81
N ILE A 99 6.12 14.98 -6.96
CA ILE A 99 4.73 14.69 -6.66
C ILE A 99 3.82 15.15 -7.79
N GLY A 100 3.68 14.30 -8.80
CA GLY A 100 2.83 14.63 -9.93
C GLY A 100 1.53 13.84 -9.94
N PRO A 101 0.86 13.74 -11.10
CA PRO A 101 -0.41 13.01 -11.23
C PRO A 101 -0.21 11.50 -11.10
N ARG A 102 0.84 10.99 -11.73
CA ARG A 102 1.14 9.56 -11.69
C ARG A 102 1.53 9.13 -10.27
N GLU A 103 2.18 10.04 -9.55
CA GLU A 103 2.61 9.75 -8.18
C GLU A 103 1.42 9.75 -7.22
N GLN A 104 0.39 10.52 -7.56
CA GLN A 104 -0.81 10.61 -6.74
C GLN A 104 -1.51 9.26 -6.63
N TRP A 105 -2.45 9.16 -5.70
CA TRP A 105 -3.19 7.92 -5.49
C TRP A 105 -4.59 8.21 -4.96
N GLU A 106 -5.44 7.20 -4.95
CA GLU A 106 -6.81 7.35 -4.45
C GLU A 106 -7.28 6.09 -3.74
N PRO A 107 -7.12 6.03 -2.41
CA PRO A 107 -7.53 4.86 -1.61
C PRO A 107 -9.05 4.71 -1.56
N VAL A 108 -9.51 3.47 -1.49
CA VAL A 108 -10.95 3.19 -1.43
C VAL A 108 -11.26 2.19 -0.32
N PHE A 109 -12.46 2.30 0.24
CA PHE A 109 -12.89 1.40 1.30
C PHE A 109 -14.24 0.78 0.96
N GLN A 110 -14.39 -0.52 1.27
CA GLN A 110 -15.63 -1.23 0.99
C GLN A 110 -15.84 -2.35 2.00
N ASP A 111 -16.75 -2.14 2.95
CA ASP A 111 -17.05 -3.12 3.96
C ASP A 111 -15.81 -3.49 4.76
N GLY A 112 -15.03 -2.47 5.13
CA GLY A 112 -13.82 -2.70 5.89
C GLY A 112 -12.59 -2.86 5.01
N LYS A 113 -12.73 -3.62 3.93
CA LYS A 113 -11.63 -3.85 3.01
C LYS A 113 -11.13 -2.53 2.43
N MET A 114 -10.02 -2.59 1.69
CA MET A 114 -9.45 -1.41 1.07
C MET A 114 -8.62 -1.77 -0.16
N ALA A 115 -8.63 -0.89 -1.15
CA ALA A 115 -7.88 -1.11 -2.38
C ALA A 115 -7.28 0.19 -2.90
N LEU A 116 -5.96 0.19 -3.10
CA LEU A 116 -5.26 1.37 -3.59
C LEU A 116 -5.48 1.55 -5.09
N LEU A 117 -6.32 2.51 -5.45
CA LEU A 117 -6.63 2.78 -6.85
C LEU A 117 -5.62 3.77 -7.44
N ALA A 118 -5.05 3.42 -8.59
CA ALA A 118 -4.07 4.27 -9.25
C ALA A 118 -4.75 5.50 -9.88
N SER A 119 -3.94 6.49 -10.21
CA SER A 119 -4.45 7.71 -10.82
C SER A 119 -5.02 7.44 -12.21
N ASN A 120 -4.69 6.28 -12.77
CA ASN A 120 -5.18 5.91 -14.11
C ASN A 120 -6.42 5.04 -14.01
N SER A 121 -7.18 5.19 -12.92
CA SER A 121 -8.39 4.42 -12.71
C SER A 121 -8.11 2.92 -12.80
N CYS A 122 -7.04 2.48 -12.16
CA CYS A 122 -6.66 1.07 -12.16
C CYS A 122 -6.22 0.63 -10.77
N PHE A 123 -6.72 -0.51 -10.33
CA PHE A 123 -6.37 -1.06 -9.02
C PHE A 123 -5.04 -1.80 -9.07
N ILE A 124 -4.09 -1.37 -8.25
CA ILE A 124 -2.78 -2.00 -8.20
C ILE A 124 -2.88 -3.46 -7.78
N ARG A 125 -1.85 -4.23 -8.09
CA ARG A 125 -1.82 -5.64 -7.75
C ARG A 125 -0.44 -6.25 -8.03
N CYS A 126 -0.26 -7.51 -7.64
CA CYS A 126 1.00 -8.19 -7.85
C CYS A 126 0.84 -9.36 -8.82
N ASN A 127 1.96 -9.88 -9.31
CA ASN A 127 1.93 -11.00 -10.25
C ASN A 127 2.81 -12.14 -9.75
N GLU A 128 2.47 -13.36 -10.17
CA GLU A 128 3.22 -14.55 -9.76
C GLU A 128 4.67 -14.45 -10.21
N ALA A 129 4.89 -13.78 -11.34
CA ALA A 129 6.24 -13.61 -11.88
C ALA A 129 7.04 -12.61 -11.06
N GLY A 130 6.39 -11.50 -10.69
CA GLY A 130 7.06 -10.47 -9.92
C GLY A 130 6.93 -9.10 -10.55
N ASP A 131 5.73 -8.77 -10.99
CA ASP A 131 5.48 -7.47 -11.60
C ASP A 131 4.26 -6.79 -10.99
N ILE A 132 4.47 -5.63 -10.38
CA ILE A 132 3.39 -4.89 -9.75
C ILE A 132 2.78 -3.89 -10.72
N GLU A 133 1.64 -4.26 -11.31
CA GLU A 133 0.95 -3.40 -12.26
C GLU A 133 -0.48 -3.15 -11.81
N ALA A 134 -1.17 -2.26 -12.54
CA ALA A 134 -2.56 -1.93 -12.22
C ALA A 134 -3.53 -2.73 -13.07
N LYS A 135 -4.51 -3.34 -12.41
CA LYS A 135 -5.51 -4.14 -13.12
C LYS A 135 -6.72 -3.30 -13.49
N ASN A 136 -7.70 -3.93 -14.13
CA ASN A 136 -8.91 -3.23 -14.54
C ASN A 136 -9.64 -2.64 -13.32
N LYS A 137 -10.67 -1.84 -13.59
CA LYS A 137 -11.44 -1.21 -12.52
C LYS A 137 -12.08 -2.27 -11.61
N THR A 138 -12.42 -3.41 -12.20
CA THR A 138 -13.03 -4.50 -11.44
C THR A 138 -12.11 -4.97 -10.31
N ALA A 139 -12.55 -4.77 -9.07
CA ALA A 139 -11.76 -5.17 -7.91
C ALA A 139 -12.17 -6.56 -7.42
N GLY A 140 -11.27 -7.53 -7.59
CA GLY A 140 -11.56 -8.88 -7.17
C GLY A 140 -11.13 -9.15 -5.73
N GLU A 141 -11.46 -10.33 -5.23
CA GLU A 141 -11.10 -10.71 -3.87
C GLU A 141 -9.59 -10.67 -3.66
N GLU A 142 -8.86 -11.01 -4.72
CA GLU A 142 -7.40 -11.03 -4.67
C GLU A 142 -6.84 -9.61 -4.73
N GLU A 143 -7.48 -8.76 -5.52
CA GLU A 143 -7.05 -7.37 -5.67
C GLU A 143 -7.12 -6.63 -4.34
N MET A 144 -8.05 -7.05 -3.48
CA MET A 144 -8.22 -6.42 -2.18
C MET A 144 -6.94 -6.51 -1.36
N ILE A 145 -6.55 -5.38 -0.77
CA ILE A 145 -5.34 -5.32 0.03
C ILE A 145 -5.65 -4.92 1.48
N LYS A 146 -4.62 -4.85 2.30
CA LYS A 146 -4.79 -4.47 3.71
C LYS A 146 -3.72 -3.47 4.13
N ILE A 147 -4.10 -2.21 4.21
CA ILE A 147 -3.17 -1.15 4.62
C ILE A 147 -3.09 -1.05 6.14
N ARG A 148 -1.86 -0.95 6.64
CA ARG A 148 -1.64 -0.84 8.09
C ARG A 148 -0.70 0.32 8.41
N SER A 149 -1.10 1.12 9.39
CA SER A 149 -0.30 2.28 9.80
C SER A 149 0.55 1.94 11.03
N CYS A 150 1.53 2.79 11.31
CA CYS A 150 2.42 2.58 12.46
C CYS A 150 2.37 3.78 13.39
N ALA A 151 1.21 4.43 13.46
CA ALA A 151 1.03 5.59 14.33
C ALA A 151 0.77 5.16 15.77
N GLU A 152 0.54 6.15 16.64
CA GLU A 152 0.28 5.87 18.05
C GLU A 152 -1.21 5.62 18.28
N ARG A 153 -1.55 4.36 18.59
CA ARG A 153 -2.94 3.99 18.83
C ARG A 153 -3.52 4.78 20.01
N GLU A 154 -4.78 4.50 20.33
CA GLU A 154 -5.45 5.19 21.43
C GLU A 154 -5.54 4.29 22.66
N THR A 155 -4.54 3.43 22.84
CA THR A 155 -4.51 2.51 23.97
C THR A 155 -3.53 2.99 25.03
N GLY A 1 -25.93 -8.92 16.98
CA GLY A 1 -24.93 -8.11 17.72
C GLY A 1 -25.06 -6.62 17.44
N SER A 2 -23.92 -5.95 17.29
CA SER A 2 -23.91 -4.52 17.02
C SER A 2 -22.84 -4.17 15.98
N SER A 3 -23.00 -3.00 15.35
CA SER A 3 -22.04 -2.56 14.35
C SER A 3 -21.69 -1.09 14.56
N GLY A 4 -20.59 -0.86 15.29
CA GLY A 4 -20.16 0.51 15.55
C GLY A 4 -19.04 0.57 16.57
N SER A 5 -18.11 -0.38 16.49
CA SER A 5 -16.98 -0.43 17.41
C SER A 5 -15.67 -0.16 16.68
N SER A 6 -15.60 -0.57 15.41
CA SER A 6 -14.41 -0.37 14.61
C SER A 6 -13.22 -1.14 15.19
N GLY A 7 -12.98 -2.34 14.66
CA GLY A 7 -11.89 -3.16 15.14
C GLY A 7 -10.53 -2.59 14.78
N LEU A 8 -9.62 -2.60 15.75
CA LEU A 8 -8.27 -2.07 15.51
C LEU A 8 -7.27 -3.21 15.35
N ASP A 9 -7.20 -3.77 14.15
CA ASP A 9 -6.28 -4.86 13.86
C ASP A 9 -4.84 -4.43 14.10
N ILE A 10 -4.22 -4.98 15.14
CA ILE A 10 -2.84 -4.67 15.48
C ILE A 10 -1.93 -5.87 15.30
N VAL A 11 -0.84 -5.67 14.57
CA VAL A 11 0.12 -6.74 14.31
C VAL A 11 1.53 -6.31 14.67
N GLY A 12 2.00 -6.75 15.84
CA GLY A 12 3.33 -6.40 16.28
C GLY A 12 3.47 -4.93 16.63
N ILE A 13 3.63 -4.11 15.61
CA ILE A 13 3.76 -2.67 15.81
C ILE A 13 3.06 -1.89 14.70
N TRP A 14 2.00 -2.46 14.16
CA TRP A 14 1.24 -1.83 13.09
C TRP A 14 -0.26 -1.94 13.35
N TRP A 15 -0.98 -0.84 13.13
CA TRP A 15 -2.42 -0.82 13.34
C TRP A 15 -3.16 -0.55 12.02
N THR A 16 -3.97 -1.51 11.59
CA THR A 16 -4.73 -1.37 10.37
C THR A 16 -5.67 -0.17 10.43
N VAL A 17 -5.69 0.63 9.36
CA VAL A 17 -6.54 1.81 9.30
C VAL A 17 -7.95 1.45 8.87
N SER A 18 -8.87 2.40 9.00
CA SER A 18 -10.26 2.19 8.63
C SER A 18 -10.73 3.27 7.66
N ASN A 19 -10.42 4.52 7.98
CA ASN A 19 -10.81 5.65 7.14
C ASN A 19 -9.59 6.28 6.47
N PHE A 20 -9.84 7.28 5.63
CA PHE A 20 -8.77 7.97 4.93
C PHE A 20 -7.98 8.86 5.89
N GLY A 21 -8.68 9.40 6.89
CA GLY A 21 -8.03 10.26 7.86
C GLY A 21 -6.89 9.58 8.58
N GLU A 22 -6.97 8.26 8.69
CA GLU A 22 -5.93 7.48 9.36
C GLU A 22 -4.66 7.44 8.52
N ILE A 23 -4.82 7.52 7.20
CA ILE A 23 -3.68 7.49 6.29
C ILE A 23 -2.72 8.65 6.56
N SER A 24 -1.61 8.34 7.22
CA SER A 24 -0.61 9.36 7.55
C SER A 24 0.65 8.72 8.12
N GLY A 25 1.80 9.25 7.72
CA GLY A 25 3.07 8.72 8.19
C GLY A 25 3.48 7.46 7.46
N THR A 26 4.43 6.72 8.04
CA THR A 26 4.91 5.49 7.42
C THR A 26 3.84 4.40 7.48
N ILE A 27 3.60 3.77 6.34
CA ILE A 27 2.60 2.72 6.24
C ILE A 27 3.03 1.63 5.26
N ALA A 28 2.55 0.41 5.48
CA ALA A 28 2.89 -0.71 4.62
C ALA A 28 1.66 -1.22 3.88
N ILE A 29 1.87 -1.71 2.66
CA ILE A 29 0.78 -2.23 1.85
C ILE A 29 1.01 -3.69 1.50
N GLU A 30 0.17 -4.57 2.05
CA GLU A 30 0.28 -6.01 1.79
C GLU A 30 -0.63 -6.42 0.64
N MET A 31 -0.02 -6.95 -0.42
CA MET A 31 -0.77 -7.39 -1.58
C MET A 31 -1.29 -8.81 -1.39
N ASP A 32 -0.37 -9.76 -1.26
CA ASP A 32 -0.74 -11.16 -1.07
C ASP A 32 -0.68 -11.54 0.40
N LYS A 33 -1.09 -12.77 0.71
CA LYS A 33 -1.08 -13.26 2.08
C LYS A 33 0.34 -13.56 2.55
N GLY A 34 1.06 -12.52 2.97
CA GLY A 34 2.42 -12.70 3.44
C GLY A 34 3.42 -11.96 2.57
N ALA A 35 3.08 -11.77 1.30
CA ALA A 35 3.97 -11.08 0.37
C ALA A 35 3.69 -9.57 0.36
N TYR A 36 4.74 -8.78 0.28
CA TYR A 36 4.61 -7.33 0.25
C TYR A 36 5.33 -6.74 -0.96
N ILE A 37 4.94 -5.51 -1.32
CA ILE A 37 5.56 -4.84 -2.46
C ILE A 37 6.99 -4.41 -2.14
N HIS A 38 7.94 -5.11 -2.74
CA HIS A 38 9.36 -4.81 -2.52
C HIS A 38 9.87 -3.79 -3.54
N ALA A 39 10.76 -2.92 -3.10
CA ALA A 39 11.32 -1.90 -3.99
C ALA A 39 12.70 -2.33 -4.51
N LEU A 40 12.99 -1.95 -5.75
CA LEU A 40 14.28 -2.30 -6.36
C LEU A 40 15.03 -1.03 -6.77
N ASP A 41 16.33 -1.01 -6.48
CA ASP A 41 17.17 0.13 -6.82
C ASP A 41 17.29 0.28 -8.33
N ASN A 42 17.22 -0.83 -9.05
CA ASN A 42 17.32 -0.81 -10.51
C ASN A 42 16.25 0.09 -11.12
N GLY A 43 15.14 0.25 -10.42
CA GLY A 43 14.07 1.10 -10.91
C GLY A 43 12.80 0.32 -11.19
N LEU A 44 12.58 -0.75 -10.44
CA LEU A 44 11.39 -1.58 -10.60
C LEU A 44 10.80 -1.97 -9.25
N PHE A 45 9.71 -2.73 -9.28
CA PHE A 45 9.05 -3.18 -8.06
C PHE A 45 8.55 -4.61 -8.20
N THR A 46 8.89 -5.44 -7.22
CA THR A 46 8.46 -6.84 -7.24
C THR A 46 7.96 -7.27 -5.87
N LEU A 47 7.20 -8.37 -5.83
CA LEU A 47 6.66 -8.87 -4.59
C LEU A 47 7.75 -9.49 -3.71
N GLY A 48 8.07 -8.83 -2.60
CA GLY A 48 9.09 -9.33 -1.70
C GLY A 48 8.77 -10.71 -1.17
N ALA A 49 9.77 -11.41 -0.66
CA ALA A 49 9.59 -12.74 -0.11
C ALA A 49 8.71 -12.71 1.14
N PRO A 50 7.86 -13.73 1.32
CA PRO A 50 6.96 -13.81 2.48
C PRO A 50 7.70 -14.14 3.77
N HIS A 51 7.22 -13.60 4.88
CA HIS A 51 7.85 -13.84 6.19
C HIS A 51 7.42 -15.19 6.74
N ARG A 52 8.22 -15.72 7.67
CA ARG A 52 7.92 -17.01 8.29
C ARG A 52 6.78 -16.88 9.30
N GLU A 53 6.88 -15.87 10.16
CA GLU A 53 5.85 -15.65 11.17
C GLU A 53 4.89 -14.55 10.73
N VAL A 54 3.59 -14.80 10.89
CA VAL A 54 2.57 -13.84 10.51
C VAL A 54 2.74 -12.53 11.27
N ASP A 55 2.87 -12.63 12.59
CA ASP A 55 3.03 -11.46 13.44
C ASP A 55 4.43 -10.88 13.29
N GLU A 56 4.73 -10.32 12.13
CA GLU A 56 6.03 -9.73 11.86
C GLU A 56 5.90 -8.49 10.99
N GLY A 57 6.77 -7.51 11.22
CA GLY A 57 6.74 -6.28 10.46
C GLY A 57 7.43 -6.41 9.11
N PRO A 58 7.03 -5.61 8.11
CA PRO A 58 7.63 -5.65 6.77
C PRO A 58 9.07 -5.13 6.78
N SER A 59 9.86 -5.57 5.80
CA SER A 59 11.25 -5.16 5.68
C SER A 59 11.34 -3.66 5.37
N PRO A 60 12.50 -3.04 5.64
CA PRO A 60 12.71 -1.62 5.38
C PRO A 60 12.30 -1.21 3.97
N PRO A 61 12.74 -1.94 2.93
CA PRO A 61 12.39 -1.62 1.55
C PRO A 61 10.90 -1.79 1.27
N GLU A 62 10.24 -2.61 2.08
CA GLU A 62 8.82 -2.85 1.93
C GLU A 62 8.00 -1.76 2.61
N GLN A 63 8.54 -1.20 3.68
CA GLN A 63 7.86 -0.14 4.42
C GLN A 63 7.72 1.12 3.57
N PHE A 64 6.48 1.47 3.25
CA PHE A 64 6.21 2.64 2.44
C PHE A 64 5.76 3.82 3.31
N THR A 65 5.62 4.99 2.71
CA THR A 65 5.20 6.18 3.43
C THR A 65 4.01 6.84 2.74
N ALA A 66 3.03 7.27 3.54
CA ALA A 66 1.84 7.92 3.00
C ALA A 66 1.88 9.43 3.26
N VAL A 67 1.35 10.20 2.31
CA VAL A 67 1.33 11.64 2.44
C VAL A 67 0.03 12.22 1.89
N LYS A 68 -0.81 12.74 2.80
CA LYS A 68 -2.09 13.33 2.40
C LYS A 68 -1.88 14.63 1.64
N LEU A 69 -2.14 14.61 0.34
CA LEU A 69 -1.98 15.80 -0.49
C LEU A 69 -3.27 16.61 -0.54
N SER A 70 -4.28 16.07 -1.22
CA SER A 70 -5.56 16.74 -1.34
C SER A 70 -6.54 15.90 -2.17
N ASP A 71 -7.83 16.22 -2.05
CA ASP A 71 -8.86 15.50 -2.79
C ASP A 71 -8.83 14.00 -2.44
N SER A 72 -8.55 13.70 -1.19
CA SER A 72 -8.49 12.31 -0.73
C SER A 72 -7.42 11.54 -1.48
N ARG A 73 -6.34 12.24 -1.84
CA ARG A 73 -5.25 11.61 -2.58
C ARG A 73 -3.97 11.60 -1.73
N ILE A 74 -3.34 10.44 -1.63
CA ILE A 74 -2.11 10.30 -0.86
C ILE A 74 -0.90 10.08 -1.77
N ALA A 75 0.29 10.23 -1.21
CA ALA A 75 1.52 10.04 -1.97
C ALA A 75 2.38 8.95 -1.35
N LEU A 76 2.43 7.79 -2.01
CA LEU A 76 3.22 6.67 -1.54
C LEU A 76 4.71 6.91 -1.76
N LYS A 77 5.52 6.49 -0.79
CA LYS A 77 6.96 6.66 -0.88
C LYS A 77 7.69 5.42 -0.37
N SER A 78 8.62 4.91 -1.17
CA SER A 78 9.39 3.72 -0.79
C SER A 78 10.42 4.07 0.27
N GLY A 79 10.90 3.04 0.98
CA GLY A 79 11.89 3.25 2.02
C GLY A 79 13.18 3.85 1.48
N TYR A 80 13.49 3.54 0.22
CA TYR A 80 14.70 4.05 -0.41
C TYR A 80 14.68 5.57 -0.49
N GLY A 81 13.49 6.13 -0.60
CA GLY A 81 13.35 7.57 -0.68
C GLY A 81 12.80 8.04 -2.01
N LYS A 82 11.96 7.21 -2.62
CA LYS A 82 11.36 7.53 -3.91
C LYS A 82 9.84 7.43 -3.84
N TYR A 83 9.16 8.24 -4.64
CA TYR A 83 7.70 8.25 -4.66
C TYR A 83 7.18 7.25 -5.69
N LEU A 84 6.18 6.46 -5.29
CA LEU A 84 5.59 5.46 -6.16
C LEU A 84 4.79 6.12 -7.28
N GLY A 85 4.76 5.49 -8.44
CA GLY A 85 4.03 6.03 -9.57
C GLY A 85 3.80 5.01 -10.66
N ILE A 86 2.81 5.26 -11.51
CA ILE A 86 2.48 4.36 -12.61
C ILE A 86 2.94 4.93 -13.94
N ASN A 87 3.38 4.05 -14.84
CA ASN A 87 3.85 4.47 -16.15
C ASN A 87 2.67 4.69 -17.10
N SER A 88 2.97 5.10 -18.33
CA SER A 88 1.95 5.36 -19.32
C SER A 88 1.24 4.06 -19.71
N ASP A 89 1.97 2.95 -19.64
CA ASP A 89 1.40 1.64 -19.99
C ASP A 89 0.53 1.11 -18.86
N GLY A 90 0.99 1.33 -17.62
CA GLY A 90 0.24 0.86 -16.47
C GLY A 90 1.14 0.32 -15.38
N LEU A 91 2.37 -0.05 -15.74
CA LEU A 91 3.32 -0.59 -14.78
C LEU A 91 3.55 0.40 -13.63
N VAL A 92 3.74 -0.13 -12.43
CA VAL A 92 3.98 0.69 -11.26
C VAL A 92 5.46 0.77 -10.93
N VAL A 93 6.04 1.95 -11.11
CA VAL A 93 7.46 2.17 -10.84
C VAL A 93 7.66 3.24 -9.78
N GLY A 94 8.92 3.47 -9.41
CA GLY A 94 9.22 4.47 -8.40
C GLY A 94 10.54 5.17 -8.67
N ARG A 95 10.50 6.23 -9.48
CA ARG A 95 11.70 6.98 -9.81
C ARG A 95 11.34 8.39 -10.29
N SER A 96 10.57 9.11 -9.48
CA SER A 96 10.15 10.46 -9.82
C SER A 96 10.72 11.48 -8.82
N ASP A 97 10.72 11.11 -7.54
CA ASP A 97 11.23 11.97 -6.50
C ASP A 97 10.42 13.27 -6.42
N ALA A 98 9.14 13.17 -6.75
CA ALA A 98 8.26 14.34 -6.71
C ALA A 98 6.80 13.92 -6.82
N ILE A 99 5.89 14.87 -6.57
CA ILE A 99 4.46 14.60 -6.64
C ILE A 99 3.92 14.84 -8.05
N GLY A 100 3.16 13.87 -8.55
CA GLY A 100 2.59 14.00 -9.87
C GLY A 100 1.23 13.34 -9.99
N PRO A 101 0.47 13.64 -11.06
CA PRO A 101 -0.87 13.08 -11.26
C PRO A 101 -0.86 11.55 -11.19
N ARG A 102 0.11 10.93 -11.85
CA ARG A 102 0.23 9.47 -11.86
C ARG A 102 0.73 8.97 -10.51
N GLU A 103 1.71 9.66 -9.94
CA GLU A 103 2.27 9.28 -8.66
C GLU A 103 1.20 9.26 -7.57
N GLN A 104 0.19 10.12 -7.72
CA GLN A 104 -0.90 10.21 -6.76
C GLN A 104 -1.67 8.89 -6.68
N TRP A 105 -2.49 8.75 -5.65
CA TRP A 105 -3.28 7.54 -5.46
C TRP A 105 -4.64 7.89 -4.86
N GLU A 106 -5.47 6.86 -4.65
CA GLU A 106 -6.80 7.05 -4.08
C GLU A 106 -7.34 5.74 -3.51
N PRO A 107 -7.14 5.51 -2.20
CA PRO A 107 -7.62 4.28 -1.55
C PRO A 107 -9.15 4.25 -1.43
N VAL A 108 -9.73 3.08 -1.63
CA VAL A 108 -11.17 2.91 -1.54
C VAL A 108 -11.54 1.86 -0.50
N PHE A 109 -12.42 2.23 0.42
CA PHE A 109 -12.86 1.31 1.47
C PHE A 109 -14.36 1.02 1.34
N GLN A 110 -14.70 -0.27 1.28
CA GLN A 110 -16.09 -0.69 1.17
C GLN A 110 -16.31 -2.03 1.83
N ASP A 111 -17.35 -2.12 2.66
CA ASP A 111 -17.68 -3.36 3.35
C ASP A 111 -16.54 -3.79 4.27
N GLY A 112 -15.99 -2.83 5.02
CA GLY A 112 -14.90 -3.12 5.93
C GLY A 112 -13.66 -3.61 5.21
N LYS A 113 -13.49 -3.17 3.96
CA LYS A 113 -12.34 -3.56 3.16
C LYS A 113 -11.60 -2.32 2.64
N MET A 114 -10.52 -2.56 1.90
CA MET A 114 -9.73 -1.48 1.35
C MET A 114 -9.01 -1.92 0.08
N ALA A 115 -8.67 -0.95 -0.78
CA ALA A 115 -7.98 -1.24 -2.03
C ALA A 115 -7.44 0.03 -2.66
N LEU A 116 -6.12 0.16 -2.69
CA LEU A 116 -5.47 1.33 -3.27
C LEU A 116 -5.77 1.43 -4.77
N LEU A 117 -6.24 2.60 -5.20
CA LEU A 117 -6.56 2.83 -6.60
C LEU A 117 -5.57 3.80 -7.23
N ALA A 118 -4.94 3.38 -8.33
CA ALA A 118 -3.98 4.22 -9.03
C ALA A 118 -4.66 5.41 -9.69
N SER A 119 -3.86 6.36 -10.15
CA SER A 119 -4.38 7.54 -10.81
C SER A 119 -5.00 7.20 -12.16
N ASN A 120 -4.76 5.98 -12.64
CA ASN A 120 -5.29 5.54 -13.92
C ASN A 120 -6.60 4.77 -13.73
N SER A 121 -7.29 5.03 -12.63
CA SER A 121 -8.56 4.37 -12.33
C SER A 121 -8.40 2.85 -12.35
N CYS A 122 -7.21 2.38 -11.98
CA CYS A 122 -6.93 0.95 -11.96
C CYS A 122 -6.24 0.55 -10.66
N PHE A 123 -6.81 -0.44 -9.97
CA PHE A 123 -6.26 -0.92 -8.72
C PHE A 123 -4.84 -1.44 -8.91
N ILE A 124 -4.20 -1.85 -7.82
CA ILE A 124 -2.84 -2.38 -7.87
C ILE A 124 -2.84 -3.89 -7.76
N ARG A 125 -1.78 -4.52 -8.25
CA ARG A 125 -1.65 -5.98 -8.20
C ARG A 125 -0.21 -6.40 -8.45
N CYS A 126 0.14 -7.59 -7.96
CA CYS A 126 1.49 -8.11 -8.12
C CYS A 126 1.49 -9.30 -9.09
N ASN A 127 2.35 -9.22 -10.10
CA ASN A 127 2.44 -10.29 -11.09
C ASN A 127 3.20 -11.49 -10.52
N GLU A 128 3.11 -12.63 -11.21
CA GLU A 128 3.77 -13.84 -10.78
C GLU A 128 5.26 -13.79 -11.13
N ALA A 129 5.59 -13.12 -12.22
CA ALA A 129 6.97 -13.00 -12.66
C ALA A 129 7.75 -12.05 -11.77
N GLY A 130 7.10 -10.96 -11.37
CA GLY A 130 7.75 -9.98 -10.51
C GLY A 130 7.60 -8.57 -11.03
N ASP A 131 6.36 -8.14 -11.25
CA ASP A 131 6.08 -6.80 -11.76
C ASP A 131 4.74 -6.30 -11.24
N ILE A 132 4.78 -5.21 -10.47
CA ILE A 132 3.57 -4.63 -9.91
C ILE A 132 2.86 -3.74 -10.93
N GLU A 133 1.78 -4.26 -11.49
CA GLU A 133 1.01 -3.50 -12.49
C GLU A 133 -0.39 -3.17 -11.97
N ALA A 134 -1.14 -2.41 -12.75
CA ALA A 134 -2.49 -2.01 -12.36
C ALA A 134 -3.53 -2.94 -12.98
N LYS A 135 -4.52 -3.33 -12.19
CA LYS A 135 -5.58 -4.22 -12.67
C LYS A 135 -6.81 -3.41 -13.09
N ASN A 136 -7.71 -4.05 -13.84
CA ASN A 136 -8.91 -3.39 -14.31
C ASN A 136 -9.71 -2.81 -13.15
N LYS A 137 -10.76 -2.07 -13.45
CA LYS A 137 -11.61 -1.46 -12.44
C LYS A 137 -12.21 -2.52 -11.53
N THR A 138 -12.76 -3.56 -12.15
CA THR A 138 -13.39 -4.65 -11.40
C THR A 138 -12.37 -5.32 -10.47
N ALA A 139 -12.41 -4.96 -9.19
CA ALA A 139 -11.49 -5.53 -8.21
C ALA A 139 -12.05 -6.84 -7.64
N GLY A 140 -11.30 -7.92 -7.84
CA GLY A 140 -11.74 -9.22 -7.34
C GLY A 140 -11.63 -9.32 -5.83
N GLU A 141 -12.07 -10.44 -5.28
CA GLU A 141 -12.01 -10.67 -3.85
C GLU A 141 -10.57 -10.70 -3.35
N GLU A 142 -9.69 -11.25 -4.17
CA GLU A 142 -8.28 -11.36 -3.82
C GLU A 142 -7.54 -10.05 -4.14
N GLU A 143 -8.05 -9.32 -5.12
CA GLU A 143 -7.45 -8.06 -5.53
C GLU A 143 -7.32 -7.10 -4.35
N MET A 144 -8.22 -7.24 -3.38
CA MET A 144 -8.21 -6.40 -2.19
C MET A 144 -6.88 -6.49 -1.46
N ILE A 145 -6.53 -5.44 -0.72
CA ILE A 145 -5.28 -5.40 0.02
C ILE A 145 -5.49 -4.87 1.44
N LYS A 146 -4.43 -4.84 2.23
CA LYS A 146 -4.50 -4.35 3.60
C LYS A 146 -3.38 -3.37 3.89
N ILE A 147 -3.74 -2.11 4.13
CA ILE A 147 -2.77 -1.06 4.42
C ILE A 147 -2.61 -0.86 5.92
N ARG A 148 -1.43 -1.19 6.44
CA ARG A 148 -1.15 -1.04 7.87
C ARG A 148 -0.30 0.19 8.12
N SER A 149 -0.53 0.85 9.25
CA SER A 149 0.23 2.05 9.62
C SER A 149 0.98 1.84 10.93
N CYS A 150 2.08 2.56 11.10
CA CYS A 150 2.89 2.45 12.30
C CYS A 150 3.10 3.82 12.94
N ALA A 151 2.09 4.68 12.85
CA ALA A 151 2.16 6.02 13.42
C ALA A 151 1.71 6.02 14.88
N GLU A 152 2.32 6.90 15.68
CA GLU A 152 1.99 7.00 17.09
C GLU A 152 0.52 7.38 17.28
N ARG A 153 -0.24 6.48 17.88
CA ARG A 153 -1.66 6.72 18.12
C ARG A 153 -1.87 7.72 19.24
N GLU A 154 -2.74 8.70 19.00
CA GLU A 154 -3.02 9.73 20.01
C GLU A 154 -4.46 10.22 19.88
N THR A 155 -5.37 9.30 19.58
CA THR A 155 -6.78 9.65 19.43
C THR A 155 -7.65 8.72 20.26
N GLY A 1 -9.99 -1.99 20.81
CA GLY A 1 -11.12 -2.46 19.96
C GLY A 1 -10.87 -3.82 19.34
N SER A 2 -11.81 -4.74 19.53
CA SER A 2 -11.68 -6.09 19.00
C SER A 2 -13.00 -6.84 19.10
N SER A 3 -13.50 -7.32 17.97
CA SER A 3 -14.76 -8.06 17.94
C SER A 3 -15.91 -7.19 18.44
N GLY A 4 -17.13 -7.65 18.21
CA GLY A 4 -18.30 -6.91 18.65
C GLY A 4 -18.91 -6.07 17.54
N SER A 5 -18.06 -5.35 16.80
CA SER A 5 -18.51 -4.51 15.71
C SER A 5 -17.38 -4.23 14.73
N SER A 6 -16.23 -3.82 15.26
CA SER A 6 -15.07 -3.51 14.44
C SER A 6 -13.93 -4.49 14.72
N GLY A 7 -12.79 -4.26 14.09
CA GLY A 7 -11.65 -5.12 14.28
C GLY A 7 -10.33 -4.41 14.06
N LEU A 8 -9.67 -4.02 15.15
CA LEU A 8 -8.40 -3.32 15.07
C LEU A 8 -7.24 -4.31 15.01
N ASP A 9 -6.91 -4.75 13.79
CA ASP A 9 -5.83 -5.69 13.58
C ASP A 9 -4.47 -5.03 13.84
N ILE A 10 -3.73 -5.58 14.79
CA ILE A 10 -2.41 -5.04 15.12
C ILE A 10 -1.37 -6.16 15.22
N VAL A 11 -0.28 -6.00 14.47
CA VAL A 11 0.80 -6.99 14.47
C VAL A 11 2.08 -6.41 15.05
N GLY A 12 2.30 -6.63 16.34
CA GLY A 12 3.49 -6.12 17.00
C GLY A 12 3.48 -4.61 17.13
N ILE A 13 3.60 -3.92 16.00
CA ILE A 13 3.61 -2.47 16.00
C ILE A 13 3.03 -1.92 14.71
N TRP A 14 2.09 -2.66 14.12
CA TRP A 14 1.46 -2.25 12.87
C TRP A 14 -0.04 -2.46 12.93
N TRP A 15 -0.78 -1.38 13.11
CA TRP A 15 -2.24 -1.46 13.19
C TRP A 15 -2.88 -1.04 11.87
N THR A 16 -3.79 -1.87 11.37
CA THR A 16 -4.47 -1.60 10.11
C THR A 16 -5.41 -0.40 10.25
N VAL A 17 -5.34 0.51 9.30
CA VAL A 17 -6.19 1.70 9.31
C VAL A 17 -7.63 1.35 8.99
N SER A 18 -8.57 2.15 9.50
CA SER A 18 -9.99 1.93 9.26
C SER A 18 -10.57 3.02 8.37
N ASN A 19 -10.04 4.23 8.51
CA ASN A 19 -10.51 5.37 7.73
C ASN A 19 -9.37 5.99 6.93
N PHE A 20 -9.68 7.05 6.20
CA PHE A 20 -8.68 7.75 5.39
C PHE A 20 -7.84 8.68 6.25
N GLY A 21 -8.47 9.27 7.26
CA GLY A 21 -7.75 10.19 8.14
C GLY A 21 -6.64 9.51 8.91
N GLU A 22 -6.80 8.21 9.16
CA GLU A 22 -5.81 7.44 9.89
C GLU A 22 -4.56 7.23 9.05
N ILE A 23 -4.74 7.08 7.75
CA ILE A 23 -3.63 6.86 6.83
C ILE A 23 -2.80 8.13 6.67
N SER A 24 -1.61 8.14 7.27
CA SER A 24 -0.72 9.29 7.20
C SER A 24 0.67 8.94 7.72
N GLY A 25 1.69 9.28 6.95
CA GLY A 25 3.06 8.99 7.36
C GLY A 25 3.51 7.60 6.93
N THR A 26 4.49 7.06 7.63
CA THR A 26 5.01 5.74 7.32
C THR A 26 3.92 4.68 7.43
N ILE A 27 3.82 3.82 6.42
CA ILE A 27 2.83 2.76 6.42
C ILE A 27 3.37 1.49 5.78
N ALA A 28 2.57 0.42 5.82
CA ALA A 28 2.97 -0.85 5.22
C ALA A 28 1.79 -1.54 4.55
N ILE A 29 1.83 -1.62 3.23
CA ILE A 29 0.76 -2.25 2.47
C ILE A 29 1.01 -3.74 2.30
N GLU A 30 -0.05 -4.49 2.03
CA GLU A 30 0.06 -5.93 1.85
C GLU A 30 -0.89 -6.42 0.76
N MET A 31 -0.34 -6.70 -0.41
CA MET A 31 -1.14 -7.18 -1.53
C MET A 31 -1.67 -8.58 -1.27
N ASP A 32 -0.78 -9.57 -1.39
CA ASP A 32 -1.16 -10.97 -1.16
C ASP A 32 -1.27 -11.26 0.33
N LYS A 33 -1.61 -12.51 0.66
CA LYS A 33 -1.74 -12.92 2.05
C LYS A 33 -0.37 -13.17 2.67
N GLY A 34 0.29 -12.08 3.09
CA GLY A 34 1.59 -12.19 3.71
C GLY A 34 2.68 -11.52 2.89
N ALA A 35 2.48 -11.45 1.58
CA ALA A 35 3.44 -10.82 0.69
C ALA A 35 3.35 -9.31 0.75
N TYR A 36 4.49 -8.63 0.62
CA TYR A 36 4.53 -7.17 0.66
C TYR A 36 5.16 -6.61 -0.61
N ILE A 37 5.02 -5.31 -0.81
CA ILE A 37 5.57 -4.65 -1.99
C ILE A 37 7.04 -4.30 -1.78
N HIS A 38 7.92 -4.96 -2.51
CA HIS A 38 9.35 -4.71 -2.40
C HIS A 38 9.81 -3.69 -3.44
N ALA A 39 10.85 -2.94 -3.10
CA ALA A 39 11.39 -1.93 -4.00
C ALA A 39 12.73 -2.37 -4.60
N LEU A 40 12.97 -1.97 -5.84
CA LEU A 40 14.22 -2.33 -6.53
C LEU A 40 15.06 -1.08 -6.79
N ASP A 41 16.37 -1.26 -6.84
CA ASP A 41 17.29 -0.16 -7.10
C ASP A 41 17.24 0.27 -8.56
N ASN A 42 17.04 -0.71 -9.44
CA ASN A 42 16.98 -0.44 -10.88
C ASN A 42 15.85 0.53 -11.20
N GLY A 43 14.79 0.49 -10.40
CA GLY A 43 13.66 1.38 -10.61
C GLY A 43 12.37 0.62 -10.85
N LEU A 44 12.21 -0.49 -10.13
CA LEU A 44 11.00 -1.31 -10.27
C LEU A 44 10.54 -1.84 -8.91
N PHE A 45 9.45 -2.60 -8.91
CA PHE A 45 8.92 -3.16 -7.68
C PHE A 45 8.41 -4.59 -7.91
N THR A 46 8.71 -5.47 -6.95
CA THR A 46 8.30 -6.86 -7.05
C THR A 46 7.74 -7.35 -5.72
N LEU A 47 6.99 -8.45 -5.77
CA LEU A 47 6.38 -9.02 -4.57
C LEU A 47 7.46 -9.60 -3.66
N GLY A 48 7.47 -9.16 -2.40
CA GLY A 48 8.45 -9.64 -1.45
C GLY A 48 8.07 -11.00 -0.87
N ALA A 49 9.07 -11.75 -0.42
CA ALA A 49 8.85 -13.06 0.16
C ALA A 49 8.07 -12.96 1.48
N PRO A 50 6.83 -13.48 1.51
CA PRO A 50 6.00 -13.43 2.73
C PRO A 50 6.73 -13.97 3.95
N HIS A 51 6.07 -13.92 5.11
CA HIS A 51 6.65 -14.40 6.34
C HIS A 51 5.95 -15.67 6.82
N ARG A 52 6.71 -16.57 7.42
CA ARG A 52 6.17 -17.83 7.92
C ARG A 52 5.33 -17.59 9.17
N GLU A 53 5.92 -16.93 10.16
CA GLU A 53 5.22 -16.65 11.40
C GLU A 53 4.02 -15.74 11.16
N VAL A 54 2.98 -15.92 11.96
CA VAL A 54 1.76 -15.11 11.82
C VAL A 54 2.01 -13.68 12.28
N ASP A 55 2.84 -13.52 13.30
CA ASP A 55 3.16 -12.20 13.83
C ASP A 55 4.58 -11.80 13.46
N GLU A 56 4.72 -11.09 12.33
CA GLU A 56 6.03 -10.65 11.88
C GLU A 56 5.94 -9.27 11.23
N GLY A 57 6.83 -8.37 11.64
CA GLY A 57 6.82 -7.03 11.08
C GLY A 57 7.55 -6.94 9.75
N PRO A 58 7.11 -6.06 8.84
CA PRO A 58 7.74 -5.90 7.53
C PRO A 58 9.11 -5.25 7.61
N SER A 59 9.93 -5.47 6.59
CA SER A 59 11.27 -4.91 6.54
C SER A 59 11.23 -3.45 6.09
N PRO A 60 12.31 -2.69 6.34
CA PRO A 60 12.38 -1.28 5.94
C PRO A 60 12.11 -1.06 4.46
N PRO A 61 12.73 -1.88 3.59
CA PRO A 61 12.55 -1.78 2.14
C PRO A 61 11.07 -1.78 1.74
N GLU A 62 10.24 -2.41 2.56
CA GLU A 62 8.81 -2.49 2.29
C GLU A 62 8.06 -1.33 2.94
N GLN A 63 8.65 -0.75 3.98
CA GLN A 63 8.04 0.36 4.69
C GLN A 63 7.92 1.58 3.78
N PHE A 64 6.68 1.98 3.51
CA PHE A 64 6.42 3.14 2.65
C PHE A 64 6.00 4.35 3.48
N THR A 65 5.74 5.46 2.80
CA THR A 65 5.33 6.69 3.47
C THR A 65 4.20 7.38 2.71
N ALA A 66 3.06 7.55 3.37
CA ALA A 66 1.90 8.20 2.76
C ALA A 66 1.84 9.67 3.12
N VAL A 67 1.23 10.47 2.25
CA VAL A 67 1.11 11.90 2.48
C VAL A 67 -0.22 12.43 1.91
N LYS A 68 -0.94 13.18 2.73
CA LYS A 68 -2.21 13.75 2.32
C LYS A 68 -2.01 14.86 1.30
N LEU A 69 -2.95 15.00 0.37
CA LEU A 69 -2.86 16.03 -0.66
C LEU A 69 -4.21 16.75 -0.83
N SER A 70 -5.17 16.06 -1.42
CA SER A 70 -6.50 16.62 -1.63
C SER A 70 -7.41 15.62 -2.33
N ASP A 71 -8.72 15.77 -2.11
CA ASP A 71 -9.71 14.88 -2.71
C ASP A 71 -9.44 13.43 -2.33
N SER A 72 -9.02 13.22 -1.08
CA SER A 72 -8.74 11.88 -0.59
C SER A 72 -7.61 11.23 -1.39
N ARG A 73 -6.70 12.04 -1.89
CA ARG A 73 -5.58 11.55 -2.68
C ARG A 73 -4.28 11.61 -1.88
N ILE A 74 -3.73 10.45 -1.56
CA ILE A 74 -2.49 10.38 -0.79
C ILE A 74 -1.31 10.04 -1.70
N ALA A 75 -0.11 10.39 -1.24
CA ALA A 75 1.11 10.13 -2.00
C ALA A 75 2.00 9.13 -1.30
N LEU A 76 2.32 8.03 -1.98
CA LEU A 76 3.16 6.99 -1.41
C LEU A 76 4.63 7.27 -1.67
N LYS A 77 5.49 6.74 -0.81
CA LYS A 77 6.93 6.94 -0.95
C LYS A 77 7.69 5.66 -0.62
N SER A 78 8.58 5.26 -1.52
CA SER A 78 9.38 4.05 -1.33
C SER A 78 10.30 4.20 -0.13
N GLY A 79 10.61 3.08 0.53
CA GLY A 79 11.49 3.11 1.67
C GLY A 79 12.85 3.70 1.36
N TYR A 80 13.26 3.61 0.10
CA TYR A 80 14.54 4.14 -0.33
C TYR A 80 14.54 5.66 -0.29
N GLY A 81 13.40 6.26 -0.66
CA GLY A 81 13.30 7.71 -0.66
C GLY A 81 12.53 8.23 -1.86
N LYS A 82 12.37 7.39 -2.88
CA LYS A 82 11.65 7.78 -4.09
C LYS A 82 10.14 7.68 -3.89
N TYR A 83 9.38 8.15 -4.88
CA TYR A 83 7.93 8.10 -4.80
C TYR A 83 7.36 7.09 -5.79
N LEU A 84 6.30 6.39 -5.38
CA LEU A 84 5.66 5.39 -6.22
C LEU A 84 4.81 6.05 -7.30
N GLY A 85 5.21 5.87 -8.56
CA GLY A 85 4.47 6.45 -9.66
C GLY A 85 4.21 5.45 -10.78
N ILE A 86 2.93 5.25 -11.09
CA ILE A 86 2.55 4.31 -12.14
C ILE A 86 2.92 4.85 -13.52
N ASN A 87 3.74 4.09 -14.24
CA ASN A 87 4.18 4.49 -15.57
C ASN A 87 2.97 4.65 -16.51
N SER A 88 3.24 5.12 -17.73
CA SER A 88 2.20 5.32 -18.72
C SER A 88 1.72 3.98 -19.28
N ASP A 89 2.66 3.07 -19.50
CA ASP A 89 2.34 1.75 -20.05
C ASP A 89 1.38 1.01 -19.12
N GLY A 90 1.46 1.30 -17.83
CA GLY A 90 0.60 0.66 -16.86
C GLY A 90 1.37 -0.19 -15.87
N LEU A 91 2.60 0.22 -15.58
CA LEU A 91 3.45 -0.53 -14.64
C LEU A 91 3.78 0.33 -13.41
N VAL A 92 3.56 -0.23 -12.24
CA VAL A 92 3.83 0.47 -10.99
C VAL A 92 5.34 0.53 -10.71
N VAL A 93 5.89 1.74 -10.69
CA VAL A 93 7.31 1.92 -10.44
C VAL A 93 7.54 3.08 -9.48
N GLY A 94 8.81 3.34 -9.16
CA GLY A 94 9.14 4.42 -8.26
C GLY A 94 10.58 4.88 -8.41
N ARG A 95 10.77 5.98 -9.14
CA ARG A 95 12.11 6.52 -9.36
C ARG A 95 12.05 8.04 -9.53
N SER A 96 11.36 8.70 -8.61
CA SER A 96 11.23 10.16 -8.66
C SER A 96 11.20 10.76 -7.26
N ASP A 97 11.81 11.93 -7.10
CA ASP A 97 11.84 12.60 -5.81
C ASP A 97 10.80 13.70 -5.74
N ALA A 98 9.68 13.50 -6.44
CA ALA A 98 8.61 14.49 -6.46
C ALA A 98 7.24 13.81 -6.52
N ILE A 99 6.21 14.55 -6.16
CA ILE A 99 4.85 14.02 -6.17
C ILE A 99 4.13 14.35 -7.47
N GLY A 100 4.14 13.40 -8.40
CA GLY A 100 3.50 13.62 -9.68
C GLY A 100 2.06 13.11 -9.70
N PRO A 101 1.25 13.53 -10.68
CA PRO A 101 -0.14 13.10 -10.80
C PRO A 101 -0.28 11.59 -10.79
N ARG A 102 0.62 10.90 -11.48
CA ARG A 102 0.61 9.45 -11.54
C ARG A 102 0.93 8.84 -10.19
N GLU A 103 1.73 9.54 -9.40
CA GLU A 103 2.11 9.07 -8.08
C GLU A 103 0.93 9.10 -7.11
N GLN A 104 -0.01 10.02 -7.37
CA GLN A 104 -1.19 10.16 -6.52
C GLN A 104 -1.98 8.86 -6.47
N TRP A 105 -2.41 8.47 -5.28
CA TRP A 105 -3.18 7.25 -5.09
C TRP A 105 -4.55 7.55 -4.48
N GLU A 106 -5.59 6.91 -5.01
CA GLU A 106 -6.94 7.11 -4.52
C GLU A 106 -7.45 5.87 -3.78
N PRO A 107 -7.28 5.83 -2.45
CA PRO A 107 -7.73 4.69 -1.64
C PRO A 107 -9.25 4.60 -1.55
N VAL A 108 -9.76 3.46 -1.11
CA VAL A 108 -11.19 3.26 -0.97
C VAL A 108 -11.50 2.28 0.16
N PHE A 109 -12.68 2.45 0.75
CA PHE A 109 -13.11 1.58 1.85
C PHE A 109 -14.52 1.04 1.60
N GLN A 110 -14.63 -0.27 1.51
CA GLN A 110 -15.92 -0.92 1.28
C GLN A 110 -16.08 -2.16 2.14
N ASP A 111 -17.05 -2.12 3.04
CA ASP A 111 -17.32 -3.24 3.94
C ASP A 111 -16.08 -3.56 4.79
N GLY A 112 -15.29 -2.54 5.07
CA GLY A 112 -14.09 -2.73 5.87
C GLY A 112 -12.85 -2.92 5.02
N LYS A 113 -13.00 -3.59 3.88
CA LYS A 113 -11.88 -3.83 2.98
C LYS A 113 -11.43 -2.53 2.32
N MET A 114 -10.41 -2.64 1.47
CA MET A 114 -9.88 -1.47 0.77
C MET A 114 -9.01 -1.89 -0.41
N ALA A 115 -8.87 -0.99 -1.38
CA ALA A 115 -8.06 -1.28 -2.56
C ALA A 115 -7.47 0.00 -3.14
N LEU A 116 -6.15 0.06 -3.21
CA LEU A 116 -5.46 1.23 -3.74
C LEU A 116 -5.70 1.36 -5.25
N LEU A 117 -6.23 2.51 -5.66
CA LEU A 117 -6.51 2.75 -7.07
C LEU A 117 -5.50 3.74 -7.66
N ALA A 118 -4.81 3.31 -8.71
CA ALA A 118 -3.82 4.16 -9.36
C ALA A 118 -4.46 5.42 -9.94
N SER A 119 -3.63 6.40 -10.28
CA SER A 119 -4.11 7.65 -10.84
C SER A 119 -4.66 7.46 -12.25
N ASN A 120 -4.39 6.30 -12.84
CA ASN A 120 -4.86 5.99 -14.18
C ASN A 120 -6.15 5.18 -14.15
N SER A 121 -6.91 5.33 -13.07
CA SER A 121 -8.18 4.62 -12.92
C SER A 121 -7.97 3.11 -13.04
N CYS A 122 -6.95 2.60 -12.34
CA CYS A 122 -6.66 1.18 -12.37
C CYS A 122 -6.09 0.71 -11.03
N PHE A 123 -6.75 -0.28 -10.44
CA PHE A 123 -6.32 -0.83 -9.16
C PHE A 123 -4.96 -1.51 -9.28
N ILE A 124 -4.21 -1.54 -8.19
CA ILE A 124 -2.90 -2.18 -8.18
C ILE A 124 -3.02 -3.69 -8.04
N ARG A 125 -1.98 -4.40 -8.44
CA ARG A 125 -1.96 -5.85 -8.37
C ARG A 125 -0.60 -6.42 -8.76
N CYS A 126 -0.18 -7.48 -8.09
CA CYS A 126 1.11 -8.10 -8.36
C CYS A 126 0.92 -9.40 -9.16
N ASN A 127 1.95 -9.76 -9.92
CA ASN A 127 1.89 -10.96 -10.73
C ASN A 127 2.56 -12.13 -10.01
N GLU A 128 2.26 -13.35 -10.45
CA GLU A 128 2.83 -14.55 -9.84
C GLU A 128 4.31 -14.68 -10.17
N ALA A 129 4.69 -14.19 -11.35
CA ALA A 129 6.08 -14.26 -11.79
C ALA A 129 6.93 -13.19 -11.11
N GLY A 130 6.44 -11.96 -11.15
CA GLY A 130 7.16 -10.86 -10.53
C GLY A 130 7.05 -9.57 -11.31
N ASP A 131 5.82 -9.08 -11.43
CA ASP A 131 5.56 -7.83 -12.16
C ASP A 131 4.29 -7.16 -11.66
N ILE A 132 4.45 -6.06 -10.93
CA ILE A 132 3.31 -5.32 -10.39
C ILE A 132 2.80 -4.30 -11.41
N GLU A 133 1.59 -4.53 -11.90
CA GLU A 133 0.98 -3.62 -12.87
C GLU A 133 -0.41 -3.20 -12.43
N ALA A 134 -0.96 -2.18 -13.09
CA ALA A 134 -2.28 -1.68 -12.76
C ALA A 134 -3.37 -2.59 -13.33
N LYS A 135 -3.95 -3.42 -12.47
CA LYS A 135 -5.00 -4.34 -12.88
C LYS A 135 -6.23 -3.57 -13.38
N ASN A 136 -7.20 -4.30 -13.91
CA ASN A 136 -8.42 -3.70 -14.42
C ASN A 136 -9.16 -2.94 -13.32
N LYS A 137 -10.16 -2.15 -13.70
CA LYS A 137 -10.94 -1.39 -12.74
C LYS A 137 -11.65 -2.31 -11.76
N THR A 138 -12.02 -3.49 -12.23
CA THR A 138 -12.72 -4.47 -11.39
C THR A 138 -11.80 -4.98 -10.29
N ALA A 139 -12.16 -4.70 -9.04
CA ALA A 139 -11.37 -5.14 -7.90
C ALA A 139 -11.92 -6.44 -7.33
N GLY A 140 -11.18 -7.53 -7.53
CA GLY A 140 -11.60 -8.81 -7.02
C GLY A 140 -11.45 -8.93 -5.51
N GLU A 141 -11.88 -10.07 -4.95
CA GLU A 141 -11.78 -10.29 -3.53
C GLU A 141 -10.33 -10.25 -3.06
N GLU A 142 -9.47 -10.99 -3.74
CA GLU A 142 -8.05 -11.03 -3.40
C GLU A 142 -7.38 -9.69 -3.68
N GLU A 143 -7.91 -8.96 -4.66
CA GLU A 143 -7.36 -7.66 -5.03
C GLU A 143 -7.38 -6.71 -3.83
N MET A 144 -8.35 -6.89 -2.94
CA MET A 144 -8.47 -6.05 -1.75
C MET A 144 -7.22 -6.15 -0.88
N ILE A 145 -6.52 -5.04 -0.75
CA ILE A 145 -5.30 -4.99 0.06
C ILE A 145 -5.57 -4.43 1.44
N LYS A 146 -4.57 -4.49 2.32
CA LYS A 146 -4.71 -3.98 3.68
C LYS A 146 -3.55 -3.06 4.03
N ILE A 147 -3.85 -1.77 4.13
CA ILE A 147 -2.83 -0.78 4.46
C ILE A 147 -2.64 -0.66 5.97
N ARG A 148 -1.42 -0.90 6.43
CA ARG A 148 -1.11 -0.82 7.86
C ARG A 148 -0.40 0.48 8.19
N SER A 149 -0.15 0.71 9.48
CA SER A 149 0.53 1.92 9.93
C SER A 149 1.27 1.67 11.23
N CYS A 150 2.36 2.40 11.44
CA CYS A 150 3.16 2.26 12.64
C CYS A 150 3.35 3.62 13.33
N ALA A 151 2.33 4.45 13.26
CA ALA A 151 2.38 5.78 13.88
C ALA A 151 2.23 5.68 15.39
N GLU A 152 2.16 6.83 16.05
CA GLU A 152 2.03 6.89 17.49
C GLU A 152 0.58 7.15 17.89
N ARG A 153 -0.07 6.14 18.46
CA ARG A 153 -1.46 6.27 18.90
C ARG A 153 -1.54 6.87 20.29
N GLU A 154 -2.51 7.75 20.51
CA GLU A 154 -2.70 8.39 21.80
C GLU A 154 -4.19 8.49 22.14
N THR A 155 -4.76 7.37 22.58
CA THR A 155 -6.17 7.34 22.94
C THR A 155 -6.35 7.48 24.45
N GLY A 1 -17.64 5.33 22.11
CA GLY A 1 -16.68 4.97 21.04
C GLY A 1 -16.67 3.48 20.73
N SER A 2 -17.59 3.05 19.88
CA SER A 2 -17.69 1.64 19.50
C SER A 2 -18.33 1.49 18.13
N SER A 3 -19.63 1.74 18.06
CA SER A 3 -20.36 1.63 16.81
C SER A 3 -20.29 0.20 16.25
N GLY A 4 -21.13 -0.68 16.79
CA GLY A 4 -21.13 -2.06 16.34
C GLY A 4 -19.84 -2.78 16.65
N SER A 5 -19.32 -3.50 15.66
CA SER A 5 -18.07 -4.25 15.84
C SER A 5 -17.08 -3.90 14.74
N SER A 6 -15.79 -3.94 15.09
CA SER A 6 -14.73 -3.63 14.13
C SER A 6 -13.65 -4.70 14.15
N GLY A 7 -13.10 -4.99 12.97
CA GLY A 7 -12.07 -6.00 12.86
C GLY A 7 -10.70 -5.40 12.60
N LEU A 8 -9.88 -5.34 13.64
CA LEU A 8 -8.54 -4.77 13.52
C LEU A 8 -7.48 -5.88 13.49
N ASP A 9 -6.44 -5.67 12.71
CA ASP A 9 -5.36 -6.64 12.59
C ASP A 9 -4.00 -5.98 12.80
N ILE A 10 -3.51 -6.02 14.03
CA ILE A 10 -2.22 -5.42 14.36
C ILE A 10 -1.13 -6.49 14.44
N VAL A 11 -0.04 -6.25 13.72
CA VAL A 11 1.08 -7.20 13.72
C VAL A 11 2.37 -6.52 14.17
N GLY A 12 2.70 -6.71 15.45
CA GLY A 12 3.91 -6.12 15.99
C GLY A 12 3.74 -4.63 16.27
N ILE A 13 4.07 -3.81 15.26
CA ILE A 13 3.95 -2.37 15.41
C ILE A 13 3.24 -1.76 14.20
N TRP A 14 2.32 -2.52 13.62
CA TRP A 14 1.56 -2.06 12.45
C TRP A 14 0.10 -2.46 12.56
N TRP A 15 -0.79 -1.48 12.55
CA TRP A 15 -2.22 -1.73 12.65
C TRP A 15 -2.94 -1.26 11.39
N THR A 16 -3.90 -2.06 10.94
CA THR A 16 -4.67 -1.73 9.74
C THR A 16 -5.61 -0.55 10.00
N VAL A 17 -5.54 0.46 9.15
CA VAL A 17 -6.39 1.63 9.29
C VAL A 17 -7.86 1.28 9.09
N SER A 18 -8.74 2.19 9.50
CA SER A 18 -10.18 1.97 9.38
C SER A 18 -10.75 2.80 8.23
N ASN A 19 -10.24 4.02 8.09
CA ASN A 19 -10.70 4.92 7.03
C ASN A 19 -9.58 5.85 6.59
N PHE A 20 -9.88 6.71 5.61
CA PHE A 20 -8.91 7.66 5.10
C PHE A 20 -8.36 8.55 6.20
N GLY A 21 -9.26 9.03 7.06
CA GLY A 21 -8.87 9.90 8.15
C GLY A 21 -7.80 9.28 9.03
N GLU A 22 -7.75 7.95 9.04
CA GLU A 22 -6.76 7.24 9.84
C GLU A 22 -5.41 7.19 9.14
N ILE A 23 -5.43 7.19 7.81
CA ILE A 23 -4.21 7.14 7.02
C ILE A 23 -3.43 8.45 7.15
N SER A 24 -2.37 8.41 7.96
CA SER A 24 -1.54 9.59 8.18
C SER A 24 -0.18 9.19 8.74
N GLY A 25 0.88 9.47 7.97
CA GLY A 25 2.22 9.13 8.40
C GLY A 25 2.76 7.91 7.71
N THR A 26 3.72 7.24 8.35
CA THR A 26 4.33 6.04 7.78
C THR A 26 3.32 4.89 7.74
N ILE A 27 3.13 4.31 6.56
CA ILE A 27 2.20 3.19 6.39
C ILE A 27 2.76 2.15 5.44
N ALA A 28 2.24 0.93 5.52
CA ALA A 28 2.69 -0.16 4.66
C ALA A 28 1.52 -0.84 3.97
N ILE A 29 1.76 -1.38 2.79
CA ILE A 29 0.72 -2.06 2.02
C ILE A 29 1.00 -3.56 1.93
N GLU A 30 -0.06 -4.35 2.01
CA GLU A 30 0.06 -5.80 1.93
C GLU A 30 -0.97 -6.38 0.97
N MET A 31 -0.51 -6.79 -0.21
CA MET A 31 -1.39 -7.36 -1.23
C MET A 31 -1.76 -8.80 -0.86
N ASP A 32 -0.75 -9.65 -0.77
CA ASP A 32 -0.98 -11.06 -0.44
C ASP A 32 -0.89 -11.27 1.07
N LYS A 33 -1.40 -12.41 1.53
CA LYS A 33 -1.39 -12.74 2.95
C LYS A 33 0.01 -13.12 3.41
N GLY A 34 0.83 -12.11 3.70
CA GLY A 34 2.18 -12.36 4.15
C GLY A 34 3.22 -11.70 3.26
N ALA A 35 2.89 -11.54 1.98
CA ALA A 35 3.79 -10.91 1.02
C ALA A 35 3.58 -9.40 0.98
N TYR A 36 4.63 -8.68 0.60
CA TYR A 36 4.56 -7.23 0.51
C TYR A 36 5.24 -6.73 -0.77
N ILE A 37 4.90 -5.50 -1.17
CA ILE A 37 5.48 -4.91 -2.37
C ILE A 37 6.93 -4.50 -2.14
N HIS A 38 7.85 -5.25 -2.73
CA HIS A 38 9.28 -4.97 -2.59
C HIS A 38 9.73 -3.96 -3.65
N ALA A 39 10.81 -3.25 -3.34
CA ALA A 39 11.35 -2.25 -4.27
C ALA A 39 12.69 -2.71 -4.83
N LEU A 40 13.04 -2.19 -5.99
CA LEU A 40 14.30 -2.54 -6.64
C LEU A 40 15.06 -1.29 -7.08
N ASP A 41 16.35 -1.23 -6.75
CA ASP A 41 17.17 -0.08 -7.12
C ASP A 41 17.22 0.09 -8.62
N ASN A 42 17.11 -1.02 -9.35
CA ASN A 42 17.15 -0.98 -10.81
C ASN A 42 16.05 -0.08 -11.36
N GLY A 43 14.96 0.04 -10.62
CA GLY A 43 13.85 0.88 -11.05
C GLY A 43 12.58 0.08 -11.28
N LEU A 44 12.39 -0.97 -10.48
CA LEU A 44 11.21 -1.82 -10.60
C LEU A 44 10.72 -2.25 -9.22
N PHE A 45 9.50 -2.79 -9.17
CA PHE A 45 8.92 -3.25 -7.92
C PHE A 45 8.39 -4.67 -8.06
N THR A 46 8.88 -5.58 -7.21
CA THR A 46 8.45 -6.97 -7.24
C THR A 46 7.75 -7.35 -5.94
N LEU A 47 7.16 -8.55 -5.93
CA LEU A 47 6.45 -9.03 -4.74
C LEU A 47 7.40 -9.77 -3.81
N GLY A 48 7.66 -9.17 -2.65
CA GLY A 48 8.55 -9.80 -1.68
C GLY A 48 7.99 -11.10 -1.14
N ALA A 49 8.85 -12.10 -1.01
CA ALA A 49 8.44 -13.40 -0.50
C ALA A 49 7.89 -13.29 0.92
N PRO A 50 6.96 -14.18 1.29
CA PRO A 50 6.36 -14.18 2.63
C PRO A 50 7.35 -14.56 3.72
N HIS A 51 7.32 -13.84 4.83
CA HIS A 51 8.22 -14.10 5.94
C HIS A 51 8.02 -15.52 6.48
N ARG A 52 8.98 -16.00 7.26
CA ARG A 52 8.91 -17.33 7.83
C ARG A 52 7.99 -17.35 9.05
N GLU A 53 7.98 -16.25 9.80
CA GLU A 53 7.15 -16.15 10.99
C GLU A 53 5.79 -15.55 10.64
N VAL A 54 4.81 -15.74 11.53
CA VAL A 54 3.47 -15.20 11.31
C VAL A 54 3.40 -13.73 11.69
N ASP A 55 3.58 -13.44 12.98
CA ASP A 55 3.53 -12.07 13.46
C ASP A 55 4.85 -11.34 13.19
N GLU A 56 4.94 -10.73 12.01
CA GLU A 56 6.15 -10.00 11.62
C GLU A 56 5.80 -8.70 10.92
N GLY A 57 6.75 -7.78 10.86
CA GLY A 57 6.52 -6.50 10.21
C GLY A 57 7.27 -6.39 8.89
N PRO A 58 6.94 -5.36 8.09
CA PRO A 58 7.60 -5.15 6.78
C PRO A 58 9.06 -4.74 6.93
N SER A 59 9.77 -4.71 5.81
CA SER A 59 11.18 -4.33 5.81
C SER A 59 11.35 -2.86 5.48
N PRO A 60 12.57 -2.31 5.68
CA PRO A 60 12.86 -0.90 5.39
C PRO A 60 12.45 -0.50 3.97
N PRO A 61 12.84 -1.28 2.95
CA PRO A 61 12.49 -0.97 1.55
C PRO A 61 11.02 -1.18 1.26
N GLU A 62 10.34 -1.95 2.11
CA GLU A 62 8.92 -2.21 1.93
C GLU A 62 8.07 -1.13 2.57
N GLN A 63 8.61 -0.51 3.64
CA GLN A 63 7.89 0.54 4.35
C GLN A 63 7.57 1.70 3.40
N PHE A 64 6.43 2.35 3.64
CA PHE A 64 6.00 3.47 2.82
C PHE A 64 5.53 4.63 3.69
N THR A 65 5.51 5.83 3.11
CA THR A 65 5.08 7.02 3.84
C THR A 65 3.89 7.67 3.14
N ALA A 66 2.85 7.97 3.91
CA ALA A 66 1.64 8.60 3.37
C ALA A 66 1.74 10.11 3.45
N VAL A 67 1.23 10.80 2.43
CA VAL A 67 1.25 12.26 2.40
C VAL A 67 -0.06 12.82 1.90
N LYS A 68 -0.78 13.52 2.78
CA LYS A 68 -2.06 14.12 2.43
C LYS A 68 -1.88 15.23 1.40
N LEU A 69 -2.72 15.24 0.38
CA LEU A 69 -2.65 16.26 -0.66
C LEU A 69 -3.97 17.01 -0.79
N SER A 70 -4.99 16.35 -1.33
CA SER A 70 -6.30 16.96 -1.51
C SER A 70 -7.27 15.98 -2.16
N ASP A 71 -8.57 16.17 -1.90
CA ASP A 71 -9.60 15.31 -2.46
C ASP A 71 -9.35 13.84 -2.12
N SER A 72 -8.96 13.59 -0.87
CA SER A 72 -8.69 12.24 -0.40
C SER A 72 -7.57 11.60 -1.21
N ARG A 73 -6.65 12.43 -1.71
CA ARG A 73 -5.53 11.95 -2.50
C ARG A 73 -4.23 11.97 -1.69
N ILE A 74 -3.62 10.81 -1.54
CA ILE A 74 -2.37 10.69 -0.78
C ILE A 74 -1.25 10.15 -1.65
N ALA A 75 -0.05 10.67 -1.43
CA ALA A 75 1.12 10.24 -2.19
C ALA A 75 2.05 9.39 -1.35
N LEU A 76 2.29 8.15 -1.79
CA LEU A 76 3.18 7.24 -1.06
C LEU A 76 4.64 7.63 -1.25
N LYS A 77 5.52 6.95 -0.53
CA LYS A 77 6.96 7.22 -0.62
C LYS A 77 7.76 5.99 -0.23
N SER A 78 8.54 5.47 -1.17
CA SER A 78 9.36 4.30 -0.93
C SER A 78 10.41 4.59 0.15
N GLY A 79 10.73 3.57 0.94
CA GLY A 79 11.72 3.73 2.00
C GLY A 79 13.06 4.19 1.47
N TYR A 80 13.36 3.83 0.22
CA TYR A 80 14.63 4.21 -0.39
C TYR A 80 14.73 5.72 -0.53
N GLY A 81 13.61 6.36 -0.88
CA GLY A 81 13.60 7.80 -1.03
C GLY A 81 13.03 8.23 -2.37
N LYS A 82 11.94 7.60 -2.77
CA LYS A 82 11.30 7.93 -4.05
C LYS A 82 9.77 7.92 -3.90
N TYR A 83 9.08 8.27 -4.98
CA TYR A 83 7.63 8.30 -4.97
C TYR A 83 7.05 7.19 -5.85
N LEU A 84 6.08 6.45 -5.31
CA LEU A 84 5.46 5.37 -6.05
C LEU A 84 4.48 5.91 -7.09
N GLY A 85 4.82 5.74 -8.37
CA GLY A 85 3.98 6.21 -9.44
C GLY A 85 3.91 5.25 -10.61
N ILE A 86 2.70 4.88 -11.00
CA ILE A 86 2.51 3.96 -12.11
C ILE A 86 3.03 4.54 -13.42
N ASN A 87 3.25 3.68 -14.41
CA ASN A 87 3.74 4.12 -15.71
C ASN A 87 2.61 4.20 -16.72
N SER A 88 2.93 4.74 -17.90
CA SER A 88 1.93 4.88 -18.97
C SER A 88 1.42 3.51 -19.41
N ASP A 89 2.30 2.51 -19.37
CA ASP A 89 1.93 1.15 -19.77
C ASP A 89 1.03 0.50 -18.72
N GLY A 90 1.42 0.63 -17.45
CA GLY A 90 0.65 0.05 -16.38
C GLY A 90 1.49 -0.79 -15.44
N LEU A 91 2.67 -0.28 -15.11
CA LEU A 91 3.58 -0.99 -14.21
C LEU A 91 3.92 -0.15 -12.99
N VAL A 92 3.61 -0.68 -11.81
CA VAL A 92 3.89 0.04 -10.56
C VAL A 92 5.40 0.19 -10.34
N VAL A 93 5.91 1.38 -10.63
CA VAL A 93 7.33 1.66 -10.46
C VAL A 93 7.56 2.74 -9.40
N GLY A 94 8.83 3.01 -9.11
CA GLY A 94 9.16 4.02 -8.12
C GLY A 94 10.46 4.74 -8.43
N ARG A 95 10.34 5.91 -9.05
CA ARG A 95 11.50 6.71 -9.40
C ARG A 95 11.11 8.13 -9.77
N SER A 96 11.00 8.98 -8.76
CA SER A 96 10.62 10.38 -8.97
C SER A 96 10.64 11.16 -7.65
N ASP A 97 11.60 12.07 -7.53
CA ASP A 97 11.72 12.88 -6.33
C ASP A 97 10.49 13.75 -6.11
N ALA A 98 9.86 14.16 -7.21
CA ALA A 98 8.67 14.99 -7.14
C ALA A 98 7.41 14.13 -7.08
N ILE A 99 6.26 14.78 -6.94
CA ILE A 99 4.98 14.08 -6.87
C ILE A 99 4.18 14.28 -8.15
N GLY A 100 4.43 13.42 -9.14
CA GLY A 100 3.72 13.51 -10.40
C GLY A 100 2.31 12.95 -10.32
N PRO A 101 1.46 13.22 -11.33
CA PRO A 101 0.08 12.73 -11.36
C PRO A 101 0.00 11.23 -11.14
N ARG A 102 0.90 10.49 -11.79
CA ARG A 102 0.92 9.03 -11.66
C ARG A 102 1.26 8.61 -10.24
N GLU A 103 2.05 9.43 -9.54
CA GLU A 103 2.44 9.14 -8.17
C GLU A 103 1.24 9.29 -7.22
N GLN A 104 0.31 10.15 -7.60
CA GLN A 104 -0.87 10.39 -6.77
C GLN A 104 -1.72 9.12 -6.66
N TRP A 105 -2.35 8.94 -5.50
CA TRP A 105 -3.20 7.78 -5.26
C TRP A 105 -4.56 8.20 -4.72
N GLU A 106 -5.41 7.20 -4.47
CA GLU A 106 -6.76 7.47 -3.94
C GLU A 106 -7.28 6.27 -3.18
N PRO A 107 -7.04 6.21 -1.86
CA PRO A 107 -7.51 5.10 -1.02
C PRO A 107 -9.00 4.84 -1.18
N VAL A 108 -9.43 3.61 -0.89
CA VAL A 108 -10.84 3.25 -1.00
C VAL A 108 -11.25 2.33 0.14
N PHE A 109 -12.55 2.30 0.43
CA PHE A 109 -13.09 1.46 1.50
C PHE A 109 -14.46 0.91 1.12
N GLN A 110 -14.54 -0.42 1.01
CA GLN A 110 -15.79 -1.08 0.65
C GLN A 110 -16.11 -2.19 1.64
N ASP A 111 -17.08 -1.93 2.51
CA ASP A 111 -17.50 -2.92 3.51
C ASP A 111 -16.33 -3.30 4.42
N GLY A 112 -15.53 -2.30 4.78
CA GLY A 112 -14.39 -2.54 5.65
C GLY A 112 -13.10 -2.72 4.86
N LYS A 113 -13.19 -3.44 3.75
CA LYS A 113 -12.02 -3.70 2.91
C LYS A 113 -11.45 -2.39 2.37
N MET A 114 -10.37 -2.49 1.59
CA MET A 114 -9.73 -1.32 1.02
C MET A 114 -8.90 -1.70 -0.20
N ALA A 115 -8.91 -0.83 -1.21
CA ALA A 115 -8.16 -1.08 -2.44
C ALA A 115 -7.53 0.21 -2.96
N LEU A 116 -6.20 0.20 -3.09
CA LEU A 116 -5.48 1.37 -3.58
C LEU A 116 -5.63 1.50 -5.09
N LEU A 117 -6.21 2.61 -5.52
CA LEU A 117 -6.40 2.87 -6.95
C LEU A 117 -5.35 3.83 -7.48
N ALA A 118 -4.73 3.46 -8.59
CA ALA A 118 -3.71 4.28 -9.22
C ALA A 118 -4.31 5.51 -9.88
N SER A 119 -3.45 6.46 -10.25
CA SER A 119 -3.90 7.68 -10.90
C SER A 119 -4.53 7.39 -12.27
N ASN A 120 -4.30 6.18 -12.78
CA ASN A 120 -4.85 5.79 -14.07
C ASN A 120 -6.17 5.03 -13.91
N SER A 121 -6.85 5.25 -12.78
CA SER A 121 -8.11 4.59 -12.50
C SER A 121 -7.97 3.07 -12.60
N CYS A 122 -6.89 2.54 -12.03
CA CYS A 122 -6.65 1.11 -12.06
C CYS A 122 -5.96 0.65 -10.78
N PHE A 123 -6.60 -0.27 -10.06
CA PHE A 123 -6.05 -0.80 -8.82
C PHE A 123 -4.68 -1.43 -9.05
N ILE A 124 -4.02 -1.82 -7.96
CA ILE A 124 -2.70 -2.44 -8.04
C ILE A 124 -2.78 -3.92 -7.71
N ARG A 125 -1.95 -4.72 -8.38
CA ARG A 125 -1.91 -6.16 -8.15
C ARG A 125 -0.60 -6.75 -8.65
N CYS A 126 0.02 -7.57 -7.82
CA CYS A 126 1.28 -8.21 -8.17
C CYS A 126 1.05 -9.53 -8.90
N ASN A 127 2.07 -10.00 -9.60
CA ASN A 127 1.98 -11.24 -10.34
C ASN A 127 2.80 -12.35 -9.68
N GLU A 128 2.39 -13.60 -9.88
CA GLU A 128 3.10 -14.73 -9.30
C GLU A 128 4.55 -14.76 -9.77
N ALA A 129 4.79 -14.26 -10.99
CA ALA A 129 6.13 -14.22 -11.55
C ALA A 129 7.02 -13.23 -10.81
N GLY A 130 6.43 -12.12 -10.40
CA GLY A 130 7.18 -11.10 -9.68
C GLY A 130 6.84 -9.69 -10.14
N ASP A 131 6.29 -9.58 -11.35
CA ASP A 131 5.92 -8.28 -11.90
C ASP A 131 4.70 -7.71 -11.18
N ILE A 132 4.63 -6.39 -11.11
CA ILE A 132 3.52 -5.72 -10.45
C ILE A 132 2.90 -4.66 -11.36
N GLU A 133 1.70 -4.93 -11.86
CA GLU A 133 1.00 -4.00 -12.74
C GLU A 133 -0.34 -3.59 -12.15
N ALA A 134 -0.98 -2.60 -12.77
CA ALA A 134 -2.27 -2.11 -12.30
C ALA A 134 -3.42 -2.92 -12.92
N LYS A 135 -4.34 -3.36 -12.07
CA LYS A 135 -5.49 -4.12 -12.53
C LYS A 135 -6.59 -3.21 -13.07
N ASN A 136 -7.60 -3.80 -13.69
CA ASN A 136 -8.71 -3.04 -14.25
C ASN A 136 -9.48 -2.32 -13.15
N LYS A 137 -10.52 -1.59 -13.54
CA LYS A 137 -11.34 -0.86 -12.59
C LYS A 137 -11.99 -1.80 -11.58
N THR A 138 -12.28 -3.02 -12.02
CA THR A 138 -12.89 -4.03 -11.15
C THR A 138 -11.91 -4.49 -10.08
N ALA A 139 -12.36 -4.49 -8.84
CA ALA A 139 -11.53 -4.91 -7.71
C ALA A 139 -11.99 -6.26 -7.16
N GLY A 140 -11.21 -7.30 -7.44
CA GLY A 140 -11.56 -8.62 -6.96
C GLY A 140 -11.32 -8.78 -5.47
N GLU A 141 -11.71 -9.94 -4.93
CA GLU A 141 -11.55 -10.21 -3.51
C GLU A 141 -10.07 -10.30 -3.15
N GLU A 142 -9.26 -10.78 -4.08
CA GLU A 142 -7.83 -10.91 -3.85
C GLU A 142 -7.10 -9.63 -4.22
N GLU A 143 -7.64 -8.91 -5.20
CA GLU A 143 -7.04 -7.65 -5.65
C GLU A 143 -6.94 -6.65 -4.51
N MET A 144 -7.84 -6.78 -3.52
CA MET A 144 -7.84 -5.88 -2.36
C MET A 144 -6.50 -5.90 -1.65
N ILE A 145 -6.27 -4.89 -0.82
CA ILE A 145 -5.01 -4.79 -0.07
C ILE A 145 -5.28 -4.46 1.39
N LYS A 146 -4.21 -4.35 2.17
CA LYS A 146 -4.32 -4.05 3.58
C LYS A 146 -3.27 -3.01 4.01
N ILE A 147 -3.70 -1.76 4.12
CA ILE A 147 -2.81 -0.68 4.52
C ILE A 147 -2.66 -0.61 6.04
N ARG A 148 -1.46 -0.89 6.53
CA ARG A 148 -1.20 -0.86 7.96
C ARG A 148 -0.34 0.34 8.33
N SER A 149 -0.62 0.94 9.49
CA SER A 149 0.12 2.10 9.96
C SER A 149 0.85 1.79 11.26
N CYS A 150 2.01 2.40 11.44
CA CYS A 150 2.81 2.19 12.64
C CYS A 150 2.78 3.43 13.54
N ALA A 151 1.66 4.14 13.52
CA ALA A 151 1.51 5.35 14.32
C ALA A 151 1.34 5.01 15.79
N GLU A 152 1.95 5.82 16.66
CA GLU A 152 1.86 5.61 18.10
C GLU A 152 0.43 5.80 18.59
N ARG A 153 -0.19 4.71 19.02
CA ARG A 153 -1.56 4.75 19.51
C ARG A 153 -1.63 5.47 20.86
N GLU A 154 -2.83 5.55 21.43
CA GLU A 154 -3.03 6.22 22.71
C GLU A 154 -4.00 5.43 23.58
N THR A 155 -3.48 4.36 24.21
CA THR A 155 -4.31 3.53 25.08
C THR A 155 -4.30 4.05 26.51
N GLY A 1 -21.12 8.01 23.19
CA GLY A 1 -20.48 7.70 24.49
C GLY A 1 -19.85 6.32 24.51
N SER A 2 -20.69 5.29 24.55
CA SER A 2 -20.22 3.92 24.57
C SER A 2 -20.08 3.36 23.15
N SER A 3 -18.94 2.75 22.87
CA SER A 3 -18.68 2.17 21.56
C SER A 3 -18.38 0.69 21.66
N GLY A 4 -18.77 -0.07 20.63
CA GLY A 4 -18.52 -1.49 20.62
C GLY A 4 -18.83 -2.13 19.28
N SER A 5 -17.99 -1.86 18.30
CA SER A 5 -18.18 -2.41 16.96
C SER A 5 -17.11 -3.46 16.65
N SER A 6 -15.93 -3.29 17.23
CA SER A 6 -14.83 -4.23 17.02
C SER A 6 -14.44 -4.28 15.54
N GLY A 7 -13.24 -4.78 15.28
CA GLY A 7 -12.76 -4.88 13.91
C GLY A 7 -11.46 -4.13 13.70
N LEU A 8 -10.43 -4.51 14.45
CA LEU A 8 -9.12 -3.88 14.34
C LEU A 8 -8.00 -4.89 14.56
N ASP A 9 -7.13 -5.02 13.56
CA ASP A 9 -6.02 -5.95 13.64
C ASP A 9 -4.71 -5.22 13.98
N ILE A 10 -4.05 -5.68 15.03
CA ILE A 10 -2.80 -5.07 15.47
C ILE A 10 -1.70 -6.12 15.62
N VAL A 11 -0.58 -5.91 14.94
CA VAL A 11 0.54 -6.84 14.99
C VAL A 11 1.81 -6.14 15.45
N GLY A 12 2.19 -6.36 16.70
CA GLY A 12 3.39 -5.73 17.24
C GLY A 12 3.25 -4.23 17.35
N ILE A 13 3.38 -3.53 16.22
CA ILE A 13 3.27 -2.08 16.20
C ILE A 13 2.63 -1.60 14.90
N TRP A 14 1.76 -2.42 14.34
CA TRP A 14 1.08 -2.09 13.09
C TRP A 14 -0.42 -2.36 13.20
N TRP A 15 -1.22 -1.32 12.96
CA TRP A 15 -2.67 -1.46 13.03
C TRP A 15 -3.33 -1.01 11.73
N THR A 16 -4.35 -1.74 11.31
CA THR A 16 -5.06 -1.43 10.08
C THR A 16 -5.94 -0.19 10.26
N VAL A 17 -6.01 0.63 9.22
CA VAL A 17 -6.82 1.85 9.27
C VAL A 17 -8.28 1.54 8.95
N SER A 18 -9.13 2.56 9.09
CA SER A 18 -10.56 2.40 8.82
C SER A 18 -11.04 3.46 7.84
N ASN A 19 -10.63 4.69 8.06
CA ASN A 19 -11.02 5.80 7.18
C ASN A 19 -9.80 6.58 6.71
N PHE A 20 -10.01 7.43 5.70
CA PHE A 20 -8.93 8.24 5.16
C PHE A 20 -8.35 9.18 6.22
N GLY A 21 -9.22 9.67 7.10
CA GLY A 21 -8.77 10.57 8.14
C GLY A 21 -7.69 9.97 9.01
N GLU A 22 -7.67 8.64 9.09
CA GLU A 22 -6.67 7.94 9.89
C GLU A 22 -5.42 7.65 9.08
N ILE A 23 -5.59 7.50 7.76
CA ILE A 23 -4.47 7.22 6.88
C ILE A 23 -3.49 8.39 6.84
N SER A 24 -2.34 8.22 7.49
CA SER A 24 -1.32 9.26 7.52
C SER A 24 -0.03 8.73 8.15
N GLY A 25 1.10 9.21 7.66
CA GLY A 25 2.38 8.78 8.18
C GLY A 25 2.93 7.57 7.46
N THR A 26 3.67 6.74 8.18
CA THR A 26 4.26 5.53 7.61
C THR A 26 3.27 4.37 7.65
N ILE A 27 2.84 3.92 6.47
CA ILE A 27 1.90 2.81 6.37
C ILE A 27 2.40 1.73 5.41
N ALA A 28 2.20 0.47 5.79
CA ALA A 28 2.64 -0.64 4.96
C ALA A 28 1.47 -1.23 4.17
N ILE A 29 1.79 -1.86 3.04
CA ILE A 29 0.76 -2.47 2.21
C ILE A 29 1.11 -3.92 1.88
N GLU A 30 0.14 -4.81 2.07
CA GLU A 30 0.34 -6.22 1.80
C GLU A 30 -0.59 -6.70 0.68
N MET A 31 0.02 -7.12 -0.42
CA MET A 31 -0.75 -7.60 -1.57
C MET A 31 -1.10 -9.07 -1.40
N ASP A 32 -0.09 -9.91 -1.31
CA ASP A 32 -0.29 -11.35 -1.15
C ASP A 32 -0.42 -11.73 0.33
N LYS A 33 -0.70 -12.99 0.58
CA LYS A 33 -0.85 -13.48 1.96
C LYS A 33 0.51 -13.62 2.63
N GLY A 34 1.04 -12.51 3.12
CA GLY A 34 2.34 -12.54 3.79
C GLY A 34 3.40 -11.78 3.02
N ALA A 35 3.29 -11.79 1.70
CA ALA A 35 4.25 -11.09 0.85
C ALA A 35 3.88 -9.62 0.68
N TYR A 36 4.87 -8.75 0.83
CA TYR A 36 4.64 -7.32 0.70
C TYR A 36 5.33 -6.77 -0.56
N ILE A 37 5.14 -5.47 -0.82
CA ILE A 37 5.74 -4.83 -1.98
C ILE A 37 7.20 -4.50 -1.73
N HIS A 38 8.08 -5.03 -2.57
CA HIS A 38 9.51 -4.79 -2.43
C HIS A 38 10.00 -3.82 -3.52
N ALA A 39 10.79 -2.83 -3.11
CA ALA A 39 11.31 -1.85 -4.04
C ALA A 39 12.61 -2.35 -4.70
N LEU A 40 12.71 -2.18 -6.00
CA LEU A 40 13.89 -2.61 -6.75
C LEU A 40 14.82 -1.44 -7.02
N ASP A 41 15.94 -1.73 -7.68
CA ASP A 41 16.93 -0.70 -7.99
C ASP A 41 16.89 -0.32 -9.47
N ASN A 42 16.15 -1.09 -10.26
CA ASN A 42 16.03 -0.85 -11.69
C ASN A 42 14.76 -0.06 -12.01
N GLY A 43 14.32 0.76 -11.05
CA GLY A 43 13.13 1.55 -11.25
C GLY A 43 11.87 0.70 -11.36
N LEU A 44 11.85 -0.41 -10.64
CA LEU A 44 10.71 -1.31 -10.65
C LEU A 44 10.32 -1.73 -9.23
N PHE A 45 9.28 -2.55 -9.12
CA PHE A 45 8.81 -3.01 -7.83
C PHE A 45 8.26 -4.43 -7.93
N THR A 46 8.97 -5.38 -7.34
CA THR A 46 8.55 -6.78 -7.35
C THR A 46 7.96 -7.19 -6.01
N LEU A 47 7.43 -8.41 -5.95
CA LEU A 47 6.84 -8.92 -4.72
C LEU A 47 7.90 -9.43 -3.76
N GLY A 48 8.07 -8.73 -2.66
CA GLY A 48 9.07 -9.13 -1.68
C GLY A 48 8.82 -10.51 -1.11
N ALA A 49 9.88 -11.19 -0.72
CA ALA A 49 9.76 -12.54 -0.16
C ALA A 49 8.90 -12.53 1.11
N PRO A 50 8.00 -13.53 1.25
CA PRO A 50 7.11 -13.63 2.42
C PRO A 50 7.87 -14.01 3.69
N HIS A 51 7.67 -13.22 4.74
CA HIS A 51 8.33 -13.48 6.02
C HIS A 51 7.94 -14.86 6.56
N ARG A 52 8.63 -15.29 7.61
CA ARG A 52 8.36 -16.58 8.22
C ARG A 52 7.57 -16.41 9.52
N GLU A 53 7.95 -15.41 10.30
CA GLU A 53 7.28 -15.14 11.57
C GLU A 53 5.97 -14.39 11.35
N VAL A 54 4.91 -14.87 11.96
CA VAL A 54 3.59 -14.24 11.83
C VAL A 54 3.63 -12.80 12.33
N ASP A 55 4.31 -12.58 13.45
CA ASP A 55 4.42 -11.25 14.04
C ASP A 55 5.76 -10.61 13.68
N GLU A 56 5.90 -10.20 12.43
CA GLU A 56 7.12 -9.57 11.96
C GLU A 56 6.83 -8.23 11.29
N GLY A 57 7.82 -7.35 11.26
CA GLY A 57 7.65 -6.05 10.66
C GLY A 57 8.17 -6.01 9.22
N PRO A 58 7.67 -5.06 8.41
CA PRO A 58 8.10 -4.93 7.01
C PRO A 58 9.54 -4.45 6.89
N SER A 59 10.20 -4.82 5.79
CA SER A 59 11.58 -4.42 5.55
C SER A 59 11.69 -2.92 5.31
N PRO A 60 12.92 -2.37 5.31
CA PRO A 60 13.14 -0.95 5.09
C PRO A 60 12.52 -0.44 3.78
N PRO A 61 12.73 -1.16 2.67
CA PRO A 61 12.18 -0.76 1.37
C PRO A 61 10.69 -1.07 1.26
N GLU A 62 10.24 -2.07 2.00
CA GLU A 62 8.84 -2.46 1.98
C GLU A 62 7.96 -1.39 2.63
N GLN A 63 8.53 -0.70 3.62
CA GLN A 63 7.80 0.35 4.33
C GLN A 63 7.63 1.58 3.44
N PHE A 64 6.39 2.00 3.25
CA PHE A 64 6.09 3.16 2.42
C PHE A 64 5.54 4.30 3.28
N THR A 65 5.82 5.54 2.85
CA THR A 65 5.36 6.72 3.57
C THR A 65 4.21 7.40 2.82
N ALA A 66 3.06 7.50 3.48
CA ALA A 66 1.89 8.13 2.88
C ALA A 66 1.88 9.63 3.13
N VAL A 67 1.38 10.38 2.17
CA VAL A 67 1.32 11.84 2.29
C VAL A 67 0.02 12.38 1.70
N LYS A 68 -0.88 12.82 2.57
CA LYS A 68 -2.17 13.36 2.13
C LYS A 68 -1.96 14.58 1.23
N LEU A 69 -2.85 14.74 0.26
CA LEU A 69 -2.78 15.87 -0.66
C LEU A 69 -4.12 16.58 -0.76
N SER A 70 -5.11 15.91 -1.33
CA SER A 70 -6.44 16.48 -1.49
C SER A 70 -7.39 15.49 -2.15
N ASP A 71 -8.68 15.65 -1.90
CA ASP A 71 -9.69 14.77 -2.47
C ASP A 71 -9.46 13.32 -2.04
N SER A 72 -9.02 13.15 -0.80
CA SER A 72 -8.76 11.82 -0.27
C SER A 72 -7.68 11.10 -1.09
N ARG A 73 -6.55 11.77 -1.28
CA ARG A 73 -5.45 11.21 -2.04
C ARG A 73 -4.14 11.30 -1.26
N ILE A 74 -3.36 10.22 -1.28
CA ILE A 74 -2.09 10.18 -0.57
C ILE A 74 -0.94 9.86 -1.53
N ALA A 75 0.24 10.35 -1.19
CA ALA A 75 1.43 10.11 -2.01
C ALA A 75 2.40 9.17 -1.32
N LEU A 76 2.44 7.93 -1.76
CA LEU A 76 3.32 6.93 -1.18
C LEU A 76 4.78 7.22 -1.54
N LYS A 77 5.69 6.80 -0.68
CA LYS A 77 7.12 7.01 -0.90
C LYS A 77 7.93 5.77 -0.55
N SER A 78 8.65 5.24 -1.52
CA SER A 78 9.45 4.04 -1.30
C SER A 78 10.53 4.30 -0.25
N GLY A 79 10.94 3.25 0.44
CA GLY A 79 11.97 3.39 1.46
C GLY A 79 13.27 3.91 0.91
N TYR A 80 13.54 3.62 -0.36
CA TYR A 80 14.77 4.07 -1.00
C TYR A 80 14.83 5.59 -1.07
N GLY A 81 13.66 6.23 -1.17
CA GLY A 81 13.60 7.67 -1.23
C GLY A 81 13.01 8.17 -2.54
N LYS A 82 12.02 7.45 -3.05
CA LYS A 82 11.36 7.83 -4.29
C LYS A 82 9.84 7.80 -4.14
N TYR A 83 9.15 8.47 -5.05
CA TYR A 83 7.69 8.52 -5.03
C TYR A 83 7.09 7.45 -5.93
N LEU A 84 6.23 6.61 -5.36
CA LEU A 84 5.59 5.54 -6.12
C LEU A 84 4.78 6.12 -7.29
N GLY A 85 5.21 5.79 -8.50
CA GLY A 85 4.51 6.29 -9.69
C GLY A 85 4.08 5.16 -10.61
N ILE A 86 3.07 5.44 -11.43
CA ILE A 86 2.57 4.44 -12.38
C ILE A 86 2.91 4.82 -13.81
N ASN A 87 3.34 3.83 -14.58
CA ASN A 87 3.72 4.06 -15.98
C ASN A 87 2.47 4.24 -16.85
N SER A 88 2.67 4.77 -18.05
CA SER A 88 1.56 5.00 -18.97
C SER A 88 1.00 3.68 -19.48
N ASP A 89 1.87 2.67 -19.58
CA ASP A 89 1.45 1.35 -20.06
C ASP A 89 0.58 0.65 -19.02
N GLY A 90 0.84 0.93 -17.75
CA GLY A 90 0.08 0.33 -16.68
C GLY A 90 0.93 -0.53 -15.76
N LEU A 91 2.15 -0.06 -15.48
CA LEU A 91 3.07 -0.78 -14.62
C LEU A 91 3.60 0.13 -13.51
N VAL A 92 3.35 -0.25 -12.26
CA VAL A 92 3.81 0.53 -11.12
C VAL A 92 5.33 0.59 -11.07
N VAL A 93 5.88 1.80 -11.19
CA VAL A 93 7.32 1.98 -11.17
C VAL A 93 7.70 3.27 -10.43
N GLY A 94 8.65 3.17 -9.51
CA GLY A 94 9.08 4.33 -8.75
C GLY A 94 10.38 4.90 -9.26
N ARG A 95 10.31 6.02 -9.96
CA ARG A 95 11.50 6.67 -10.50
C ARG A 95 11.15 8.03 -11.11
N SER A 96 10.67 8.94 -10.26
CA SER A 96 10.30 10.28 -10.71
C SER A 96 11.06 11.35 -9.94
N ASP A 97 11.24 11.13 -8.63
CA ASP A 97 11.95 12.08 -7.78
C ASP A 97 11.17 13.38 -7.66
N ALA A 98 9.85 13.29 -7.71
CA ALA A 98 8.99 14.46 -7.62
C ALA A 98 7.51 14.06 -7.61
N ILE A 99 6.73 14.77 -6.81
CA ILE A 99 5.30 14.49 -6.71
C ILE A 99 4.58 14.84 -8.02
N GLY A 100 4.37 13.82 -8.85
CA GLY A 100 3.70 14.04 -10.12
C GLY A 100 2.26 13.55 -10.10
N PRO A 101 1.47 13.88 -11.14
CA PRO A 101 0.07 13.46 -11.23
C PRO A 101 -0.09 11.95 -11.10
N ARG A 102 0.66 11.20 -11.90
CA ARG A 102 0.58 9.74 -11.88
C ARG A 102 0.99 9.20 -10.52
N GLU A 103 1.93 9.89 -9.87
CA GLU A 103 2.41 9.47 -8.55
C GLU A 103 1.28 9.52 -7.52
N GLN A 104 0.31 10.39 -7.75
CA GLN A 104 -0.83 10.53 -6.84
C GLN A 104 -1.61 9.21 -6.75
N TRP A 105 -2.11 8.92 -5.55
CA TRP A 105 -2.88 7.70 -5.32
C TRP A 105 -4.24 8.02 -4.70
N GLU A 106 -5.18 7.10 -4.83
CA GLU A 106 -6.51 7.28 -4.29
C GLU A 106 -7.01 6.02 -3.58
N PRO A 107 -6.86 5.96 -2.23
CA PRO A 107 -7.30 4.80 -1.45
C PRO A 107 -8.81 4.68 -1.40
N VAL A 108 -9.31 3.44 -1.43
CA VAL A 108 -10.74 3.18 -1.38
C VAL A 108 -11.08 2.07 -0.38
N PHE A 109 -12.25 2.17 0.22
CA PHE A 109 -12.69 1.18 1.20
C PHE A 109 -14.06 0.61 0.80
N GLN A 110 -14.14 -0.72 0.77
CA GLN A 110 -15.39 -1.40 0.41
C GLN A 110 -15.61 -2.63 1.28
N ASP A 111 -16.74 -2.66 1.97
CA ASP A 111 -17.08 -3.79 2.83
C ASP A 111 -16.02 -3.97 3.92
N GLY A 112 -15.41 -2.86 4.33
CA GLY A 112 -14.39 -2.92 5.37
C GLY A 112 -12.99 -2.98 4.80
N LYS A 113 -12.83 -3.70 3.69
CA LYS A 113 -11.54 -3.83 3.04
C LYS A 113 -11.01 -2.48 2.59
N MET A 114 -9.82 -2.49 1.99
CA MET A 114 -9.20 -1.25 1.52
C MET A 114 -8.30 -1.53 0.31
N ALA A 115 -8.25 -0.57 -0.61
CA ALA A 115 -7.43 -0.71 -1.81
C ALA A 115 -6.86 0.65 -2.24
N LEU A 116 -5.77 0.60 -3.00
CA LEU A 116 -5.12 1.81 -3.47
C LEU A 116 -5.29 1.97 -4.98
N LEU A 117 -6.23 2.82 -5.38
CA LEU A 117 -6.50 3.05 -6.79
C LEU A 117 -5.48 4.02 -7.38
N ALA A 118 -4.91 3.64 -8.53
CA ALA A 118 -3.91 4.47 -9.20
C ALA A 118 -4.57 5.66 -9.90
N SER A 119 -3.75 6.59 -10.36
CA SER A 119 -4.25 7.78 -11.06
C SER A 119 -4.77 7.42 -12.45
N ASN A 120 -4.52 6.19 -12.88
CA ASN A 120 -4.97 5.73 -14.20
C ASN A 120 -6.30 4.98 -14.10
N SER A 121 -7.07 5.27 -13.05
CA SER A 121 -8.36 4.63 -12.86
C SER A 121 -8.23 3.11 -12.86
N CYS A 122 -7.09 2.63 -12.38
CA CYS A 122 -6.83 1.18 -12.33
C CYS A 122 -6.27 0.77 -10.97
N PHE A 123 -6.74 -0.36 -10.47
CA PHE A 123 -6.28 -0.87 -9.18
C PHE A 123 -4.90 -1.51 -9.30
N ILE A 124 -4.13 -1.46 -8.22
CA ILE A 124 -2.80 -2.04 -8.21
C ILE A 124 -2.83 -3.51 -7.79
N ARG A 125 -1.79 -4.24 -8.16
CA ARG A 125 -1.69 -5.66 -7.83
C ARG A 125 -0.37 -6.25 -8.31
N CYS A 126 0.02 -7.37 -7.71
CA CYS A 126 1.27 -8.03 -8.08
C CYS A 126 1.00 -9.24 -8.96
N ASN A 127 2.07 -9.93 -9.37
CA ASN A 127 1.95 -11.11 -10.22
C ASN A 127 2.77 -12.27 -9.64
N GLU A 128 2.34 -13.49 -9.92
CA GLU A 128 3.03 -14.67 -9.45
C GLU A 128 4.46 -14.71 -9.97
N ALA A 129 4.66 -14.17 -11.17
CA ALA A 129 5.98 -14.14 -11.78
C ALA A 129 6.90 -13.15 -11.08
N GLY A 130 6.31 -12.08 -10.56
CA GLY A 130 7.08 -11.07 -9.87
C GLY A 130 7.01 -9.72 -10.54
N ASP A 131 5.79 -9.27 -10.84
CA ASP A 131 5.59 -7.98 -11.49
C ASP A 131 4.31 -7.32 -11.00
N ILE A 132 4.38 -6.01 -10.75
CA ILE A 132 3.24 -5.25 -10.27
C ILE A 132 2.69 -4.33 -11.36
N GLU A 133 1.42 -4.50 -11.70
CA GLU A 133 0.79 -3.69 -12.72
C GLU A 133 -0.66 -3.36 -12.34
N ALA A 134 -1.28 -2.47 -13.11
CA ALA A 134 -2.66 -2.08 -12.85
C ALA A 134 -3.62 -3.18 -13.28
N LYS A 135 -4.92 -2.95 -13.03
CA LYS A 135 -5.94 -3.92 -13.39
C LYS A 135 -7.28 -3.22 -13.64
N ASN A 136 -8.22 -3.96 -14.21
CA ASN A 136 -9.54 -3.42 -14.51
C ASN A 136 -10.21 -2.88 -13.24
N LYS A 137 -11.28 -2.11 -13.43
CA LYS A 137 -12.00 -1.53 -12.30
C LYS A 137 -12.52 -2.61 -11.37
N THR A 138 -12.83 -3.78 -11.93
CA THR A 138 -13.35 -4.89 -11.16
C THR A 138 -12.32 -5.36 -10.12
N ALA A 139 -12.52 -4.95 -8.88
CA ALA A 139 -11.61 -5.33 -7.80
C ALA A 139 -11.99 -6.68 -7.20
N GLY A 140 -11.08 -7.64 -7.30
CA GLY A 140 -11.34 -8.97 -6.76
C GLY A 140 -10.94 -9.08 -5.30
N GLU A 141 -11.15 -10.27 -4.73
CA GLU A 141 -10.81 -10.52 -3.34
C GLU A 141 -9.30 -10.51 -3.14
N GLU A 142 -8.57 -10.93 -4.17
CA GLU A 142 -7.11 -10.97 -4.10
C GLU A 142 -6.52 -9.58 -4.35
N GLU A 143 -7.15 -8.82 -5.24
CA GLU A 143 -6.68 -7.48 -5.56
C GLU A 143 -6.68 -6.59 -4.33
N MET A 144 -7.59 -6.87 -3.39
CA MET A 144 -7.69 -6.10 -2.17
C MET A 144 -6.39 -6.15 -1.38
N ILE A 145 -5.94 -5.00 -0.90
CA ILE A 145 -4.71 -4.93 -0.12
C ILE A 145 -4.99 -4.64 1.35
N LYS A 146 -3.93 -4.59 2.15
CA LYS A 146 -4.07 -4.32 3.58
C LYS A 146 -3.13 -3.20 4.02
N ILE A 147 -3.66 -1.99 4.12
CA ILE A 147 -2.87 -0.84 4.52
C ILE A 147 -2.71 -0.79 6.05
N ARG A 148 -1.52 -1.14 6.51
CA ARG A 148 -1.23 -1.14 7.94
C ARG A 148 -0.52 0.14 8.36
N SER A 149 -0.90 0.69 9.50
CA SER A 149 -0.30 1.92 10.01
C SER A 149 0.51 1.65 11.27
N CYS A 150 1.56 2.43 11.48
CA CYS A 150 2.41 2.28 12.65
C CYS A 150 2.64 3.63 13.34
N ALA A 151 1.61 4.47 13.33
CA ALA A 151 1.71 5.79 13.94
C ALA A 151 1.64 5.68 15.47
N GLU A 152 1.92 6.79 16.15
CA GLU A 152 1.89 6.83 17.61
C GLU A 152 0.46 6.89 18.12
N ARG A 153 -0.04 5.75 18.61
CA ARG A 153 -1.40 5.67 19.14
C ARG A 153 -1.44 6.09 20.60
N GLU A 154 -2.64 6.31 21.11
CA GLU A 154 -2.82 6.72 22.51
C GLU A 154 -3.29 5.56 23.35
N THR A 155 -2.53 5.26 24.41
CA THR A 155 -2.87 4.16 25.30
C THR A 155 -4.18 4.43 26.03
N GLY A 1 -26.32 -6.18 5.38
CA GLY A 1 -25.45 -6.21 6.58
C GLY A 1 -24.32 -5.20 6.50
N SER A 2 -23.78 -4.82 7.65
CA SER A 2 -22.69 -3.86 7.71
C SER A 2 -21.37 -4.55 8.03
N SER A 3 -20.31 -4.18 7.32
CA SER A 3 -18.99 -4.76 7.53
C SER A 3 -17.90 -3.75 7.19
N GLY A 4 -17.20 -3.27 8.21
CA GLY A 4 -16.13 -2.32 8.00
C GLY A 4 -14.96 -2.54 8.93
N SER A 5 -15.04 -2.01 10.14
CA SER A 5 -13.97 -2.15 11.11
C SER A 5 -13.79 -3.62 11.50
N SER A 6 -14.78 -4.16 12.19
CA SER A 6 -14.74 -5.56 12.62
C SER A 6 -13.55 -5.81 13.55
N GLY A 7 -13.18 -4.78 14.31
CA GLY A 7 -12.06 -4.91 15.22
C GLY A 7 -10.79 -4.28 14.68
N LEU A 8 -9.65 -4.77 15.14
CA LEU A 8 -8.35 -4.25 14.69
C LEU A 8 -7.29 -5.34 14.72
N ASP A 9 -6.83 -5.73 13.53
CA ASP A 9 -5.80 -6.76 13.43
C ASP A 9 -4.40 -6.17 13.55
N ILE A 10 -3.95 -5.97 14.78
CA ILE A 10 -2.63 -5.41 15.03
C ILE A 10 -1.54 -6.45 14.85
N VAL A 11 -0.64 -6.22 13.91
CA VAL A 11 0.46 -7.14 13.64
C VAL A 11 1.78 -6.58 14.14
N GLY A 12 2.29 -7.14 15.24
CA GLY A 12 3.54 -6.68 15.79
C GLY A 12 3.48 -5.25 16.26
N ILE A 13 3.68 -4.31 15.32
CA ILE A 13 3.64 -2.89 15.64
C ILE A 13 2.96 -2.10 14.53
N TRP A 14 2.00 -2.73 13.86
CA TRP A 14 1.27 -2.08 12.78
C TRP A 14 -0.23 -2.39 12.88
N TRP A 15 -1.02 -1.33 13.07
CA TRP A 15 -2.47 -1.48 13.18
C TRP A 15 -3.17 -1.06 11.89
N THR A 16 -4.02 -1.93 11.38
CA THR A 16 -4.76 -1.65 10.15
C THR A 16 -5.61 -0.40 10.30
N VAL A 17 -5.61 0.45 9.27
CA VAL A 17 -6.40 1.67 9.29
C VAL A 17 -7.87 1.39 9.04
N SER A 18 -8.71 2.39 9.28
CA SER A 18 -10.15 2.25 9.07
C SER A 18 -10.64 3.24 8.02
N ASN A 19 -10.14 4.46 8.09
CA ASN A 19 -10.54 5.50 7.14
C ASN A 19 -9.31 6.26 6.61
N PHE A 20 -9.55 7.16 5.67
CA PHE A 20 -8.47 7.95 5.07
C PHE A 20 -7.74 8.75 6.13
N GLY A 21 -8.50 9.38 7.02
CA GLY A 21 -7.90 10.18 8.09
C GLY A 21 -6.92 9.39 8.93
N GLU A 22 -7.12 8.07 9.00
CA GLU A 22 -6.25 7.21 9.78
C GLU A 22 -4.88 7.08 9.12
N ILE A 23 -4.86 7.01 7.79
CA ILE A 23 -3.61 6.90 7.05
C ILE A 23 -2.86 8.22 7.04
N SER A 24 -1.66 8.22 7.63
CA SER A 24 -0.84 9.42 7.70
C SER A 24 0.56 9.09 8.18
N GLY A 25 1.55 9.28 7.32
CA GLY A 25 2.92 9.01 7.69
C GLY A 25 3.41 7.67 7.16
N THR A 26 4.42 7.11 7.81
CA THR A 26 4.97 5.82 7.39
C THR A 26 3.92 4.73 7.46
N ILE A 27 3.56 4.19 6.30
CA ILE A 27 2.55 3.13 6.22
C ILE A 27 3.09 1.93 5.45
N ALA A 28 2.38 0.81 5.55
CA ALA A 28 2.78 -0.42 4.87
C ALA A 28 1.59 -1.03 4.13
N ILE A 29 1.84 -1.49 2.91
CA ILE A 29 0.81 -2.10 2.09
C ILE A 29 1.01 -3.62 1.98
N GLU A 30 -0.08 -4.37 1.96
CA GLU A 30 -0.02 -5.81 1.86
C GLU A 30 -0.97 -6.33 0.78
N MET A 31 -0.42 -6.92 -0.27
CA MET A 31 -1.21 -7.46 -1.36
C MET A 31 -1.52 -8.94 -1.14
N ASP A 32 -0.50 -9.70 -0.75
CA ASP A 32 -0.67 -11.12 -0.50
C ASP A 32 -0.63 -11.43 0.99
N LYS A 33 -0.96 -12.66 1.34
CA LYS A 33 -0.97 -13.08 2.74
C LYS A 33 0.45 -13.37 3.23
N GLY A 34 1.14 -12.32 3.68
CA GLY A 34 2.50 -12.48 4.17
C GLY A 34 3.51 -11.72 3.32
N ALA A 35 3.22 -11.60 2.03
CA ALA A 35 4.11 -10.89 1.12
C ALA A 35 3.81 -9.39 1.11
N TYR A 36 4.86 -8.59 0.95
CA TYR A 36 4.72 -7.14 0.92
C TYR A 36 5.32 -6.55 -0.34
N ILE A 37 5.06 -5.28 -0.58
CA ILE A 37 5.58 -4.60 -1.77
C ILE A 37 7.06 -4.29 -1.61
N HIS A 38 7.88 -4.93 -2.43
CA HIS A 38 9.33 -4.72 -2.39
C HIS A 38 9.78 -3.80 -3.52
N ALA A 39 10.82 -3.02 -3.26
CA ALA A 39 11.35 -2.09 -4.26
C ALA A 39 12.78 -2.47 -4.64
N LEU A 40 13.09 -2.35 -5.93
CA LEU A 40 14.42 -2.68 -6.43
C LEU A 40 15.26 -1.43 -6.57
N ASP A 41 16.58 -1.60 -6.54
CA ASP A 41 17.51 -0.48 -6.68
C ASP A 41 17.41 0.14 -8.07
N ASN A 42 17.11 -0.70 -9.06
CA ASN A 42 17.00 -0.24 -10.44
C ASN A 42 15.80 0.69 -10.60
N GLY A 43 14.76 0.46 -9.81
CA GLY A 43 13.57 1.28 -9.87
C GLY A 43 12.30 0.45 -9.96
N LEU A 44 12.42 -0.77 -10.47
CA LEU A 44 11.26 -1.66 -10.60
C LEU A 44 10.81 -2.17 -9.24
N PHE A 45 9.65 -2.82 -9.21
CA PHE A 45 9.11 -3.35 -7.97
C PHE A 45 8.62 -4.78 -8.16
N THR A 46 8.74 -5.60 -7.11
CA THR A 46 8.31 -6.99 -7.17
C THR A 46 7.75 -7.43 -5.82
N LEU A 47 6.86 -8.42 -5.86
CA LEU A 47 6.24 -8.94 -4.65
C LEU A 47 7.29 -9.59 -3.75
N GLY A 48 7.60 -8.94 -2.63
CA GLY A 48 8.59 -9.49 -1.71
C GLY A 48 8.19 -10.85 -1.18
N ALA A 49 9.10 -11.46 -0.42
CA ALA A 49 8.84 -12.77 0.16
C ALA A 49 8.24 -12.65 1.56
N PRO A 50 7.41 -13.63 1.97
CA PRO A 50 6.77 -13.62 3.28
C PRO A 50 7.76 -13.86 4.42
N HIS A 51 7.39 -13.43 5.62
CA HIS A 51 8.26 -13.60 6.78
C HIS A 51 7.98 -14.93 7.48
N ARG A 52 8.95 -15.38 8.28
CA ARG A 52 8.81 -16.63 9.01
C ARG A 52 7.67 -16.56 10.02
N GLU A 53 7.81 -15.66 10.99
CA GLU A 53 6.78 -15.49 12.02
C GLU A 53 5.51 -14.89 11.42
N VAL A 54 4.41 -15.04 12.15
CA VAL A 54 3.12 -14.51 11.69
C VAL A 54 2.95 -13.05 12.10
N ASP A 55 3.53 -12.68 13.24
CA ASP A 55 3.44 -11.32 13.74
C ASP A 55 4.79 -10.62 13.64
N GLU A 56 5.05 -10.02 12.48
CA GLU A 56 6.31 -9.30 12.26
C GLU A 56 6.11 -8.13 11.32
N GLY A 57 6.75 -7.01 11.62
CA GLY A 57 6.63 -5.83 10.78
C GLY A 57 7.44 -5.95 9.51
N PRO A 58 7.12 -5.14 8.48
CA PRO A 58 7.84 -5.16 7.21
C PRO A 58 9.25 -4.61 7.32
N SER A 59 9.99 -4.64 6.22
CA SER A 59 11.36 -4.14 6.20
C SER A 59 11.40 -2.69 5.71
N PRO A 60 12.57 -2.04 5.80
CA PRO A 60 12.74 -0.65 5.37
C PRO A 60 12.21 -0.40 3.96
N PRO A 61 12.61 -1.23 2.97
CA PRO A 61 12.16 -1.07 1.59
C PRO A 61 10.66 -1.32 1.43
N GLU A 62 10.10 -2.10 2.35
CA GLU A 62 8.67 -2.41 2.32
C GLU A 62 7.85 -1.28 2.93
N GLN A 63 8.44 -0.58 3.89
CA GLN A 63 7.77 0.53 4.55
C GLN A 63 7.75 1.76 3.66
N PHE A 64 6.55 2.28 3.38
CA PHE A 64 6.40 3.46 2.54
C PHE A 64 5.94 4.66 3.36
N THR A 65 6.12 5.85 2.80
CA THR A 65 5.74 7.08 3.49
C THR A 65 4.54 7.74 2.79
N ALA A 66 3.43 7.86 3.51
CA ALA A 66 2.23 8.47 2.95
C ALA A 66 2.21 9.97 3.22
N VAL A 67 1.85 10.75 2.20
CA VAL A 67 1.78 12.20 2.32
C VAL A 67 0.43 12.73 1.86
N LYS A 68 -0.25 13.45 2.74
CA LYS A 68 -1.56 14.02 2.42
C LYS A 68 -1.41 15.18 1.43
N LEU A 69 -2.39 15.29 0.53
CA LEU A 69 -2.37 16.36 -0.47
C LEU A 69 -3.72 17.05 -0.56
N SER A 70 -4.69 16.36 -1.15
CA SER A 70 -6.04 16.91 -1.30
C SER A 70 -6.95 15.92 -2.01
N ASP A 71 -8.26 16.08 -1.81
CA ASP A 71 -9.25 15.20 -2.43
C ASP A 71 -9.01 13.75 -2.03
N SER A 72 -8.51 13.54 -0.81
CA SER A 72 -8.23 12.21 -0.30
C SER A 72 -7.19 11.50 -1.17
N ARG A 73 -6.25 12.27 -1.69
CA ARG A 73 -5.19 11.71 -2.53
C ARG A 73 -3.83 11.82 -1.84
N ILE A 74 -3.36 10.69 -1.31
CA ILE A 74 -2.08 10.66 -0.63
C ILE A 74 -0.97 10.20 -1.57
N ALA A 75 0.26 10.63 -1.27
CA ALA A 75 1.41 10.26 -2.08
C ALA A 75 2.31 9.26 -1.35
N LEU A 76 2.59 8.15 -2.01
CA LEU A 76 3.44 7.11 -1.43
C LEU A 76 4.91 7.36 -1.75
N LYS A 77 5.79 6.68 -1.02
CA LYS A 77 7.23 6.82 -1.23
C LYS A 77 7.98 5.59 -0.72
N SER A 78 8.77 4.98 -1.59
CA SER A 78 9.54 3.80 -1.23
C SER A 78 10.63 4.15 -0.22
N GLY A 79 10.93 3.20 0.66
CA GLY A 79 11.96 3.43 1.67
C GLY A 79 13.31 3.74 1.06
N TYR A 80 13.55 3.22 -0.14
CA TYR A 80 14.82 3.45 -0.82
C TYR A 80 15.04 4.93 -1.07
N GLY A 81 13.97 5.64 -1.41
CA GLY A 81 14.07 7.06 -1.67
C GLY A 81 13.48 7.46 -3.00
N LYS A 82 12.29 6.94 -3.30
CA LYS A 82 11.61 7.24 -4.56
C LYS A 82 10.10 7.22 -4.38
N TYR A 83 9.41 8.03 -5.18
CA TYR A 83 7.96 8.11 -5.11
C TYR A 83 7.31 7.08 -6.03
N LEU A 84 6.25 6.45 -5.55
CA LEU A 84 5.53 5.45 -6.34
C LEU A 84 4.65 6.11 -7.38
N GLY A 85 5.00 5.93 -8.65
CA GLY A 85 4.21 6.52 -9.72
C GLY A 85 3.96 5.54 -10.85
N ILE A 86 2.69 5.38 -11.22
CA ILE A 86 2.31 4.47 -12.29
C ILE A 86 2.78 4.99 -13.64
N ASN A 87 3.04 4.07 -14.57
CA ASN A 87 3.50 4.44 -15.91
C ASN A 87 2.31 4.70 -16.83
N SER A 88 2.58 5.31 -17.99
CA SER A 88 1.53 5.62 -18.95
C SER A 88 0.85 4.34 -19.45
N ASP A 89 1.62 3.26 -19.51
CA ASP A 89 1.10 1.98 -19.97
C ASP A 89 0.19 1.36 -18.91
N GLY A 90 0.47 1.64 -17.65
CA GLY A 90 -0.34 1.10 -16.56
C GLY A 90 0.46 0.21 -15.64
N LEU A 91 1.73 0.53 -15.44
CA LEU A 91 2.59 -0.25 -14.57
C LEU A 91 3.00 0.55 -13.33
N VAL A 92 3.09 -0.12 -12.20
CA VAL A 92 3.48 0.52 -10.95
C VAL A 92 5.00 0.55 -10.79
N VAL A 93 5.56 1.74 -10.67
CA VAL A 93 6.99 1.91 -10.51
C VAL A 93 7.32 2.99 -9.49
N GLY A 94 8.61 3.21 -9.27
CA GLY A 94 9.03 4.22 -8.31
C GLY A 94 10.41 4.75 -8.61
N ARG A 95 10.48 5.76 -9.48
CA ARG A 95 11.76 6.36 -9.84
C ARG A 95 11.56 7.79 -10.35
N SER A 96 10.55 8.46 -9.81
CA SER A 96 10.24 9.83 -10.21
C SER A 96 10.67 10.82 -9.13
N ASP A 97 10.47 10.44 -7.87
CA ASP A 97 10.83 11.29 -6.75
C ASP A 97 10.06 12.61 -6.80
N ALA A 98 8.85 12.57 -7.33
CA ALA A 98 8.02 13.76 -7.44
C ALA A 98 6.54 13.42 -7.25
N ILE A 99 5.81 14.32 -6.60
CA ILE A 99 4.39 14.12 -6.35
C ILE A 99 3.56 14.55 -7.55
N GLY A 100 3.53 13.71 -8.59
CA GLY A 100 2.77 14.03 -9.78
C GLY A 100 1.43 13.32 -9.82
N PRO A 101 0.58 13.64 -10.81
CA PRO A 101 -0.74 13.01 -10.94
C PRO A 101 -0.68 11.49 -10.91
N ARG A 102 0.38 10.94 -11.51
CA ARG A 102 0.55 9.49 -11.55
C ARG A 102 0.93 8.95 -10.18
N GLU A 103 1.71 9.73 -9.43
CA GLU A 103 2.14 9.32 -8.10
C GLU A 103 0.99 9.37 -7.11
N GLN A 104 -0.03 10.18 -7.41
CA GLN A 104 -1.19 10.30 -6.54
C GLN A 104 -1.86 8.95 -6.32
N TRP A 105 -2.48 8.79 -5.15
CA TRP A 105 -3.17 7.54 -4.82
C TRP A 105 -4.50 7.83 -4.13
N GLU A 106 -5.54 7.11 -4.54
CA GLU A 106 -6.87 7.28 -3.97
C GLU A 106 -7.41 5.96 -3.44
N PRO A 107 -7.24 5.68 -2.14
CA PRO A 107 -7.72 4.45 -1.52
C PRO A 107 -9.24 4.39 -1.44
N VAL A 108 -9.80 3.20 -1.60
CA VAL A 108 -11.24 3.01 -1.56
C VAL A 108 -11.62 1.86 -0.63
N PHE A 109 -12.58 2.11 0.25
CA PHE A 109 -13.04 1.10 1.20
C PHE A 109 -14.45 0.64 0.86
N GLN A 110 -14.60 -0.66 0.60
CA GLN A 110 -15.90 -1.23 0.27
C GLN A 110 -16.01 -2.68 0.72
N ASP A 111 -17.12 -3.01 1.35
CA ASP A 111 -17.34 -4.37 1.84
C ASP A 111 -16.26 -4.78 2.85
N GLY A 112 -16.00 -3.90 3.80
CA GLY A 112 -14.98 -4.18 4.81
C GLY A 112 -13.62 -4.46 4.20
N LYS A 113 -13.39 -3.93 3.00
CA LYS A 113 -12.11 -4.13 2.32
C LYS A 113 -11.50 -2.79 1.91
N MET A 114 -10.30 -2.85 1.33
CA MET A 114 -9.61 -1.65 0.89
C MET A 114 -8.68 -1.96 -0.27
N ALA A 115 -8.79 -1.18 -1.34
CA ALA A 115 -7.94 -1.37 -2.52
C ALA A 115 -7.45 -0.03 -3.06
N LEU A 116 -6.13 0.10 -3.17
CA LEU A 116 -5.53 1.33 -3.67
C LEU A 116 -5.85 1.54 -5.14
N LEU A 117 -6.30 2.75 -5.48
CA LEU A 117 -6.64 3.07 -6.86
C LEU A 117 -5.56 3.91 -7.52
N ALA A 118 -5.10 3.48 -8.69
CA ALA A 118 -4.06 4.19 -9.41
C ALA A 118 -4.64 5.40 -10.14
N SER A 119 -3.75 6.30 -10.55
CA SER A 119 -4.17 7.50 -11.26
C SER A 119 -4.93 7.16 -12.53
N ASN A 120 -4.74 5.94 -13.02
CA ASN A 120 -5.40 5.48 -14.24
C ASN A 120 -6.66 4.68 -13.90
N SER A 121 -7.22 4.93 -12.72
CA SER A 121 -8.43 4.23 -12.29
C SER A 121 -8.25 2.72 -12.35
N CYS A 122 -7.08 2.25 -11.93
CA CYS A 122 -6.77 0.83 -11.94
C CYS A 122 -6.18 0.38 -10.60
N PHE A 123 -6.88 -0.51 -9.92
CA PHE A 123 -6.42 -1.02 -8.63
C PHE A 123 -5.07 -1.71 -8.77
N ILE A 124 -4.19 -1.48 -7.80
CA ILE A 124 -2.87 -2.08 -7.81
C ILE A 124 -2.93 -3.58 -7.52
N ARG A 125 -1.89 -4.30 -7.91
CA ARG A 125 -1.83 -5.74 -7.71
C ARG A 125 -0.45 -6.29 -8.07
N CYS A 126 -0.11 -7.43 -7.48
CA CYS A 126 1.18 -8.06 -7.75
C CYS A 126 1.01 -9.32 -8.60
N ASN A 127 1.76 -9.40 -9.68
CA ASN A 127 1.69 -10.56 -10.57
C ASN A 127 2.37 -11.77 -9.94
N GLU A 128 2.27 -12.92 -10.61
CA GLU A 128 2.86 -14.15 -10.12
C GLU A 128 4.32 -14.26 -10.55
N ALA A 129 4.63 -13.70 -11.71
CA ALA A 129 5.99 -13.73 -12.24
C ALA A 129 6.90 -12.78 -11.47
N GLY A 130 6.40 -11.58 -11.21
CA GLY A 130 7.17 -10.59 -10.48
C GLY A 130 7.06 -9.20 -11.09
N ASP A 131 5.84 -8.79 -11.41
CA ASP A 131 5.60 -7.48 -12.01
C ASP A 131 4.39 -6.81 -11.38
N ILE A 132 4.64 -5.90 -10.44
CA ILE A 132 3.57 -5.18 -9.75
C ILE A 132 2.94 -4.14 -10.67
N GLU A 133 1.80 -4.49 -11.26
CA GLU A 133 1.10 -3.58 -12.15
C GLU A 133 -0.32 -3.30 -11.65
N ALA A 134 -0.99 -2.36 -12.30
CA ALA A 134 -2.35 -2.00 -11.92
C ALA A 134 -3.39 -2.83 -12.69
N LYS A 135 -4.12 -3.66 -11.97
CA LYS A 135 -5.14 -4.51 -12.58
C LYS A 135 -6.31 -3.67 -13.10
N ASN A 136 -7.22 -4.30 -13.83
CA ASN A 136 -8.38 -3.61 -14.37
C ASN A 136 -9.23 -3.02 -13.26
N LYS A 137 -10.32 -2.36 -13.63
CA LYS A 137 -11.22 -1.74 -12.66
C LYS A 137 -11.81 -2.80 -11.73
N THR A 138 -11.98 -4.01 -12.25
CA THR A 138 -12.53 -5.11 -11.46
C THR A 138 -11.60 -5.47 -10.31
N ALA A 139 -12.08 -5.30 -9.08
CA ALA A 139 -11.29 -5.61 -7.89
C ALA A 139 -11.70 -6.95 -7.30
N GLY A 140 -10.87 -7.97 -7.53
CA GLY A 140 -11.16 -9.30 -7.02
C GLY A 140 -10.95 -9.39 -5.52
N GLU A 141 -11.19 -10.58 -4.98
CA GLU A 141 -11.03 -10.80 -3.54
C GLU A 141 -9.55 -10.72 -3.14
N GLU A 142 -8.68 -11.13 -4.05
CA GLU A 142 -7.24 -11.11 -3.80
C GLU A 142 -6.65 -9.75 -4.16
N GLU A 143 -7.27 -9.07 -5.11
CA GLU A 143 -6.80 -7.76 -5.53
C GLU A 143 -6.77 -6.77 -4.37
N MET A 144 -7.67 -6.97 -3.41
CA MET A 144 -7.75 -6.12 -2.23
C MET A 144 -6.44 -6.13 -1.46
N ILE A 145 -6.17 -5.06 -0.73
CA ILE A 145 -4.95 -4.94 0.07
C ILE A 145 -5.25 -4.53 1.50
N LYS A 146 -4.33 -4.83 2.40
CA LYS A 146 -4.50 -4.49 3.81
C LYS A 146 -3.50 -3.43 4.24
N ILE A 147 -3.86 -2.16 4.05
CA ILE A 147 -3.00 -1.06 4.41
C ILE A 147 -2.98 -0.85 5.93
N ARG A 148 -1.78 -0.75 6.49
CA ARG A 148 -1.63 -0.55 7.93
C ARG A 148 -0.78 0.69 8.22
N SER A 149 -0.65 1.02 9.49
CA SER A 149 0.14 2.18 9.90
C SER A 149 0.84 1.92 11.23
N CYS A 150 1.92 2.65 11.47
CA CYS A 150 2.68 2.50 12.70
C CYS A 150 2.74 3.81 13.48
N ALA A 151 1.68 4.61 13.36
CA ALA A 151 1.60 5.88 14.06
C ALA A 151 1.12 5.71 15.49
N GLU A 152 1.01 6.82 16.22
CA GLU A 152 0.55 6.79 17.60
C GLU A 152 -0.88 6.28 17.69
N ARG A 153 -1.12 5.35 18.62
CA ARG A 153 -2.44 4.79 18.81
C ARG A 153 -3.26 5.63 19.77
N GLU A 154 -4.54 5.84 19.43
CA GLU A 154 -5.43 6.64 20.28
C GLU A 154 -6.48 5.76 20.93
N THR A 155 -6.45 5.70 22.27
CA THR A 155 -7.40 4.90 23.02
C THR A 155 -7.51 5.38 24.45
N GLY A 1 -17.96 -4.56 25.33
CA GLY A 1 -17.13 -4.72 24.11
C GLY A 1 -17.63 -3.87 22.95
N SER A 2 -17.55 -2.55 23.10
CA SER A 2 -18.00 -1.64 22.07
C SER A 2 -16.84 -0.82 21.52
N SER A 3 -16.58 -0.96 20.21
CA SER A 3 -15.49 -0.25 19.57
C SER A 3 -15.98 0.46 18.31
N GLY A 4 -16.57 -0.32 17.39
CA GLY A 4 -17.08 0.26 16.15
C GLY A 4 -16.09 0.12 15.02
N SER A 5 -15.64 -1.11 14.76
CA SER A 5 -14.68 -1.36 13.68
C SER A 5 -15.17 -2.50 12.79
N SER A 6 -14.55 -2.63 11.62
CA SER A 6 -14.92 -3.69 10.68
C SER A 6 -13.92 -4.84 10.73
N GLY A 7 -12.68 -4.57 10.35
CA GLY A 7 -11.66 -5.59 10.37
C GLY A 7 -10.28 -5.03 10.70
N LEU A 8 -10.16 -4.44 11.89
CA LEU A 8 -8.90 -3.87 12.33
C LEU A 8 -7.91 -4.96 12.73
N ASP A 9 -6.70 -4.89 12.18
CA ASP A 9 -5.67 -5.87 12.48
C ASP A 9 -4.42 -5.20 13.04
N ILE A 10 -4.15 -5.43 14.33
CA ILE A 10 -3.00 -4.84 14.98
C ILE A 10 -1.86 -5.87 15.12
N VAL A 11 -0.77 -5.64 14.41
CA VAL A 11 0.37 -6.54 14.45
C VAL A 11 1.60 -5.85 15.05
N GLY A 12 1.79 -6.01 16.34
CA GLY A 12 2.92 -5.39 17.01
C GLY A 12 2.82 -3.88 17.05
N ILE A 13 3.08 -3.24 15.92
CA ILE A 13 3.02 -1.79 15.83
C ILE A 13 2.41 -1.35 14.50
N TRP A 14 1.51 -2.16 13.97
CA TRP A 14 0.85 -1.86 12.70
C TRP A 14 -0.65 -2.14 12.79
N TRP A 15 -1.46 -1.09 12.68
CA TRP A 15 -2.90 -1.23 12.75
C TRP A 15 -3.55 -0.86 11.41
N THR A 16 -4.47 -1.69 10.96
CA THR A 16 -5.16 -1.46 9.70
C THR A 16 -6.03 -0.21 9.78
N VAL A 17 -6.11 0.53 8.67
CA VAL A 17 -6.90 1.74 8.62
C VAL A 17 -8.33 1.45 8.16
N SER A 18 -9.25 2.35 8.49
CA SER A 18 -10.65 2.19 8.12
C SER A 18 -11.08 3.26 7.12
N ASN A 19 -10.55 4.46 7.30
CA ASN A 19 -10.88 5.57 6.41
C ASN A 19 -9.62 6.30 5.94
N PHE A 20 -9.79 7.25 5.03
CA PHE A 20 -8.67 8.01 4.50
C PHE A 20 -7.94 8.75 5.62
N GLY A 21 -8.70 9.39 6.50
CA GLY A 21 -8.11 10.13 7.60
C GLY A 21 -7.19 9.27 8.45
N GLU A 22 -7.45 7.97 8.47
CA GLU A 22 -6.63 7.04 9.25
C GLU A 22 -5.26 6.85 8.60
N ILE A 23 -5.21 6.93 7.27
CA ILE A 23 -3.97 6.75 6.55
C ILE A 23 -3.08 7.98 6.66
N SER A 24 -1.87 7.78 7.17
CA SER A 24 -0.92 8.88 7.34
C SER A 24 0.42 8.36 7.87
N GLY A 25 1.49 9.09 7.56
CA GLY A 25 2.81 8.69 8.01
C GLY A 25 3.27 7.40 7.37
N THR A 26 4.30 6.79 7.96
CA THR A 26 4.84 5.54 7.44
C THR A 26 3.79 4.44 7.46
N ILE A 27 3.53 3.86 6.29
CA ILE A 27 2.53 2.80 6.16
C ILE A 27 3.06 1.66 5.31
N ALA A 28 2.51 0.46 5.52
CA ALA A 28 2.91 -0.71 4.76
C ALA A 28 1.72 -1.35 4.05
N ILE A 29 1.92 -1.72 2.78
CA ILE A 29 0.87 -2.34 2.00
C ILE A 29 1.11 -3.84 1.83
N GLU A 30 0.04 -4.62 1.90
CA GLU A 30 0.14 -6.07 1.76
C GLU A 30 -0.79 -6.57 0.66
N MET A 31 -0.19 -7.05 -0.43
CA MET A 31 -0.97 -7.57 -1.55
C MET A 31 -1.24 -9.06 -1.40
N ASP A 32 -0.24 -9.78 -0.91
CA ASP A 32 -0.38 -11.23 -0.70
C ASP A 32 -0.50 -11.56 0.78
N LYS A 33 -0.84 -12.81 1.07
CA LYS A 33 -1.00 -13.25 2.45
C LYS A 33 0.36 -13.50 3.09
N GLY A 34 0.97 -12.44 3.62
CA GLY A 34 2.26 -12.57 4.26
C GLY A 34 3.34 -11.80 3.53
N ALA A 35 3.28 -11.79 2.20
CA ALA A 35 4.26 -11.09 1.39
C ALA A 35 3.94 -9.60 1.31
N TYR A 36 4.92 -8.81 0.89
CA TYR A 36 4.74 -7.36 0.78
C TYR A 36 5.41 -6.84 -0.49
N ILE A 37 5.11 -5.58 -0.83
CA ILE A 37 5.67 -4.96 -2.02
C ILE A 37 7.15 -4.63 -1.81
N HIS A 38 8.02 -5.41 -2.44
CA HIS A 38 9.46 -5.20 -2.32
C HIS A 38 9.97 -4.31 -3.44
N ALA A 39 10.41 -3.10 -3.08
CA ALA A 39 10.92 -2.15 -4.06
C ALA A 39 12.30 -2.57 -4.56
N LEU A 40 12.83 -1.82 -5.52
CA LEU A 40 14.14 -2.11 -6.09
C LEU A 40 14.92 -0.83 -6.34
N ASP A 41 16.25 -0.95 -6.36
CA ASP A 41 17.11 0.21 -6.59
C ASP A 41 17.07 0.63 -8.05
N ASN A 42 16.99 -0.36 -8.95
CA ASN A 42 16.94 -0.09 -10.38
C ASN A 42 15.76 0.80 -10.74
N GLY A 43 14.71 0.74 -9.92
CA GLY A 43 13.53 1.55 -10.17
C GLY A 43 12.31 0.71 -10.49
N LEU A 44 12.30 -0.54 -10.03
CA LEU A 44 11.19 -1.44 -10.27
C LEU A 44 10.60 -1.93 -8.94
N PHE A 45 9.57 -2.77 -9.04
CA PHE A 45 8.91 -3.30 -7.85
C PHE A 45 8.51 -4.77 -8.06
N THR A 46 8.93 -5.63 -7.14
CA THR A 46 8.62 -7.04 -7.22
C THR A 46 7.93 -7.52 -5.94
N LEU A 47 7.22 -8.64 -6.03
CA LEU A 47 6.52 -9.20 -4.89
C LEU A 47 7.49 -9.94 -3.97
N GLY A 48 7.82 -9.33 -2.84
CA GLY A 48 8.72 -9.94 -1.89
C GLY A 48 8.18 -11.24 -1.33
N ALA A 49 8.99 -11.93 -0.54
CA ALA A 49 8.58 -13.19 0.05
C ALA A 49 7.84 -12.96 1.37
N PRO A 50 6.89 -13.86 1.70
CA PRO A 50 6.11 -13.75 2.94
C PRO A 50 6.94 -14.04 4.18
N HIS A 51 6.40 -13.68 5.34
CA HIS A 51 7.10 -13.91 6.60
C HIS A 51 6.65 -15.21 7.24
N ARG A 52 7.47 -15.73 8.16
CA ARG A 52 7.16 -16.98 8.84
C ARG A 52 6.39 -16.73 10.13
N GLU A 53 6.80 -15.70 10.87
CA GLU A 53 6.15 -15.35 12.13
C GLU A 53 4.90 -14.51 11.87
N VAL A 54 3.93 -14.62 12.77
CA VAL A 54 2.67 -13.88 12.64
C VAL A 54 2.87 -12.42 13.02
N ASP A 55 3.21 -12.18 14.29
CA ASP A 55 3.42 -10.82 14.78
C ASP A 55 4.81 -10.33 14.41
N GLU A 56 4.96 -9.89 13.17
CA GLU A 56 6.24 -9.38 12.69
C GLU A 56 6.07 -8.07 11.93
N GLY A 57 7.15 -7.29 11.83
CA GLY A 57 7.08 -6.02 11.14
C GLY A 57 7.70 -6.09 9.76
N PRO A 58 7.24 -5.26 8.81
CA PRO A 58 7.76 -5.24 7.45
C PRO A 58 9.16 -4.65 7.37
N SER A 59 9.89 -4.98 6.31
CA SER A 59 11.24 -4.48 6.11
C SER A 59 11.22 -3.06 5.55
N PRO A 60 12.35 -2.34 5.63
CA PRO A 60 12.44 -0.96 5.13
C PRO A 60 12.01 -0.83 3.67
N PRO A 61 12.46 -1.74 2.79
CA PRO A 61 12.10 -1.72 1.37
C PRO A 61 10.59 -1.82 1.16
N GLU A 62 9.93 -2.59 2.03
CA GLU A 62 8.49 -2.77 1.93
C GLU A 62 7.75 -1.62 2.60
N GLN A 63 8.37 -1.03 3.62
CA GLN A 63 7.77 0.08 4.35
C GLN A 63 7.73 1.33 3.49
N PHE A 64 6.52 1.82 3.21
CA PHE A 64 6.36 3.02 2.39
C PHE A 64 6.05 4.23 3.26
N THR A 65 6.00 5.40 2.64
CA THR A 65 5.72 6.64 3.36
C THR A 65 4.56 7.40 2.72
N ALA A 66 3.49 7.58 3.49
CA ALA A 66 2.31 8.28 3.00
C ALA A 66 2.48 9.79 3.14
N VAL A 67 1.70 10.53 2.35
CA VAL A 67 1.77 11.99 2.38
C VAL A 67 0.42 12.60 1.98
N LYS A 68 -0.27 13.19 2.96
CA LYS A 68 -1.56 13.82 2.71
C LYS A 68 -1.42 14.98 1.73
N LEU A 69 -1.95 14.79 0.52
CA LEU A 69 -1.88 15.83 -0.50
C LEU A 69 -3.12 16.73 -0.45
N SER A 70 -4.22 16.24 -1.02
CA SER A 70 -5.47 17.00 -1.05
C SER A 70 -6.57 16.22 -1.76
N ASP A 71 -7.82 16.53 -1.44
CA ASP A 71 -8.95 15.85 -2.04
C ASP A 71 -8.90 14.34 -1.79
N SER A 72 -8.54 13.97 -0.56
CA SER A 72 -8.46 12.57 -0.19
C SER A 72 -7.41 11.84 -1.03
N ARG A 73 -6.28 12.52 -1.27
CA ARG A 73 -5.20 11.94 -2.05
C ARG A 73 -3.90 11.90 -1.26
N ILE A 74 -3.27 10.74 -1.23
CA ILE A 74 -2.01 10.57 -0.50
C ILE A 74 -0.89 10.14 -1.44
N ALA A 75 0.33 10.61 -1.16
CA ALA A 75 1.49 10.28 -1.97
C ALA A 75 2.35 9.22 -1.29
N LEU A 76 2.60 8.12 -1.99
CA LEU A 76 3.41 7.04 -1.45
C LEU A 76 4.88 7.25 -1.77
N LYS A 77 5.76 6.71 -0.92
CA LYS A 77 7.19 6.85 -1.12
C LYS A 77 7.91 5.59 -0.66
N SER A 78 8.62 4.94 -1.58
CA SER A 78 9.36 3.72 -1.27
C SER A 78 10.42 3.99 -0.21
N GLY A 79 10.87 2.93 0.45
CA GLY A 79 11.87 3.07 1.49
C GLY A 79 13.20 3.58 0.95
N TYR A 80 13.51 3.20 -0.30
CA TYR A 80 14.75 3.62 -0.93
C TYR A 80 14.82 5.14 -1.05
N GLY A 81 13.68 5.75 -1.37
CA GLY A 81 13.62 7.20 -1.51
C GLY A 81 13.08 7.62 -2.85
N LYS A 82 12.04 6.94 -3.31
CA LYS A 82 11.42 7.26 -4.59
C LYS A 82 9.90 7.22 -4.49
N TYR A 83 9.24 8.21 -5.09
CA TYR A 83 7.79 8.29 -5.06
C TYR A 83 7.16 7.30 -6.03
N LEU A 84 6.13 6.60 -5.57
CA LEU A 84 5.45 5.61 -6.40
C LEU A 84 4.69 6.29 -7.54
N GLY A 85 5.10 6.00 -8.77
CA GLY A 85 4.45 6.59 -9.92
C GLY A 85 4.08 5.56 -10.98
N ILE A 86 2.80 5.44 -11.26
CA ILE A 86 2.32 4.48 -12.26
C ILE A 86 2.64 4.96 -13.67
N ASN A 87 2.85 4.00 -14.58
CA ASN A 87 3.16 4.32 -15.97
C ASN A 87 1.89 4.39 -16.80
N SER A 88 2.02 4.91 -18.02
CA SER A 88 0.88 5.04 -18.93
C SER A 88 0.47 3.68 -19.48
N ASP A 89 1.45 2.79 -19.65
CA ASP A 89 1.19 1.45 -20.18
C ASP A 89 0.36 0.64 -19.19
N GLY A 90 0.67 0.77 -17.92
CA GLY A 90 -0.06 0.03 -16.90
C GLY A 90 0.85 -0.76 -15.97
N LEU A 91 1.70 -0.04 -15.24
CA LEU A 91 2.63 -0.68 -14.31
C LEU A 91 2.98 0.26 -13.17
N VAL A 92 3.28 -0.33 -12.01
CA VAL A 92 3.63 0.45 -10.83
C VAL A 92 5.15 0.52 -10.65
N VAL A 93 5.73 1.66 -10.99
CA VAL A 93 7.17 1.86 -10.86
C VAL A 93 7.49 3.09 -10.03
N GLY A 94 8.69 3.11 -9.46
CA GLY A 94 9.10 4.24 -8.64
C GLY A 94 10.34 4.91 -9.17
N ARG A 95 10.17 6.08 -9.79
CA ARG A 95 11.28 6.83 -10.34
C ARG A 95 10.84 8.23 -10.76
N SER A 96 10.95 9.18 -9.86
CA SER A 96 10.56 10.56 -10.13
C SER A 96 11.01 11.50 -9.02
N ASP A 97 10.86 11.05 -7.77
CA ASP A 97 11.25 11.85 -6.62
C ASP A 97 10.43 13.13 -6.54
N ALA A 98 9.18 13.06 -6.97
CA ALA A 98 8.28 14.21 -6.95
C ALA A 98 6.82 13.78 -6.95
N ILE A 99 6.00 14.53 -6.23
CA ILE A 99 4.57 14.22 -6.15
C ILE A 99 3.84 14.66 -7.42
N GLY A 100 3.93 13.85 -8.47
CA GLY A 100 3.28 14.17 -9.71
C GLY A 100 1.87 13.62 -9.79
N PRO A 101 1.14 13.89 -10.88
CA PRO A 101 -0.23 13.42 -11.06
C PRO A 101 -0.36 11.91 -10.88
N ARG A 102 0.35 11.16 -11.73
CA ARG A 102 0.33 9.70 -11.67
C ARG A 102 0.77 9.21 -10.28
N GLU A 103 1.66 9.97 -9.65
CA GLU A 103 2.17 9.61 -8.33
C GLU A 103 1.05 9.62 -7.29
N GLN A 104 0.04 10.45 -7.53
CA GLN A 104 -1.10 10.55 -6.62
C GLN A 104 -1.79 9.21 -6.45
N TRP A 105 -2.42 9.01 -5.29
CA TRP A 105 -3.13 7.77 -5.01
C TRP A 105 -4.47 8.05 -4.35
N GLU A 106 -5.47 7.21 -4.66
CA GLU A 106 -6.81 7.38 -4.10
C GLU A 106 -7.33 6.05 -3.56
N PRO A 107 -7.07 5.75 -2.27
CA PRO A 107 -7.53 4.51 -1.64
C PRO A 107 -9.04 4.48 -1.46
N VAL A 108 -9.60 3.27 -1.40
CA VAL A 108 -11.04 3.10 -1.24
C VAL A 108 -11.35 1.94 -0.30
N PHE A 109 -12.55 1.96 0.27
CA PHE A 109 -12.97 0.91 1.20
C PHE A 109 -14.35 0.38 0.81
N GLN A 110 -14.47 -0.94 0.70
CA GLN A 110 -15.73 -1.56 0.34
C GLN A 110 -15.92 -2.88 1.10
N ASP A 111 -17.08 -3.02 1.74
CA ASP A 111 -17.39 -4.22 2.50
C ASP A 111 -16.36 -4.45 3.61
N GLY A 112 -15.74 -3.36 4.08
CA GLY A 112 -14.75 -3.47 5.14
C GLY A 112 -13.33 -3.53 4.60
N LYS A 113 -13.18 -4.09 3.40
CA LYS A 113 -11.87 -4.21 2.79
C LYS A 113 -11.36 -2.85 2.32
N MET A 114 -10.15 -2.83 1.77
CA MET A 114 -9.56 -1.59 1.30
C MET A 114 -8.66 -1.85 0.08
N ALA A 115 -8.68 -0.93 -0.88
CA ALA A 115 -7.87 -1.06 -2.07
C ALA A 115 -7.22 0.26 -2.45
N LEU A 116 -5.99 0.19 -2.96
CA LEU A 116 -5.25 1.38 -3.36
C LEU A 116 -5.40 1.65 -4.84
N LEU A 117 -6.42 2.42 -5.21
CA LEU A 117 -6.67 2.75 -6.61
C LEU A 117 -5.62 3.72 -7.14
N ALA A 118 -5.06 3.38 -8.30
CA ALA A 118 -4.03 4.22 -8.93
C ALA A 118 -4.65 5.46 -9.57
N SER A 119 -3.80 6.39 -9.97
CA SER A 119 -4.26 7.62 -10.61
C SER A 119 -4.91 7.33 -11.96
N ASN A 120 -4.71 6.12 -12.47
CA ASN A 120 -5.26 5.73 -13.76
C ASN A 120 -6.61 5.02 -13.57
N SER A 121 -7.25 5.24 -12.43
CA SER A 121 -8.54 4.62 -12.15
C SER A 121 -8.45 3.09 -12.25
N CYS A 122 -7.50 2.51 -11.52
CA CYS A 122 -7.31 1.07 -11.53
C CYS A 122 -6.62 0.60 -10.26
N PHE A 123 -7.10 -0.49 -9.68
CA PHE A 123 -6.52 -1.03 -8.46
C PHE A 123 -5.11 -1.57 -8.72
N ILE A 124 -4.39 -1.87 -7.65
CA ILE A 124 -3.03 -2.40 -7.77
C ILE A 124 -3.04 -3.93 -7.75
N ARG A 125 -1.96 -4.52 -8.26
CA ARG A 125 -1.83 -5.97 -8.30
C ARG A 125 -0.38 -6.38 -8.59
N CYS A 126 -0.07 -7.63 -8.28
CA CYS A 126 1.29 -8.14 -8.49
C CYS A 126 1.29 -9.20 -9.60
N ASN A 127 2.49 -9.64 -9.98
CA ASN A 127 2.63 -10.65 -11.02
C ASN A 127 3.50 -11.80 -10.55
N GLU A 128 3.39 -12.94 -11.23
CA GLU A 128 4.16 -14.13 -10.87
C GLU A 128 5.65 -13.90 -11.14
N ALA A 129 5.95 -13.20 -12.23
CA ALA A 129 7.33 -12.92 -12.59
C ALA A 129 7.97 -11.92 -11.63
N GLY A 130 7.16 -10.97 -11.15
CA GLY A 130 7.66 -9.98 -10.22
C GLY A 130 7.47 -8.56 -10.74
N ASP A 131 6.34 -8.31 -11.40
CA ASP A 131 6.05 -7.00 -11.95
C ASP A 131 4.73 -6.46 -11.40
N ILE A 132 4.82 -5.55 -10.43
CA ILE A 132 3.63 -4.96 -9.82
C ILE A 132 2.93 -4.03 -10.81
N GLU A 133 1.74 -4.44 -11.25
CA GLU A 133 0.97 -3.65 -12.19
C GLU A 133 -0.39 -3.28 -11.60
N ALA A 134 -1.19 -2.54 -12.37
CA ALA A 134 -2.51 -2.12 -11.91
C ALA A 134 -3.61 -2.91 -12.62
N LYS A 135 -4.45 -3.57 -11.83
CA LYS A 135 -5.54 -4.37 -12.38
C LYS A 135 -6.69 -3.47 -12.83
N ASN A 136 -7.66 -4.06 -13.54
CA ASN A 136 -8.80 -3.32 -14.04
C ASN A 136 -9.58 -2.68 -12.88
N LYS A 137 -10.61 -1.93 -13.22
CA LYS A 137 -11.44 -1.27 -12.21
C LYS A 137 -12.12 -2.29 -11.31
N THR A 138 -12.45 -3.45 -11.88
CA THR A 138 -13.10 -4.52 -11.13
C THR A 138 -12.27 -4.94 -9.93
N ALA A 139 -12.91 -5.04 -8.77
CA ALA A 139 -12.23 -5.43 -7.56
C ALA A 139 -12.71 -6.80 -7.07
N GLY A 140 -11.87 -7.49 -6.31
CA GLY A 140 -12.23 -8.80 -5.80
C GLY A 140 -11.68 -9.05 -4.41
N GLU A 141 -12.09 -10.17 -3.81
CA GLU A 141 -11.64 -10.52 -2.48
C GLU A 141 -10.11 -10.64 -2.42
N GLU A 142 -9.52 -11.05 -3.54
CA GLU A 142 -8.08 -11.20 -3.62
C GLU A 142 -7.41 -9.89 -4.00
N GLU A 143 -8.12 -9.07 -4.78
CA GLU A 143 -7.60 -7.78 -5.21
C GLU A 143 -7.49 -6.82 -4.03
N MET A 144 -8.38 -6.99 -3.05
CA MET A 144 -8.38 -6.12 -1.87
C MET A 144 -7.04 -6.21 -1.14
N ILE A 145 -6.57 -5.07 -0.65
CA ILE A 145 -5.30 -5.02 0.07
C ILE A 145 -5.51 -4.53 1.50
N LYS A 146 -4.43 -4.53 2.28
CA LYS A 146 -4.49 -4.09 3.67
C LYS A 146 -3.41 -3.06 3.97
N ILE A 147 -3.79 -1.78 3.97
CA ILE A 147 -2.84 -0.71 4.24
C ILE A 147 -2.63 -0.54 5.74
N ARG A 148 -1.47 -0.99 6.22
CA ARG A 148 -1.14 -0.89 7.63
C ARG A 148 -0.48 0.45 7.94
N SER A 149 -0.68 0.93 9.16
CA SER A 149 -0.11 2.21 9.58
C SER A 149 0.49 2.11 10.98
N CYS A 150 1.70 2.61 11.15
CA CYS A 150 2.38 2.57 12.43
C CYS A 150 2.41 3.96 13.07
N ALA A 151 1.38 4.76 12.80
CA ALA A 151 1.30 6.11 13.34
C ALA A 151 0.75 6.10 14.76
N GLU A 152 0.90 7.22 15.46
CA GLU A 152 0.41 7.33 16.83
C GLU A 152 -1.11 7.23 16.88
N ARG A 153 -1.61 6.16 17.50
CA ARG A 153 -3.04 5.94 17.62
C ARG A 153 -3.69 6.98 18.52
N GLU A 154 -4.99 6.86 18.72
CA GLU A 154 -5.73 7.79 19.57
C GLU A 154 -5.89 7.23 20.98
N THR A 155 -4.83 7.36 21.78
CA THR A 155 -4.86 6.88 23.16
C THR A 155 -4.55 8.01 24.14
N GLY A 1 -26.75 -4.05 22.44
CA GLY A 1 -27.06 -5.49 22.65
C GLY A 1 -25.83 -6.37 22.53
N SER A 2 -25.67 -7.29 23.48
CA SER A 2 -24.53 -8.20 23.47
C SER A 2 -23.22 -7.43 23.58
N SER A 3 -22.15 -8.13 23.94
CA SER A 3 -20.84 -7.51 24.07
C SER A 3 -20.01 -7.73 22.82
N GLY A 4 -19.12 -6.79 22.54
CA GLY A 4 -18.27 -6.90 21.36
C GLY A 4 -18.21 -5.61 20.57
N SER A 5 -17.62 -4.57 21.16
CA SER A 5 -17.52 -3.28 20.49
C SER A 5 -16.11 -3.07 19.95
N SER A 6 -15.12 -3.63 20.65
CA SER A 6 -13.72 -3.51 20.23
C SER A 6 -13.36 -4.57 19.19
N GLY A 7 -12.10 -4.59 18.79
CA GLY A 7 -11.65 -5.56 17.80
C GLY A 7 -10.84 -4.92 16.70
N LEU A 8 -9.52 -4.98 16.83
CA LEU A 8 -8.62 -4.41 15.83
C LEU A 8 -7.45 -5.35 15.55
N ASP A 9 -6.86 -5.22 14.37
CA ASP A 9 -5.74 -6.05 13.97
C ASP A 9 -4.43 -5.29 14.10
N ILE A 10 -3.63 -5.65 15.10
CA ILE A 10 -2.34 -5.00 15.33
C ILE A 10 -1.19 -6.00 15.22
N VAL A 11 -0.36 -5.81 14.20
CA VAL A 11 0.78 -6.69 13.98
C VAL A 11 2.07 -6.06 14.50
N GLY A 12 2.37 -6.33 15.77
CA GLY A 12 3.58 -5.79 16.38
C GLY A 12 3.49 -4.29 16.58
N ILE A 13 3.70 -3.54 15.51
CA ILE A 13 3.64 -2.08 15.57
C ILE A 13 2.94 -1.50 14.35
N TRP A 14 1.96 -2.24 13.84
CA TRP A 14 1.21 -1.80 12.66
C TRP A 14 -0.27 -2.18 12.80
N TRP A 15 -1.14 -1.17 12.81
CA TRP A 15 -2.57 -1.40 12.93
C TRP A 15 -3.31 -0.97 11.67
N THR A 16 -4.22 -1.81 11.20
CA THR A 16 -4.98 -1.52 10.00
C THR A 16 -5.94 -0.35 10.23
N VAL A 17 -5.83 0.68 9.39
CA VAL A 17 -6.68 1.86 9.52
C VAL A 17 -8.12 1.54 9.13
N SER A 18 -9.01 2.51 9.32
CA SER A 18 -10.43 2.32 9.00
C SER A 18 -10.90 3.42 8.05
N ASN A 19 -10.59 4.66 8.37
CA ASN A 19 -10.99 5.79 7.55
C ASN A 19 -9.78 6.46 6.91
N PHE A 20 -10.02 7.48 6.10
CA PHE A 20 -8.95 8.20 5.42
C PHE A 20 -8.20 9.10 6.39
N GLY A 21 -8.92 9.65 7.36
CA GLY A 21 -8.31 10.53 8.34
C GLY A 21 -7.19 9.85 9.11
N GLU A 22 -7.27 8.53 9.23
CA GLU A 22 -6.27 7.76 9.95
C GLU A 22 -4.98 7.65 9.13
N ILE A 23 -5.13 7.66 7.81
CA ILE A 23 -3.99 7.56 6.91
C ILE A 23 -3.12 8.81 6.99
N SER A 24 -1.97 8.69 7.65
CA SER A 24 -1.05 9.82 7.80
C SER A 24 0.28 9.35 8.40
N GLY A 25 1.30 9.25 7.56
CA GLY A 25 2.60 8.83 8.03
C GLY A 25 3.04 7.52 7.41
N THR A 26 3.97 6.84 8.07
CA THR A 26 4.48 5.56 7.57
C THR A 26 3.39 4.49 7.62
N ILE A 27 3.24 3.76 6.51
CA ILE A 27 2.24 2.71 6.42
C ILE A 27 2.79 1.48 5.70
N ALA A 28 2.00 0.41 5.68
CA ALA A 28 2.41 -0.82 5.02
C ALA A 28 1.26 -1.42 4.22
N ILE A 29 1.52 -1.67 2.94
CA ILE A 29 0.51 -2.25 2.06
C ILE A 29 0.79 -3.72 1.78
N GLU A 30 -0.18 -4.57 2.08
CA GLU A 30 -0.04 -6.00 1.87
C GLU A 30 -0.89 -6.47 0.68
N MET A 31 -0.23 -6.86 -0.39
CA MET A 31 -0.92 -7.33 -1.60
C MET A 31 -1.25 -8.82 -1.49
N ASP A 32 -0.25 -9.61 -1.11
CA ASP A 32 -0.43 -11.05 -0.97
C ASP A 32 -0.58 -11.44 0.49
N LYS A 33 -1.11 -12.64 0.73
CA LYS A 33 -1.31 -13.13 2.09
C LYS A 33 0.04 -13.49 2.73
N GLY A 34 0.74 -12.47 3.21
CA GLY A 34 2.02 -12.69 3.85
C GLY A 34 3.15 -11.94 3.16
N ALA A 35 3.02 -11.74 1.86
CA ALA A 35 4.03 -11.04 1.08
C ALA A 35 3.78 -9.53 1.12
N TYR A 36 4.81 -8.76 0.75
CA TYR A 36 4.71 -7.31 0.74
C TYR A 36 5.34 -6.73 -0.52
N ILE A 37 4.85 -5.57 -0.95
CA ILE A 37 5.38 -4.91 -2.14
C ILE A 37 6.81 -4.45 -1.92
N HIS A 38 7.73 -5.02 -2.71
CA HIS A 38 9.14 -4.66 -2.60
C HIS A 38 9.53 -3.68 -3.70
N ALA A 39 10.67 -3.02 -3.51
CA ALA A 39 11.16 -2.04 -4.48
C ALA A 39 12.59 -2.35 -4.89
N LEU A 40 12.90 -2.17 -6.17
CA LEU A 40 14.24 -2.43 -6.69
C LEU A 40 15.04 -1.14 -6.78
N ASP A 41 16.36 -1.27 -6.71
CA ASP A 41 17.25 -0.12 -6.78
C ASP A 41 17.17 0.54 -8.15
N ASN A 42 16.92 -0.26 -9.18
CA ASN A 42 16.81 0.25 -10.53
C ASN A 42 15.58 1.13 -10.70
N GLY A 43 14.50 0.76 -10.01
CA GLY A 43 13.27 1.53 -10.10
C GLY A 43 12.04 0.64 -10.16
N LEU A 44 12.21 -0.58 -10.67
CA LEU A 44 11.11 -1.52 -10.78
C LEU A 44 10.62 -1.97 -9.40
N PHE A 45 9.53 -2.72 -9.38
CA PHE A 45 8.96 -3.20 -8.13
C PHE A 45 8.50 -4.64 -8.27
N THR A 46 8.85 -5.47 -7.28
CA THR A 46 8.47 -6.88 -7.30
C THR A 46 7.76 -7.26 -6.01
N LEU A 47 7.36 -8.53 -5.90
CA LEU A 47 6.66 -9.02 -4.72
C LEU A 47 7.64 -9.64 -3.74
N GLY A 48 7.86 -8.95 -2.62
CA GLY A 48 8.78 -9.45 -1.61
C GLY A 48 8.36 -10.80 -1.07
N ALA A 49 9.29 -11.49 -0.40
CA ALA A 49 9.01 -12.80 0.18
C ALA A 49 8.15 -12.67 1.44
N PRO A 50 7.30 -13.68 1.70
CA PRO A 50 6.43 -13.68 2.88
C PRO A 50 7.20 -13.88 4.18
N HIS A 51 6.73 -13.25 5.25
CA HIS A 51 7.38 -13.36 6.55
C HIS A 51 7.10 -14.72 7.19
N ARG A 52 8.11 -15.27 7.85
CA ARG A 52 7.97 -16.57 8.51
C ARG A 52 7.05 -16.46 9.72
N GLU A 53 7.14 -15.35 10.44
CA GLU A 53 6.31 -15.14 11.62
C GLU A 53 4.95 -14.56 11.24
N VAL A 54 3.93 -14.94 12.00
CA VAL A 54 2.57 -14.46 11.73
C VAL A 54 2.47 -12.95 11.94
N ASP A 55 2.96 -12.48 13.08
CA ASP A 55 2.92 -11.05 13.39
C ASP A 55 4.32 -10.45 13.36
N GLU A 56 4.82 -10.18 12.15
CA GLU A 56 6.14 -9.60 11.99
C GLU A 56 6.08 -8.32 11.16
N GLY A 57 6.75 -7.28 11.64
CA GLY A 57 6.76 -6.01 10.93
C GLY A 57 7.47 -6.10 9.59
N PRO A 58 7.06 -5.29 8.60
CA PRO A 58 7.68 -5.29 7.27
C PRO A 58 9.10 -4.74 7.29
N SER A 59 9.85 -5.03 6.24
CA SER A 59 11.23 -4.58 6.13
C SER A 59 11.28 -3.09 5.77
N PRO A 60 12.44 -2.44 6.00
CA PRO A 60 12.61 -1.01 5.70
C PRO A 60 12.19 -0.66 4.27
N PRO A 61 12.65 -1.44 3.26
CA PRO A 61 12.31 -1.18 1.87
C PRO A 61 10.85 -1.50 1.56
N GLU A 62 10.26 -2.40 2.35
CA GLU A 62 8.87 -2.78 2.16
C GLU A 62 7.94 -1.73 2.74
N GLN A 63 8.38 -1.06 3.79
CA GLN A 63 7.58 -0.02 4.44
C GLN A 63 7.41 1.18 3.52
N PHE A 64 6.18 1.69 3.43
CA PHE A 64 5.88 2.83 2.59
C PHE A 64 5.47 4.03 3.43
N THR A 65 5.61 5.23 2.86
CA THR A 65 5.24 6.45 3.57
C THR A 65 4.00 7.10 2.94
N ALA A 66 3.08 7.53 3.78
CA ALA A 66 1.85 8.16 3.30
C ALA A 66 1.89 9.67 3.54
N VAL A 67 1.51 10.43 2.52
CA VAL A 67 1.49 11.88 2.61
C VAL A 67 0.20 12.45 2.05
N LYS A 68 -0.41 13.37 2.81
CA LYS A 68 -1.65 14.00 2.38
C LYS A 68 -1.39 15.05 1.32
N LEU A 69 -2.32 15.19 0.37
CA LEU A 69 -2.19 16.16 -0.70
C LEU A 69 -3.49 16.95 -0.90
N SER A 70 -4.50 16.28 -1.45
CA SER A 70 -5.79 16.92 -1.69
C SER A 70 -6.76 15.94 -2.33
N ASP A 71 -8.06 16.21 -2.18
CA ASP A 71 -9.10 15.37 -2.74
C ASP A 71 -8.93 13.92 -2.30
N SER A 72 -8.50 13.73 -1.06
CA SER A 72 -8.30 12.40 -0.51
C SER A 72 -7.25 11.64 -1.30
N ARG A 73 -6.30 12.37 -1.88
CA ARG A 73 -5.22 11.77 -2.66
C ARG A 73 -3.91 11.79 -1.89
N ILE A 74 -3.52 10.63 -1.37
CA ILE A 74 -2.29 10.52 -0.60
C ILE A 74 -1.13 10.05 -1.48
N ALA A 75 0.04 10.63 -1.27
CA ALA A 75 1.22 10.27 -2.03
C ALA A 75 2.05 9.19 -1.32
N LEU A 76 2.46 8.19 -2.07
CA LEU A 76 3.25 7.09 -1.51
C LEU A 76 4.74 7.33 -1.72
N LYS A 77 5.54 6.89 -0.76
CA LYS A 77 7.00 7.04 -0.84
C LYS A 77 7.70 5.73 -0.52
N SER A 78 8.55 5.28 -1.44
CA SER A 78 9.30 4.04 -1.26
C SER A 78 10.24 4.14 -0.06
N GLY A 79 10.62 3.00 0.49
CA GLY A 79 11.52 2.98 1.64
C GLY A 79 12.84 3.69 1.35
N TYR A 80 13.23 3.70 0.08
CA TYR A 80 14.47 4.36 -0.33
C TYR A 80 14.34 5.87 -0.26
N GLY A 81 13.14 6.37 -0.51
CA GLY A 81 12.90 7.81 -0.47
C GLY A 81 12.18 8.31 -1.72
N LYS A 82 12.21 7.52 -2.78
CA LYS A 82 11.56 7.90 -4.02
C LYS A 82 10.04 7.84 -3.89
N TYR A 83 9.34 8.37 -4.89
CA TYR A 83 7.88 8.38 -4.89
C TYR A 83 7.33 7.36 -5.88
N LEU A 84 6.35 6.58 -5.43
CA LEU A 84 5.73 5.57 -6.30
C LEU A 84 4.90 6.23 -7.39
N GLY A 85 5.12 5.79 -8.63
CA GLY A 85 4.39 6.34 -9.75
C GLY A 85 4.27 5.37 -10.91
N ILE A 86 3.05 5.16 -11.38
CA ILE A 86 2.81 4.24 -12.49
C ILE A 86 3.41 4.77 -13.78
N ASN A 87 3.51 3.89 -14.79
CA ASN A 87 4.07 4.27 -16.08
C ASN A 87 2.99 4.28 -17.15
N SER A 88 3.37 4.68 -18.37
CA SER A 88 2.45 4.73 -19.49
C SER A 88 1.97 3.33 -19.85
N ASP A 89 2.83 2.34 -19.65
CA ASP A 89 2.49 0.95 -19.96
C ASP A 89 1.49 0.41 -18.96
N GLY A 90 1.60 0.84 -17.70
CA GLY A 90 0.70 0.38 -16.67
C GLY A 90 1.44 -0.12 -15.44
N LEU A 91 2.68 -0.54 -15.62
CA LEU A 91 3.50 -1.05 -14.52
C LEU A 91 3.61 -0.02 -13.41
N VAL A 92 3.88 -0.49 -12.20
CA VAL A 92 4.02 0.40 -11.04
C VAL A 92 5.48 0.59 -10.68
N VAL A 93 6.07 1.67 -11.17
CA VAL A 93 7.47 1.97 -10.89
C VAL A 93 7.60 3.10 -9.87
N GLY A 94 8.82 3.29 -9.37
CA GLY A 94 9.05 4.34 -8.39
C GLY A 94 10.32 5.11 -8.66
N ARG A 95 10.19 6.25 -9.34
CA ARG A 95 11.33 7.09 -9.67
C ARG A 95 10.89 8.46 -10.16
N SER A 96 11.07 9.47 -9.33
CA SER A 96 10.69 10.83 -9.68
C SER A 96 11.11 11.82 -8.60
N ASP A 97 10.97 11.41 -7.34
CA ASP A 97 11.33 12.26 -6.21
C ASP A 97 10.46 13.52 -6.17
N ALA A 98 9.22 13.38 -6.63
CA ALA A 98 8.29 14.50 -6.65
C ALA A 98 6.85 14.01 -6.57
N ILE A 99 5.90 14.91 -6.80
CA ILE A 99 4.49 14.57 -6.75
C ILE A 99 3.80 14.90 -8.07
N GLY A 100 3.78 13.92 -8.98
CA GLY A 100 3.14 14.13 -10.27
C GLY A 100 1.76 13.50 -10.34
N PRO A 101 1.25 13.26 -11.55
CA PRO A 101 -0.08 12.65 -11.74
C PRO A 101 -0.11 11.18 -11.34
N ARG A 102 0.91 10.43 -11.77
CA ARG A 102 0.99 9.02 -11.46
C ARG A 102 1.19 8.80 -9.96
N GLU A 103 1.90 9.72 -9.33
CA GLU A 103 2.17 9.64 -7.90
C GLU A 103 0.88 9.79 -7.08
N GLN A 104 -0.15 10.34 -7.71
CA GLN A 104 -1.43 10.53 -7.04
C GLN A 104 -2.15 9.20 -6.84
N TRP A 105 -2.52 8.92 -5.60
CA TRP A 105 -3.22 7.67 -5.28
C TRP A 105 -4.53 7.97 -4.56
N GLU A 106 -5.57 7.19 -4.89
CA GLU A 106 -6.88 7.37 -4.27
C GLU A 106 -7.31 6.11 -3.53
N PRO A 107 -7.12 6.07 -2.20
CA PRO A 107 -7.50 4.91 -1.38
C PRO A 107 -9.01 4.75 -1.28
N VAL A 108 -9.45 3.52 -1.05
CA VAL A 108 -10.88 3.23 -0.94
C VAL A 108 -11.15 2.20 0.16
N PHE A 109 -12.39 2.17 0.64
CA PHE A 109 -12.78 1.24 1.70
C PHE A 109 -14.10 0.55 1.35
N GLN A 110 -14.19 -0.73 1.67
CA GLN A 110 -15.41 -1.49 1.39
C GLN A 110 -15.65 -2.54 2.47
N ASP A 111 -16.57 -2.24 3.39
CA ASP A 111 -16.91 -3.16 4.47
C ASP A 111 -15.68 -3.49 5.30
N GLY A 112 -14.92 -2.46 5.67
CA GLY A 112 -13.71 -2.67 6.46
C GLY A 112 -12.47 -2.78 5.60
N LYS A 113 -12.57 -3.56 4.53
CA LYS A 113 -11.44 -3.76 3.62
C LYS A 113 -11.01 -2.43 3.01
N MET A 114 -9.98 -2.49 2.16
CA MET A 114 -9.46 -1.29 1.51
C MET A 114 -8.64 -1.65 0.28
N ALA A 115 -8.59 -0.74 -0.68
CA ALA A 115 -7.82 -0.95 -1.91
C ALA A 115 -7.18 0.34 -2.41
N LEU A 116 -6.21 0.20 -3.29
CA LEU A 116 -5.51 1.36 -3.84
C LEU A 116 -5.76 1.49 -5.34
N LEU A 117 -6.26 2.64 -5.75
CA LEU A 117 -6.55 2.90 -7.16
C LEU A 117 -5.51 3.85 -7.76
N ALA A 118 -4.85 3.40 -8.82
CA ALA A 118 -3.84 4.21 -9.49
C ALA A 118 -4.46 5.45 -10.12
N SER A 119 -3.60 6.41 -10.49
CA SER A 119 -4.07 7.64 -11.11
C SER A 119 -4.71 7.37 -12.48
N ASN A 120 -4.47 6.18 -13.01
CA ASN A 120 -5.02 5.80 -14.31
C ASN A 120 -6.34 5.04 -14.15
N SER A 121 -6.99 5.21 -13.00
CA SER A 121 -8.25 4.54 -12.73
C SER A 121 -8.12 3.02 -12.89
N CYS A 122 -7.13 2.45 -12.22
CA CYS A 122 -6.89 1.01 -12.28
C CYS A 122 -6.34 0.49 -10.96
N PHE A 123 -7.01 -0.52 -10.40
CA PHE A 123 -6.58 -1.10 -9.13
C PHE A 123 -5.21 -1.76 -9.27
N ILE A 124 -4.30 -1.42 -8.37
CA ILE A 124 -2.95 -1.99 -8.38
C ILE A 124 -2.97 -3.47 -8.06
N ARG A 125 -1.89 -4.16 -8.42
CA ARG A 125 -1.78 -5.59 -8.15
C ARG A 125 -0.39 -6.11 -8.50
N CYS A 126 -0.13 -7.37 -8.18
CA CYS A 126 1.17 -7.97 -8.47
C CYS A 126 1.01 -9.22 -9.33
N ASN A 127 2.07 -9.58 -10.03
CA ASN A 127 2.05 -10.76 -10.90
C ASN A 127 2.74 -11.95 -10.23
N GLU A 128 2.66 -13.10 -10.86
CA GLU A 128 3.28 -14.31 -10.32
C GLU A 128 4.80 -14.24 -10.42
N ALA A 129 5.29 -13.86 -11.60
CA ALA A 129 6.73 -13.75 -11.82
C ALA A 129 7.35 -12.73 -10.87
N GLY A 130 6.57 -11.72 -10.50
CA GLY A 130 7.07 -10.70 -9.60
C GLY A 130 7.07 -9.32 -10.22
N ASP A 131 5.94 -8.93 -10.78
CA ASP A 131 5.80 -7.62 -11.41
C ASP A 131 4.53 -6.91 -10.96
N ILE A 132 4.68 -5.68 -10.48
CA ILE A 132 3.53 -4.90 -10.01
C ILE A 132 2.94 -4.08 -11.14
N GLU A 133 1.75 -4.48 -11.59
CA GLU A 133 1.07 -3.79 -12.67
C GLU A 133 -0.28 -3.24 -12.21
N ALA A 134 -0.89 -2.39 -13.02
CA ALA A 134 -2.18 -1.80 -12.68
C ALA A 134 -3.33 -2.65 -13.24
N LYS A 135 -3.93 -3.46 -12.37
CA LYS A 135 -5.04 -4.32 -12.78
C LYS A 135 -6.21 -3.49 -13.28
N ASN A 136 -7.17 -4.15 -13.93
CA ASN A 136 -8.34 -3.48 -14.46
C ASN A 136 -9.12 -2.78 -13.35
N LYS A 137 -10.22 -2.13 -13.72
CA LYS A 137 -11.05 -1.42 -12.75
C LYS A 137 -11.79 -2.39 -11.84
N THR A 138 -12.07 -3.58 -12.37
CA THR A 138 -12.78 -4.60 -11.59
C THR A 138 -12.03 -4.93 -10.31
N ALA A 139 -12.74 -4.88 -9.18
CA ALA A 139 -12.14 -5.16 -7.89
C ALA A 139 -12.67 -6.48 -7.33
N GLY A 140 -11.88 -7.55 -7.52
CA GLY A 140 -12.29 -8.85 -7.02
C GLY A 140 -11.90 -9.07 -5.58
N GLU A 141 -12.23 -10.24 -5.04
CA GLU A 141 -11.92 -10.57 -3.66
C GLU A 141 -10.42 -10.51 -3.41
N GLU A 142 -9.65 -11.15 -4.28
CA GLU A 142 -8.20 -11.17 -4.15
C GLU A 142 -7.61 -9.78 -4.37
N GLU A 143 -8.29 -8.99 -5.20
CA GLU A 143 -7.84 -7.64 -5.50
C GLU A 143 -7.75 -6.80 -4.23
N MET A 144 -8.62 -7.10 -3.26
CA MET A 144 -8.64 -6.37 -2.00
C MET A 144 -7.29 -6.50 -1.28
N ILE A 145 -6.93 -5.45 -0.54
CA ILE A 145 -5.67 -5.44 0.19
C ILE A 145 -5.87 -4.95 1.62
N LYS A 146 -4.81 -5.00 2.42
CA LYS A 146 -4.87 -4.56 3.80
C LYS A 146 -3.78 -3.53 4.10
N ILE A 147 -4.18 -2.26 4.20
CA ILE A 147 -3.24 -1.18 4.48
C ILE A 147 -3.07 -0.98 5.98
N ARG A 148 -1.84 -1.14 6.46
CA ARG A 148 -1.54 -0.98 7.88
C ARG A 148 -0.81 0.35 8.13
N SER A 149 -0.83 0.80 9.38
CA SER A 149 -0.17 2.04 9.75
C SER A 149 0.43 1.94 11.14
N CYS A 150 1.59 2.57 11.33
CA CYS A 150 2.28 2.56 12.61
C CYS A 150 2.25 3.93 13.26
N ALA A 151 1.17 4.67 13.02
CA ALA A 151 1.03 6.01 13.58
C ALA A 151 0.77 5.94 15.08
N GLU A 152 1.30 6.92 15.81
CA GLU A 152 1.13 6.98 17.25
C GLU A 152 -0.30 7.35 17.62
N ARG A 153 -1.06 6.36 18.08
CA ARG A 153 -2.45 6.58 18.46
C ARG A 153 -2.55 7.35 19.78
N GLU A 154 -3.75 7.53 20.27
CA GLU A 154 -3.98 8.25 21.52
C GLU A 154 -4.15 7.28 22.69
N THR A 155 -3.49 6.13 22.59
CA THR A 155 -3.57 5.11 23.64
C THR A 155 -5.01 4.72 23.90
N GLY A 1 -19.67 -2.30 25.73
CA GLY A 1 -18.75 -2.74 24.64
C GLY A 1 -19.44 -2.84 23.30
N SER A 2 -19.86 -1.70 22.77
CA SER A 2 -20.54 -1.65 21.48
C SER A 2 -19.83 -0.71 20.52
N SER A 3 -18.50 -0.66 20.61
CA SER A 3 -17.70 0.20 19.76
C SER A 3 -17.03 -0.61 18.65
N GLY A 4 -16.22 -1.59 19.05
CA GLY A 4 -15.54 -2.43 18.07
C GLY A 4 -14.24 -3.00 18.61
N SER A 5 -14.06 -4.30 18.45
CA SER A 5 -12.86 -4.98 18.92
C SER A 5 -12.29 -5.88 17.83
N SER A 6 -13.02 -6.95 17.52
CA SER A 6 -12.57 -7.89 16.49
C SER A 6 -12.78 -7.32 15.09
N GLY A 7 -11.74 -6.65 14.58
CA GLY A 7 -11.83 -6.06 13.27
C GLY A 7 -10.52 -5.44 12.82
N LEU A 8 -9.85 -4.75 13.74
CA LEU A 8 -8.57 -4.11 13.44
C LEU A 8 -7.41 -5.08 13.63
N ASP A 9 -6.72 -5.39 12.53
CA ASP A 9 -5.60 -6.31 12.57
C ASP A 9 -4.32 -5.59 13.03
N ILE A 10 -3.73 -6.07 14.10
CA ILE A 10 -2.51 -5.48 14.64
C ILE A 10 -1.34 -6.47 14.58
N VAL A 11 -0.18 -5.98 14.16
CA VAL A 11 1.00 -6.82 14.06
C VAL A 11 2.24 -6.10 14.59
N GLY A 12 2.65 -6.46 15.81
CA GLY A 12 3.81 -5.83 16.40
C GLY A 12 3.61 -4.35 16.65
N ILE A 13 3.92 -3.53 15.64
CA ILE A 13 3.77 -2.09 15.75
C ILE A 13 3.04 -1.52 14.54
N TRP A 14 2.15 -2.32 13.97
CA TRP A 14 1.38 -1.88 12.80
C TRP A 14 -0.10 -2.20 12.97
N TRP A 15 -0.95 -1.27 12.56
CA TRP A 15 -2.39 -1.44 12.68
C TRP A 15 -3.09 -1.10 11.36
N THR A 16 -4.07 -1.91 10.99
CA THR A 16 -4.82 -1.70 9.76
C THR A 16 -5.63 -0.41 9.83
N VAL A 17 -5.48 0.45 8.83
CA VAL A 17 -6.20 1.71 8.79
C VAL A 17 -7.70 1.47 8.65
N SER A 18 -8.47 2.56 8.64
CA SER A 18 -9.91 2.47 8.51
C SER A 18 -10.45 3.57 7.59
N ASN A 19 -9.99 4.79 7.81
CA ASN A 19 -10.43 5.92 7.01
C ASN A 19 -9.24 6.75 6.54
N PHE A 20 -9.50 7.77 5.73
CA PHE A 20 -8.45 8.63 5.22
C PHE A 20 -7.74 9.37 6.36
N GLY A 21 -8.52 9.80 7.34
CA GLY A 21 -7.96 10.50 8.48
C GLY A 21 -6.92 9.68 9.22
N GLU A 22 -7.08 8.35 9.17
CA GLU A 22 -6.16 7.45 9.85
C GLU A 22 -4.91 7.23 9.01
N ILE A 23 -5.07 7.27 7.69
CA ILE A 23 -3.95 7.06 6.77
C ILE A 23 -3.16 8.35 6.60
N SER A 24 -2.07 8.49 7.36
CA SER A 24 -1.23 9.68 7.28
C SER A 24 0.16 9.38 7.84
N GLY A 25 1.16 9.39 6.96
CA GLY A 25 2.53 9.13 7.38
C GLY A 25 3.02 7.77 6.93
N THR A 26 4.00 7.23 7.63
CA THR A 26 4.57 5.93 7.30
C THR A 26 3.50 4.84 7.39
N ILE A 27 3.41 4.02 6.33
CA ILE A 27 2.44 2.94 6.29
C ILE A 27 2.98 1.73 5.54
N ALA A 28 2.40 0.57 5.78
CA ALA A 28 2.82 -0.66 5.12
C ALA A 28 1.68 -1.30 4.35
N ILE A 29 1.97 -1.77 3.15
CA ILE A 29 0.96 -2.40 2.30
C ILE A 29 1.28 -3.88 2.07
N GLU A 30 0.30 -4.74 2.35
CA GLU A 30 0.49 -6.17 2.17
C GLU A 30 -0.44 -6.71 1.09
N MET A 31 0.11 -6.99 -0.08
CA MET A 31 -0.67 -7.51 -1.21
C MET A 31 -1.10 -8.95 -0.95
N ASP A 32 -0.13 -9.82 -0.68
CA ASP A 32 -0.40 -11.22 -0.41
C ASP A 32 -0.58 -11.46 1.08
N LYS A 33 -0.84 -12.72 1.45
CA LYS A 33 -1.04 -13.09 2.84
C LYS A 33 0.31 -13.20 3.57
N GLY A 34 0.84 -12.05 3.96
CA GLY A 34 2.13 -12.03 4.66
C GLY A 34 3.22 -11.33 3.87
N ALA A 35 3.09 -11.36 2.55
CA ALA A 35 4.07 -10.71 1.68
C ALA A 35 3.70 -9.26 1.41
N TYR A 36 4.72 -8.41 1.29
CA TYR A 36 4.51 -7.00 1.03
C TYR A 36 5.15 -6.58 -0.29
N ILE A 37 4.92 -5.33 -0.68
CA ILE A 37 5.46 -4.81 -1.93
C ILE A 37 6.92 -4.42 -1.77
N HIS A 38 7.79 -5.11 -2.49
CA HIS A 38 9.22 -4.84 -2.43
C HIS A 38 9.66 -3.96 -3.59
N ALA A 39 10.70 -3.14 -3.36
CA ALA A 39 11.21 -2.25 -4.38
C ALA A 39 12.51 -2.79 -4.98
N LEU A 40 13.01 -2.10 -6.00
CA LEU A 40 14.24 -2.51 -6.66
C LEU A 40 15.05 -1.30 -7.11
N ASP A 41 16.36 -1.39 -6.96
CA ASP A 41 17.26 -0.29 -7.35
C ASP A 41 17.24 -0.10 -8.87
N ASN A 42 17.02 -1.19 -9.59
CA ASN A 42 16.99 -1.14 -11.05
C ASN A 42 15.91 -0.16 -11.54
N GLY A 43 14.86 0.00 -10.74
CA GLY A 43 13.79 0.90 -11.11
C GLY A 43 12.48 0.17 -11.33
N LEU A 44 12.29 -0.93 -10.61
CA LEU A 44 11.07 -1.72 -10.74
C LEU A 44 10.55 -2.13 -9.36
N PHE A 45 9.43 -2.85 -9.35
CA PHE A 45 8.83 -3.31 -8.10
C PHE A 45 8.37 -4.76 -8.21
N THR A 46 8.83 -5.60 -7.29
CA THR A 46 8.46 -7.01 -7.28
C THR A 46 7.89 -7.42 -5.92
N LEU A 47 7.12 -8.50 -5.92
CA LEU A 47 6.52 -8.99 -4.69
C LEU A 47 7.59 -9.46 -3.71
N GLY A 48 7.62 -8.84 -2.53
CA GLY A 48 8.60 -9.21 -1.52
C GLY A 48 8.32 -10.56 -0.91
N ALA A 49 9.36 -11.21 -0.41
CA ALA A 49 9.24 -12.52 0.20
C ALA A 49 8.60 -12.43 1.60
N PRO A 50 7.60 -13.27 1.89
CA PRO A 50 6.92 -13.26 3.18
C PRO A 50 7.89 -13.39 4.35
N HIS A 51 7.38 -13.26 5.57
CA HIS A 51 8.21 -13.36 6.76
C HIS A 51 8.01 -14.71 7.45
N ARG A 52 9.11 -15.32 7.88
CA ARG A 52 9.06 -16.60 8.54
C ARG A 52 8.21 -16.53 9.81
N GLU A 53 8.20 -15.37 10.44
CA GLU A 53 7.42 -15.16 11.66
C GLU A 53 6.16 -14.36 11.37
N VAL A 54 5.07 -14.73 12.04
CA VAL A 54 3.79 -14.04 11.87
C VAL A 54 3.84 -12.63 12.44
N ASP A 55 4.63 -12.46 13.49
CA ASP A 55 4.77 -11.15 14.13
C ASP A 55 6.09 -10.49 13.76
N GLU A 56 6.12 -9.83 12.61
CA GLU A 56 7.31 -9.16 12.13
C GLU A 56 6.96 -7.91 11.33
N GLY A 57 7.92 -7.01 11.19
CA GLY A 57 7.71 -5.79 10.44
C GLY A 57 8.25 -5.86 9.03
N PRO A 58 7.71 -5.06 8.10
CA PRO A 58 8.16 -5.04 6.71
C PRO A 58 9.55 -4.42 6.56
N SER A 59 10.32 -4.94 5.60
CA SER A 59 11.67 -4.45 5.35
C SER A 59 11.65 -2.96 4.99
N PRO A 60 12.80 -2.28 5.05
CA PRO A 60 12.90 -0.86 4.74
C PRO A 60 12.27 -0.52 3.38
N PRO A 61 12.63 -1.24 2.31
CA PRO A 61 12.07 -0.99 0.98
C PRO A 61 10.59 -1.31 0.90
N GLU A 62 10.13 -2.21 1.77
CA GLU A 62 8.73 -2.60 1.79
C GLU A 62 7.87 -1.50 2.42
N GLN A 63 8.45 -0.74 3.33
CA GLN A 63 7.75 0.34 4.00
C GLN A 63 7.43 1.46 3.02
N PHE A 64 6.54 2.37 3.42
CA PHE A 64 6.14 3.49 2.58
C PHE A 64 5.74 4.69 3.43
N THR A 65 5.55 5.84 2.77
CA THR A 65 5.17 7.05 3.47
C THR A 65 4.03 7.77 2.74
N ALA A 66 2.91 7.94 3.43
CA ALA A 66 1.75 8.60 2.85
C ALA A 66 1.75 10.09 3.15
N VAL A 67 1.48 10.90 2.13
CA VAL A 67 1.46 12.34 2.29
C VAL A 67 0.15 12.94 1.75
N LYS A 68 -0.57 13.64 2.62
CA LYS A 68 -1.83 14.26 2.23
C LYS A 68 -1.60 15.36 1.21
N LEU A 69 -2.31 15.28 0.09
CA LEU A 69 -2.19 16.28 -0.97
C LEU A 69 -3.47 17.08 -1.12
N SER A 70 -4.48 16.46 -1.73
CA SER A 70 -5.77 17.11 -1.94
C SER A 70 -6.75 16.19 -2.65
N ASP A 71 -8.04 16.43 -2.47
CA ASP A 71 -9.07 15.61 -3.09
C ASP A 71 -8.94 14.15 -2.66
N SER A 72 -8.57 13.94 -1.40
CA SER A 72 -8.41 12.59 -0.87
C SER A 72 -7.36 11.81 -1.65
N ARG A 73 -6.15 12.37 -1.71
CA ARG A 73 -5.05 11.72 -2.43
C ARG A 73 -3.79 11.72 -1.58
N ILE A 74 -3.22 10.53 -1.39
CA ILE A 74 -1.99 10.38 -0.61
C ILE A 74 -0.79 10.12 -1.50
N ALA A 75 0.30 10.83 -1.23
CA ALA A 75 1.52 10.66 -2.00
C ALA A 75 2.45 9.63 -1.37
N LEU A 76 2.36 8.39 -1.84
CA LEU A 76 3.19 7.32 -1.32
C LEU A 76 4.65 7.55 -1.64
N LYS A 77 5.54 7.02 -0.79
CA LYS A 77 6.97 7.18 -0.98
C LYS A 77 7.73 5.94 -0.49
N SER A 78 8.49 5.33 -1.38
CA SER A 78 9.26 4.14 -1.04
C SER A 78 10.34 4.47 -0.01
N GLY A 79 10.68 3.49 0.81
CA GLY A 79 11.70 3.69 1.84
C GLY A 79 13.05 4.04 1.24
N TYR A 80 13.30 3.58 0.02
CA TYR A 80 14.57 3.85 -0.65
C TYR A 80 14.76 5.35 -0.83
N GLY A 81 13.67 6.09 -0.98
CA GLY A 81 13.75 7.52 -1.15
C GLY A 81 13.14 7.98 -2.46
N LYS A 82 12.05 7.34 -2.86
CA LYS A 82 11.37 7.69 -4.11
C LYS A 82 9.86 7.75 -3.91
N TYR A 83 9.16 8.33 -4.87
CA TYR A 83 7.71 8.44 -4.80
C TYR A 83 7.04 7.38 -5.68
N LEU A 84 6.19 6.57 -5.05
CA LEU A 84 5.49 5.51 -5.77
C LEU A 84 4.57 6.10 -6.83
N GLY A 85 4.91 5.88 -8.10
CA GLY A 85 4.11 6.40 -9.19
C GLY A 85 3.97 5.41 -10.33
N ILE A 86 2.74 5.17 -10.75
CA ILE A 86 2.47 4.24 -11.84
C ILE A 86 3.03 4.76 -13.15
N ASN A 87 3.09 3.89 -14.16
CA ASN A 87 3.60 4.27 -15.48
C ASN A 87 2.45 4.58 -16.43
N SER A 88 2.80 5.12 -17.60
CA SER A 88 1.80 5.46 -18.61
C SER A 88 1.26 4.21 -19.28
N ASP A 89 2.11 3.19 -19.41
CA ASP A 89 1.71 1.94 -20.04
C ASP A 89 0.82 1.12 -19.12
N GLY A 90 1.15 1.12 -17.83
CA GLY A 90 0.36 0.37 -16.86
C GLY A 90 1.22 -0.51 -15.97
N LEU A 91 2.20 0.10 -15.32
CA LEU A 91 3.09 -0.65 -14.43
C LEU A 91 3.51 0.21 -13.23
N VAL A 92 3.38 -0.35 -12.03
CA VAL A 92 3.75 0.36 -10.83
C VAL A 92 5.26 0.43 -10.67
N VAL A 93 5.79 1.65 -10.60
CA VAL A 93 7.23 1.85 -10.46
C VAL A 93 7.53 2.95 -9.45
N GLY A 94 8.81 3.16 -9.18
CA GLY A 94 9.21 4.19 -8.23
C GLY A 94 10.59 4.75 -8.52
N ARG A 95 10.64 5.84 -9.27
CA ARG A 95 11.90 6.48 -9.62
C ARG A 95 11.73 7.99 -9.75
N SER A 96 10.81 8.55 -8.97
CA SER A 96 10.55 9.98 -9.01
C SER A 96 10.67 10.58 -7.61
N ASP A 97 11.42 11.68 -7.50
CA ASP A 97 11.61 12.34 -6.22
C ASP A 97 10.67 13.55 -6.09
N ALA A 98 9.51 13.45 -6.72
CA ALA A 98 8.53 14.52 -6.67
C ALA A 98 7.12 13.97 -6.45
N ILE A 99 6.12 14.84 -6.60
CA ILE A 99 4.73 14.44 -6.42
C ILE A 99 3.88 14.82 -7.63
N GLY A 100 3.87 13.94 -8.63
CA GLY A 100 3.10 14.21 -9.83
C GLY A 100 1.75 13.50 -9.82
N PRO A 101 1.04 13.50 -10.95
CA PRO A 101 -0.27 12.84 -11.06
C PRO A 101 -0.18 11.32 -10.98
N ARG A 102 0.96 10.79 -11.42
CA ARG A 102 1.17 9.34 -11.39
C ARG A 102 1.55 8.88 -9.99
N GLU A 103 2.23 9.75 -9.25
CA GLU A 103 2.66 9.41 -7.89
C GLU A 103 1.49 9.49 -6.92
N GLN A 104 0.40 10.14 -7.33
CA GLN A 104 -0.77 10.28 -6.48
C GLN A 104 -1.55 8.98 -6.40
N TRP A 105 -2.34 8.82 -5.35
CA TRP A 105 -3.14 7.61 -5.16
C TRP A 105 -4.51 7.96 -4.57
N GLU A 106 -5.36 6.96 -4.43
CA GLU A 106 -6.70 7.17 -3.88
C GLU A 106 -7.18 5.93 -3.11
N PRO A 107 -7.08 5.95 -1.77
CA PRO A 107 -7.51 4.84 -0.93
C PRO A 107 -9.03 4.67 -0.91
N VAL A 108 -9.48 3.47 -1.22
CA VAL A 108 -10.92 3.18 -1.24
C VAL A 108 -11.30 2.20 -0.14
N PHE A 109 -12.57 2.20 0.23
CA PHE A 109 -13.06 1.30 1.27
C PHE A 109 -14.41 0.70 0.88
N GLN A 110 -14.53 -0.62 1.04
CA GLN A 110 -15.76 -1.32 0.70
C GLN A 110 -16.07 -2.40 1.73
N ASP A 111 -17.00 -2.10 2.63
CA ASP A 111 -17.40 -3.04 3.67
C ASP A 111 -16.20 -3.43 4.54
N GLY A 112 -15.37 -2.44 4.87
CA GLY A 112 -14.21 -2.70 5.69
C GLY A 112 -12.94 -2.88 4.87
N LYS A 113 -13.06 -3.62 3.76
CA LYS A 113 -11.92 -3.86 2.88
C LYS A 113 -11.36 -2.55 2.33
N MET A 114 -10.27 -2.64 1.60
CA MET A 114 -9.63 -1.47 1.01
C MET A 114 -8.79 -1.85 -0.21
N ALA A 115 -8.65 -0.92 -1.14
CA ALA A 115 -7.86 -1.16 -2.34
C ALA A 115 -7.26 0.14 -2.87
N LEU A 116 -5.94 0.21 -2.88
CA LEU A 116 -5.24 1.40 -3.36
C LEU A 116 -5.39 1.55 -4.86
N LEU A 117 -6.37 2.36 -5.28
CA LEU A 117 -6.62 2.59 -6.70
C LEU A 117 -5.66 3.65 -7.25
N ALA A 118 -4.92 3.27 -8.29
CA ALA A 118 -3.97 4.17 -8.92
C ALA A 118 -4.67 5.41 -9.46
N SER A 119 -3.88 6.40 -9.87
CA SER A 119 -4.41 7.63 -10.41
C SER A 119 -4.97 7.44 -11.82
N ASN A 120 -4.75 6.26 -12.39
CA ASN A 120 -5.23 5.96 -13.74
C ASN A 120 -6.56 5.20 -13.68
N SER A 121 -7.30 5.38 -12.59
CA SER A 121 -8.59 4.71 -12.41
C SER A 121 -8.45 3.20 -12.57
N CYS A 122 -7.33 2.67 -12.12
CA CYS A 122 -7.07 1.23 -12.22
C CYS A 122 -6.40 0.71 -10.95
N PHE A 123 -7.04 -0.25 -10.29
CA PHE A 123 -6.50 -0.83 -9.07
C PHE A 123 -5.12 -1.46 -9.32
N ILE A 124 -4.39 -1.71 -8.25
CA ILE A 124 -3.06 -2.30 -8.36
C ILE A 124 -3.04 -3.71 -7.76
N ARG A 125 -2.05 -4.50 -8.17
CA ARG A 125 -1.92 -5.87 -7.69
C ARG A 125 -0.60 -6.48 -8.13
N CYS A 126 -0.20 -7.56 -7.48
CA CYS A 126 1.06 -8.24 -7.80
C CYS A 126 0.79 -9.53 -8.56
N ASN A 127 1.75 -9.93 -9.38
CA ASN A 127 1.62 -11.16 -10.15
C ASN A 127 2.49 -12.27 -9.57
N GLU A 128 2.36 -13.47 -10.13
CA GLU A 128 3.14 -14.61 -9.67
C GLU A 128 4.45 -14.74 -10.43
N ALA A 129 4.43 -14.31 -11.69
CA ALA A 129 5.63 -14.37 -12.53
C ALA A 129 6.73 -13.49 -11.97
N GLY A 130 6.36 -12.30 -11.51
CA GLY A 130 7.34 -11.38 -10.95
C GLY A 130 7.16 -9.96 -11.45
N ASP A 131 5.94 -9.45 -11.34
CA ASP A 131 5.64 -8.10 -11.79
C ASP A 131 4.42 -7.54 -11.05
N ILE A 132 4.42 -6.22 -10.85
CA ILE A 132 3.31 -5.56 -10.16
C ILE A 132 2.75 -4.41 -11.00
N GLU A 133 1.67 -4.69 -11.72
CA GLU A 133 1.02 -3.69 -12.56
C GLU A 133 -0.38 -3.38 -12.07
N ALA A 134 -1.05 -2.47 -12.76
CA ALA A 134 -2.41 -2.08 -12.40
C ALA A 134 -3.44 -2.74 -13.30
N LYS A 135 -4.36 -3.48 -12.70
CA LYS A 135 -5.39 -4.18 -13.45
C LYS A 135 -6.50 -3.21 -13.86
N ASN A 136 -7.46 -3.72 -14.63
CA ASN A 136 -8.58 -2.90 -15.10
C ASN A 136 -9.38 -2.34 -13.92
N LYS A 137 -10.39 -1.55 -14.22
CA LYS A 137 -11.24 -0.95 -13.18
C LYS A 137 -11.90 -2.03 -12.33
N THR A 138 -12.10 -3.20 -12.92
CA THR A 138 -12.73 -4.32 -12.22
C THR A 138 -11.96 -4.67 -10.95
N ALA A 139 -12.61 -4.52 -9.81
CA ALA A 139 -11.99 -4.82 -8.52
C ALA A 139 -12.29 -6.25 -8.09
N GLY A 140 -11.26 -7.07 -8.01
CA GLY A 140 -11.43 -8.45 -7.60
C GLY A 140 -11.05 -8.68 -6.15
N GLU A 141 -11.32 -9.89 -5.65
CA GLU A 141 -11.00 -10.23 -4.27
C GLU A 141 -9.49 -10.18 -4.03
N GLU A 142 -8.73 -10.50 -5.06
CA GLU A 142 -7.27 -10.50 -4.96
C GLU A 142 -6.72 -9.07 -5.07
N GLU A 143 -7.42 -8.23 -5.82
CA GLU A 143 -7.01 -6.84 -5.99
C GLU A 143 -6.91 -6.12 -4.66
N MET A 144 -7.75 -6.53 -3.71
CA MET A 144 -7.77 -5.93 -2.38
C MET A 144 -6.40 -6.05 -1.71
N ILE A 145 -6.04 -5.03 -0.94
CA ILE A 145 -4.75 -5.02 -0.24
C ILE A 145 -4.94 -4.67 1.23
N LYS A 146 -3.96 -5.05 2.05
CA LYS A 146 -4.00 -4.78 3.48
C LYS A 146 -3.17 -3.54 3.83
N ILE A 147 -3.79 -2.38 3.72
CA ILE A 147 -3.11 -1.12 4.03
C ILE A 147 -2.98 -0.91 5.53
N ARG A 148 -1.78 -1.10 6.05
CA ARG A 148 -1.52 -0.93 7.48
C ARG A 148 -0.90 0.44 7.75
N SER A 149 -0.63 0.71 9.04
CA SER A 149 -0.04 1.97 9.44
C SER A 149 0.65 1.84 10.79
N CYS A 150 1.86 2.40 10.89
CA CYS A 150 2.62 2.34 12.13
C CYS A 150 2.61 3.69 12.83
N ALA A 151 1.52 4.42 12.67
CA ALA A 151 1.38 5.73 13.31
C ALA A 151 1.09 5.60 14.79
N GLU A 152 1.20 6.71 15.52
CA GLU A 152 0.95 6.72 16.95
C GLU A 152 -0.54 6.77 17.24
N ARG A 153 -1.08 5.64 17.72
CA ARG A 153 -2.50 5.55 18.03
C ARG A 153 -2.87 6.53 19.16
N GLU A 154 -4.15 6.59 19.48
CA GLU A 154 -4.63 7.48 20.53
C GLU A 154 -5.37 6.68 21.62
N THR A 155 -4.63 6.32 22.66
CA THR A 155 -5.21 5.55 23.76
C THR A 155 -5.75 4.21 23.28
N GLY A 1 -4.61 -8.51 21.04
CA GLY A 1 -4.77 -9.92 21.51
C GLY A 1 -6.14 -10.20 22.06
N SER A 2 -6.34 -9.88 23.34
CA SER A 2 -7.64 -10.11 23.99
C SER A 2 -8.71 -9.20 23.38
N SER A 3 -9.94 -9.68 23.40
CA SER A 3 -11.06 -8.92 22.85
C SER A 3 -11.73 -8.07 23.93
N GLY A 4 -12.81 -7.39 23.56
CA GLY A 4 -13.52 -6.56 24.52
C GLY A 4 -14.41 -5.54 23.83
N SER A 5 -13.86 -4.36 23.56
CA SER A 5 -14.62 -3.30 22.92
C SER A 5 -13.77 -2.59 21.86
N SER A 6 -13.14 -3.37 20.99
CA SER A 6 -12.30 -2.83 19.93
C SER A 6 -12.65 -3.45 18.58
N GLY A 7 -11.90 -3.07 17.55
CA GLY A 7 -12.14 -3.60 16.23
C GLY A 7 -11.11 -3.15 15.22
N LEU A 8 -9.84 -3.43 15.52
CA LEU A 8 -8.75 -3.06 14.62
C LEU A 8 -7.63 -4.10 14.65
N ASP A 9 -7.04 -4.35 13.50
CA ASP A 9 -5.96 -5.33 13.38
C ASP A 9 -4.62 -4.68 13.72
N ILE A 10 -4.01 -5.14 14.80
CA ILE A 10 -2.71 -4.61 15.23
C ILE A 10 -1.68 -5.73 15.37
N VAL A 11 -0.63 -5.66 14.55
CA VAL A 11 0.42 -6.67 14.57
C VAL A 11 1.75 -6.05 15.01
N GLY A 12 2.16 -6.36 16.23
CA GLY A 12 3.42 -5.83 16.74
C GLY A 12 3.40 -4.32 16.86
N ILE A 13 3.73 -3.64 15.77
CA ILE A 13 3.75 -2.18 15.76
C ILE A 13 3.09 -1.64 14.49
N TRP A 14 2.11 -2.36 13.98
CA TRP A 14 1.39 -1.96 12.78
C TRP A 14 -0.12 -2.12 12.96
N TRP A 15 -0.84 -1.02 12.84
CA TRP A 15 -2.29 -1.04 12.98
C TRP A 15 -2.98 -0.74 11.65
N THR A 16 -3.82 -1.67 11.20
CA THR A 16 -4.54 -1.49 9.94
C THR A 16 -5.42 -0.25 9.98
N VAL A 17 -5.43 0.50 8.88
CA VAL A 17 -6.23 1.71 8.79
C VAL A 17 -7.70 1.39 8.57
N SER A 18 -8.58 2.14 9.23
CA SER A 18 -10.02 1.94 9.09
C SER A 18 -10.60 2.88 8.05
N ASN A 19 -10.09 4.11 8.01
CA ASN A 19 -10.57 5.11 7.06
C ASN A 19 -9.41 5.90 6.47
N PHE A 20 -9.71 6.71 5.46
CA PHE A 20 -8.68 7.51 4.80
C PHE A 20 -7.99 8.45 5.79
N GLY A 21 -8.79 9.09 6.64
CA GLY A 21 -8.24 10.00 7.64
C GLY A 21 -7.19 9.35 8.51
N GLU A 22 -7.30 8.03 8.66
CA GLU A 22 -6.34 7.28 9.48
C GLU A 22 -5.06 7.01 8.71
N ILE A 23 -5.17 6.90 7.38
CA ILE A 23 -4.02 6.65 6.53
C ILE A 23 -3.12 7.87 6.46
N SER A 24 -2.07 7.87 7.27
CA SER A 24 -1.13 8.98 7.30
C SER A 24 0.26 8.51 7.74
N GLY A 25 1.27 9.31 7.43
CA GLY A 25 2.63 8.95 7.81
C GLY A 25 3.10 7.66 7.17
N THR A 26 3.97 6.94 7.85
CA THR A 26 4.49 5.68 7.33
C THR A 26 3.41 4.60 7.35
N ILE A 27 3.27 3.91 6.22
CA ILE A 27 2.27 2.85 6.10
C ILE A 27 2.75 1.77 5.15
N ALA A 28 2.35 0.52 5.43
CA ALA A 28 2.73 -0.61 4.60
C ALA A 28 1.55 -1.11 3.76
N ILE A 29 1.84 -1.68 2.60
CA ILE A 29 0.81 -2.19 1.73
C ILE A 29 1.06 -3.65 1.36
N GLU A 30 0.12 -4.52 1.73
CA GLU A 30 0.25 -5.95 1.45
C GLU A 30 -0.72 -6.36 0.34
N MET A 31 -0.17 -7.02 -0.68
CA MET A 31 -0.97 -7.48 -1.80
C MET A 31 -1.47 -8.90 -1.57
N ASP A 32 -0.54 -9.82 -1.32
CA ASP A 32 -0.88 -11.21 -1.08
C ASP A 32 -0.95 -11.52 0.41
N LYS A 33 -1.38 -12.71 0.75
CA LYS A 33 -1.51 -13.12 2.16
C LYS A 33 -0.17 -13.63 2.68
N GLY A 34 0.72 -12.71 3.04
CA GLY A 34 2.02 -13.09 3.55
C GLY A 34 3.15 -12.33 2.88
N ALA A 35 2.94 -11.94 1.62
CA ALA A 35 3.94 -11.21 0.86
C ALA A 35 3.65 -9.71 0.86
N TYR A 36 4.70 -8.91 0.73
CA TYR A 36 4.56 -7.46 0.71
C TYR A 36 5.21 -6.87 -0.54
N ILE A 37 4.93 -5.60 -0.80
CA ILE A 37 5.48 -4.91 -1.95
C ILE A 37 6.94 -4.55 -1.73
N HIS A 38 7.83 -5.17 -2.50
CA HIS A 38 9.26 -4.91 -2.38
C HIS A 38 9.71 -3.87 -3.41
N ALA A 39 10.84 -3.23 -3.13
CA ALA A 39 11.37 -2.22 -4.04
C ALA A 39 12.74 -2.65 -4.59
N LEU A 40 12.82 -2.78 -5.91
CA LEU A 40 14.06 -3.18 -6.55
C LEU A 40 15.04 -2.00 -6.64
N ASP A 41 16.28 -2.30 -7.02
CA ASP A 41 17.30 -1.27 -7.14
C ASP A 41 17.32 -0.67 -8.53
N ASN A 42 16.97 -1.49 -9.53
CA ASN A 42 16.94 -1.05 -10.91
C ASN A 42 15.86 0.02 -11.12
N GLY A 43 14.78 -0.10 -10.37
CA GLY A 43 13.69 0.87 -10.48
C GLY A 43 12.35 0.20 -10.73
N LEU A 44 12.11 -0.90 -10.04
CA LEU A 44 10.85 -1.64 -10.19
C LEU A 44 10.35 -2.14 -8.84
N PHE A 45 9.18 -2.75 -8.84
CA PHE A 45 8.59 -3.29 -7.62
C PHE A 45 7.99 -4.67 -7.86
N THR A 46 8.51 -5.66 -7.14
CA THR A 46 8.02 -7.04 -7.27
C THR A 46 7.60 -7.59 -5.92
N LEU A 47 6.88 -8.72 -5.94
CA LEU A 47 6.41 -9.35 -4.72
C LEU A 47 7.59 -9.68 -3.79
N GLY A 48 7.58 -9.07 -2.61
CA GLY A 48 8.65 -9.30 -1.65
C GLY A 48 8.59 -10.69 -1.05
N ALA A 49 9.73 -11.17 -0.59
CA ALA A 49 9.81 -12.50 0.02
C ALA A 49 8.96 -12.58 1.29
N PRO A 50 7.86 -13.34 1.25
CA PRO A 50 6.96 -13.50 2.41
C PRO A 50 7.72 -13.87 3.68
N HIS A 51 7.25 -13.37 4.82
CA HIS A 51 7.88 -13.66 6.10
C HIS A 51 7.64 -15.11 6.51
N ARG A 52 8.51 -15.62 7.37
CA ARG A 52 8.39 -17.01 7.83
C ARG A 52 7.43 -17.10 9.01
N GLU A 53 7.39 -16.06 9.83
CA GLU A 53 6.51 -16.02 10.99
C GLU A 53 5.27 -15.18 10.71
N VAL A 54 4.28 -15.28 11.58
CA VAL A 54 3.04 -14.53 11.42
C VAL A 54 3.22 -13.08 11.82
N ASP A 55 3.50 -12.85 13.11
CA ASP A 55 3.71 -11.50 13.63
C ASP A 55 5.12 -11.01 13.32
N GLU A 56 5.31 -10.49 12.11
CA GLU A 56 6.62 -9.99 11.69
C GLU A 56 6.48 -8.62 11.04
N GLY A 57 7.56 -7.85 11.08
CA GLY A 57 7.54 -6.52 10.49
C GLY A 57 8.21 -6.48 9.12
N PRO A 58 7.76 -5.59 8.22
CA PRO A 58 8.33 -5.47 6.88
C PRO A 58 9.72 -4.83 6.90
N SER A 59 10.49 -5.09 5.85
CA SER A 59 11.84 -4.53 5.74
C SER A 59 11.79 -3.04 5.42
N PRO A 60 12.91 -2.33 5.64
CA PRO A 60 12.99 -0.90 5.36
C PRO A 60 12.49 -0.53 3.96
N PRO A 61 12.98 -1.21 2.90
CA PRO A 61 12.55 -0.94 1.53
C PRO A 61 11.09 -1.28 1.30
N GLU A 62 10.56 -2.20 2.10
CA GLU A 62 9.17 -2.61 1.99
C GLU A 62 8.24 -1.55 2.57
N GLN A 63 8.72 -0.83 3.58
CA GLN A 63 7.93 0.21 4.22
C GLN A 63 7.74 1.40 3.30
N PHE A 64 6.55 1.99 3.33
CA PHE A 64 6.25 3.14 2.49
C PHE A 64 5.77 4.33 3.33
N THR A 65 5.78 5.51 2.74
CA THR A 65 5.35 6.72 3.43
C THR A 65 4.25 7.44 2.67
N ALA A 66 3.08 7.55 3.28
CA ALA A 66 1.95 8.22 2.65
C ALA A 66 2.06 9.74 2.77
N VAL A 67 1.44 10.46 1.84
CA VAL A 67 1.48 11.91 1.84
C VAL A 67 0.14 12.50 1.41
N LYS A 68 -0.66 12.90 2.39
CA LYS A 68 -1.98 13.47 2.13
C LYS A 68 -1.85 14.77 1.33
N LEU A 69 -2.78 14.99 0.41
CA LEU A 69 -2.77 16.20 -0.41
C LEU A 69 -4.16 16.83 -0.47
N SER A 70 -5.09 16.16 -1.15
CA SER A 70 -6.45 16.66 -1.27
C SER A 70 -7.31 15.70 -2.11
N ASP A 71 -8.63 15.86 -2.00
CA ASP A 71 -9.56 15.01 -2.74
C ASP A 71 -9.35 13.54 -2.39
N SER A 72 -9.01 13.27 -1.13
CA SER A 72 -8.78 11.90 -0.68
C SER A 72 -7.65 11.25 -1.47
N ARG A 73 -6.62 12.03 -1.77
CA ARG A 73 -5.48 11.53 -2.53
C ARG A 73 -4.20 11.64 -1.71
N ILE A 74 -3.43 10.54 -1.66
CA ILE A 74 -2.18 10.52 -0.91
C ILE A 74 -1.02 10.07 -1.79
N ALA A 75 0.19 10.44 -1.40
CA ALA A 75 1.38 10.08 -2.16
C ALA A 75 2.23 9.07 -1.38
N LEU A 76 2.61 7.99 -2.05
CA LEU A 76 3.43 6.96 -1.42
C LEU A 76 4.91 7.19 -1.70
N LYS A 77 5.74 6.93 -0.70
CA LYS A 77 7.18 7.11 -0.84
C LYS A 77 7.93 5.85 -0.39
N SER A 78 8.82 5.37 -1.25
CA SER A 78 9.61 4.18 -0.95
C SER A 78 10.76 4.50 0.00
N GLY A 79 11.21 3.50 0.74
CA GLY A 79 12.30 3.70 1.67
C GLY A 79 13.56 4.20 1.01
N TYR A 80 13.73 3.86 -0.27
CA TYR A 80 14.91 4.29 -1.03
C TYR A 80 14.96 5.82 -1.13
N GLY A 81 13.79 6.44 -1.24
CA GLY A 81 13.73 7.89 -1.34
C GLY A 81 13.04 8.36 -2.60
N LYS A 82 12.00 7.64 -3.01
CA LYS A 82 11.26 7.98 -4.21
C LYS A 82 9.76 7.83 -3.99
N TYR A 83 8.97 8.42 -4.88
CA TYR A 83 7.52 8.36 -4.78
C TYR A 83 6.95 7.35 -5.79
N LEU A 84 6.06 6.49 -5.31
CA LEU A 84 5.45 5.48 -6.16
C LEU A 84 4.68 6.13 -7.30
N GLY A 85 5.18 5.95 -8.52
CA GLY A 85 4.53 6.53 -9.68
C GLY A 85 4.28 5.51 -10.77
N ILE A 86 3.08 5.54 -11.35
CA ILE A 86 2.72 4.62 -12.42
C ILE A 86 3.14 5.15 -13.78
N ASN A 87 3.77 4.30 -14.59
CA ASN A 87 4.22 4.68 -15.91
C ASN A 87 3.03 4.91 -16.85
N SER A 88 3.31 5.47 -18.01
CA SER A 88 2.27 5.74 -18.99
C SER A 88 1.56 4.47 -19.41
N ASP A 89 2.30 3.35 -19.41
CA ASP A 89 1.73 2.06 -19.79
C ASP A 89 0.78 1.55 -18.72
N GLY A 90 1.07 1.89 -17.47
CA GLY A 90 0.23 1.45 -16.36
C GLY A 90 0.95 0.50 -15.42
N LEU A 91 2.26 0.69 -15.28
CA LEU A 91 3.06 -0.15 -14.41
C LEU A 91 3.46 0.60 -13.14
N VAL A 92 3.32 -0.07 -12.00
CA VAL A 92 3.66 0.53 -10.72
C VAL A 92 5.17 0.55 -10.51
N VAL A 93 5.73 1.76 -10.45
CA VAL A 93 7.16 1.92 -10.26
C VAL A 93 7.47 3.10 -9.32
N GLY A 94 8.74 3.33 -9.07
CA GLY A 94 9.14 4.42 -8.20
C GLY A 94 10.54 4.94 -8.51
N ARG A 95 10.63 5.82 -9.51
CA ARG A 95 11.91 6.39 -9.91
C ARG A 95 11.80 7.91 -10.04
N SER A 96 10.99 8.52 -9.19
CA SER A 96 10.81 9.96 -9.21
C SER A 96 10.63 10.51 -7.79
N ASP A 97 11.10 11.74 -7.58
CA ASP A 97 10.99 12.37 -6.27
C ASP A 97 10.02 13.54 -6.31
N ALA A 98 9.00 13.43 -7.17
CA ALA A 98 8.00 14.47 -7.30
C ALA A 98 6.59 13.89 -7.28
N ILE A 99 5.72 14.48 -6.46
CA ILE A 99 4.34 14.02 -6.35
C ILE A 99 3.50 14.49 -7.54
N GLY A 100 3.66 13.81 -8.68
CA GLY A 100 2.91 14.17 -9.86
C GLY A 100 1.56 13.50 -9.93
N PRO A 101 0.74 13.82 -10.95
CA PRO A 101 -0.60 13.23 -11.11
C PRO A 101 -0.56 11.71 -11.08
N ARG A 102 0.42 11.13 -11.75
CA ARG A 102 0.57 9.68 -11.81
C ARG A 102 1.02 9.12 -10.46
N GLU A 103 1.79 9.92 -9.73
CA GLU A 103 2.29 9.51 -8.42
C GLU A 103 1.17 9.53 -7.39
N GLN A 104 0.19 10.39 -7.60
CA GLN A 104 -0.94 10.52 -6.68
C GLN A 104 -1.68 9.18 -6.56
N TRP A 105 -2.41 9.01 -5.46
CA TRP A 105 -3.16 7.79 -5.22
C TRP A 105 -4.55 8.11 -4.67
N GLU A 106 -5.33 7.07 -4.40
CA GLU A 106 -6.67 7.23 -3.87
C GLU A 106 -7.17 5.93 -3.21
N PRO A 107 -6.87 5.74 -1.92
CA PRO A 107 -7.30 4.54 -1.18
C PRO A 107 -8.79 4.29 -1.31
N VAL A 108 -9.22 3.08 -0.97
CA VAL A 108 -10.62 2.70 -1.04
C VAL A 108 -11.00 1.79 0.12
N PHE A 109 -12.30 1.73 0.41
CA PHE A 109 -12.81 0.89 1.49
C PHE A 109 -14.24 0.44 1.22
N GLN A 110 -14.44 -0.87 1.19
CA GLN A 110 -15.77 -1.43 0.94
C GLN A 110 -16.00 -2.67 1.78
N ASP A 111 -17.10 -2.67 2.53
CA ASP A 111 -17.44 -3.81 3.39
C ASP A 111 -16.34 -4.08 4.40
N GLY A 112 -15.61 -3.03 4.79
CA GLY A 112 -14.54 -3.18 5.74
C GLY A 112 -13.18 -3.35 5.07
N LYS A 113 -13.17 -3.97 3.90
CA LYS A 113 -11.94 -4.19 3.17
C LYS A 113 -11.34 -2.87 2.71
N MET A 114 -10.20 -2.95 2.03
CA MET A 114 -9.51 -1.75 1.53
C MET A 114 -8.75 -2.06 0.25
N ALA A 115 -8.52 -1.04 -0.55
CA ALA A 115 -7.79 -1.20 -1.81
C ALA A 115 -7.25 0.14 -2.31
N LEU A 116 -6.06 0.12 -2.88
CA LEU A 116 -5.44 1.33 -3.41
C LEU A 116 -5.67 1.47 -4.90
N LEU A 117 -6.15 2.64 -5.32
CA LEU A 117 -6.43 2.90 -6.73
C LEU A 117 -5.41 3.88 -7.30
N ALA A 118 -4.74 3.47 -8.38
CA ALA A 118 -3.74 4.31 -9.03
C ALA A 118 -4.39 5.55 -9.65
N SER A 119 -3.56 6.47 -10.12
CA SER A 119 -4.04 7.70 -10.74
C SER A 119 -4.61 7.42 -12.14
N ASN A 120 -4.43 6.20 -12.63
CA ASN A 120 -4.93 5.82 -13.94
C ASN A 120 -6.29 5.14 -13.84
N SER A 121 -7.02 5.43 -12.78
CA SER A 121 -8.35 4.84 -12.57
C SER A 121 -8.28 3.31 -12.60
N CYS A 122 -7.17 2.77 -12.12
CA CYS A 122 -6.99 1.32 -12.09
C CYS A 122 -6.39 0.87 -10.76
N PHE A 123 -6.94 -0.20 -10.20
CA PHE A 123 -6.46 -0.73 -8.93
C PHE A 123 -5.07 -1.34 -9.09
N ILE A 124 -4.44 -1.65 -7.96
CA ILE A 124 -3.10 -2.24 -7.98
C ILE A 124 -3.17 -3.75 -7.77
N ARG A 125 -2.11 -4.44 -8.19
CA ARG A 125 -2.04 -5.90 -8.04
C ARG A 125 -0.69 -6.42 -8.53
N CYS A 126 -0.14 -7.36 -7.78
CA CYS A 126 1.16 -7.95 -8.13
C CYS A 126 1.00 -8.98 -9.24
N ASN A 127 2.12 -9.42 -9.80
CA ASN A 127 2.10 -10.41 -10.88
C ASN A 127 2.77 -11.71 -10.44
N GLU A 128 2.68 -12.73 -11.27
CA GLU A 128 3.27 -14.03 -10.97
C GLU A 128 4.75 -14.05 -11.36
N ALA A 129 5.09 -13.31 -12.41
CA ALA A 129 6.46 -13.25 -12.87
C ALA A 129 7.33 -12.39 -11.96
N GLY A 130 6.82 -11.22 -11.62
CA GLY A 130 7.56 -10.31 -10.74
C GLY A 130 7.46 -8.87 -11.18
N ASP A 131 6.26 -8.43 -11.54
CA ASP A 131 6.03 -7.06 -11.98
C ASP A 131 4.64 -6.59 -11.60
N ILE A 132 4.57 -5.81 -10.52
CA ILE A 132 3.29 -5.28 -10.04
C ILE A 132 2.76 -4.21 -10.99
N GLU A 133 1.57 -4.44 -11.53
CA GLU A 133 0.95 -3.49 -12.44
C GLU A 133 -0.50 -3.23 -12.04
N ALA A 134 -1.00 -2.05 -12.43
CA ALA A 134 -2.37 -1.68 -12.11
C ALA A 134 -3.37 -2.53 -12.88
N LYS A 135 -4.09 -3.39 -12.17
CA LYS A 135 -5.08 -4.26 -12.79
C LYS A 135 -6.22 -3.45 -13.39
N ASN A 136 -7.15 -4.15 -14.05
CA ASN A 136 -8.29 -3.50 -14.67
C ASN A 136 -9.12 -2.74 -13.63
N LYS A 137 -10.16 -2.05 -14.09
CA LYS A 137 -11.02 -1.29 -13.21
C LYS A 137 -11.81 -2.21 -12.29
N THR A 138 -12.11 -3.41 -12.78
CA THR A 138 -12.86 -4.39 -12.00
C THR A 138 -12.13 -4.73 -10.71
N ALA A 139 -12.76 -4.45 -9.58
CA ALA A 139 -12.16 -4.73 -8.28
C ALA A 139 -12.83 -5.94 -7.62
N GLY A 140 -12.10 -7.06 -7.59
CA GLY A 140 -12.64 -8.27 -6.99
C GLY A 140 -12.18 -8.44 -5.55
N GLU A 141 -12.68 -9.50 -4.91
CA GLU A 141 -12.32 -9.78 -3.52
C GLU A 141 -10.82 -9.99 -3.38
N GLU A 142 -10.23 -10.72 -4.33
CA GLU A 142 -8.80 -10.99 -4.30
C GLU A 142 -8.00 -9.69 -4.37
N GLU A 143 -8.51 -8.72 -5.13
CA GLU A 143 -7.85 -7.44 -5.28
C GLU A 143 -7.79 -6.69 -3.94
N MET A 144 -8.73 -6.99 -3.07
CA MET A 144 -8.79 -6.36 -1.75
C MET A 144 -7.48 -6.54 -1.00
N ILE A 145 -6.78 -5.43 -0.74
CA ILE A 145 -5.52 -5.48 -0.02
C ILE A 145 -5.67 -4.97 1.41
N LYS A 146 -4.58 -4.97 2.16
CA LYS A 146 -4.59 -4.51 3.54
C LYS A 146 -3.45 -3.54 3.81
N ILE A 147 -3.79 -2.26 3.94
CA ILE A 147 -2.79 -1.24 4.20
C ILE A 147 -2.62 -0.99 5.70
N ARG A 148 -1.43 -1.29 6.21
CA ARG A 148 -1.14 -1.09 7.63
C ARG A 148 -0.48 0.26 7.88
N SER A 149 -0.55 0.72 9.12
CA SER A 149 0.04 2.00 9.50
C SER A 149 0.79 1.89 10.82
N CYS A 150 2.03 2.37 10.82
CA CYS A 150 2.86 2.32 12.02
C CYS A 150 3.05 3.72 12.60
N ALA A 151 2.03 4.56 12.45
CA ALA A 151 2.09 5.93 12.95
C ALA A 151 1.73 5.98 14.44
N GLU A 152 2.12 7.05 15.10
CA GLU A 152 1.85 7.22 16.52
C GLU A 152 0.37 7.50 16.76
N ARG A 153 -0.25 6.72 17.64
CA ARG A 153 -1.66 6.89 17.95
C ARG A 153 -1.88 8.06 18.91
N GLU A 154 -3.14 8.41 19.13
CA GLU A 154 -3.47 9.52 20.03
C GLU A 154 -2.85 10.83 19.53
N THR A 155 -2.72 10.95 18.22
CA THR A 155 -2.15 12.15 17.62
C THR A 155 -2.32 12.13 16.10
N GLY A 1 -6.85 -16.53 13.39
CA GLY A 1 -5.68 -15.99 14.13
C GLY A 1 -6.07 -14.97 15.17
N SER A 2 -6.67 -13.88 14.74
CA SER A 2 -7.10 -12.82 15.65
C SER A 2 -8.39 -13.20 16.36
N SER A 3 -8.26 -13.78 17.55
CA SER A 3 -9.42 -14.20 18.33
C SER A 3 -9.77 -13.15 19.38
N GLY A 4 -10.84 -12.40 19.12
CA GLY A 4 -11.26 -11.38 20.06
C GLY A 4 -12.24 -10.41 19.44
N SER A 5 -11.73 -9.36 18.80
CA SER A 5 -12.57 -8.35 18.17
C SER A 5 -12.40 -8.38 16.66
N SER A 6 -13.49 -8.11 15.94
CA SER A 6 -13.47 -8.11 14.48
C SER A 6 -13.46 -6.69 13.94
N GLY A 7 -12.47 -6.38 13.12
CA GLY A 7 -12.36 -5.05 12.54
C GLY A 7 -10.93 -4.54 12.50
N LEU A 8 -10.42 -4.13 13.65
CA LEU A 8 -9.06 -3.62 13.75
C LEU A 8 -8.06 -4.76 13.94
N ASP A 9 -6.88 -4.60 13.34
CA ASP A 9 -5.84 -5.62 13.44
C ASP A 9 -4.46 -4.98 13.58
N ILE A 10 -3.79 -5.26 14.69
CA ILE A 10 -2.46 -4.71 14.94
C ILE A 10 -1.41 -5.81 14.98
N VAL A 11 -0.50 -5.80 14.02
CA VAL A 11 0.56 -6.80 13.95
C VAL A 11 1.89 -6.22 14.40
N GLY A 12 2.28 -6.52 15.63
CA GLY A 12 3.53 -6.01 16.16
C GLY A 12 3.50 -4.52 16.41
N ILE A 13 3.72 -3.75 15.36
CA ILE A 13 3.72 -2.29 15.48
C ILE A 13 3.02 -1.66 14.28
N TRP A 14 2.04 -2.36 13.73
CA TRP A 14 1.29 -1.87 12.58
C TRP A 14 -0.20 -2.15 12.73
N TRP A 15 -1.00 -1.10 12.85
CA TRP A 15 -2.44 -1.24 13.00
C TRP A 15 -3.16 -0.92 11.69
N THR A 16 -4.09 -1.80 11.30
CA THR A 16 -4.85 -1.61 10.07
C THR A 16 -5.77 -0.41 10.19
N VAL A 17 -5.75 0.45 9.17
CA VAL A 17 -6.59 1.65 9.17
C VAL A 17 -8.02 1.29 8.78
N SER A 18 -8.94 2.24 9.00
CA SER A 18 -10.34 2.04 8.68
C SER A 18 -10.83 3.09 7.68
N ASN A 19 -10.42 4.33 7.89
CA ASN A 19 -10.82 5.42 7.00
C ASN A 19 -9.60 6.18 6.50
N PHE A 20 -9.84 7.20 5.68
CA PHE A 20 -8.76 8.01 5.13
C PHE A 20 -8.12 8.86 6.21
N GLY A 21 -8.94 9.31 7.16
CA GLY A 21 -8.42 10.13 8.25
C GLY A 21 -7.38 9.42 9.09
N GLU A 22 -7.49 8.10 9.15
CA GLU A 22 -6.54 7.29 9.91
C GLU A 22 -5.24 7.11 9.16
N ILE A 23 -5.32 7.05 7.83
CA ILE A 23 -4.15 6.88 6.99
C ILE A 23 -3.35 8.18 6.88
N SER A 24 -2.16 8.19 7.48
CA SER A 24 -1.31 9.36 7.46
C SER A 24 0.06 9.06 8.05
N GLY A 25 1.11 9.30 7.27
CA GLY A 25 2.46 9.03 7.74
C GLY A 25 3.01 7.72 7.23
N THR A 26 4.00 7.17 7.93
CA THR A 26 4.61 5.91 7.54
C THR A 26 3.60 4.77 7.60
N ILE A 27 3.25 4.23 6.43
CA ILE A 27 2.30 3.14 6.36
C ILE A 27 2.87 1.97 5.55
N ALA A 28 2.13 0.86 5.53
CA ALA A 28 2.56 -0.33 4.81
C ALA A 28 1.45 -0.85 3.90
N ILE A 29 1.81 -1.77 3.02
CA ILE A 29 0.84 -2.35 2.09
C ILE A 29 1.11 -3.84 1.88
N GLU A 30 0.08 -4.65 2.06
CA GLU A 30 0.20 -6.09 1.89
C GLU A 30 -0.76 -6.60 0.81
N MET A 31 -0.21 -7.05 -0.30
CA MET A 31 -1.01 -7.57 -1.40
C MET A 31 -1.28 -9.05 -1.24
N ASP A 32 -0.22 -9.83 -1.09
CA ASP A 32 -0.33 -11.28 -0.93
C ASP A 32 -0.57 -11.63 0.53
N LYS A 33 -0.72 -12.93 0.80
CA LYS A 33 -0.96 -13.40 2.16
C LYS A 33 0.33 -13.41 2.97
N GLY A 34 0.69 -12.25 3.52
CA GLY A 34 1.89 -12.15 4.31
C GLY A 34 3.01 -11.44 3.58
N ALA A 35 3.01 -11.55 2.26
CA ALA A 35 4.03 -10.90 1.43
C ALA A 35 3.74 -9.42 1.25
N TYR A 36 4.79 -8.62 1.16
CA TYR A 36 4.65 -7.18 0.97
C TYR A 36 5.29 -6.73 -0.34
N ILE A 37 5.10 -5.46 -0.66
CA ILE A 37 5.66 -4.89 -1.89
C ILE A 37 7.15 -4.61 -1.73
N HIS A 38 7.98 -5.32 -2.49
CA HIS A 38 9.42 -5.14 -2.44
C HIS A 38 9.90 -4.24 -3.57
N ALA A 39 10.62 -3.18 -3.21
CA ALA A 39 11.13 -2.24 -4.20
C ALA A 39 12.50 -2.69 -4.71
N LEU A 40 12.77 -2.38 -5.98
CA LEU A 40 14.04 -2.76 -6.60
C LEU A 40 14.83 -1.52 -7.00
N ASP A 41 16.16 -1.65 -7.03
CA ASP A 41 17.03 -0.54 -7.41
C ASP A 41 17.11 -0.41 -8.93
N ASN A 42 16.95 -1.53 -9.63
CA ASN A 42 17.01 -1.53 -11.09
C ASN A 42 16.01 -0.54 -11.68
N GLY A 43 14.95 -0.26 -10.94
CA GLY A 43 13.93 0.65 -11.41
C GLY A 43 12.58 0.00 -11.59
N LEU A 44 12.30 -1.00 -10.75
CA LEU A 44 11.03 -1.73 -10.82
C LEU A 44 10.55 -2.10 -9.42
N PHE A 45 9.39 -2.76 -9.37
CA PHE A 45 8.82 -3.18 -8.09
C PHE A 45 8.31 -4.61 -8.17
N THR A 46 8.87 -5.49 -7.34
CA THR A 46 8.47 -6.89 -7.31
C THR A 46 7.93 -7.27 -5.94
N LEU A 47 7.14 -8.33 -5.90
CA LEU A 47 6.54 -8.81 -4.65
C LEU A 47 7.59 -9.52 -3.79
N GLY A 48 7.80 -9.03 -2.58
CA GLY A 48 8.76 -9.63 -1.69
C GLY A 48 8.25 -10.92 -1.06
N ALA A 49 9.14 -11.66 -0.40
CA ALA A 49 8.77 -12.91 0.23
C ALA A 49 8.06 -12.65 1.56
N PRO A 50 7.06 -13.48 1.89
CA PRO A 50 6.28 -13.34 3.14
C PRO A 50 7.08 -13.80 4.35
N HIS A 51 6.51 -13.58 5.54
CA HIS A 51 7.17 -13.98 6.78
C HIS A 51 6.45 -15.16 7.42
N ARG A 52 7.21 -16.03 8.07
CA ARG A 52 6.65 -17.21 8.72
C ARG A 52 5.94 -16.82 10.01
N GLU A 53 6.62 -16.04 10.85
CA GLU A 53 6.05 -15.60 12.12
C GLU A 53 5.01 -14.52 11.90
N VAL A 54 4.07 -14.41 12.82
CA VAL A 54 3.01 -13.40 12.73
C VAL A 54 3.54 -12.02 13.07
N ASP A 55 3.96 -11.84 14.31
CA ASP A 55 4.49 -10.56 14.76
C ASP A 55 5.84 -10.27 14.10
N GLU A 56 5.79 -9.72 12.89
CA GLU A 56 7.00 -9.39 12.16
C GLU A 56 6.81 -8.14 11.31
N GLY A 57 7.63 -7.13 11.55
CA GLY A 57 7.53 -5.89 10.80
C GLY A 57 8.15 -6.00 9.42
N PRO A 58 7.72 -5.15 8.47
CA PRO A 58 8.25 -5.16 7.10
C PRO A 58 9.69 -4.66 7.04
N SER A 59 10.35 -4.94 5.92
CA SER A 59 11.74 -4.51 5.72
C SER A 59 11.81 -3.02 5.46
N PRO A 60 13.01 -2.42 5.64
CA PRO A 60 13.21 -0.98 5.41
C PRO A 60 12.69 -0.53 4.05
N PRO A 61 13.05 -1.21 2.95
CA PRO A 61 12.60 -0.84 1.60
C PRO A 61 11.10 -1.05 1.42
N GLU A 62 10.53 -1.96 2.21
CA GLU A 62 9.10 -2.26 2.14
C GLU A 62 8.30 -1.17 2.84
N GLN A 63 8.87 -0.57 3.87
CA GLN A 63 8.21 0.48 4.62
C GLN A 63 8.02 1.73 3.76
N PHE A 64 6.77 2.04 3.45
CA PHE A 64 6.46 3.21 2.63
C PHE A 64 6.03 4.39 3.52
N THR A 65 5.77 5.53 2.89
CA THR A 65 5.34 6.72 3.60
C THR A 65 4.23 7.45 2.85
N ALA A 66 3.07 7.56 3.48
CA ALA A 66 1.92 8.22 2.87
C ALA A 66 1.89 9.70 3.27
N VAL A 67 1.65 10.55 2.28
CA VAL A 67 1.59 11.99 2.52
C VAL A 67 0.29 12.59 1.96
N LYS A 68 -0.46 13.27 2.81
CA LYS A 68 -1.71 13.88 2.40
C LYS A 68 -1.47 14.98 1.36
N LEU A 69 -2.46 15.23 0.52
CA LEU A 69 -2.35 16.24 -0.52
C LEU A 69 -3.65 17.02 -0.68
N SER A 70 -4.66 16.37 -1.28
CA SER A 70 -5.95 17.00 -1.49
C SER A 70 -6.91 16.05 -2.19
N ASP A 71 -8.21 16.25 -1.98
CA ASP A 71 -9.22 15.41 -2.62
C ASP A 71 -9.10 13.96 -2.14
N SER A 72 -8.69 13.78 -0.89
CA SER A 72 -8.53 12.44 -0.32
C SER A 72 -7.48 11.65 -1.09
N ARG A 73 -6.41 12.33 -1.49
CA ARG A 73 -5.33 11.68 -2.23
C ARG A 73 -4.03 11.70 -1.43
N ILE A 74 -3.37 10.56 -1.36
CA ILE A 74 -2.11 10.44 -0.63
C ILE A 74 -0.99 9.92 -1.52
N ALA A 75 0.20 10.49 -1.36
CA ALA A 75 1.35 10.07 -2.16
C ALA A 75 2.17 9.01 -1.43
N LEU A 76 2.44 7.91 -2.11
CA LEU A 76 3.22 6.82 -1.54
C LEU A 76 4.71 7.02 -1.80
N LYS A 77 5.51 6.87 -0.74
CA LYS A 77 6.95 7.04 -0.84
C LYS A 77 7.67 5.75 -0.47
N SER A 78 8.65 5.36 -1.28
CA SER A 78 9.41 4.15 -1.03
C SER A 78 10.50 4.39 0.02
N GLY A 79 10.85 3.35 0.76
CA GLY A 79 11.86 3.46 1.79
C GLY A 79 13.20 3.90 1.22
N TYR A 80 13.47 3.51 -0.03
CA TYR A 80 14.72 3.87 -0.68
C TYR A 80 14.87 5.39 -0.79
N GLY A 81 13.74 6.08 -0.92
CA GLY A 81 13.77 7.53 -1.04
C GLY A 81 13.25 8.02 -2.38
N LYS A 82 12.13 7.46 -2.81
CA LYS A 82 11.53 7.84 -4.08
C LYS A 82 10.00 7.76 -4.01
N TYR A 83 9.34 8.38 -4.98
CA TYR A 83 7.88 8.38 -5.03
C TYR A 83 7.38 7.30 -5.97
N LEU A 84 6.30 6.61 -5.57
CA LEU A 84 5.72 5.56 -6.37
C LEU A 84 4.85 6.14 -7.49
N GLY A 85 5.34 6.04 -8.72
CA GLY A 85 4.59 6.56 -9.85
C GLY A 85 4.17 5.47 -10.82
N ILE A 86 3.08 5.70 -11.54
CA ILE A 86 2.57 4.73 -12.50
C ILE A 86 3.03 5.08 -13.92
N ASN A 87 3.47 4.07 -14.66
CA ASN A 87 3.92 4.27 -16.03
C ASN A 87 2.74 4.42 -16.98
N SER A 88 3.04 4.70 -18.25
CA SER A 88 2.00 4.87 -19.26
C SER A 88 1.42 3.52 -19.67
N ASP A 89 2.29 2.52 -19.79
CA ASP A 89 1.86 1.18 -20.17
C ASP A 89 0.96 0.57 -19.10
N GLY A 90 1.17 0.98 -17.85
CA GLY A 90 0.38 0.45 -16.76
C GLY A 90 1.21 -0.35 -15.76
N LEU A 91 2.48 0.01 -15.64
CA LEU A 91 3.38 -0.68 -14.72
C LEU A 91 3.84 0.25 -13.60
N VAL A 92 3.44 -0.09 -12.37
CA VAL A 92 3.81 0.71 -11.21
C VAL A 92 5.30 0.62 -10.92
N VAL A 93 5.97 1.77 -10.93
CA VAL A 93 7.41 1.82 -10.67
C VAL A 93 7.76 2.99 -9.76
N GLY A 94 9.05 3.14 -9.46
CA GLY A 94 9.49 4.22 -8.61
C GLY A 94 10.68 4.97 -9.19
N ARG A 95 10.41 6.14 -9.75
CA ARG A 95 11.47 6.96 -10.35
C ARG A 95 10.93 8.32 -10.76
N SER A 96 10.85 9.23 -9.81
CA SER A 96 10.35 10.58 -10.07
C SER A 96 10.92 11.58 -9.07
N ASP A 97 10.89 11.20 -7.79
CA ASP A 97 11.40 12.07 -6.72
C ASP A 97 10.60 13.36 -6.65
N ALA A 98 9.31 13.27 -6.92
CA ALA A 98 8.43 14.43 -6.88
C ALA A 98 6.96 14.01 -6.86
N ILE A 99 6.13 14.82 -6.20
CA ILE A 99 4.71 14.52 -6.10
C ILE A 99 3.99 14.84 -7.41
N GLY A 100 4.00 13.90 -8.33
CA GLY A 100 3.35 14.10 -9.61
C GLY A 100 1.95 13.51 -9.66
N PRO A 101 1.15 13.86 -10.67
CA PRO A 101 -0.22 13.36 -10.80
C PRO A 101 -0.28 11.84 -10.75
N ARG A 102 0.72 11.19 -11.32
CA ARG A 102 0.78 9.73 -11.34
C ARG A 102 1.17 9.19 -9.97
N GLU A 103 1.97 9.95 -9.24
CA GLU A 103 2.42 9.54 -7.90
C GLU A 103 1.28 9.64 -6.89
N GLN A 104 0.18 10.28 -7.28
CA GLN A 104 -0.96 10.43 -6.40
C GLN A 104 -1.74 9.11 -6.27
N TRP A 105 -2.37 8.91 -5.13
CA TRP A 105 -3.15 7.70 -4.88
C TRP A 105 -4.43 8.02 -4.14
N GLU A 106 -5.47 7.23 -4.38
CA GLU A 106 -6.77 7.44 -3.73
C GLU A 106 -7.26 6.15 -3.07
N PRO A 107 -7.05 6.01 -1.75
CA PRO A 107 -7.48 4.82 -1.01
C PRO A 107 -8.96 4.52 -1.22
N VAL A 108 -9.33 3.25 -1.10
CA VAL A 108 -10.72 2.84 -1.29
C VAL A 108 -11.14 1.84 -0.22
N PHE A 109 -12.44 1.78 0.06
CA PHE A 109 -12.97 0.87 1.06
C PHE A 109 -14.34 0.35 0.64
N GLN A 110 -14.46 -0.97 0.53
CA GLN A 110 -15.72 -1.59 0.14
C GLN A 110 -15.94 -2.91 0.88
N ASP A 111 -17.14 -3.11 1.41
CA ASP A 111 -17.47 -4.32 2.14
C ASP A 111 -16.53 -4.53 3.33
N GLY A 112 -16.00 -3.42 3.85
CA GLY A 112 -15.10 -3.51 4.98
C GLY A 112 -13.64 -3.51 4.56
N LYS A 113 -13.36 -4.12 3.41
CA LYS A 113 -11.99 -4.19 2.91
C LYS A 113 -11.57 -2.86 2.29
N MET A 114 -10.33 -2.82 1.79
CA MET A 114 -9.80 -1.61 1.18
C MET A 114 -8.84 -1.95 0.05
N ALA A 115 -8.89 -1.17 -1.02
CA ALA A 115 -8.01 -1.39 -2.17
C ALA A 115 -7.50 -0.07 -2.72
N LEU A 116 -6.18 0.10 -2.68
CA LEU A 116 -5.56 1.33 -3.18
C LEU A 116 -5.87 1.53 -4.67
N LEU A 117 -6.25 2.75 -5.03
CA LEU A 117 -6.57 3.07 -6.41
C LEU A 117 -5.53 4.01 -7.01
N ALA A 118 -4.91 3.58 -8.12
CA ALA A 118 -3.90 4.38 -8.79
C ALA A 118 -4.52 5.62 -9.43
N SER A 119 -3.65 6.55 -9.85
CA SER A 119 -4.11 7.77 -10.49
C SER A 119 -4.75 7.49 -11.85
N ASN A 120 -4.56 6.27 -12.35
CA ASN A 120 -5.12 5.89 -13.64
C ASN A 120 -6.46 5.18 -13.47
N SER A 121 -7.11 5.41 -12.33
CA SER A 121 -8.41 4.82 -12.06
C SER A 121 -8.35 3.29 -12.19
N CYS A 122 -7.23 2.71 -11.78
CA CYS A 122 -7.05 1.27 -11.85
C CYS A 122 -6.32 0.75 -10.61
N PHE A 123 -6.91 -0.24 -9.95
CA PHE A 123 -6.32 -0.84 -8.76
C PHE A 123 -5.03 -1.57 -9.09
N ILE A 124 -4.10 -1.59 -8.15
CA ILE A 124 -2.82 -2.26 -8.34
C ILE A 124 -2.90 -3.73 -7.91
N ARG A 125 -2.18 -4.58 -8.63
CA ARG A 125 -2.17 -6.01 -8.33
C ARG A 125 -0.83 -6.64 -8.70
N CYS A 126 -0.23 -7.35 -7.75
CA CYS A 126 1.05 -8.00 -7.98
C CYS A 126 0.88 -9.30 -8.77
N ASN A 127 1.93 -9.69 -9.46
CA ASN A 127 1.90 -10.92 -10.27
C ASN A 127 2.81 -11.98 -9.66
N GLU A 128 2.66 -13.22 -10.12
CA GLU A 128 3.47 -14.32 -9.64
C GLU A 128 4.89 -14.25 -10.21
N ALA A 129 5.01 -13.75 -11.43
CA ALA A 129 6.30 -13.62 -12.09
C ALA A 129 7.17 -12.59 -11.38
N GLY A 130 6.53 -11.60 -10.77
CA GLY A 130 7.27 -10.56 -10.06
C GLY A 130 7.12 -9.20 -10.70
N ASP A 131 5.99 -8.98 -11.37
CA ASP A 131 5.72 -7.71 -12.03
C ASP A 131 4.42 -7.09 -11.54
N ILE A 132 4.53 -5.93 -10.90
CA ILE A 132 3.36 -5.24 -10.37
C ILE A 132 2.83 -4.21 -11.37
N GLU A 133 1.56 -4.35 -11.71
CA GLU A 133 0.92 -3.44 -12.66
C GLU A 133 -0.46 -3.03 -12.16
N ALA A 134 -1.14 -2.19 -12.95
CA ALA A 134 -2.47 -1.71 -12.60
C ALA A 134 -3.56 -2.59 -13.21
N LYS A 135 -4.20 -3.41 -12.38
CA LYS A 135 -5.25 -4.30 -12.86
C LYS A 135 -6.48 -3.50 -13.29
N ASN A 136 -7.44 -4.18 -13.92
CA ASN A 136 -8.66 -3.54 -14.38
C ASN A 136 -9.40 -2.88 -13.23
N LYS A 137 -10.45 -2.13 -13.56
CA LYS A 137 -11.25 -1.45 -12.55
C LYS A 137 -11.87 -2.45 -11.58
N THR A 138 -12.36 -3.57 -12.11
CA THR A 138 -12.97 -4.61 -11.30
C THR A 138 -11.94 -5.27 -10.39
N ALA A 139 -11.96 -4.89 -9.12
CA ALA A 139 -11.03 -5.44 -8.14
C ALA A 139 -11.54 -6.76 -7.59
N GLY A 140 -10.91 -7.85 -8.01
CA GLY A 140 -11.31 -9.17 -7.56
C GLY A 140 -11.07 -9.37 -6.08
N GLU A 141 -11.46 -10.53 -5.56
CA GLU A 141 -11.30 -10.84 -4.14
C GLU A 141 -9.81 -10.82 -3.76
N GLU A 142 -8.98 -11.35 -4.65
CA GLU A 142 -7.53 -11.40 -4.40
C GLU A 142 -6.92 -10.01 -4.53
N GLU A 143 -7.50 -9.18 -5.39
CA GLU A 143 -7.02 -7.82 -5.61
C GLU A 143 -7.04 -7.03 -4.30
N MET A 144 -7.92 -7.42 -3.39
CA MET A 144 -8.05 -6.73 -2.10
C MET A 144 -6.71 -6.68 -1.37
N ILE A 145 -6.48 -5.59 -0.65
CA ILE A 145 -5.24 -5.42 0.09
C ILE A 145 -5.50 -4.96 1.52
N LYS A 146 -4.45 -4.87 2.32
CA LYS A 146 -4.57 -4.44 3.71
C LYS A 146 -3.53 -3.37 4.04
N ILE A 147 -4.00 -2.13 4.23
CA ILE A 147 -3.11 -1.02 4.55
C ILE A 147 -2.97 -0.86 6.06
N ARG A 148 -1.74 -0.98 6.55
CA ARG A 148 -1.47 -0.84 7.98
C ARG A 148 -0.62 0.39 8.25
N SER A 149 -0.68 0.89 9.48
CA SER A 149 0.08 2.07 9.87
C SER A 149 0.79 1.84 11.21
N CYS A 150 1.96 2.46 11.35
CA CYS A 150 2.74 2.33 12.59
C CYS A 150 2.75 3.64 13.37
N ALA A 151 1.64 4.35 13.31
CA ALA A 151 1.51 5.63 14.02
C ALA A 151 1.13 5.42 15.47
N GLU A 152 1.30 6.46 16.28
CA GLU A 152 0.98 6.39 17.69
C GLU A 152 -0.52 6.49 17.92
N ARG A 153 -1.07 5.54 18.67
CA ARG A 153 -2.50 5.52 18.95
C ARG A 153 -2.79 6.00 20.37
N GLU A 154 -4.06 6.27 20.65
CA GLU A 154 -4.46 6.74 21.97
C GLU A 154 -5.18 5.64 22.75
N THR A 155 -4.79 4.40 22.49
CA THR A 155 -5.39 3.25 23.17
C THR A 155 -4.40 2.10 23.28
N GLY A 1 -7.18 -4.32 27.26
CA GLY A 1 -7.14 -5.40 28.30
C GLY A 1 -7.58 -6.74 27.76
N SER A 2 -8.87 -7.03 27.89
CA SER A 2 -9.42 -8.29 27.41
C SER A 2 -10.03 -8.14 26.03
N SER A 3 -10.48 -9.25 25.45
CA SER A 3 -11.10 -9.23 24.13
C SER A 3 -12.46 -8.54 24.16
N GLY A 4 -12.50 -7.31 23.66
CA GLY A 4 -13.74 -6.56 23.63
C GLY A 4 -13.51 -5.06 23.58
N SER A 5 -14.59 -4.31 23.37
CA SER A 5 -14.51 -2.86 23.30
C SER A 5 -13.61 -2.42 22.16
N SER A 6 -14.20 -2.20 20.99
CA SER A 6 -13.44 -1.78 19.81
C SER A 6 -12.40 -2.83 19.44
N GLY A 7 -12.64 -3.54 18.35
CA GLY A 7 -11.71 -4.55 17.91
C GLY A 7 -10.90 -4.11 16.69
N LEU A 8 -9.64 -4.52 16.65
CA LEU A 8 -8.76 -4.16 15.54
C LEU A 8 -7.57 -5.11 15.46
N ASP A 9 -7.03 -5.27 14.25
CA ASP A 9 -5.89 -6.14 14.04
C ASP A 9 -4.59 -5.36 14.09
N ILE A 10 -3.63 -5.86 14.86
CA ILE A 10 -2.33 -5.21 15.01
C ILE A 10 -1.20 -6.23 14.99
N VAL A 11 -0.27 -6.06 14.05
CA VAL A 11 0.87 -6.97 13.93
C VAL A 11 2.12 -6.35 14.56
N GLY A 12 2.34 -6.63 15.84
CA GLY A 12 3.49 -6.10 16.53
C GLY A 12 3.35 -4.62 16.82
N ILE A 13 3.65 -3.79 15.83
CA ILE A 13 3.56 -2.34 15.98
C ILE A 13 2.89 -1.70 14.77
N TRP A 14 2.02 -2.44 14.12
CA TRP A 14 1.32 -1.96 12.94
C TRP A 14 -0.17 -2.26 13.02
N TRP A 15 -0.99 -1.22 12.98
CA TRP A 15 -2.44 -1.39 13.05
C TRP A 15 -3.11 -0.89 11.78
N THR A 16 -4.06 -1.67 11.27
CA THR A 16 -4.77 -1.30 10.05
C THR A 16 -5.69 -0.10 10.29
N VAL A 17 -5.75 0.79 9.32
CA VAL A 17 -6.60 1.98 9.42
C VAL A 17 -8.06 1.64 9.16
N SER A 18 -8.92 2.64 9.30
CA SER A 18 -10.35 2.46 9.09
C SER A 18 -10.88 3.43 8.05
N ASN A 19 -10.46 4.69 8.15
CA ASN A 19 -10.88 5.72 7.21
C ASN A 19 -9.69 6.50 6.68
N PHE A 20 -9.94 7.36 5.70
CA PHE A 20 -8.88 8.17 5.09
C PHE A 20 -8.17 9.02 6.15
N GLY A 21 -8.95 9.60 7.05
CA GLY A 21 -8.37 10.43 8.10
C GLY A 21 -7.40 9.67 8.98
N GLU A 22 -7.51 8.34 8.98
CA GLU A 22 -6.63 7.51 9.80
C GLU A 22 -5.28 7.32 9.11
N ILE A 23 -5.29 7.29 7.78
CA ILE A 23 -4.06 7.12 7.01
C ILE A 23 -3.18 8.36 7.10
N SER A 24 -1.93 8.17 7.53
CA SER A 24 -0.99 9.27 7.65
C SER A 24 0.38 8.76 8.09
N GLY A 25 1.43 9.47 7.68
CA GLY A 25 2.78 9.07 8.05
C GLY A 25 3.25 7.85 7.29
N THR A 26 3.85 6.90 7.99
CA THR A 26 4.35 5.68 7.37
C THR A 26 3.27 4.59 7.37
N ILE A 27 3.02 4.02 6.20
CA ILE A 27 2.01 2.97 6.07
C ILE A 27 2.47 1.91 5.09
N ALA A 28 2.29 0.64 5.47
CA ALA A 28 2.70 -0.48 4.63
C ALA A 28 1.48 -1.14 3.99
N ILE A 29 1.68 -1.68 2.78
CA ILE A 29 0.60 -2.33 2.05
C ILE A 29 0.91 -3.81 1.83
N GLU A 30 -0.13 -4.61 1.65
CA GLU A 30 0.03 -6.04 1.42
C GLU A 30 -1.02 -6.57 0.46
N MET A 31 -0.57 -7.06 -0.69
CA MET A 31 -1.48 -7.59 -1.70
C MET A 31 -1.79 -9.06 -1.44
N ASP A 32 -0.74 -9.87 -1.28
CA ASP A 32 -0.90 -11.29 -1.03
C ASP A 32 -0.99 -11.56 0.49
N LYS A 33 -1.21 -12.82 0.83
CA LYS A 33 -1.32 -13.22 2.24
C LYS A 33 0.06 -13.44 2.84
N GLY A 34 0.71 -12.35 3.25
CA GLY A 34 2.02 -12.44 3.85
C GLY A 34 3.09 -11.75 3.02
N ALA A 35 2.86 -11.69 1.71
CA ALA A 35 3.81 -11.04 0.80
C ALA A 35 3.53 -9.54 0.70
N TYR A 36 4.60 -8.75 0.68
CA TYR A 36 4.46 -7.30 0.57
C TYR A 36 5.21 -6.77 -0.65
N ILE A 37 4.96 -5.52 -0.99
CA ILE A 37 5.60 -4.89 -2.14
C ILE A 37 7.06 -4.58 -1.85
N HIS A 38 7.95 -5.02 -2.74
CA HIS A 38 9.38 -4.78 -2.57
C HIS A 38 9.91 -3.88 -3.68
N ALA A 39 10.80 -2.97 -3.30
CA ALA A 39 11.39 -2.05 -4.27
C ALA A 39 12.78 -2.51 -4.71
N LEU A 40 13.04 -2.45 -6.01
CA LEU A 40 14.33 -2.87 -6.54
C LEU A 40 15.27 -1.68 -6.68
N ASP A 41 16.57 -1.96 -6.68
CA ASP A 41 17.58 -0.91 -6.80
C ASP A 41 17.50 -0.24 -8.17
N ASN A 42 17.10 -1.02 -9.18
CA ASN A 42 17.00 -0.50 -10.54
C ASN A 42 15.83 0.47 -10.66
N GLY A 43 14.78 0.23 -9.86
CA GLY A 43 13.61 1.08 -9.89
C GLY A 43 12.32 0.30 -9.95
N LEU A 44 12.39 -0.91 -10.49
CA LEU A 44 11.21 -1.77 -10.60
C LEU A 44 10.71 -2.18 -9.22
N PHE A 45 9.63 -2.96 -9.20
CA PHE A 45 9.05 -3.42 -7.94
C PHE A 45 8.56 -4.86 -8.05
N THR A 46 9.00 -5.71 -7.13
CA THR A 46 8.61 -7.11 -7.13
C THR A 46 7.99 -7.50 -5.79
N LEU A 47 7.17 -8.56 -5.81
CA LEU A 47 6.52 -9.04 -4.60
C LEU A 47 7.52 -9.73 -3.68
N GLY A 48 7.76 -9.13 -2.52
CA GLY A 48 8.69 -9.70 -1.56
C GLY A 48 8.21 -11.03 -1.00
N ALA A 49 9.15 -11.90 -0.67
CA ALA A 49 8.81 -13.22 -0.13
C ALA A 49 8.07 -13.09 1.20
N PRO A 50 7.03 -13.90 1.41
CA PRO A 50 6.23 -13.87 2.65
C PRO A 50 7.11 -14.01 3.90
N HIS A 51 6.59 -13.55 5.03
CA HIS A 51 7.31 -13.62 6.29
C HIS A 51 7.16 -15.01 6.92
N ARG A 52 8.05 -15.33 7.86
CA ARG A 52 8.01 -16.61 8.54
C ARG A 52 6.83 -16.68 9.50
N GLU A 53 6.94 -15.98 10.62
CA GLU A 53 5.88 -15.96 11.62
C GLU A 53 4.72 -15.10 11.17
N VAL A 54 3.54 -15.33 11.76
CA VAL A 54 2.35 -14.57 11.41
C VAL A 54 2.40 -13.16 12.02
N ASP A 55 3.04 -13.05 13.17
CA ASP A 55 3.17 -11.77 13.86
C ASP A 55 4.56 -11.19 13.69
N GLU A 56 4.79 -10.49 12.59
CA GLU A 56 6.09 -9.89 12.30
C GLU A 56 5.93 -8.58 11.53
N GLY A 57 6.78 -7.61 11.84
CA GLY A 57 6.71 -6.33 11.15
C GLY A 57 7.39 -6.36 9.79
N PRO A 58 6.94 -5.50 8.86
CA PRO A 58 7.51 -5.45 7.51
C PRO A 58 8.91 -4.84 7.50
N SER A 59 9.69 -5.18 6.48
CA SER A 59 11.04 -4.67 6.34
C SER A 59 11.04 -3.23 5.84
N PRO A 60 12.15 -2.50 6.01
CA PRO A 60 12.26 -1.10 5.57
C PRO A 60 11.89 -0.92 4.10
N PRO A 61 12.41 -1.80 3.21
CA PRO A 61 12.13 -1.72 1.78
C PRO A 61 10.64 -1.88 1.48
N GLU A 62 9.95 -2.64 2.32
CA GLU A 62 8.52 -2.86 2.14
C GLU A 62 7.71 -1.70 2.69
N GLN A 63 8.25 -1.02 3.70
CA GLN A 63 7.57 0.10 4.32
C GLN A 63 7.50 1.28 3.35
N PHE A 64 6.38 2.02 3.41
CA PHE A 64 6.19 3.18 2.54
C PHE A 64 5.66 4.37 3.33
N THR A 65 5.99 5.57 2.88
CA THR A 65 5.54 6.79 3.55
C THR A 65 4.40 7.44 2.78
N ALA A 66 3.29 7.67 3.46
CA ALA A 66 2.12 8.28 2.85
C ALA A 66 2.12 9.80 3.06
N VAL A 67 1.35 10.51 2.24
CA VAL A 67 1.26 11.95 2.34
C VAL A 67 -0.09 12.46 1.85
N LYS A 68 -0.92 12.93 2.78
CA LYS A 68 -2.24 13.44 2.43
C LYS A 68 -2.13 14.67 1.53
N LEU A 69 -2.85 14.63 0.41
CA LEU A 69 -2.84 15.73 -0.54
C LEU A 69 -4.19 16.44 -0.58
N SER A 70 -5.16 15.81 -1.24
CA SER A 70 -6.50 16.38 -1.35
C SER A 70 -7.41 15.45 -2.15
N ASP A 71 -8.72 15.55 -1.91
CA ASP A 71 -9.70 14.73 -2.60
C ASP A 71 -9.43 13.25 -2.35
N SER A 72 -9.09 12.90 -1.11
CA SER A 72 -8.81 11.52 -0.75
C SER A 72 -7.61 10.99 -1.53
N ARG A 73 -6.68 11.87 -1.85
CA ARG A 73 -5.48 11.49 -2.59
C ARG A 73 -4.24 11.58 -1.70
N ILE A 74 -3.49 10.49 -1.63
CA ILE A 74 -2.28 10.44 -0.82
C ILE A 74 -1.10 9.91 -1.63
N ALA A 75 0.09 10.46 -1.36
CA ALA A 75 1.29 10.03 -2.06
C ALA A 75 1.93 8.83 -1.37
N LEU A 76 3.00 8.32 -1.97
CA LEU A 76 3.71 7.17 -1.42
C LEU A 76 5.20 7.26 -1.68
N LYS A 77 5.99 7.06 -0.64
CA LYS A 77 7.46 7.13 -0.76
C LYS A 77 8.10 5.83 -0.28
N SER A 78 9.02 5.30 -1.07
CA SER A 78 9.71 4.07 -0.74
C SER A 78 10.84 4.33 0.25
N GLY A 79 11.24 3.28 0.96
CA GLY A 79 12.31 3.42 1.94
C GLY A 79 13.61 3.89 1.30
N TYR A 80 13.81 3.56 0.04
CA TYR A 80 15.01 3.96 -0.68
C TYR A 80 15.12 5.48 -0.76
N GLY A 81 13.97 6.15 -0.80
CA GLY A 81 13.97 7.60 -0.88
C GLY A 81 13.36 8.11 -2.17
N LYS A 82 12.42 7.34 -2.72
CA LYS A 82 11.75 7.72 -3.96
C LYS A 82 10.24 7.74 -3.78
N TYR A 83 9.54 8.16 -4.83
CA TYR A 83 8.08 8.22 -4.80
C TYR A 83 7.46 7.24 -5.77
N LEU A 84 6.51 6.44 -5.28
CA LEU A 84 5.85 5.44 -6.11
C LEU A 84 5.02 6.12 -7.20
N GLY A 85 5.05 5.55 -8.40
CA GLY A 85 4.31 6.11 -9.52
C GLY A 85 3.93 5.08 -10.55
N ILE A 86 2.92 5.38 -11.35
CA ILE A 86 2.47 4.46 -12.40
C ILE A 86 2.85 4.97 -13.78
N ASN A 87 3.07 4.04 -14.70
CA ASN A 87 3.45 4.39 -16.07
C ASN A 87 2.22 4.53 -16.95
N SER A 88 2.38 5.19 -18.10
CA SER A 88 1.27 5.38 -19.03
C SER A 88 0.86 4.06 -19.67
N ASP A 89 1.84 3.17 -19.85
CA ASP A 89 1.58 1.87 -20.46
C ASP A 89 0.71 1.01 -19.55
N GLY A 90 1.03 1.01 -18.26
CA GLY A 90 0.27 0.22 -17.30
C GLY A 90 1.16 -0.55 -16.35
N LEU A 91 2.13 0.15 -15.76
CA LEU A 91 3.05 -0.47 -14.82
C LEU A 91 3.26 0.41 -13.60
N VAL A 92 3.71 -0.19 -12.51
CA VAL A 92 3.95 0.54 -11.27
C VAL A 92 5.44 0.65 -10.98
N VAL A 93 6.00 1.83 -11.25
CA VAL A 93 7.43 2.07 -11.02
C VAL A 93 7.65 3.35 -10.22
N GLY A 94 8.56 3.30 -9.27
CA GLY A 94 8.85 4.46 -8.44
C GLY A 94 10.13 5.15 -8.86
N ARG A 95 10.06 5.96 -9.91
CA ARG A 95 11.22 6.68 -10.41
C ARG A 95 10.82 8.06 -10.94
N SER A 96 10.62 9.01 -10.02
CA SER A 96 10.23 10.36 -10.40
C SER A 96 10.89 11.39 -9.51
N ASP A 97 10.90 11.13 -8.20
CA ASP A 97 11.50 12.05 -7.24
C ASP A 97 10.72 13.35 -7.17
N ALA A 98 9.41 13.27 -7.37
CA ALA A 98 8.55 14.44 -7.33
C ALA A 98 7.07 14.04 -7.27
N ILE A 99 6.29 14.78 -6.51
CA ILE A 99 4.87 14.50 -6.37
C ILE A 99 4.12 14.84 -7.66
N GLY A 100 3.87 13.81 -8.48
CA GLY A 100 3.16 14.03 -9.73
C GLY A 100 1.81 13.34 -9.75
N PRO A 101 1.07 13.42 -10.88
CA PRO A 101 -0.24 12.80 -11.02
C PRO A 101 -0.16 11.28 -10.96
N ARG A 102 0.81 10.72 -11.66
CA ARG A 102 0.99 9.27 -11.69
C ARG A 102 1.31 8.73 -10.30
N GLU A 103 1.96 9.56 -9.48
CA GLU A 103 2.33 9.17 -8.13
C GLU A 103 1.13 9.26 -7.19
N GLN A 104 0.12 10.03 -7.58
CA GLN A 104 -1.07 10.20 -6.76
C GLN A 104 -1.87 8.90 -6.68
N TRP A 105 -2.55 8.70 -5.55
CA TRP A 105 -3.35 7.50 -5.35
C TRP A 105 -4.71 7.86 -4.76
N GLU A 106 -5.54 6.85 -4.53
CA GLU A 106 -6.87 7.05 -3.98
C GLU A 106 -7.38 5.81 -3.26
N PRO A 107 -7.14 5.70 -1.94
CA PRO A 107 -7.57 4.55 -1.15
C PRO A 107 -9.10 4.49 -1.00
N VAL A 108 -9.69 3.43 -1.54
CA VAL A 108 -11.14 3.26 -1.47
C VAL A 108 -11.51 2.12 -0.53
N PHE A 109 -12.63 2.29 0.17
CA PHE A 109 -13.10 1.26 1.11
C PHE A 109 -14.48 0.76 0.71
N GLN A 110 -14.61 -0.57 0.63
CA GLN A 110 -15.88 -1.18 0.26
C GLN A 110 -16.28 -2.25 1.27
N ASP A 111 -17.35 -1.99 2.00
CA ASP A 111 -17.85 -2.94 3.00
C ASP A 111 -16.78 -3.22 4.06
N GLY A 112 -16.00 -2.19 4.40
CA GLY A 112 -14.95 -2.34 5.39
C GLY A 112 -13.60 -2.60 4.76
N LYS A 113 -13.59 -3.29 3.63
CA LYS A 113 -12.34 -3.60 2.93
C LYS A 113 -11.67 -2.32 2.44
N MET A 114 -10.51 -2.49 1.82
CA MET A 114 -9.75 -1.34 1.30
C MET A 114 -8.86 -1.76 0.14
N ALA A 115 -8.59 -0.83 -0.77
CA ALA A 115 -7.75 -1.10 -1.92
C ALA A 115 -7.09 0.17 -2.43
N LEU A 116 -5.84 0.04 -2.88
CA LEU A 116 -5.10 1.19 -3.39
C LEU A 116 -5.40 1.42 -4.86
N LEU A 117 -6.04 2.55 -5.16
CA LEU A 117 -6.40 2.90 -6.53
C LEU A 117 -5.38 3.86 -7.12
N ALA A 118 -4.91 3.53 -8.33
CA ALA A 118 -3.93 4.37 -9.01
C ALA A 118 -4.61 5.53 -9.74
N SER A 119 -3.80 6.47 -10.22
CA SER A 119 -4.32 7.63 -10.94
C SER A 119 -4.90 7.22 -12.29
N ASN A 120 -4.64 5.99 -12.71
CA ASN A 120 -5.12 5.48 -13.99
C ASN A 120 -6.44 4.73 -13.83
N SER A 121 -7.15 5.01 -12.73
CA SER A 121 -8.43 4.36 -12.47
C SER A 121 -8.28 2.83 -12.46
N CYS A 122 -7.15 2.35 -11.97
CA CYS A 122 -6.89 0.91 -11.91
C CYS A 122 -6.23 0.53 -10.58
N PHE A 123 -6.78 -0.48 -9.93
CA PHE A 123 -6.25 -0.95 -8.65
C PHE A 123 -4.89 -1.60 -8.83
N ILE A 124 -4.12 -1.68 -7.75
CA ILE A 124 -2.79 -2.29 -7.80
C ILE A 124 -2.88 -3.81 -7.81
N ARG A 125 -1.85 -4.46 -8.33
CA ARG A 125 -1.81 -5.92 -8.40
C ARG A 125 -0.38 -6.42 -8.49
N CYS A 126 -0.09 -7.53 -7.82
CA CYS A 126 1.24 -8.11 -7.83
C CYS A 126 1.28 -9.36 -8.71
N ASN A 127 2.09 -9.32 -9.75
CA ASN A 127 2.22 -10.45 -10.67
C ASN A 127 3.10 -11.53 -10.08
N GLU A 128 3.10 -12.70 -10.71
CA GLU A 128 3.90 -13.83 -10.24
C GLU A 128 5.37 -13.66 -10.63
N ALA A 129 5.60 -13.15 -11.83
CA ALA A 129 6.96 -12.94 -12.32
C ALA A 129 7.68 -11.89 -11.48
N GLY A 130 6.93 -10.93 -10.94
CA GLY A 130 7.52 -9.90 -10.14
C GLY A 130 7.33 -8.52 -10.74
N ASP A 131 6.20 -8.31 -11.40
CA ASP A 131 5.90 -7.02 -12.03
C ASP A 131 4.57 -6.47 -11.52
N ILE A 132 4.64 -5.53 -10.59
CA ILE A 132 3.44 -4.92 -10.03
C ILE A 132 2.75 -4.03 -11.05
N GLU A 133 1.59 -4.48 -11.54
CA GLU A 133 0.83 -3.73 -12.53
C GLU A 133 -0.56 -3.40 -12.00
N ALA A 134 -1.14 -2.33 -12.53
CA ALA A 134 -2.48 -1.91 -12.11
C ALA A 134 -3.56 -2.68 -12.86
N LYS A 135 -4.27 -3.54 -12.15
CA LYS A 135 -5.33 -4.34 -12.74
C LYS A 135 -6.55 -3.48 -13.05
N ASN A 136 -7.54 -4.08 -13.71
CA ASN A 136 -8.77 -3.37 -14.05
C ASN A 136 -9.48 -2.86 -12.81
N LYS A 137 -10.57 -2.14 -13.00
CA LYS A 137 -11.35 -1.60 -11.90
C LYS A 137 -11.94 -2.72 -11.05
N THR A 138 -12.22 -3.86 -11.68
CA THR A 138 -12.79 -5.01 -10.99
C THR A 138 -11.90 -5.44 -9.84
N ALA A 139 -12.27 -5.06 -8.62
CA ALA A 139 -11.50 -5.41 -7.43
C ALA A 139 -11.64 -6.89 -7.11
N GLY A 140 -10.62 -7.68 -7.45
CA GLY A 140 -10.66 -9.10 -7.19
C GLY A 140 -10.13 -9.45 -5.81
N GLU A 141 -10.13 -10.73 -5.49
CA GLU A 141 -9.65 -11.20 -4.18
C GLU A 141 -8.16 -10.90 -4.02
N GLU A 142 -7.41 -11.08 -5.10
CA GLU A 142 -5.97 -10.83 -5.08
C GLU A 142 -5.68 -9.34 -4.99
N GLU A 143 -6.49 -8.53 -5.66
CA GLU A 143 -6.32 -7.09 -5.65
C GLU A 143 -6.52 -6.52 -4.24
N MET A 144 -7.30 -7.22 -3.44
CA MET A 144 -7.57 -6.79 -2.06
C MET A 144 -6.28 -6.61 -1.29
N ILE A 145 -6.18 -5.51 -0.54
CA ILE A 145 -4.99 -5.23 0.25
C ILE A 145 -5.37 -4.75 1.65
N LYS A 146 -4.36 -4.46 2.47
CA LYS A 146 -4.58 -3.99 3.83
C LYS A 146 -3.53 -2.97 4.24
N ILE A 147 -3.81 -1.69 3.97
CA ILE A 147 -2.89 -0.62 4.31
C ILE A 147 -2.75 -0.48 5.81
N ARG A 148 -1.60 -0.90 6.34
CA ARG A 148 -1.34 -0.82 7.77
C ARG A 148 -0.78 0.55 8.15
N SER A 149 -0.62 0.78 9.45
CA SER A 149 -0.10 2.05 9.94
C SER A 149 0.62 1.86 11.26
N CYS A 150 1.83 2.43 11.36
CA CYS A 150 2.62 2.31 12.58
C CYS A 150 2.62 3.64 13.34
N ALA A 151 1.52 4.38 13.24
CA ALA A 151 1.39 5.66 13.92
C ALA A 151 0.72 5.50 15.29
N GLU A 152 0.69 6.59 16.04
CA GLU A 152 0.08 6.56 17.37
C GLU A 152 -1.43 6.45 17.28
N ARG A 153 -2.01 5.52 18.03
CA ARG A 153 -3.45 5.32 18.03
C ARG A 153 -4.15 6.36 18.91
N GLU A 154 -5.43 6.59 18.63
CA GLU A 154 -6.21 7.56 19.39
C GLU A 154 -7.18 6.86 20.33
N THR A 155 -6.69 6.48 21.50
CA THR A 155 -7.53 5.79 22.49
C THR A 155 -7.07 6.13 23.91
N GLY A 1 -9.39 -5.83 31.20
CA GLY A 1 -8.61 -6.89 31.88
C GLY A 1 -7.84 -7.76 30.91
N SER A 2 -7.44 -7.18 29.78
CA SER A 2 -6.69 -7.90 28.77
C SER A 2 -5.76 -6.97 28.00
N SER A 3 -4.94 -7.55 27.12
CA SER A 3 -4.00 -6.77 26.33
C SER A 3 -4.33 -6.86 24.85
N GLY A 4 -4.38 -5.71 24.19
CA GLY A 4 -4.68 -5.67 22.77
C GLY A 4 -6.00 -4.98 22.48
N SER A 5 -6.18 -4.55 21.23
CA SER A 5 -7.41 -3.86 20.83
C SER A 5 -8.47 -4.86 20.40
N SER A 6 -9.70 -4.39 20.27
CA SER A 6 -10.82 -5.24 19.86
C SER A 6 -11.35 -4.82 18.49
N GLY A 7 -11.35 -5.76 17.55
CA GLY A 7 -11.83 -5.47 16.21
C GLY A 7 -10.71 -5.13 15.26
N LEU A 8 -9.76 -4.34 15.72
CA LEU A 8 -8.63 -3.93 14.90
C LEU A 8 -7.56 -5.02 14.87
N ASP A 9 -6.83 -5.11 13.77
CA ASP A 9 -5.78 -6.10 13.62
C ASP A 9 -4.40 -5.47 13.86
N ILE A 10 -3.91 -5.58 15.09
CA ILE A 10 -2.61 -5.03 15.45
C ILE A 10 -1.54 -6.11 15.49
N VAL A 11 -0.45 -5.88 14.77
CA VAL A 11 0.65 -6.85 14.73
C VAL A 11 1.95 -6.21 15.20
N GLY A 12 2.25 -6.39 16.49
CA GLY A 12 3.47 -5.83 17.05
C GLY A 12 3.43 -4.31 17.12
N ILE A 13 3.54 -3.66 15.97
CA ILE A 13 3.51 -2.21 15.92
C ILE A 13 2.92 -1.72 14.60
N TRP A 14 2.01 -2.51 14.04
CA TRP A 14 1.36 -2.16 12.78
C TRP A 14 -0.16 -2.26 12.90
N TRP A 15 -0.80 -1.14 13.17
CA TRP A 15 -2.25 -1.09 13.31
C TRP A 15 -2.92 -0.71 11.99
N THR A 16 -3.80 -1.58 11.50
CA THR A 16 -4.51 -1.34 10.26
C THR A 16 -5.34 -0.06 10.34
N VAL A 17 -5.74 0.44 9.17
CA VAL A 17 -6.53 1.67 9.11
C VAL A 17 -7.99 1.37 8.75
N SER A 18 -8.91 1.95 9.50
CA SER A 18 -10.34 1.74 9.24
C SER A 18 -10.87 2.81 8.30
N ASN A 19 -10.39 4.04 8.44
CA ASN A 19 -10.83 5.14 7.59
C ASN A 19 -9.63 5.92 7.05
N PHE A 20 -9.90 6.86 6.16
CA PHE A 20 -8.86 7.67 5.56
C PHE A 20 -8.30 8.68 6.57
N GLY A 21 -9.17 9.18 7.44
CA GLY A 21 -8.75 10.15 8.43
C GLY A 21 -7.64 9.63 9.31
N GLU A 22 -7.55 8.31 9.44
CA GLU A 22 -6.52 7.69 10.27
C GLU A 22 -5.23 7.51 9.48
N ILE A 23 -5.35 7.33 8.17
CA ILE A 23 -4.19 7.14 7.31
C ILE A 23 -3.32 8.39 7.29
N SER A 24 -2.09 8.26 7.75
CA SER A 24 -1.16 9.38 7.79
C SER A 24 0.20 8.93 8.32
N GLY A 25 1.26 9.45 7.71
CA GLY A 25 2.61 9.09 8.13
C GLY A 25 3.13 7.86 7.43
N THR A 26 3.94 7.07 8.13
CA THR A 26 4.49 5.85 7.57
C THR A 26 3.48 4.71 7.61
N ILE A 27 3.33 4.02 6.49
CA ILE A 27 2.39 2.90 6.40
C ILE A 27 2.94 1.79 5.51
N ALA A 28 2.22 0.68 5.46
CA ALA A 28 2.64 -0.46 4.65
C ALA A 28 1.47 -0.99 3.82
N ILE A 29 1.81 -1.62 2.68
CA ILE A 29 0.79 -2.17 1.80
C ILE A 29 1.01 -3.66 1.57
N GLU A 30 -0.01 -4.46 1.82
CA GLU A 30 0.07 -5.91 1.64
C GLU A 30 -0.88 -6.38 0.55
N MET A 31 -0.32 -6.96 -0.50
CA MET A 31 -1.12 -7.46 -1.62
C MET A 31 -1.43 -8.94 -1.45
N ASP A 32 -0.39 -9.72 -1.15
CA ASP A 32 -0.56 -11.16 -0.97
C ASP A 32 -0.66 -11.51 0.51
N LYS A 33 -0.99 -12.76 0.80
CA LYS A 33 -1.12 -13.23 2.18
C LYS A 33 0.25 -13.41 2.82
N GLY A 34 0.82 -12.30 3.31
CA GLY A 34 2.12 -12.35 3.95
C GLY A 34 3.20 -11.67 3.13
N ALA A 35 3.02 -11.64 1.82
CA ALA A 35 3.98 -11.00 0.93
C ALA A 35 3.72 -9.50 0.81
N TYR A 36 4.78 -8.71 0.92
CA TYR A 36 4.67 -7.27 0.83
C TYR A 36 5.37 -6.74 -0.42
N ILE A 37 5.05 -5.51 -0.80
CA ILE A 37 5.66 -4.89 -1.97
C ILE A 37 7.13 -4.56 -1.74
N HIS A 38 7.98 -5.11 -2.59
CA HIS A 38 9.43 -4.88 -2.47
C HIS A 38 9.91 -3.88 -3.52
N ALA A 39 10.75 -2.95 -3.10
CA ALA A 39 11.28 -1.94 -4.01
C ALA A 39 12.69 -2.28 -4.45
N LEU A 40 12.99 -2.05 -5.72
CA LEU A 40 14.31 -2.34 -6.27
C LEU A 40 15.08 -1.07 -6.55
N ASP A 41 16.40 -1.15 -6.48
CA ASP A 41 17.26 0.01 -6.72
C ASP A 41 17.30 0.36 -8.21
N ASN A 42 17.18 -0.66 -9.05
CA ASN A 42 17.22 -0.48 -10.49
C ASN A 42 16.10 0.46 -10.95
N GLY A 43 15.03 0.52 -10.17
CA GLY A 43 13.92 1.40 -10.50
C GLY A 43 12.64 0.62 -10.78
N LEU A 44 12.50 -0.55 -10.16
CA LEU A 44 11.33 -1.39 -10.35
C LEU A 44 10.79 -1.88 -9.01
N PHE A 45 9.72 -2.66 -9.06
CA PHE A 45 9.11 -3.20 -7.84
C PHE A 45 8.62 -4.62 -8.07
N THR A 46 8.84 -5.48 -7.07
CA THR A 46 8.42 -6.88 -7.16
C THR A 46 7.69 -7.30 -5.89
N LEU A 47 7.26 -8.56 -5.86
CA LEU A 47 6.55 -9.09 -4.70
C LEU A 47 7.50 -9.80 -3.75
N GLY A 48 7.78 -9.19 -2.61
CA GLY A 48 8.67 -9.78 -1.64
C GLY A 48 8.19 -11.13 -1.16
N ALA A 49 8.99 -11.79 -0.33
CA ALA A 49 8.65 -13.10 0.20
C ALA A 49 7.93 -12.97 1.55
N PRO A 50 6.97 -13.86 1.83
CA PRO A 50 6.21 -13.85 3.08
C PRO A 50 7.05 -14.34 4.26
N HIS A 51 6.97 -13.62 5.37
CA HIS A 51 7.71 -13.98 6.57
C HIS A 51 7.19 -15.29 7.17
N ARG A 52 7.97 -15.90 8.05
CA ARG A 52 7.59 -17.16 8.68
C ARG A 52 6.50 -16.93 9.73
N GLU A 53 6.88 -16.33 10.84
CA GLU A 53 5.94 -16.05 11.92
C GLU A 53 4.92 -15.00 11.50
N VAL A 54 3.91 -14.77 12.34
CA VAL A 54 2.89 -13.79 12.06
C VAL A 54 3.28 -12.42 12.58
N ASP A 55 3.98 -12.39 13.70
CA ASP A 55 4.42 -11.14 14.30
C ASP A 55 5.79 -10.73 13.77
N GLU A 56 5.80 -10.15 12.57
CA GLU A 56 7.04 -9.71 11.95
C GLU A 56 6.80 -8.51 11.03
N GLY A 57 7.48 -7.41 11.30
CA GLY A 57 7.32 -6.21 10.50
C GLY A 57 8.07 -6.30 9.18
N PRO A 58 7.65 -5.53 8.16
CA PRO A 58 8.30 -5.53 6.84
C PRO A 58 9.67 -4.86 6.88
N SER A 59 10.55 -5.29 5.98
CA SER A 59 11.89 -4.73 5.91
C SER A 59 11.84 -3.25 5.53
N PRO A 60 12.96 -2.51 5.76
CA PRO A 60 13.02 -1.08 5.45
C PRO A 60 12.66 -0.77 4.00
N PRO A 61 13.20 -1.56 3.05
CA PRO A 61 12.92 -1.36 1.62
C PRO A 61 11.44 -1.48 1.30
N GLU A 62 10.73 -2.26 2.11
CA GLU A 62 9.30 -2.47 1.91
C GLU A 62 8.49 -1.36 2.59
N GLN A 63 9.05 -0.80 3.66
CA GLN A 63 8.37 0.26 4.39
C GLN A 63 8.11 1.47 3.50
N PHE A 64 6.86 1.88 3.40
CA PHE A 64 6.48 3.03 2.58
C PHE A 64 6.03 4.20 3.45
N THR A 65 5.84 5.36 2.82
CA THR A 65 5.41 6.55 3.53
C THR A 65 4.22 7.20 2.83
N ALA A 66 3.17 7.48 3.59
CA ALA A 66 1.98 8.11 3.03
C ALA A 66 1.99 9.62 3.26
N VAL A 67 1.44 10.35 2.31
CA VAL A 67 1.40 11.81 2.40
C VAL A 67 0.08 12.35 1.85
N LYS A 68 -0.76 12.86 2.74
CA LYS A 68 -2.05 13.41 2.35
C LYS A 68 -1.87 14.62 1.43
N LEU A 69 -2.76 14.75 0.45
CA LEU A 69 -2.69 15.86 -0.49
C LEU A 69 -4.02 16.61 -0.55
N SER A 70 -5.05 15.95 -1.08
CA SER A 70 -6.37 16.55 -1.19
C SER A 70 -7.36 15.58 -1.83
N ASP A 71 -8.63 15.73 -1.50
CA ASP A 71 -9.68 14.87 -2.04
C ASP A 71 -9.40 13.41 -1.72
N SER A 72 -8.92 13.15 -0.51
CA SER A 72 -8.62 11.79 -0.07
C SER A 72 -7.56 11.16 -0.97
N ARG A 73 -6.59 11.97 -1.39
CA ARG A 73 -5.52 11.49 -2.25
C ARG A 73 -4.17 11.62 -1.56
N ILE A 74 -3.58 10.48 -1.20
CA ILE A 74 -2.28 10.47 -0.53
C ILE A 74 -1.18 10.01 -1.47
N ALA A 75 0.06 10.32 -1.11
CA ALA A 75 1.22 9.95 -1.92
C ALA A 75 2.07 8.91 -1.22
N LEU A 76 2.48 7.88 -1.96
CA LEU A 76 3.30 6.81 -1.41
C LEU A 76 4.77 7.01 -1.76
N LYS A 77 5.65 6.66 -0.84
CA LYS A 77 7.08 6.81 -1.05
C LYS A 77 7.83 5.56 -0.59
N SER A 78 8.68 5.03 -1.46
CA SER A 78 9.46 3.83 -1.14
C SER A 78 10.50 4.13 -0.07
N GLY A 79 10.90 3.10 0.67
CA GLY A 79 11.89 3.29 1.72
C GLY A 79 13.19 3.86 1.20
N TYR A 80 13.49 3.59 -0.07
CA TYR A 80 14.71 4.09 -0.69
C TYR A 80 14.69 5.61 -0.79
N GLY A 81 13.55 6.16 -1.20
CA GLY A 81 13.41 7.60 -1.33
C GLY A 81 12.82 8.00 -2.66
N LYS A 82 11.77 7.31 -3.09
CA LYS A 82 11.12 7.61 -4.35
C LYS A 82 9.61 7.47 -4.24
N TYR A 83 8.88 8.20 -5.07
CA TYR A 83 7.42 8.17 -5.06
C TYR A 83 6.91 7.08 -6.00
N LEU A 84 5.97 6.28 -5.50
CA LEU A 84 5.39 5.20 -6.29
C LEU A 84 4.57 5.75 -7.46
N GLY A 85 5.19 5.81 -8.63
CA GLY A 85 4.52 6.32 -9.81
C GLY A 85 4.25 5.25 -10.85
N ILE A 86 3.02 5.19 -11.34
CA ILE A 86 2.64 4.19 -12.34
C ILE A 86 3.00 4.67 -13.74
N ASN A 87 3.72 3.84 -14.47
CA ASN A 87 4.13 4.17 -15.83
C ASN A 87 2.92 4.43 -16.73
N SER A 88 3.14 5.12 -17.83
CA SER A 88 2.06 5.43 -18.77
C SER A 88 1.48 4.16 -19.36
N ASP A 89 2.33 3.17 -19.61
CA ASP A 89 1.91 1.90 -20.17
C ASP A 89 0.93 1.19 -19.23
N GLY A 90 1.27 1.16 -17.95
CA GLY A 90 0.42 0.52 -16.96
C GLY A 90 1.20 -0.36 -16.01
N LEU A 91 2.32 0.16 -15.53
CA LEU A 91 3.17 -0.59 -14.59
C LEU A 91 3.48 0.25 -13.36
N VAL A 92 3.73 -0.42 -12.25
CA VAL A 92 4.05 0.26 -10.99
C VAL A 92 5.56 0.36 -10.78
N VAL A 93 6.06 1.58 -10.75
CA VAL A 93 7.49 1.82 -10.55
C VAL A 93 7.73 2.97 -9.59
N GLY A 94 9.00 3.21 -9.26
CA GLY A 94 9.34 4.28 -8.34
C GLY A 94 10.73 4.82 -8.58
N ARG A 95 10.83 5.87 -9.40
CA ARG A 95 12.11 6.49 -9.71
C ARG A 95 11.97 8.00 -9.87
N SER A 96 11.06 8.58 -9.10
CA SER A 96 10.83 10.02 -9.15
C SER A 96 10.82 10.62 -7.74
N ASP A 97 11.50 11.74 -7.58
CA ASP A 97 11.58 12.41 -6.29
C ASP A 97 10.59 13.58 -6.22
N ALA A 98 9.47 13.44 -6.93
CA ALA A 98 8.44 14.46 -6.95
C ALA A 98 7.04 13.86 -6.88
N ILE A 99 6.05 14.69 -6.62
CA ILE A 99 4.67 14.24 -6.52
C ILE A 99 3.88 14.62 -7.77
N GLY A 100 4.02 13.82 -8.82
CA GLY A 100 3.32 14.09 -10.06
C GLY A 100 1.97 13.41 -10.12
N PRO A 101 1.35 13.33 -11.32
CA PRO A 101 0.05 12.68 -11.50
C PRO A 101 0.13 11.17 -11.34
N ARG A 102 1.19 10.58 -11.89
CA ARG A 102 1.38 9.14 -11.81
C ARG A 102 1.63 8.70 -10.37
N GLU A 103 2.25 9.58 -9.59
CA GLU A 103 2.55 9.29 -8.19
C GLU A 103 1.29 9.36 -7.33
N GLN A 104 0.32 10.17 -7.77
CA GLN A 104 -0.92 10.33 -7.03
C GLN A 104 -1.63 8.98 -6.83
N TRP A 105 -2.45 8.91 -5.79
CA TRP A 105 -3.17 7.68 -5.48
C TRP A 105 -4.58 8.00 -4.98
N GLU A 106 -5.33 6.94 -4.67
CA GLU A 106 -6.70 7.11 -4.17
C GLU A 106 -7.19 5.83 -3.48
N PRO A 107 -7.08 5.76 -2.14
CA PRO A 107 -7.51 4.59 -1.38
C PRO A 107 -9.03 4.43 -1.38
N VAL A 108 -9.50 3.27 -0.92
CA VAL A 108 -10.92 3.00 -0.87
C VAL A 108 -11.27 2.08 0.29
N PHE A 109 -12.53 2.11 0.71
CA PHE A 109 -12.99 1.28 1.82
C PHE A 109 -14.47 0.97 1.68
N GLN A 110 -14.80 -0.33 1.60
CA GLN A 110 -16.17 -0.76 1.47
C GLN A 110 -16.42 -2.07 2.22
N ASP A 111 -17.39 -2.06 3.12
CA ASP A 111 -17.72 -3.24 3.91
C ASP A 111 -16.52 -3.69 4.73
N GLY A 112 -15.66 -2.75 5.09
CA GLY A 112 -14.49 -3.08 5.88
C GLY A 112 -13.25 -3.29 5.02
N LYS A 113 -13.45 -3.79 3.81
CA LYS A 113 -12.35 -4.03 2.89
C LYS A 113 -11.69 -2.73 2.47
N MET A 114 -10.58 -2.84 1.75
CA MET A 114 -9.85 -1.66 1.29
C MET A 114 -9.06 -1.98 0.02
N ALA A 115 -8.86 -0.97 -0.81
CA ALA A 115 -8.13 -1.13 -2.06
C ALA A 115 -7.47 0.18 -2.50
N LEU A 116 -6.40 0.07 -3.27
CA LEU A 116 -5.70 1.25 -3.76
C LEU A 116 -5.96 1.46 -5.25
N LEU A 117 -6.33 2.69 -5.61
CA LEU A 117 -6.60 3.03 -7.00
C LEU A 117 -5.51 3.91 -7.58
N ALA A 118 -4.97 3.50 -8.73
CA ALA A 118 -3.91 4.26 -9.39
C ALA A 118 -4.45 5.54 -10.02
N SER A 119 -3.55 6.44 -10.38
CA SER A 119 -3.93 7.70 -10.99
C SER A 119 -4.52 7.49 -12.38
N ASN A 120 -4.32 6.29 -12.94
CA ASN A 120 -4.84 5.97 -14.26
C ASN A 120 -6.18 5.24 -14.18
N SER A 121 -6.90 5.46 -13.08
CA SER A 121 -8.20 4.84 -12.88
C SER A 121 -8.10 3.32 -12.94
N CYS A 122 -7.05 2.78 -12.34
CA CYS A 122 -6.83 1.33 -12.33
C CYS A 122 -6.16 0.89 -11.04
N PHE A 123 -6.81 -0.01 -10.32
CA PHE A 123 -6.28 -0.52 -9.06
C PHE A 123 -4.92 -1.19 -9.27
N ILE A 124 -4.22 -1.46 -8.17
CA ILE A 124 -2.91 -2.10 -8.24
C ILE A 124 -3.03 -3.62 -8.07
N ARG A 125 -1.96 -4.33 -8.43
CA ARG A 125 -1.95 -5.78 -8.32
C ARG A 125 -0.58 -6.33 -8.70
N CYS A 126 -0.10 -7.31 -7.93
CA CYS A 126 1.19 -7.93 -8.19
C CYS A 126 1.04 -9.18 -9.04
N ASN A 127 2.03 -9.43 -9.90
CA ASN A 127 2.00 -10.60 -10.77
C ASN A 127 2.66 -11.80 -10.10
N GLU A 128 2.61 -12.95 -10.77
CA GLU A 128 3.22 -14.17 -10.24
C GLU A 128 4.72 -14.20 -10.51
N ALA A 129 5.11 -13.61 -11.63
CA ALA A 129 6.52 -13.57 -12.02
C ALA A 129 7.28 -12.51 -11.22
N GLY A 130 6.60 -11.42 -10.91
CA GLY A 130 7.22 -10.35 -10.15
C GLY A 130 7.14 -9.01 -10.86
N ASP A 131 5.98 -8.74 -11.47
CA ASP A 131 5.77 -7.49 -12.18
C ASP A 131 4.51 -6.79 -11.69
N ILE A 132 4.68 -5.80 -10.83
CA ILE A 132 3.56 -5.04 -10.29
C ILE A 132 2.99 -4.08 -11.31
N GLU A 133 1.73 -4.30 -11.69
CA GLU A 133 1.07 -3.45 -12.67
C GLU A 133 -0.36 -3.11 -12.23
N ALA A 134 -0.98 -2.16 -12.93
CA ALA A 134 -2.34 -1.76 -12.61
C ALA A 134 -3.36 -2.71 -13.23
N LYS A 135 -4.22 -3.27 -12.40
CA LYS A 135 -5.24 -4.20 -12.86
C LYS A 135 -6.47 -3.45 -13.37
N ASN A 136 -7.33 -4.15 -14.10
CA ASN A 136 -8.54 -3.55 -14.65
C ASN A 136 -9.33 -2.82 -13.57
N LYS A 137 -10.32 -2.04 -13.98
CA LYS A 137 -11.16 -1.28 -13.06
C LYS A 137 -11.86 -2.22 -12.08
N THR A 138 -12.28 -3.38 -12.57
CA THR A 138 -12.97 -4.37 -11.74
C THR A 138 -12.09 -4.78 -10.56
N ALA A 139 -12.41 -4.23 -9.39
CA ALA A 139 -11.66 -4.55 -8.17
C ALA A 139 -12.09 -5.91 -7.61
N GLY A 140 -11.43 -6.96 -8.09
CA GLY A 140 -11.76 -8.30 -7.63
C GLY A 140 -11.49 -8.48 -6.14
N GLU A 141 -11.76 -9.67 -5.63
CA GLU A 141 -11.55 -9.97 -4.22
C GLU A 141 -10.05 -10.03 -3.90
N GLU A 142 -9.28 -10.58 -4.82
CA GLU A 142 -7.83 -10.70 -4.64
C GLU A 142 -7.15 -9.35 -4.75
N GLU A 143 -7.72 -8.48 -5.59
CA GLU A 143 -7.17 -7.14 -5.80
C GLU A 143 -7.15 -6.36 -4.49
N MET A 144 -8.07 -6.68 -3.59
CA MET A 144 -8.15 -5.99 -2.31
C MET A 144 -6.84 -6.11 -1.54
N ILE A 145 -6.43 -5.00 -0.93
CA ILE A 145 -5.19 -4.98 -0.16
C ILE A 145 -5.46 -4.64 1.31
N LYS A 146 -4.40 -4.59 2.10
CA LYS A 146 -4.52 -4.27 3.52
C LYS A 146 -3.46 -3.26 3.95
N ILE A 147 -3.82 -1.98 3.95
CA ILE A 147 -2.91 -0.92 4.33
C ILE A 147 -2.82 -0.80 5.86
N ARG A 148 -1.60 -0.82 6.38
CA ARG A 148 -1.38 -0.71 7.82
C ARG A 148 -0.46 0.45 8.14
N SER A 149 -0.70 1.10 9.28
CA SER A 149 0.10 2.23 9.71
C SER A 149 0.99 1.84 10.89
N CYS A 150 2.02 2.65 11.14
CA CYS A 150 2.93 2.40 12.24
C CYS A 150 3.29 3.69 12.96
N ALA A 151 2.32 4.59 13.07
CA ALA A 151 2.53 5.87 13.74
C ALA A 151 2.33 5.75 15.24
N GLU A 152 2.61 6.82 15.97
CA GLU A 152 2.46 6.84 17.41
C GLU A 152 1.00 7.02 17.81
N ARG A 153 0.43 6.02 18.48
CA ARG A 153 -0.96 6.08 18.92
C ARG A 153 -1.07 6.67 20.32
N GLU A 154 -2.28 7.03 20.71
CA GLU A 154 -2.52 7.62 22.02
C GLU A 154 -3.94 7.33 22.49
N THR A 155 -4.48 6.18 22.08
CA THR A 155 -5.82 5.78 22.47
C THR A 155 -5.88 5.40 23.94
N GLY A 1 -23.49 10.23 17.52
CA GLY A 1 -24.59 9.26 17.24
C GLY A 1 -24.20 7.84 17.59
N SER A 2 -24.13 6.99 16.57
CA SER A 2 -23.77 5.59 16.78
C SER A 2 -22.26 5.39 16.71
N SER A 3 -21.71 4.66 17.68
CA SER A 3 -20.28 4.40 17.72
C SER A 3 -19.99 2.94 17.41
N GLY A 4 -20.76 2.36 16.49
CA GLY A 4 -20.57 0.97 16.13
C GLY A 4 -19.18 0.71 15.57
N SER A 5 -18.61 -0.44 15.92
CA SER A 5 -17.28 -0.80 15.44
C SER A 5 -17.35 -1.97 14.46
N SER A 6 -16.24 -2.25 13.81
CA SER A 6 -16.18 -3.34 12.84
C SER A 6 -15.04 -4.31 13.19
N GLY A 7 -13.88 -3.77 13.52
CA GLY A 7 -12.74 -4.59 13.86
C GLY A 7 -11.45 -4.05 13.31
N LEU A 8 -10.38 -4.18 14.09
CA LEU A 8 -9.06 -3.69 13.67
C LEU A 8 -8.01 -4.79 13.80
N ASP A 9 -7.15 -4.89 12.79
CA ASP A 9 -6.09 -5.90 12.79
C ASP A 9 -4.77 -5.30 13.22
N ILE A 10 -4.13 -5.93 14.20
CA ILE A 10 -2.85 -5.46 14.72
C ILE A 10 -1.80 -6.57 14.68
N VAL A 11 -0.60 -6.23 14.24
CA VAL A 11 0.50 -7.20 14.16
C VAL A 11 1.78 -6.62 14.74
N GLY A 12 2.05 -6.94 16.01
CA GLY A 12 3.24 -6.45 16.66
C GLY A 12 3.22 -4.94 16.85
N ILE A 13 3.65 -4.21 15.83
CA ILE A 13 3.68 -2.75 15.88
C ILE A 13 3.03 -2.15 14.65
N TRP A 14 2.05 -2.86 14.09
CA TRP A 14 1.34 -2.37 12.90
C TRP A 14 -0.15 -2.56 13.05
N TRP A 15 -0.92 -1.61 12.51
CA TRP A 15 -2.37 -1.67 12.59
C TRP A 15 -3.00 -1.22 11.28
N THR A 16 -4.01 -1.96 10.82
CA THR A 16 -4.70 -1.64 9.58
C THR A 16 -5.53 -0.38 9.73
N VAL A 17 -5.59 0.43 8.67
CA VAL A 17 -6.37 1.66 8.69
C VAL A 17 -7.84 1.39 8.42
N SER A 18 -8.67 2.40 8.61
CA SER A 18 -10.11 2.27 8.39
C SER A 18 -10.61 3.37 7.46
N ASN A 19 -10.17 4.60 7.71
CA ASN A 19 -10.59 5.74 6.89
C ASN A 19 -9.37 6.56 6.44
N PHE A 20 -9.61 7.53 5.59
CA PHE A 20 -8.54 8.39 5.08
C PHE A 20 -7.83 9.11 6.22
N GLY A 21 -8.62 9.66 7.13
CA GLY A 21 -8.05 10.38 8.26
C GLY A 21 -7.08 9.53 9.07
N GLU A 22 -7.27 8.22 9.02
CA GLU A 22 -6.40 7.30 9.75
C GLU A 22 -5.04 7.18 9.07
N ILE A 23 -5.04 7.24 7.75
CA ILE A 23 -3.80 7.14 6.98
C ILE A 23 -2.99 8.44 7.06
N SER A 24 -1.83 8.35 7.71
CA SER A 24 -0.96 9.51 7.87
C SER A 24 0.39 9.11 8.42
N GLY A 25 1.39 9.00 7.54
CA GLY A 25 2.72 8.61 7.96
C GLY A 25 3.21 7.36 7.25
N THR A 26 4.02 6.57 7.95
CA THR A 26 4.57 5.35 7.38
C THR A 26 3.52 4.23 7.39
N ILE A 27 3.30 3.63 6.23
CA ILE A 27 2.32 2.55 6.11
C ILE A 27 2.82 1.46 5.16
N ALA A 28 2.44 0.22 5.45
CA ALA A 28 2.84 -0.91 4.62
C ALA A 28 1.64 -1.62 4.01
N ILE A 29 1.71 -1.90 2.72
CA ILE A 29 0.61 -2.57 2.02
C ILE A 29 0.99 -4.00 1.65
N GLU A 30 0.14 -4.95 2.04
CA GLU A 30 0.39 -6.36 1.75
C GLU A 30 -0.52 -6.85 0.63
N MET A 31 0.05 -7.09 -0.54
CA MET A 31 -0.71 -7.57 -1.68
C MET A 31 -0.95 -9.07 -1.60
N ASP A 32 0.12 -9.85 -1.72
CA ASP A 32 0.03 -11.30 -1.66
C ASP A 32 -0.25 -11.76 -0.22
N LYS A 33 -0.39 -13.07 -0.05
CA LYS A 33 -0.65 -13.64 1.27
C LYS A 33 0.62 -13.70 2.10
N GLY A 34 0.95 -12.60 2.75
CA GLY A 34 2.14 -12.55 3.57
C GLY A 34 3.24 -11.73 2.95
N ALA A 35 3.27 -11.68 1.61
CA ALA A 35 4.28 -10.93 0.89
C ALA A 35 3.88 -9.46 0.78
N TYR A 36 4.88 -8.59 0.66
CA TYR A 36 4.64 -7.15 0.53
C TYR A 36 5.29 -6.60 -0.73
N ILE A 37 5.11 -5.30 -0.95
CA ILE A 37 5.67 -4.64 -2.13
C ILE A 37 7.14 -4.29 -1.90
N HIS A 38 8.00 -4.78 -2.78
CA HIS A 38 9.44 -4.52 -2.69
C HIS A 38 9.89 -3.56 -3.78
N ALA A 39 10.91 -2.77 -3.47
CA ALA A 39 11.44 -1.80 -4.42
C ALA A 39 12.80 -2.23 -4.94
N LEU A 40 13.19 -1.69 -6.10
CA LEU A 40 14.48 -2.02 -6.70
C LEU A 40 15.27 -0.76 -7.04
N ASP A 41 16.53 -0.94 -7.38
CA ASP A 41 17.40 0.18 -7.72
C ASP A 41 17.35 0.48 -9.22
N ASN A 42 17.19 -0.58 -10.02
CA ASN A 42 17.12 -0.43 -11.47
C ASN A 42 15.95 0.47 -11.87
N GLY A 43 14.90 0.47 -11.06
CA GLY A 43 13.73 1.28 -11.36
C GLY A 43 12.47 0.46 -11.54
N LEU A 44 12.36 -0.62 -10.78
CA LEU A 44 11.20 -1.50 -10.86
C LEU A 44 10.73 -1.92 -9.47
N PHE A 45 9.59 -2.59 -9.42
CA PHE A 45 9.04 -3.06 -8.14
C PHE A 45 8.56 -4.49 -8.25
N THR A 46 9.17 -5.38 -7.48
CA THR A 46 8.81 -6.79 -7.48
C THR A 46 8.18 -7.20 -6.15
N LEU A 47 7.61 -8.39 -6.11
CA LEU A 47 6.98 -8.91 -4.90
C LEU A 47 8.03 -9.30 -3.86
N GLY A 48 8.03 -8.59 -2.73
CA GLY A 48 8.98 -8.88 -1.68
C GLY A 48 8.86 -10.29 -1.17
N ALA A 49 9.83 -10.72 -0.36
CA ALA A 49 9.83 -12.06 0.19
C ALA A 49 8.75 -12.21 1.27
N PRO A 50 7.84 -13.19 1.13
CA PRO A 50 6.77 -13.41 2.10
C PRO A 50 7.30 -13.96 3.42
N HIS A 51 6.85 -13.35 4.51
CA HIS A 51 7.26 -13.78 5.85
C HIS A 51 6.47 -14.98 6.32
N ARG A 52 7.16 -16.08 6.59
CA ARG A 52 6.51 -17.30 7.05
C ARG A 52 5.78 -17.07 8.36
N GLU A 53 6.43 -16.40 9.30
CA GLU A 53 5.83 -16.12 10.59
C GLU A 53 4.77 -15.03 10.47
N VAL A 54 3.71 -15.17 11.25
CA VAL A 54 2.61 -14.20 11.23
C VAL A 54 3.01 -12.90 11.93
N ASP A 55 3.87 -13.02 12.93
CA ASP A 55 4.33 -11.85 13.69
C ASP A 55 5.68 -11.37 13.15
N GLU A 56 5.62 -10.51 12.14
CA GLU A 56 6.84 -9.96 11.54
C GLU A 56 6.53 -8.67 10.78
N GLY A 57 7.22 -7.59 11.15
CA GLY A 57 7.00 -6.32 10.51
C GLY A 57 7.68 -6.24 9.15
N PRO A 58 7.09 -5.50 8.19
CA PRO A 58 7.65 -5.36 6.85
C PRO A 58 9.11 -4.89 6.88
N SER A 59 9.84 -5.21 5.81
CA SER A 59 11.25 -4.81 5.72
C SER A 59 11.38 -3.31 5.45
N PRO A 60 12.56 -2.74 5.73
CA PRO A 60 12.81 -1.31 5.51
C PRO A 60 12.41 -0.85 4.10
N PRO A 61 12.84 -1.58 3.05
CA PRO A 61 12.51 -1.21 1.67
C PRO A 61 11.03 -1.42 1.35
N GLU A 62 10.36 -2.24 2.15
CA GLU A 62 8.95 -2.52 1.94
C GLU A 62 8.08 -1.43 2.56
N GLN A 63 8.58 -0.84 3.65
CA GLN A 63 7.85 0.21 4.35
C GLN A 63 7.64 1.43 3.44
N PHE A 64 6.40 1.91 3.37
CA PHE A 64 6.07 3.06 2.54
C PHE A 64 5.63 4.24 3.40
N THR A 65 5.71 5.44 2.84
CA THR A 65 5.32 6.65 3.55
C THR A 65 4.21 7.39 2.81
N ALA A 66 3.10 7.65 3.51
CA ALA A 66 1.97 8.35 2.92
C ALA A 66 2.19 9.86 2.95
N VAL A 67 1.53 10.57 2.03
CA VAL A 67 1.65 12.02 1.96
C VAL A 67 0.36 12.66 1.46
N LYS A 68 -0.29 13.40 2.34
CA LYS A 68 -1.55 14.07 1.99
C LYS A 68 -1.32 15.12 0.91
N LEU A 69 -2.33 15.31 0.06
CA LEU A 69 -2.24 16.29 -1.02
C LEU A 69 -3.55 17.05 -1.18
N SER A 70 -4.57 16.37 -1.71
CA SER A 70 -5.87 16.98 -1.92
C SER A 70 -6.85 15.99 -2.53
N ASP A 71 -8.14 16.20 -2.28
CA ASP A 71 -9.18 15.32 -2.81
C ASP A 71 -8.97 13.89 -2.33
N SER A 72 -8.47 13.74 -1.12
CA SER A 72 -8.22 12.42 -0.55
C SER A 72 -7.21 11.65 -1.38
N ARG A 73 -6.28 12.37 -2.00
CA ARG A 73 -5.26 11.76 -2.83
C ARG A 73 -3.89 11.83 -2.15
N ILE A 74 -3.40 10.69 -1.69
CA ILE A 74 -2.10 10.62 -1.02
C ILE A 74 -1.03 10.08 -1.96
N ALA A 75 0.22 10.18 -1.51
CA ALA A 75 1.35 9.70 -2.31
C ALA A 75 2.18 8.67 -1.53
N LEU A 76 2.35 7.50 -2.13
CA LEU A 76 3.13 6.44 -1.49
C LEU A 76 4.62 6.60 -1.75
N LYS A 77 5.38 6.80 -0.67
CA LYS A 77 6.82 6.98 -0.78
C LYS A 77 7.56 5.72 -0.35
N SER A 78 8.32 5.14 -1.28
CA SER A 78 9.08 3.93 -0.98
C SER A 78 10.07 4.17 0.14
N GLY A 79 10.63 3.07 0.67
CA GLY A 79 11.60 3.19 1.76
C GLY A 79 12.81 4.00 1.37
N TYR A 80 13.27 3.83 0.13
CA TYR A 80 14.44 4.55 -0.36
C TYR A 80 14.20 6.06 -0.34
N GLY A 81 12.94 6.46 -0.50
CA GLY A 81 12.59 7.86 -0.47
C GLY A 81 12.09 8.36 -1.82
N LYS A 82 11.44 7.47 -2.57
CA LYS A 82 10.90 7.81 -3.88
C LYS A 82 9.38 7.66 -3.91
N TYR A 83 8.72 8.51 -4.67
CA TYR A 83 7.27 8.47 -4.79
C TYR A 83 6.84 7.42 -5.80
N LEU A 84 5.85 6.60 -5.42
CA LEU A 84 5.35 5.56 -6.29
C LEU A 84 4.55 6.14 -7.45
N GLY A 85 4.99 5.87 -8.67
CA GLY A 85 4.31 6.39 -9.84
C GLY A 85 4.05 5.32 -10.88
N ILE A 86 2.83 5.30 -11.40
CA ILE A 86 2.45 4.32 -12.42
C ILE A 86 3.02 4.69 -13.78
N ASN A 87 3.66 3.71 -14.43
CA ASN A 87 4.25 3.93 -15.75
C ASN A 87 3.18 4.25 -16.78
N SER A 88 3.61 4.57 -18.00
CA SER A 88 2.68 4.89 -19.08
C SER A 88 1.76 3.70 -19.37
N ASP A 89 2.32 2.50 -19.36
CA ASP A 89 1.54 1.30 -19.62
C ASP A 89 0.65 0.95 -18.44
N GLY A 90 1.21 1.03 -17.24
CA GLY A 90 0.45 0.72 -16.04
C GLY A 90 1.22 -0.13 -15.06
N LEU A 91 2.49 0.23 -14.83
CA LEU A 91 3.34 -0.52 -13.91
C LEU A 91 3.66 0.31 -12.68
N VAL A 92 3.61 -0.31 -11.50
CA VAL A 92 3.88 0.37 -10.25
C VAL A 92 5.38 0.59 -10.08
N VAL A 93 5.90 1.66 -10.68
CA VAL A 93 7.31 1.98 -10.58
C VAL A 93 7.55 3.15 -9.63
N GLY A 94 8.81 3.36 -9.27
CA GLY A 94 9.14 4.45 -8.36
C GLY A 94 10.39 5.21 -8.80
N ARG A 95 10.20 6.21 -9.65
CA ARG A 95 11.31 7.00 -10.15
C ARG A 95 10.82 8.38 -10.62
N SER A 96 10.60 9.28 -9.67
CA SER A 96 10.14 10.62 -9.99
C SER A 96 10.53 11.61 -8.89
N ASP A 97 10.26 11.23 -7.65
CA ASP A 97 10.59 12.07 -6.50
C ASP A 97 9.84 13.41 -6.59
N ALA A 98 8.65 13.37 -7.18
CA ALA A 98 7.85 14.58 -7.32
C ALA A 98 6.37 14.24 -7.43
N ILE A 99 5.52 15.08 -6.84
CA ILE A 99 4.08 14.85 -6.87
C ILE A 99 3.52 15.10 -8.26
N GLY A 100 3.08 14.03 -8.92
CA GLY A 100 2.52 14.15 -10.25
C GLY A 100 1.20 13.41 -10.40
N PRO A 101 0.47 13.64 -11.50
CA PRO A 101 -0.81 12.99 -11.75
C PRO A 101 -0.71 11.47 -11.66
N ARG A 102 0.28 10.90 -12.32
CA ARG A 102 0.49 9.46 -12.32
C ARG A 102 0.84 8.97 -10.92
N GLU A 103 1.61 9.78 -10.19
CA GLU A 103 2.01 9.42 -8.83
C GLU A 103 0.86 9.56 -7.86
N GLN A 104 -0.09 10.43 -8.18
CA GLN A 104 -1.25 10.65 -7.32
C GLN A 104 -2.04 9.35 -7.13
N TRP A 105 -2.49 9.13 -5.90
CA TRP A 105 -3.26 7.92 -5.57
C TRP A 105 -4.62 8.29 -4.99
N GLU A 106 -5.41 7.27 -4.66
CA GLU A 106 -6.73 7.50 -4.08
C GLU A 106 -7.28 6.22 -3.47
N PRO A 107 -7.10 6.03 -2.15
CA PRO A 107 -7.58 4.84 -1.45
C PRO A 107 -9.10 4.79 -1.35
N VAL A 108 -9.66 3.59 -1.42
CA VAL A 108 -11.10 3.41 -1.35
C VAL A 108 -11.48 2.46 -0.22
N PHE A 109 -12.72 2.57 0.26
CA PHE A 109 -13.21 1.71 1.33
C PHE A 109 -14.65 1.30 1.07
N GLN A 110 -14.95 0.04 1.37
CA GLN A 110 -16.30 -0.49 1.17
C GLN A 110 -16.61 -1.60 2.19
N ASP A 111 -17.44 -1.28 3.16
CA ASP A 111 -17.82 -2.24 4.19
C ASP A 111 -16.60 -2.72 4.96
N GLY A 112 -15.65 -1.81 5.18
CA GLY A 112 -14.44 -2.17 5.91
C GLY A 112 -13.28 -2.45 4.98
N LYS A 113 -13.55 -3.13 3.87
CA LYS A 113 -12.52 -3.46 2.90
C LYS A 113 -11.84 -2.21 2.36
N MET A 114 -10.71 -2.39 1.68
CA MET A 114 -9.97 -1.27 1.12
C MET A 114 -9.15 -1.71 -0.09
N ALA A 115 -8.86 -0.77 -0.97
CA ALA A 115 -8.07 -1.07 -2.17
C ALA A 115 -7.47 0.21 -2.76
N LEU A 116 -6.15 0.26 -2.80
CA LEU A 116 -5.45 1.43 -3.34
C LEU A 116 -5.74 1.59 -4.83
N LEU A 117 -6.37 2.71 -5.18
CA LEU A 117 -6.71 3.00 -6.57
C LEU A 117 -5.70 3.95 -7.20
N ALA A 118 -5.21 3.60 -8.38
CA ALA A 118 -4.25 4.43 -9.08
C ALA A 118 -4.93 5.55 -9.84
N SER A 119 -4.14 6.47 -10.38
CA SER A 119 -4.67 7.61 -11.14
C SER A 119 -5.29 7.14 -12.44
N ASN A 120 -5.04 5.87 -12.82
CA ASN A 120 -5.58 5.33 -14.05
C ASN A 120 -6.90 4.59 -13.80
N SER A 121 -7.58 4.95 -12.71
CA SER A 121 -8.85 4.32 -12.36
C SER A 121 -8.71 2.81 -12.26
N CYS A 122 -7.53 2.35 -11.84
CA CYS A 122 -7.27 0.92 -11.70
C CYS A 122 -6.50 0.63 -10.42
N PHE A 123 -6.96 -0.36 -9.68
CA PHE A 123 -6.31 -0.75 -8.42
C PHE A 123 -4.93 -1.33 -8.69
N ILE A 124 -4.24 -1.72 -7.61
CA ILE A 124 -2.91 -2.30 -7.74
C ILE A 124 -2.93 -3.79 -7.37
N ARG A 125 -2.10 -4.57 -8.04
CA ARG A 125 -2.01 -6.00 -7.78
C ARG A 125 -0.66 -6.55 -8.21
N CYS A 126 -0.14 -7.51 -7.45
CA CYS A 126 1.15 -8.12 -7.76
C CYS A 126 0.97 -9.38 -8.60
N ASN A 127 2.01 -9.76 -9.33
CA ASN A 127 1.96 -10.94 -10.18
C ASN A 127 2.76 -12.09 -9.56
N GLU A 128 2.72 -13.24 -10.21
CA GLU A 128 3.44 -14.42 -9.72
C GLU A 128 4.87 -14.44 -10.23
N ALA A 129 5.07 -13.88 -11.43
CA ALA A 129 6.39 -13.84 -12.03
C ALA A 129 7.28 -12.82 -11.33
N GLY A 130 6.67 -11.73 -10.88
CA GLY A 130 7.42 -10.68 -10.20
C GLY A 130 7.25 -9.33 -10.85
N ASP A 131 6.00 -8.97 -11.16
CA ASP A 131 5.71 -7.69 -11.79
C ASP A 131 4.48 -7.04 -11.17
N ILE A 132 4.71 -5.95 -10.44
CA ILE A 132 3.62 -5.25 -9.78
C ILE A 132 3.04 -4.17 -10.69
N GLU A 133 1.81 -4.38 -11.14
CA GLU A 133 1.13 -3.44 -12.02
C GLU A 133 -0.30 -3.16 -11.54
N ALA A 134 -0.96 -2.22 -12.19
CA ALA A 134 -2.32 -1.85 -11.84
C ALA A 134 -3.33 -2.82 -12.46
N LYS A 135 -4.08 -3.52 -11.61
CA LYS A 135 -5.08 -4.47 -12.08
C LYS A 135 -6.28 -3.75 -12.71
N ASN A 136 -7.12 -4.51 -13.40
CA ASN A 136 -8.31 -3.94 -14.03
C ASN A 136 -9.20 -3.25 -13.00
N LYS A 137 -10.22 -2.55 -13.49
CA LYS A 137 -11.16 -1.86 -12.62
C LYS A 137 -11.85 -2.82 -11.67
N THR A 138 -12.09 -4.04 -12.15
CA THR A 138 -12.76 -5.07 -11.35
C THR A 138 -11.89 -5.45 -10.14
N ALA A 139 -12.43 -5.25 -8.95
CA ALA A 139 -11.71 -5.58 -7.72
C ALA A 139 -12.03 -7.00 -7.26
N GLY A 140 -11.01 -7.85 -7.24
CA GLY A 140 -11.20 -9.23 -6.82
C GLY A 140 -10.87 -9.44 -5.36
N GLU A 141 -11.11 -10.64 -4.87
CA GLU A 141 -10.83 -10.96 -3.47
C GLU A 141 -9.34 -10.86 -3.17
N GLU A 142 -8.52 -11.25 -4.14
CA GLU A 142 -7.06 -11.19 -3.97
C GLU A 142 -6.57 -9.74 -4.05
N GLU A 143 -7.25 -8.94 -4.86
CA GLU A 143 -6.87 -7.54 -5.02
C GLU A 143 -6.94 -6.79 -3.69
N MET A 144 -7.79 -7.28 -2.78
CA MET A 144 -7.95 -6.67 -1.47
C MET A 144 -6.61 -6.55 -0.75
N ILE A 145 -6.23 -5.32 -0.42
CA ILE A 145 -4.97 -5.07 0.27
C ILE A 145 -5.22 -4.65 1.72
N LYS A 146 -4.16 -4.71 2.54
CA LYS A 146 -4.25 -4.34 3.94
C LYS A 146 -3.23 -3.28 4.29
N ILE A 147 -3.61 -2.02 4.12
CA ILE A 147 -2.71 -0.90 4.42
C ILE A 147 -2.48 -0.77 5.92
N ARG A 148 -1.41 -1.41 6.40
CA ARG A 148 -1.08 -1.37 7.82
C ARG A 148 -0.26 -0.13 8.15
N SER A 149 -0.43 0.39 9.36
CA SER A 149 0.29 1.57 9.80
C SER A 149 1.01 1.32 11.13
N CYS A 150 2.11 2.02 11.34
CA CYS A 150 2.89 1.86 12.57
C CYS A 150 2.93 3.17 13.35
N ALA A 151 1.82 3.91 13.33
CA ALA A 151 1.72 5.17 14.04
C ALA A 151 1.13 4.98 15.43
N GLU A 152 1.13 6.05 16.22
CA GLU A 152 0.58 6.00 17.58
C GLU A 152 -0.93 6.17 17.57
N ARG A 153 -1.64 5.20 18.14
CA ARG A 153 -3.09 5.25 18.19
C ARG A 153 -3.57 5.87 19.51
N GLU A 154 -4.82 6.29 19.54
CA GLU A 154 -5.40 6.91 20.72
C GLU A 154 -6.44 5.99 21.35
N THR A 155 -6.17 5.52 22.56
CA THR A 155 -7.08 4.64 23.28
C THR A 155 -8.17 5.44 23.98
N GLY A 1 -19.26 2.89 25.54
CA GLY A 1 -20.38 2.21 26.25
C GLY A 1 -20.52 0.75 25.87
N SER A 2 -21.64 0.41 25.25
CA SER A 2 -21.89 -0.97 24.84
C SER A 2 -21.81 -1.10 23.32
N SER A 3 -22.19 -0.04 22.62
CA SER A 3 -22.15 -0.03 21.15
C SER A 3 -20.74 0.17 20.65
N GLY A 4 -20.15 -0.87 20.08
CA GLY A 4 -18.80 -0.79 19.56
C GLY A 4 -18.56 -1.73 18.39
N SER A 5 -17.38 -1.65 17.81
CA SER A 5 -17.03 -2.50 16.67
C SER A 5 -15.85 -3.41 17.01
N SER A 6 -14.69 -2.81 17.22
CA SER A 6 -13.49 -3.57 17.56
C SER A 6 -13.12 -4.54 16.44
N GLY A 7 -13.11 -4.04 15.21
CA GLY A 7 -12.78 -4.87 14.07
C GLY A 7 -11.53 -4.42 13.35
N LEU A 8 -10.53 -3.99 14.13
CA LEU A 8 -9.27 -3.52 13.56
C LEU A 8 -8.19 -4.60 13.67
N ASP A 9 -7.40 -4.75 12.61
CA ASP A 9 -6.33 -5.75 12.60
C ASP A 9 -5.05 -5.16 13.20
N ILE A 10 -4.17 -6.05 13.64
CA ILE A 10 -2.91 -5.63 14.24
C ILE A 10 -1.80 -6.65 13.95
N VAL A 11 -0.65 -6.16 13.53
CA VAL A 11 0.49 -7.03 13.22
C VAL A 11 1.75 -6.55 13.94
N GLY A 12 2.03 -7.15 15.09
CA GLY A 12 3.20 -6.77 15.85
C GLY A 12 3.16 -5.33 16.30
N ILE A 13 3.58 -4.42 15.43
CA ILE A 13 3.59 -3.00 15.75
C ILE A 13 2.96 -2.18 14.63
N TRP A 14 2.00 -2.77 13.93
CA TRP A 14 1.32 -2.11 12.83
C TRP A 14 -0.20 -2.32 12.91
N TRP A 15 -0.95 -1.24 12.73
CA TRP A 15 -2.40 -1.31 12.78
C TRP A 15 -3.02 -0.88 11.45
N THR A 16 -3.92 -1.69 10.92
CA THR A 16 -4.59 -1.39 9.67
C THR A 16 -5.48 -0.17 9.80
N VAL A 17 -5.50 0.68 8.77
CA VAL A 17 -6.31 1.88 8.78
C VAL A 17 -7.76 1.56 8.45
N SER A 18 -8.67 2.36 8.99
CA SER A 18 -10.11 2.15 8.76
C SER A 18 -10.66 3.26 7.86
N ASN A 19 -10.10 4.46 7.98
CA ASN A 19 -10.54 5.59 7.19
C ASN A 19 -9.35 6.32 6.57
N PHE A 20 -9.64 7.38 5.82
CA PHE A 20 -8.59 8.16 5.17
C PHE A 20 -7.86 9.04 6.18
N GLY A 21 -8.62 9.58 7.13
CA GLY A 21 -8.03 10.44 8.14
C GLY A 21 -6.97 9.73 8.96
N GLU A 22 -7.10 8.41 9.08
CA GLU A 22 -6.14 7.61 9.83
C GLU A 22 -4.84 7.44 9.05
N ILE A 23 -4.95 7.45 7.72
CA ILE A 23 -3.79 7.29 6.86
C ILE A 23 -2.88 8.52 6.92
N SER A 24 -1.78 8.40 7.66
CA SER A 24 -0.85 9.50 7.80
C SER A 24 0.49 9.00 8.36
N GLY A 25 1.58 9.48 7.77
CA GLY A 25 2.90 9.07 8.21
C GLY A 25 3.35 7.77 7.58
N THR A 26 4.25 7.06 8.27
CA THR A 26 4.76 5.79 7.76
C THR A 26 3.66 4.73 7.75
N ILE A 27 3.52 4.05 6.62
CA ILE A 27 2.51 3.00 6.48
C ILE A 27 3.01 1.87 5.60
N ALA A 28 2.53 0.66 5.87
CA ALA A 28 2.93 -0.51 5.10
C ALA A 28 1.74 -1.11 4.35
N ILE A 29 2.02 -1.68 3.19
CA ILE A 29 0.98 -2.28 2.36
C ILE A 29 1.22 -3.77 2.17
N GLU A 30 0.13 -4.53 2.02
CA GLU A 30 0.24 -5.98 1.83
C GLU A 30 -0.68 -6.43 0.70
N MET A 31 -0.10 -6.67 -0.47
CA MET A 31 -0.86 -7.12 -1.62
C MET A 31 -1.19 -8.60 -1.52
N ASP A 32 -0.18 -9.41 -1.19
CA ASP A 32 -0.37 -10.85 -1.06
C ASP A 32 -0.54 -11.24 0.41
N LYS A 33 -0.74 -12.53 0.65
CA LYS A 33 -0.93 -13.04 2.01
C LYS A 33 0.42 -13.24 2.70
N GLY A 34 0.93 -12.17 3.32
CA GLY A 34 2.19 -12.25 4.00
C GLY A 34 3.30 -11.54 3.26
N ALA A 35 3.16 -11.44 1.94
CA ALA A 35 4.16 -10.78 1.11
C ALA A 35 3.93 -9.27 1.05
N TYR A 36 4.99 -8.52 0.87
CA TYR A 36 4.89 -7.06 0.79
C TYR A 36 5.53 -6.54 -0.50
N ILE A 37 5.33 -5.26 -0.78
CA ILE A 37 5.88 -4.64 -1.97
C ILE A 37 7.38 -4.40 -1.82
N HIS A 38 8.17 -5.11 -2.61
CA HIS A 38 9.62 -4.98 -2.58
C HIS A 38 10.12 -4.09 -3.71
N ALA A 39 11.13 -3.27 -3.42
CA ALA A 39 11.69 -2.37 -4.41
C ALA A 39 13.05 -2.87 -4.89
N LEU A 40 13.26 -2.85 -6.20
CA LEU A 40 14.51 -3.30 -6.79
C LEU A 40 15.52 -2.16 -6.86
N ASP A 41 16.79 -2.46 -6.64
CA ASP A 41 17.84 -1.46 -6.69
C ASP A 41 17.90 -0.79 -8.06
N ASN A 42 17.52 -1.55 -9.10
CA ASN A 42 17.52 -1.03 -10.46
C ASN A 42 16.51 0.09 -10.63
N GLY A 43 15.36 -0.07 -9.97
CA GLY A 43 14.32 0.94 -10.06
C GLY A 43 12.93 0.33 -10.10
N LEU A 44 12.83 -0.91 -10.58
CA LEU A 44 11.55 -1.59 -10.67
C LEU A 44 11.11 -2.10 -9.30
N PHE A 45 9.94 -2.72 -9.26
CA PHE A 45 9.40 -3.25 -8.01
C PHE A 45 8.90 -4.68 -8.21
N THR A 46 9.13 -5.52 -7.20
CA THR A 46 8.70 -6.91 -7.26
C THR A 46 8.16 -7.37 -5.91
N LEU A 47 7.42 -8.48 -5.92
CA LEU A 47 6.85 -9.02 -4.70
C LEU A 47 7.94 -9.52 -3.76
N GLY A 48 7.97 -8.98 -2.55
CA GLY A 48 8.97 -9.40 -1.58
C GLY A 48 8.72 -10.80 -1.05
N ALA A 49 9.61 -11.25 -0.17
CA ALA A 49 9.49 -12.58 0.41
C ALA A 49 8.64 -12.56 1.68
N PRO A 50 7.51 -13.30 1.70
CA PRO A 50 6.62 -13.35 2.86
C PRO A 50 7.36 -13.68 4.15
N HIS A 51 6.89 -13.12 5.26
CA HIS A 51 7.52 -13.35 6.56
C HIS A 51 7.10 -14.71 7.12
N ARG A 52 8.05 -15.41 7.74
CA ARG A 52 7.77 -16.72 8.32
C ARG A 52 6.83 -16.60 9.51
N GLU A 53 6.96 -15.51 10.26
CA GLU A 53 6.12 -15.28 11.42
C GLU A 53 4.92 -14.39 11.07
N VAL A 54 3.86 -14.50 11.86
CA VAL A 54 2.66 -13.72 11.63
C VAL A 54 2.82 -12.30 12.18
N ASP A 55 3.23 -12.20 13.43
CA ASP A 55 3.42 -10.90 14.08
C ASP A 55 4.85 -10.41 13.89
N GLU A 56 5.14 -9.86 12.72
CA GLU A 56 6.46 -9.35 12.41
C GLU A 56 6.39 -7.98 11.74
N GLY A 57 7.54 -7.38 11.49
CA GLY A 57 7.57 -6.07 10.86
C GLY A 57 8.18 -6.12 9.47
N PRO A 58 7.77 -5.20 8.56
CA PRO A 58 8.29 -5.16 7.19
C PRO A 58 9.74 -4.69 7.13
N SER A 59 10.41 -4.99 6.03
CA SER A 59 11.80 -4.59 5.85
C SER A 59 11.92 -3.09 5.57
N PRO A 60 13.12 -2.52 5.73
CA PRO A 60 13.36 -1.10 5.48
C PRO A 60 12.87 -0.65 4.11
N PRO A 61 13.22 -1.39 3.04
CA PRO A 61 12.80 -1.04 1.68
C PRO A 61 11.31 -1.29 1.45
N GLU A 62 10.75 -2.20 2.22
CA GLU A 62 9.32 -2.53 2.10
C GLU A 62 8.46 -1.46 2.74
N GLN A 63 8.98 -0.82 3.78
CA GLN A 63 8.25 0.23 4.48
C GLN A 63 8.03 1.43 3.57
N PHE A 64 6.80 1.95 3.58
CA PHE A 64 6.46 3.11 2.76
C PHE A 64 5.99 4.27 3.63
N THR A 65 5.86 5.44 3.02
CA THR A 65 5.42 6.63 3.73
C THR A 65 4.26 7.31 3.01
N ALA A 66 3.23 7.65 3.76
CA ALA A 66 2.04 8.30 3.20
C ALA A 66 2.11 9.81 3.38
N VAL A 67 1.43 10.53 2.50
CA VAL A 67 1.41 11.99 2.57
C VAL A 67 0.12 12.56 1.98
N LYS A 68 -0.71 13.15 2.83
CA LYS A 68 -1.98 13.73 2.39
C LYS A 68 -1.74 14.93 1.48
N LEU A 69 -2.51 15.01 0.40
CA LEU A 69 -2.37 16.12 -0.54
C LEU A 69 -3.70 16.87 -0.70
N SER A 70 -4.69 16.21 -1.28
CA SER A 70 -6.00 16.82 -1.47
C SER A 70 -6.96 15.84 -2.17
N ASP A 71 -8.25 16.04 -1.97
CA ASP A 71 -9.27 15.20 -2.58
C ASP A 71 -9.06 13.73 -2.18
N SER A 72 -8.61 13.52 -0.96
CA SER A 72 -8.37 12.17 -0.44
C SER A 72 -7.33 11.45 -1.30
N ARG A 73 -6.25 12.15 -1.62
CA ARG A 73 -5.18 11.57 -2.44
C ARG A 73 -3.87 11.55 -1.66
N ILE A 74 -3.35 10.35 -1.42
CA ILE A 74 -2.10 10.19 -0.69
C ILE A 74 -0.99 9.69 -1.61
N ALA A 75 0.22 10.20 -1.39
CA ALA A 75 1.36 9.81 -2.20
C ALA A 75 2.25 8.81 -1.46
N LEU A 76 2.47 7.65 -2.08
CA LEU A 76 3.29 6.61 -1.48
C LEU A 76 4.78 6.92 -1.66
N LYS A 77 5.55 6.73 -0.59
CA LYS A 77 6.98 6.99 -0.63
C LYS A 77 7.77 5.73 -0.28
N SER A 78 8.62 5.29 -1.20
CA SER A 78 9.44 4.10 -0.99
C SER A 78 10.49 4.35 0.08
N GLY A 79 10.94 3.28 0.73
CA GLY A 79 11.94 3.41 1.77
C GLY A 79 13.24 4.02 1.25
N TYR A 80 13.52 3.81 -0.03
CA TYR A 80 14.73 4.35 -0.64
C TYR A 80 14.69 5.88 -0.68
N GLY A 81 13.50 6.42 -0.93
CA GLY A 81 13.34 7.86 -0.99
C GLY A 81 12.73 8.32 -2.29
N LYS A 82 11.74 7.58 -2.78
CA LYS A 82 11.07 7.92 -4.03
C LYS A 82 9.55 7.78 -3.89
N TYR A 83 8.82 8.36 -4.85
CA TYR A 83 7.37 8.30 -4.82
C TYR A 83 6.85 7.28 -5.83
N LEU A 84 6.04 6.34 -5.35
CA LEU A 84 5.49 5.30 -6.21
C LEU A 84 4.56 5.90 -7.25
N GLY A 85 4.80 5.56 -8.51
CA GLY A 85 3.97 6.08 -9.59
C GLY A 85 3.78 5.07 -10.70
N ILE A 86 2.66 5.19 -11.42
CA ILE A 86 2.35 4.28 -12.52
C ILE A 86 2.98 4.77 -13.83
N ASN A 87 3.42 3.82 -14.66
CA ASN A 87 4.02 4.16 -15.93
C ASN A 87 2.96 4.38 -17.00
N SER A 88 3.40 4.78 -18.19
CA SER A 88 2.48 5.02 -19.30
C SER A 88 1.98 3.71 -19.90
N ASP A 89 2.81 2.68 -19.85
CA ASP A 89 2.46 1.37 -20.38
C ASP A 89 1.48 0.66 -19.47
N GLY A 90 1.77 0.69 -18.17
CA GLY A 90 0.90 0.03 -17.20
C GLY A 90 1.67 -0.77 -16.17
N LEU A 91 2.54 -0.09 -15.43
CA LEU A 91 3.34 -0.74 -14.41
C LEU A 91 3.55 0.18 -13.21
N VAL A 92 3.67 -0.42 -12.02
CA VAL A 92 3.88 0.34 -10.80
C VAL A 92 5.36 0.49 -10.49
N VAL A 93 5.92 1.63 -10.87
CA VAL A 93 7.34 1.90 -10.64
C VAL A 93 7.52 3.00 -9.60
N GLY A 94 8.78 3.29 -9.27
CA GLY A 94 9.06 4.33 -8.30
C GLY A 94 10.45 4.93 -8.46
N ARG A 95 10.53 6.02 -9.21
CA ARG A 95 11.80 6.69 -9.45
C ARG A 95 11.59 8.15 -9.82
N SER A 96 10.63 8.79 -9.15
CA SER A 96 10.32 10.19 -9.41
C SER A 96 10.23 10.97 -8.09
N ASP A 97 11.06 12.01 -7.97
CA ASP A 97 11.07 12.84 -6.77
C ASP A 97 9.79 13.65 -6.66
N ALA A 98 9.25 14.05 -7.81
CA ALA A 98 8.02 14.83 -7.83
C ALA A 98 6.80 13.97 -7.52
N ILE A 99 5.63 14.58 -7.49
CA ILE A 99 4.39 13.87 -7.19
C ILE A 99 3.28 14.28 -8.16
N GLY A 100 3.24 13.62 -9.31
CA GLY A 100 2.22 13.93 -10.30
C GLY A 100 0.99 13.06 -10.16
N PRO A 101 0.00 13.22 -11.04
CA PRO A 101 -1.24 12.44 -11.00
C PRO A 101 -0.98 10.94 -10.94
N ARG A 102 -0.03 10.48 -11.75
CA ARG A 102 0.32 9.07 -11.80
C ARG A 102 0.82 8.58 -10.43
N GLU A 103 1.44 9.48 -9.68
CA GLU A 103 1.96 9.15 -8.36
C GLU A 103 0.86 9.21 -7.31
N GLN A 104 -0.19 9.98 -7.60
CA GLN A 104 -1.30 10.12 -6.66
C GLN A 104 -2.04 8.79 -6.47
N TRP A 105 -2.68 8.63 -5.32
CA TRP A 105 -3.41 7.42 -5.01
C TRP A 105 -4.69 7.74 -4.25
N GLU A 106 -5.79 7.08 -4.61
CA GLU A 106 -7.07 7.29 -3.96
C GLU A 106 -7.61 5.99 -3.37
N PRO A 107 -7.49 5.80 -2.05
CA PRO A 107 -7.97 4.59 -1.37
C PRO A 107 -9.43 4.31 -1.68
N VAL A 108 -9.91 3.14 -1.26
CA VAL A 108 -11.29 2.75 -1.50
C VAL A 108 -11.79 1.78 -0.43
N PHE A 109 -12.46 2.33 0.59
CA PHE A 109 -12.98 1.51 1.68
C PHE A 109 -14.47 1.24 1.48
N GLN A 110 -14.84 -0.03 1.39
CA GLN A 110 -16.23 -0.42 1.20
C GLN A 110 -16.56 -1.68 1.99
N ASP A 111 -17.54 -1.58 2.88
CA ASP A 111 -17.95 -2.72 3.70
C ASP A 111 -16.78 -3.26 4.51
N GLY A 112 -15.87 -2.38 4.89
CA GLY A 112 -14.72 -2.78 5.68
C GLY A 112 -13.49 -3.01 4.82
N LYS A 113 -13.71 -3.42 3.58
CA LYS A 113 -12.62 -3.68 2.64
C LYS A 113 -11.76 -2.44 2.44
N MET A 114 -10.74 -2.56 1.61
CA MET A 114 -9.85 -1.43 1.33
C MET A 114 -8.94 -1.75 0.15
N ALA A 115 -8.89 -0.85 -0.82
CA ALA A 115 -8.06 -1.03 -2.01
C ALA A 115 -7.47 0.30 -2.48
N LEU A 116 -6.33 0.23 -3.14
CA LEU A 116 -5.67 1.43 -3.65
C LEU A 116 -5.91 1.60 -5.14
N LEU A 117 -6.66 2.65 -5.50
CA LEU A 117 -6.97 2.92 -6.89
C LEU A 117 -5.98 3.92 -7.48
N ALA A 118 -5.33 3.52 -8.57
CA ALA A 118 -4.34 4.38 -9.23
C ALA A 118 -5.03 5.51 -9.97
N SER A 119 -4.23 6.48 -10.42
CA SER A 119 -4.76 7.63 -11.15
C SER A 119 -5.21 7.24 -12.56
N ASN A 120 -4.89 6.01 -12.97
CA ASN A 120 -5.27 5.53 -14.29
C ASN A 120 -6.56 4.72 -14.23
N SER A 121 -7.37 4.97 -13.21
CA SER A 121 -8.64 4.26 -13.04
C SER A 121 -8.42 2.75 -12.96
N CYS A 122 -7.34 2.35 -12.30
CA CYS A 122 -7.02 0.93 -12.15
C CYS A 122 -6.34 0.67 -10.81
N PHE A 123 -6.84 -0.32 -10.08
CA PHE A 123 -6.29 -0.67 -8.78
C PHE A 123 -4.87 -1.23 -8.93
N ILE A 124 -4.26 -1.58 -7.80
CA ILE A 124 -2.91 -2.12 -7.81
C ILE A 124 -2.93 -3.63 -7.55
N ARG A 125 -2.07 -4.35 -8.28
CA ARG A 125 -1.98 -5.80 -8.13
C ARG A 125 -0.59 -6.30 -8.50
N CYS A 126 -0.04 -7.18 -7.67
CA CYS A 126 1.28 -7.75 -7.92
C CYS A 126 1.18 -9.04 -8.72
N ASN A 127 2.26 -9.37 -9.42
CA ASN A 127 2.30 -10.58 -10.24
C ASN A 127 3.14 -11.67 -9.57
N GLU A 128 3.03 -12.88 -10.07
CA GLU A 128 3.78 -14.01 -9.53
C GLU A 128 5.24 -13.97 -9.97
N ALA A 129 5.47 -13.43 -11.17
CA ALA A 129 6.82 -13.32 -11.71
C ALA A 129 7.59 -12.20 -11.02
N GLY A 130 6.94 -11.05 -10.87
CA GLY A 130 7.59 -9.92 -10.23
C GLY A 130 7.35 -8.62 -10.97
N ASP A 131 6.10 -8.40 -11.38
CA ASP A 131 5.74 -7.19 -12.11
C ASP A 131 4.42 -6.62 -11.59
N ILE A 132 4.51 -5.62 -10.73
CA ILE A 132 3.33 -4.98 -10.17
C ILE A 132 2.67 -4.05 -11.17
N GLU A 133 1.52 -4.48 -11.70
CA GLU A 133 0.79 -3.69 -12.68
C GLU A 133 -0.59 -3.29 -12.14
N ALA A 134 -1.29 -2.44 -12.89
CA ALA A 134 -2.61 -1.99 -12.48
C ALA A 134 -3.71 -2.86 -13.09
N LYS A 135 -4.26 -3.76 -12.28
CA LYS A 135 -5.32 -4.65 -12.75
C LYS A 135 -6.56 -3.87 -13.13
N ASN A 136 -7.46 -4.50 -13.88
CA ASN A 136 -8.69 -3.86 -14.31
C ASN A 136 -9.46 -3.27 -13.13
N LYS A 137 -10.52 -2.53 -13.43
CA LYS A 137 -11.33 -1.91 -12.40
C LYS A 137 -11.91 -2.95 -11.45
N THR A 138 -12.19 -4.14 -11.98
CA THR A 138 -12.75 -5.22 -11.18
C THR A 138 -11.79 -5.60 -10.06
N ALA A 139 -12.05 -5.07 -8.87
CA ALA A 139 -11.22 -5.35 -7.70
C ALA A 139 -11.58 -6.71 -7.10
N GLY A 140 -10.79 -7.72 -7.43
CA GLY A 140 -11.03 -9.06 -6.91
C GLY A 140 -10.61 -9.20 -5.46
N GLU A 141 -10.84 -10.37 -4.89
CA GLU A 141 -10.47 -10.64 -3.51
C GLU A 141 -8.96 -10.55 -3.31
N GLU A 142 -8.21 -10.91 -4.35
CA GLU A 142 -6.76 -10.88 -4.31
C GLU A 142 -6.23 -9.48 -4.60
N GLU A 143 -6.96 -8.75 -5.46
CA GLU A 143 -6.57 -7.39 -5.83
C GLU A 143 -6.57 -6.47 -4.61
N MET A 144 -7.43 -6.78 -3.64
CA MET A 144 -7.54 -5.98 -2.43
C MET A 144 -6.20 -5.93 -1.69
N ILE A 145 -6.03 -4.92 -0.85
CA ILE A 145 -4.79 -4.76 -0.08
C ILE A 145 -5.09 -4.40 1.37
N LYS A 146 -4.04 -4.35 2.18
CA LYS A 146 -4.19 -4.02 3.60
C LYS A 146 -3.17 -2.98 4.02
N ILE A 147 -3.61 -1.73 4.10
CA ILE A 147 -2.72 -0.64 4.50
C ILE A 147 -2.61 -0.55 6.02
N ARG A 148 -1.37 -0.52 6.51
CA ARG A 148 -1.13 -0.44 7.95
C ARG A 148 -0.26 0.77 8.29
N SER A 149 -0.37 1.24 9.52
CA SER A 149 0.41 2.39 9.97
C SER A 149 1.09 2.11 11.30
N CYS A 150 2.37 2.45 11.39
CA CYS A 150 3.15 2.24 12.61
C CYS A 150 3.31 3.54 13.39
N ALA A 151 2.32 4.42 13.30
CA ALA A 151 2.35 5.70 13.98
C ALA A 151 1.76 5.58 15.38
N GLU A 152 1.89 6.65 16.17
CA GLU A 152 1.37 6.66 17.52
C GLU A 152 -0.15 6.82 17.52
N ARG A 153 -0.84 5.90 18.19
CA ARG A 153 -2.30 5.94 18.26
C ARG A 153 -2.76 6.89 19.35
N GLU A 154 -3.73 7.73 19.03
CA GLU A 154 -4.27 8.69 19.99
C GLU A 154 -5.55 8.17 20.62
N THR A 155 -5.40 7.32 21.64
CA THR A 155 -6.54 6.75 22.33
C THR A 155 -6.21 6.48 23.80
N GLY A 1 -15.27 -18.42 13.08
CA GLY A 1 -15.89 -17.11 13.43
C GLY A 1 -16.30 -16.32 12.20
N SER A 2 -16.40 -15.00 12.36
CA SER A 2 -16.79 -14.12 11.26
C SER A 2 -16.43 -12.68 11.57
N SER A 3 -16.61 -11.80 10.59
CA SER A 3 -16.31 -10.39 10.75
C SER A 3 -17.58 -9.58 11.01
N GLY A 4 -17.62 -8.90 12.15
CA GLY A 4 -18.79 -8.11 12.48
C GLY A 4 -18.46 -7.00 13.48
N SER A 5 -17.98 -7.39 14.66
CA SER A 5 -17.63 -6.43 15.69
C SER A 5 -16.60 -7.02 16.66
N SER A 6 -15.35 -6.61 16.51
CA SER A 6 -14.28 -7.10 17.37
C SER A 6 -13.41 -5.95 17.88
N GLY A 7 -13.01 -5.08 16.95
CA GLY A 7 -12.18 -3.95 17.32
C GLY A 7 -11.30 -3.47 16.17
N LEU A 8 -10.03 -3.86 16.20
CA LEU A 8 -9.09 -3.46 15.15
C LEU A 8 -7.89 -4.40 15.14
N ASP A 9 -7.57 -4.93 13.97
CA ASP A 9 -6.44 -5.84 13.82
C ASP A 9 -5.13 -5.13 14.14
N ILE A 10 -4.23 -5.84 14.82
CA ILE A 10 -2.94 -5.27 15.19
C ILE A 10 -1.83 -6.31 15.06
N VAL A 11 -0.64 -5.86 14.66
CA VAL A 11 0.49 -6.75 14.50
C VAL A 11 1.77 -6.11 15.06
N GLY A 12 2.04 -6.35 16.33
CA GLY A 12 3.22 -5.79 16.97
C GLY A 12 3.15 -4.29 17.11
N ILE A 13 3.27 -3.58 16.00
CA ILE A 13 3.22 -2.12 16.01
C ILE A 13 2.67 -1.58 14.69
N TRP A 14 1.79 -2.35 14.07
CA TRP A 14 1.18 -1.94 12.79
C TRP A 14 -0.32 -2.15 12.82
N TRP A 15 -1.05 -1.11 13.24
CA TRP A 15 -2.51 -1.18 13.31
C TRP A 15 -3.13 -0.84 11.96
N THR A 16 -4.12 -1.62 11.56
CA THR A 16 -4.81 -1.39 10.30
C THR A 16 -5.69 -0.17 10.37
N VAL A 17 -5.70 0.62 9.29
CA VAL A 17 -6.50 1.83 9.24
C VAL A 17 -7.98 1.50 9.00
N SER A 18 -8.83 2.53 9.05
CA SER A 18 -10.26 2.35 8.84
C SER A 18 -10.78 3.33 7.79
N ASN A 19 -10.37 4.59 7.91
CA ASN A 19 -10.80 5.62 6.98
C ASN A 19 -9.60 6.35 6.39
N PHE A 20 -9.88 7.34 5.54
CA PHE A 20 -8.82 8.11 4.91
C PHE A 20 -8.10 9.00 5.93
N GLY A 21 -8.87 9.60 6.83
CA GLY A 21 -8.29 10.47 7.85
C GLY A 21 -7.32 9.73 8.73
N GLU A 22 -7.50 8.43 8.88
CA GLU A 22 -6.62 7.60 9.70
C GLU A 22 -5.30 7.34 8.99
N ILE A 23 -5.36 7.26 7.67
CA ILE A 23 -4.16 7.02 6.87
C ILE A 23 -3.26 8.24 6.84
N SER A 24 -2.13 8.16 7.55
CA SER A 24 -1.18 9.25 7.61
C SER A 24 0.16 8.79 8.15
N GLY A 25 1.24 9.26 7.54
CA GLY A 25 2.57 8.88 7.98
C GLY A 25 3.07 7.61 7.30
N THR A 26 4.04 6.95 7.93
CA THR A 26 4.60 5.72 7.37
C THR A 26 3.61 4.58 7.48
N ILE A 27 3.24 4.00 6.33
CA ILE A 27 2.29 2.89 6.30
C ILE A 27 2.74 1.83 5.31
N ALA A 28 2.46 0.57 5.63
CA ALA A 28 2.83 -0.54 4.77
C ALA A 28 1.60 -1.14 4.08
N ILE A 29 1.85 -1.90 3.01
CA ILE A 29 0.76 -2.52 2.26
C ILE A 29 1.07 -3.97 1.95
N GLU A 30 0.09 -4.84 2.13
CA GLU A 30 0.26 -6.27 1.87
C GLU A 30 -0.66 -6.73 0.75
N MET A 31 -0.07 -7.14 -0.37
CA MET A 31 -0.85 -7.61 -1.51
C MET A 31 -1.24 -9.07 -1.34
N ASP A 32 -0.27 -9.90 -1.02
CA ASP A 32 -0.51 -11.33 -0.82
C ASP A 32 -0.50 -11.69 0.66
N LYS A 33 -0.71 -12.96 0.96
CA LYS A 33 -0.72 -13.44 2.34
C LYS A 33 0.69 -13.46 2.92
N GLY A 34 1.16 -12.29 3.36
CA GLY A 34 2.48 -12.19 3.94
C GLY A 34 3.47 -11.49 3.02
N ALA A 35 3.21 -11.57 1.71
CA ALA A 35 4.07 -10.94 0.72
C ALA A 35 3.87 -9.42 0.71
N TYR A 36 4.96 -8.68 0.71
CA TYR A 36 4.91 -7.22 0.69
C TYR A 36 5.56 -6.66 -0.57
N ILE A 37 5.05 -5.53 -1.03
CA ILE A 37 5.59 -4.89 -2.24
C ILE A 37 7.06 -4.51 -2.05
N HIS A 38 7.95 -5.38 -2.55
CA HIS A 38 9.38 -5.13 -2.45
C HIS A 38 9.84 -4.12 -3.49
N ALA A 39 10.79 -3.27 -3.10
CA ALA A 39 11.32 -2.26 -4.00
C ALA A 39 12.73 -2.62 -4.47
N LEU A 40 12.96 -2.48 -5.77
CA LEU A 40 14.27 -2.78 -6.35
C LEU A 40 15.14 -1.53 -6.45
N ASP A 41 16.43 -1.70 -6.24
CA ASP A 41 17.37 -0.59 -6.30
C ASP A 41 17.33 0.08 -7.67
N ASN A 42 17.02 -0.69 -8.70
CA ASN A 42 16.93 -0.17 -10.06
C ASN A 42 15.76 0.78 -10.20
N GLY A 43 14.65 0.46 -9.55
CA GLY A 43 13.47 1.30 -9.62
C GLY A 43 12.19 0.49 -9.76
N LEU A 44 12.31 -0.73 -10.26
CA LEU A 44 11.15 -1.60 -10.44
C LEU A 44 10.66 -2.13 -9.10
N PHE A 45 9.47 -2.74 -9.11
CA PHE A 45 8.89 -3.29 -7.90
C PHE A 45 8.41 -4.72 -8.13
N THR A 46 8.84 -5.63 -7.26
CA THR A 46 8.46 -7.03 -7.37
C THR A 46 7.81 -7.53 -6.07
N LEU A 47 7.22 -8.71 -6.13
CA LEU A 47 6.57 -9.29 -4.96
C LEU A 47 7.59 -9.78 -3.95
N GLY A 48 7.68 -9.10 -2.81
CA GLY A 48 8.62 -9.49 -1.79
C GLY A 48 8.27 -10.81 -1.15
N ALA A 49 9.29 -11.52 -0.66
CA ALA A 49 9.09 -12.82 -0.03
C ALA A 49 8.28 -12.68 1.26
N PRO A 50 7.49 -13.71 1.61
CA PRO A 50 6.66 -13.70 2.82
C PRO A 50 7.50 -13.81 4.09
N HIS A 51 7.02 -13.19 5.16
CA HIS A 51 7.73 -13.22 6.44
C HIS A 51 7.57 -14.58 7.11
N ARG A 52 8.61 -14.99 7.83
CA ARG A 52 8.59 -16.28 8.53
C ARG A 52 7.52 -16.29 9.62
N GLU A 53 7.56 -15.29 10.50
CA GLU A 53 6.59 -15.20 11.58
C GLU A 53 5.40 -14.35 11.17
N VAL A 54 4.42 -14.22 12.06
CA VAL A 54 3.23 -13.44 11.80
C VAL A 54 3.35 -12.03 12.36
N ASP A 55 4.09 -11.91 13.47
CA ASP A 55 4.28 -10.62 14.11
C ASP A 55 5.65 -10.04 13.77
N GLU A 56 5.71 -9.24 12.72
CA GLU A 56 6.97 -8.64 12.28
C GLU A 56 6.70 -7.42 11.40
N GLY A 57 7.58 -6.43 11.51
CA GLY A 57 7.43 -5.22 10.72
C GLY A 57 8.09 -5.33 9.35
N PRO A 58 7.49 -4.74 8.31
CA PRO A 58 8.05 -4.78 6.95
C PRO A 58 9.50 -4.31 6.89
N SER A 59 10.18 -4.63 5.81
CA SER A 59 11.57 -4.23 5.63
C SER A 59 11.69 -2.72 5.48
N PRO A 60 12.91 -2.17 5.65
CA PRO A 60 13.14 -0.73 5.51
C PRO A 60 12.61 -0.16 4.21
N PRO A 61 12.90 -0.81 3.06
CA PRO A 61 12.44 -0.34 1.76
C PRO A 61 10.94 -0.59 1.55
N GLU A 62 10.41 -1.57 2.26
CA GLU A 62 8.98 -1.90 2.17
C GLU A 62 8.12 -0.83 2.82
N GLN A 63 8.60 -0.30 3.95
CA GLN A 63 7.87 0.73 4.67
C GLN A 63 7.70 1.97 3.81
N PHE A 64 6.49 2.17 3.30
CA PHE A 64 6.18 3.33 2.46
C PHE A 64 5.72 4.50 3.31
N THR A 65 6.00 5.71 2.83
CA THR A 65 5.60 6.93 3.54
C THR A 65 4.46 7.64 2.82
N ALA A 66 3.30 7.68 3.45
CA ALA A 66 2.13 8.33 2.87
C ALA A 66 2.22 9.85 3.03
N VAL A 67 1.60 10.56 2.10
CA VAL A 67 1.61 12.02 2.14
C VAL A 67 0.31 12.59 1.57
N LYS A 68 -0.48 13.23 2.44
CA LYS A 68 -1.75 13.82 2.02
C LYS A 68 -1.52 15.06 1.17
N LEU A 69 -2.42 15.32 0.23
CA LEU A 69 -2.31 16.48 -0.64
C LEU A 69 -3.65 17.21 -0.74
N SER A 70 -4.63 16.56 -1.36
CA SER A 70 -5.95 17.15 -1.53
C SER A 70 -6.88 16.20 -2.28
N ASP A 71 -8.19 16.43 -2.15
CA ASP A 71 -9.18 15.60 -2.81
C ASP A 71 -9.05 14.14 -2.38
N SER A 72 -8.62 13.94 -1.13
CA SER A 72 -8.45 12.59 -0.59
C SER A 72 -7.45 11.79 -1.41
N ARG A 73 -6.40 12.48 -1.87
CA ARG A 73 -5.36 11.83 -2.66
C ARG A 73 -4.02 11.87 -1.95
N ILE A 74 -3.53 10.71 -1.54
CA ILE A 74 -2.25 10.62 -0.83
C ILE A 74 -1.16 10.10 -1.74
N ALA A 75 0.09 10.27 -1.33
CA ALA A 75 1.24 9.82 -2.10
C ALA A 75 2.13 8.91 -1.28
N LEU A 76 2.56 7.80 -1.89
CA LEU A 76 3.43 6.84 -1.20
C LEU A 76 4.89 7.10 -1.55
N LYS A 77 5.77 6.80 -0.60
CA LYS A 77 7.21 6.99 -0.80
C LYS A 77 7.99 5.77 -0.34
N SER A 78 8.62 5.08 -1.29
CA SER A 78 9.41 3.89 -0.97
C SER A 78 10.54 4.23 -0.01
N GLY A 79 10.97 3.24 0.77
CA GLY A 79 12.05 3.45 1.72
C GLY A 79 13.34 3.85 1.04
N TYR A 80 13.51 3.40 -0.20
CA TYR A 80 14.72 3.72 -0.97
C TYR A 80 14.91 5.21 -1.11
N GLY A 81 13.79 5.95 -1.15
CA GLY A 81 13.85 7.39 -1.29
C GLY A 81 13.19 7.88 -2.57
N LYS A 82 12.11 7.21 -2.96
CA LYS A 82 11.39 7.58 -4.16
C LYS A 82 9.88 7.57 -3.93
N TYR A 83 9.12 8.03 -4.92
CA TYR A 83 7.66 8.07 -4.81
C TYR A 83 7.03 7.08 -5.79
N LEU A 84 6.14 6.24 -5.27
CA LEU A 84 5.46 5.25 -6.10
C LEU A 84 4.65 5.93 -7.20
N GLY A 85 4.96 5.59 -8.45
CA GLY A 85 4.25 6.18 -9.58
C GLY A 85 3.86 5.15 -10.62
N ILE A 86 2.75 5.38 -11.29
CA ILE A 86 2.26 4.46 -12.31
C ILE A 86 2.58 4.99 -13.72
N ASN A 87 3.20 4.15 -14.54
CA ASN A 87 3.56 4.54 -15.90
C ASN A 87 2.30 4.74 -16.75
N SER A 88 2.50 5.27 -17.95
CA SER A 88 1.39 5.52 -18.86
C SER A 88 0.79 4.22 -19.37
N ASP A 89 1.64 3.21 -19.54
CA ASP A 89 1.19 1.91 -20.01
C ASP A 89 0.31 1.22 -18.98
N GLY A 90 0.57 1.50 -17.70
CA GLY A 90 -0.22 0.89 -16.64
C GLY A 90 0.61 -0.01 -15.75
N LEU A 91 1.88 0.34 -15.56
CA LEU A 91 2.77 -0.46 -14.73
C LEU A 91 3.13 0.29 -13.45
N VAL A 92 3.34 -0.47 -12.38
CA VAL A 92 3.69 0.12 -11.09
C VAL A 92 5.19 0.28 -10.94
N VAL A 93 5.65 1.52 -10.82
CA VAL A 93 7.07 1.82 -10.67
C VAL A 93 7.30 2.91 -9.64
N GLY A 94 8.58 3.23 -9.41
CA GLY A 94 8.91 4.27 -8.45
C GLY A 94 10.34 4.76 -8.60
N ARG A 95 10.49 5.96 -9.14
CA ARG A 95 11.80 6.55 -9.34
C ARG A 95 11.71 8.07 -9.43
N SER A 96 10.74 8.66 -8.73
CA SER A 96 10.54 10.10 -8.75
C SER A 96 10.66 10.68 -7.34
N ASP A 97 11.43 11.75 -7.21
CA ASP A 97 11.62 12.40 -5.91
C ASP A 97 10.70 13.61 -5.76
N ALA A 98 9.54 13.53 -6.39
CA ALA A 98 8.57 14.62 -6.33
C ALA A 98 7.15 14.11 -6.60
N ILE A 99 6.16 14.92 -6.25
CA ILE A 99 4.77 14.55 -6.46
C ILE A 99 4.33 14.81 -7.90
N GLY A 100 3.47 13.95 -8.42
CA GLY A 100 2.99 14.11 -9.77
C GLY A 100 1.63 13.46 -9.99
N PRO A 101 1.15 13.40 -11.25
CA PRO A 101 -0.13 12.80 -11.57
C PRO A 101 -0.12 11.28 -11.43
N ARG A 102 1.01 10.66 -11.74
CA ARG A 102 1.15 9.22 -11.65
C ARG A 102 1.32 8.78 -10.20
N GLU A 103 1.97 9.62 -9.40
CA GLU A 103 2.20 9.33 -7.99
C GLU A 103 0.94 9.54 -7.17
N GLN A 104 -0.09 10.13 -7.78
CA GLN A 104 -1.35 10.39 -7.09
C GLN A 104 -2.13 9.10 -6.87
N TRP A 105 -2.66 8.93 -5.67
CA TRP A 105 -3.44 7.75 -5.33
C TRP A 105 -4.78 8.12 -4.72
N GLU A 106 -5.65 7.13 -4.54
CA GLU A 106 -6.97 7.36 -3.98
C GLU A 106 -7.51 6.10 -3.30
N PRO A 107 -7.26 5.95 -1.98
CA PRO A 107 -7.72 4.78 -1.23
C PRO A 107 -9.21 4.51 -1.42
N VAL A 108 -9.59 3.24 -1.36
CA VAL A 108 -10.99 2.85 -1.53
C VAL A 108 -11.36 1.71 -0.60
N PHE A 109 -12.22 2.01 0.38
CA PHE A 109 -12.66 1.00 1.34
C PHE A 109 -13.95 0.34 0.89
N GLN A 110 -14.02 -0.98 1.05
CA GLN A 110 -15.21 -1.73 0.66
C GLN A 110 -15.53 -2.82 1.69
N ASP A 111 -16.47 -2.52 2.57
CA ASP A 111 -16.88 -3.47 3.60
C ASP A 111 -15.70 -3.83 4.50
N GLY A 112 -15.00 -2.80 4.99
CA GLY A 112 -13.86 -3.03 5.85
C GLY A 112 -12.55 -3.11 5.08
N LYS A 113 -12.56 -3.83 3.98
CA LYS A 113 -11.36 -3.99 3.15
C LYS A 113 -10.95 -2.64 2.55
N MET A 114 -9.88 -2.65 1.78
CA MET A 114 -9.39 -1.43 1.14
C MET A 114 -8.60 -1.75 -0.12
N ALA A 115 -8.57 -0.80 -1.06
CA ALA A 115 -7.85 -0.98 -2.31
C ALA A 115 -7.43 0.35 -2.91
N LEU A 116 -6.15 0.68 -2.79
CA LEU A 116 -5.63 1.93 -3.32
C LEU A 116 -5.82 2.01 -4.83
N LEU A 117 -6.48 3.07 -5.29
CA LEU A 117 -6.74 3.26 -6.70
C LEU A 117 -5.71 4.21 -7.32
N ALA A 118 -4.99 3.73 -8.31
CA ALA A 118 -3.97 4.54 -8.99
C ALA A 118 -4.61 5.70 -9.73
N SER A 119 -3.78 6.65 -10.15
CA SER A 119 -4.27 7.82 -10.88
C SER A 119 -4.92 7.41 -12.20
N ASN A 120 -4.65 6.19 -12.64
CA ASN A 120 -5.21 5.69 -13.89
C ASN A 120 -6.49 4.88 -13.64
N SER A 121 -7.15 5.16 -12.52
CA SER A 121 -8.39 4.46 -12.16
C SER A 121 -8.19 2.95 -12.15
N CYS A 122 -7.03 2.51 -11.66
CA CYS A 122 -6.72 1.09 -11.59
C CYS A 122 -6.11 0.73 -10.25
N PHE A 123 -6.47 -0.44 -9.74
CA PHE A 123 -5.95 -0.91 -8.46
C PHE A 123 -4.65 -1.68 -8.64
N ILE A 124 -3.66 -1.36 -7.81
CA ILE A 124 -2.36 -2.03 -7.88
C ILE A 124 -2.49 -3.53 -7.63
N ARG A 125 -1.61 -4.30 -8.25
CA ARG A 125 -1.63 -5.76 -8.10
C ARG A 125 -0.31 -6.36 -8.56
N CYS A 126 0.22 -7.29 -7.78
CA CYS A 126 1.47 -7.95 -8.12
C CYS A 126 1.23 -9.13 -9.06
N ASN A 127 2.31 -9.72 -9.56
CA ASN A 127 2.22 -10.85 -10.48
C ASN A 127 2.97 -12.05 -9.93
N GLU A 128 2.95 -13.16 -10.68
CA GLU A 128 3.63 -14.38 -10.27
C GLU A 128 5.09 -14.37 -10.71
N ALA A 129 5.35 -13.73 -11.84
CA ALA A 129 6.70 -13.65 -12.37
C ALA A 129 7.52 -12.58 -11.65
N GLY A 130 6.90 -11.43 -11.40
CA GLY A 130 7.58 -10.35 -10.72
C GLY A 130 7.38 -9.02 -11.40
N ASP A 131 6.13 -8.68 -11.71
CA ASP A 131 5.81 -7.43 -12.38
C ASP A 131 4.51 -6.84 -11.84
N ILE A 132 4.62 -5.78 -11.04
CA ILE A 132 3.45 -5.13 -10.46
C ILE A 132 2.84 -4.14 -11.44
N GLU A 133 1.56 -4.35 -11.77
CA GLU A 133 0.86 -3.48 -12.71
C GLU A 133 -0.54 -3.15 -12.19
N ALA A 134 -1.16 -2.15 -12.80
CA ALA A 134 -2.51 -1.74 -12.41
C ALA A 134 -3.57 -2.57 -13.12
N LYS A 135 -4.33 -3.33 -12.37
CA LYS A 135 -5.39 -4.18 -12.92
C LYS A 135 -6.52 -3.32 -13.48
N ASN A 136 -7.54 -3.98 -14.03
CA ASN A 136 -8.68 -3.28 -14.60
C ASN A 136 -9.38 -2.44 -13.55
N LYS A 137 -10.40 -1.68 -13.97
CA LYS A 137 -11.15 -0.83 -13.06
C LYS A 137 -11.83 -1.66 -11.97
N THR A 138 -12.48 -2.74 -12.39
CA THR A 138 -13.18 -3.61 -11.45
C THR A 138 -12.21 -4.19 -10.41
N ALA A 139 -12.62 -4.17 -9.16
CA ALA A 139 -11.80 -4.69 -8.07
C ALA A 139 -12.35 -6.01 -7.53
N GLY A 140 -11.61 -7.09 -7.73
CA GLY A 140 -12.04 -8.38 -7.26
C GLY A 140 -11.69 -8.63 -5.81
N GLU A 141 -12.10 -9.77 -5.29
CA GLU A 141 -11.83 -10.12 -3.89
C GLU A 141 -10.33 -10.16 -3.63
N GLU A 142 -9.57 -10.55 -4.64
CA GLU A 142 -8.11 -10.63 -4.52
C GLU A 142 -7.48 -9.26 -4.66
N GLU A 143 -8.11 -8.39 -5.45
CA GLU A 143 -7.61 -7.04 -5.68
C GLU A 143 -7.47 -6.28 -4.36
N MET A 144 -8.31 -6.64 -3.39
CA MET A 144 -8.28 -5.99 -2.08
C MET A 144 -6.91 -6.12 -1.43
N ILE A 145 -6.52 -5.10 -0.67
CA ILE A 145 -5.23 -5.09 0.00
C ILE A 145 -5.38 -4.74 1.49
N LYS A 146 -4.29 -4.87 2.23
CA LYS A 146 -4.30 -4.57 3.66
C LYS A 146 -3.31 -3.46 3.98
N ILE A 147 -3.83 -2.26 4.23
CA ILE A 147 -2.98 -1.12 4.56
C ILE A 147 -2.85 -0.95 6.07
N ARG A 148 -1.61 -1.06 6.56
CA ARG A 148 -1.34 -0.92 7.99
C ARG A 148 -0.62 0.38 8.28
N SER A 149 -0.80 0.90 9.50
CA SER A 149 -0.17 2.15 9.90
C SER A 149 0.54 1.99 11.24
N CYS A 150 1.62 2.73 11.43
CA CYS A 150 2.39 2.67 12.66
C CYS A 150 2.35 4.00 13.41
N ALA A 151 1.23 4.71 13.27
CA ALA A 151 1.05 6.00 13.93
C ALA A 151 1.11 5.86 15.44
N GLU A 152 0.87 6.96 16.14
CA GLU A 152 0.91 6.96 17.60
C GLU A 152 -0.51 6.98 18.18
N ARG A 153 -0.99 5.82 18.59
CA ARG A 153 -2.33 5.69 19.17
C ARG A 153 -2.31 6.02 20.66
N GLU A 154 -3.36 6.68 21.13
CA GLU A 154 -3.47 7.05 22.53
C GLU A 154 -4.84 7.66 22.83
N THR A 155 -5.68 6.89 23.53
CA THR A 155 -7.02 7.35 23.88
C THR A 155 -6.95 8.61 24.74
#